data_6Y5X
#
_entry.id   6Y5X
#
_cell.length_a   86.480
_cell.length_b   151.760
_cell.length_c   130.910
_cell.angle_alpha   90.00
_cell.angle_beta   106.85
_cell.angle_gamma   90.00
#
_symmetry.space_group_name_H-M   'P 1 21 1'
#
loop_
_entity.id
_entity.type
_entity.pdbx_description
1 polymer VP1
2 non-polymer GLYCEROL
3 non-polymer 'MAGNESIUM ION'
4 water water
#
_entity_poly.entity_id   1
_entity_poly.type   'polypeptide(L)'
_entity_poly.pdbx_seq_one_letter_code
;MGSSHHHHHHSSGLVPRGSHMLDGGVEVLNIITGPDATTEIELWLEPRMGVNAPTGDRKEWYGYSEVIHHADGYDNNLLS
VQMPQYSCARVQLPMLNTDMTCETLMMWEAVSCKTEVVGIGSLISVHLLEAKMEAGPNSDGPSRPIEGMNYHMFAVGGEP
LDLQGIESNGQTKYATAIPAKSIHPNDIAKLPEEDKAQLQGLVPKAKAKLDKDGFYPVEEWSPDPSRNENSRYYGSFVGG
LQTPPNLQFTNAVSTVLLDENGVGPLCKGDGLFVSCADICGVLVKADNEAIRYRGLPRYFKVTLRKRAVKN
;
_entity_poly.pdbx_strand_id   A,B,C,D,E,F,G,H,I,J
#
# COMPACT_ATOMS: atom_id res chain seq x y z
N ALA A 37 -10.92 20.68 -22.56
CA ALA A 37 -10.58 20.22 -21.22
C ALA A 37 -9.07 20.17 -21.04
N THR A 38 -8.37 19.68 -22.05
CA THR A 38 -6.92 19.52 -22.03
C THR A 38 -6.33 20.14 -23.28
N THR A 39 -5.12 20.69 -23.16
CA THR A 39 -4.40 21.22 -24.31
C THR A 39 -2.91 21.16 -24.04
N GLU A 40 -2.14 21.04 -25.12
CA GLU A 40 -0.69 21.07 -25.09
C GLU A 40 -0.18 22.33 -25.79
N ILE A 41 0.99 22.80 -25.36
CA ILE A 41 1.57 24.03 -25.89
C ILE A 41 3.07 23.81 -26.08
N GLU A 42 3.56 24.04 -27.30
CA GLU A 42 4.97 23.93 -27.63
C GLU A 42 5.51 25.26 -28.10
N LEU A 43 6.77 25.53 -27.78
CA LEU A 43 7.47 26.70 -28.32
C LEU A 43 8.95 26.57 -28.00
N TRP A 44 9.75 27.33 -28.75
CA TRP A 44 11.19 27.43 -28.53
C TRP A 44 11.52 28.78 -27.91
N LEU A 45 12.63 28.82 -27.18
CA LEU A 45 13.21 30.05 -26.67
C LEU A 45 14.66 30.12 -27.12
N GLU A 46 14.95 31.03 -28.05
CA GLU A 46 16.31 31.19 -28.54
C GLU A 46 17.15 31.94 -27.50
N PRO A 47 18.45 31.67 -27.44
CA PRO A 47 19.28 32.26 -26.39
C PRO A 47 19.43 33.77 -26.57
N ARG A 48 19.52 34.45 -25.44
CA ARG A 48 19.73 35.90 -25.39
C ARG A 48 20.99 36.17 -24.57
N MET A 49 22.14 35.86 -25.17
CA MET A 49 23.44 35.99 -24.50
C MET A 49 24.04 37.38 -24.66
N GLY A 50 23.38 38.28 -25.38
CA GLY A 50 23.93 39.60 -25.64
C GLY A 50 23.69 40.00 -27.08
N VAL A 51 24.28 39.27 -28.02
CA VAL A 51 23.95 39.41 -29.43
C VAL A 51 22.64 38.67 -29.66
N ASN A 52 21.52 39.39 -29.58
CA ASN A 52 20.20 38.77 -29.49
C ASN A 52 19.51 38.64 -30.85
N ALA A 53 20.22 38.90 -31.95
CA ALA A 53 19.64 38.76 -33.28
C ALA A 53 20.76 38.59 -34.28
N PRO A 54 20.57 37.76 -35.32
CA PRO A 54 21.57 37.63 -36.39
C PRO A 54 21.54 38.78 -37.40
N THR A 55 21.62 40.00 -36.87
CA THR A 55 21.58 41.21 -37.68
C THR A 55 22.66 42.17 -37.23
N GLY A 56 23.02 43.10 -38.10
CA GLY A 56 23.93 44.17 -37.75
C GLY A 56 25.39 43.77 -37.82
N ASP A 57 26.21 44.56 -37.11
CA ASP A 57 27.66 44.35 -37.14
C ASP A 57 28.04 43.07 -36.42
N ARG A 58 27.37 42.76 -35.31
CA ARG A 58 27.65 41.57 -34.52
C ARG A 58 26.90 40.34 -35.03
N LYS A 59 26.51 40.33 -36.30
CA LYS A 59 25.61 39.31 -36.81
C LYS A 59 26.17 37.90 -36.62
N GLU A 60 27.47 37.72 -36.86
CA GLU A 60 28.04 36.38 -36.85
C GLU A 60 28.15 35.77 -35.46
N TRP A 61 27.88 36.53 -34.41
CA TRP A 61 27.98 36.03 -33.05
C TRP A 61 26.64 35.95 -32.35
N TYR A 62 25.56 35.85 -33.12
CA TYR A 62 24.24 35.54 -32.57
C TYR A 62 24.32 34.24 -31.77
N GLY A 63 23.70 34.25 -30.59
CA GLY A 63 23.83 33.14 -29.66
C GLY A 63 25.02 33.22 -28.75
N TYR A 64 25.93 34.18 -28.96
CA TYR A 64 27.05 34.44 -28.09
C TYR A 64 26.88 35.80 -27.43
N SER A 65 27.75 36.08 -26.46
CA SER A 65 27.86 37.40 -25.89
C SER A 65 28.91 38.20 -26.64
N GLU A 66 28.91 39.51 -26.43
CA GLU A 66 30.03 40.32 -26.85
C GLU A 66 31.25 39.99 -25.97
N VAL A 67 32.43 40.21 -26.54
CA VAL A 67 33.67 39.90 -25.84
C VAL A 67 33.77 40.72 -24.56
N ILE A 68 34.23 40.09 -23.48
CA ILE A 68 34.27 40.69 -22.15
C ILE A 68 35.69 40.66 -21.62
N HIS A 69 36.12 41.78 -21.03
CA HIS A 69 37.44 41.91 -20.44
C HIS A 69 37.32 42.22 -18.95
N HIS A 70 38.44 42.05 -18.24
CA HIS A 70 38.42 42.11 -16.78
C HIS A 70 38.08 43.50 -16.27
N ALA A 71 38.53 44.54 -16.97
CA ALA A 71 38.32 45.92 -16.54
C ALA A 71 37.06 46.54 -17.12
N ASP A 72 36.30 45.81 -17.93
CA ASP A 72 35.05 46.33 -18.46
C ASP A 72 34.08 46.63 -17.32
N GLY A 73 33.35 47.73 -17.45
CA GLY A 73 32.57 48.25 -16.35
C GLY A 73 33.35 49.11 -15.38
N TYR A 74 34.68 49.16 -15.51
CA TYR A 74 35.52 50.04 -14.70
C TYR A 74 36.21 51.10 -15.55
N ASP A 75 37.02 50.69 -16.53
N ASP A 75 37.01 50.70 -16.54
CA ASP A 75 37.61 51.65 -17.45
CA ASP A 75 37.61 51.66 -17.45
C ASP A 75 36.61 52.15 -18.48
C ASP A 75 36.75 51.92 -18.68
N ASN A 76 35.52 51.42 -18.68
CA ASN A 76 34.53 51.75 -19.71
C ASN A 76 33.15 51.43 -19.16
N ASN A 77 32.13 51.65 -19.98
CA ASN A 77 30.76 51.30 -19.64
C ASN A 77 30.45 49.91 -20.14
N LEU A 78 29.93 49.05 -19.26
CA LEU A 78 29.56 47.71 -19.65
C LEU A 78 28.35 47.74 -20.56
N LEU A 79 28.43 47.04 -21.70
CA LEU A 79 27.39 47.05 -22.70
C LEU A 79 26.40 45.91 -22.47
N SER A 80 25.16 46.13 -22.92
CA SER A 80 24.12 45.12 -22.79
C SER A 80 24.47 43.87 -23.58
N VAL A 81 25.19 44.02 -24.70
CA VAL A 81 25.61 42.87 -25.49
C VAL A 81 26.63 42.03 -24.74
N GLN A 82 27.24 42.57 -23.68
CA GLN A 82 28.19 41.83 -22.86
C GLN A 82 27.53 41.13 -21.68
N MET A 83 26.21 41.18 -21.57
CA MET A 83 25.51 40.64 -20.41
C MET A 83 24.42 39.66 -20.87
N PRO A 84 24.59 38.35 -20.67
CA PRO A 84 23.53 37.41 -21.00
C PRO A 84 22.26 37.71 -20.22
N GLN A 85 21.13 37.51 -20.88
CA GLN A 85 19.82 37.88 -20.33
C GLN A 85 18.91 36.67 -20.33
N TYR A 86 17.81 36.79 -19.60
CA TYR A 86 16.77 35.77 -19.58
C TYR A 86 15.95 35.83 -20.86
N SER A 87 15.57 34.66 -21.36
CA SER A 87 14.60 34.55 -22.44
C SER A 87 13.22 34.30 -21.85
N CYS A 88 12.20 34.87 -22.50
CA CYS A 88 10.84 34.72 -22.00
C CYS A 88 9.86 34.97 -23.13
N ALA A 89 8.65 34.44 -22.96
CA ALA A 89 7.59 34.61 -23.93
C ALA A 89 6.26 34.39 -23.24
N ARG A 90 5.22 35.03 -23.77
CA ARG A 90 3.85 34.83 -23.30
C ARG A 90 3.05 34.17 -24.42
N VAL A 91 2.50 33.00 -24.13
CA VAL A 91 1.73 32.22 -25.10
C VAL A 91 0.25 32.51 -24.88
N GLN A 92 -0.44 32.90 -25.94
CA GLN A 92 -1.87 33.16 -25.86
C GLN A 92 -2.63 31.84 -25.91
N LEU A 93 -3.35 31.55 -24.83
CA LEU A 93 -4.14 30.34 -24.72
C LEU A 93 -5.56 30.59 -25.22
N PRO A 94 -6.30 29.53 -25.52
CA PRO A 94 -7.70 29.71 -25.96
C PRO A 94 -8.51 30.43 -24.88
N MET A 95 -9.31 31.41 -25.33
CA MET A 95 -10.16 32.15 -24.41
C MET A 95 -11.16 31.20 -23.76
N LEU A 96 -11.34 31.37 -22.44
CA LEU A 96 -12.15 30.45 -21.65
C LEU A 96 -13.48 31.03 -21.19
N ASN A 97 -13.53 32.32 -20.87
CA ASN A 97 -14.73 32.94 -20.32
C ASN A 97 -15.21 34.05 -21.23
N THR A 98 -16.54 34.19 -21.33
CA THR A 98 -17.15 35.25 -22.12
C THR A 98 -17.38 36.50 -21.28
N ASP A 99 -18.17 36.37 -20.21
CA ASP A 99 -18.44 37.47 -19.29
C ASP A 99 -17.45 37.37 -18.14
N MET A 100 -16.41 38.22 -18.16
CA MET A 100 -15.41 38.21 -17.10
C MET A 100 -15.97 38.70 -15.77
N THR A 101 -17.20 39.19 -15.73
CA THR A 101 -17.81 39.66 -14.49
C THR A 101 -18.35 38.53 -13.63
N CYS A 102 -18.42 37.32 -14.15
CA CYS A 102 -19.07 36.22 -13.45
C CYS A 102 -18.29 35.81 -12.21
N GLU A 103 -19.05 35.39 -11.18
CA GLU A 103 -18.46 35.04 -9.90
C GLU A 103 -17.49 33.87 -10.02
N THR A 104 -17.82 32.90 -10.87
CA THR A 104 -16.99 31.72 -11.08
C THR A 104 -16.40 31.76 -12.48
N LEU A 105 -15.08 31.70 -12.56
CA LEU A 105 -14.35 31.80 -13.81
C LEU A 105 -13.61 30.51 -14.12
N MET A 106 -13.08 30.43 -15.33
CA MET A 106 -12.27 29.30 -15.79
C MET A 106 -10.87 29.79 -16.12
N MET A 107 -9.86 29.04 -15.68
CA MET A 107 -8.47 29.36 -15.92
C MET A 107 -7.73 28.11 -16.38
N TRP A 108 -6.76 28.30 -17.26
CA TRP A 108 -5.88 27.22 -17.66
C TRP A 108 -4.86 26.96 -16.56
N GLU A 109 -4.67 25.70 -16.21
CA GLU A 109 -3.78 25.29 -15.14
C GLU A 109 -2.68 24.41 -15.71
N ALA A 110 -1.45 24.90 -15.67
CA ALA A 110 -0.30 24.13 -16.15
C ALA A 110 0.03 23.04 -15.14
N VAL A 111 -0.01 21.78 -15.58
CA VAL A 111 0.14 20.67 -14.66
C VAL A 111 1.53 20.04 -14.82
N SER A 112 2.08 20.09 -16.03
CA SER A 112 3.36 19.45 -16.27
C SER A 112 3.97 20.03 -17.54
N CYS A 113 5.27 19.80 -17.70
CA CYS A 113 5.98 20.29 -18.88
C CYS A 113 7.19 19.42 -19.14
N LYS A 114 7.58 19.36 -20.41
CA LYS A 114 8.85 18.79 -20.86
C LYS A 114 9.71 19.90 -21.42
N THR A 115 10.98 19.93 -21.02
CA THR A 115 11.89 20.97 -21.48
C THR A 115 13.27 20.36 -21.76
N GLU A 116 13.93 20.88 -22.78
CA GLU A 116 15.20 20.31 -23.21
C GLU A 116 16.06 21.39 -23.89
N VAL A 117 17.35 21.37 -23.58
CA VAL A 117 18.33 22.21 -24.25
C VAL A 117 18.85 21.45 -25.48
N VAL A 118 18.62 22.00 -26.66
CA VAL A 118 18.96 21.35 -27.92
C VAL A 118 20.29 21.89 -28.40
N GLY A 119 21.02 21.07 -29.16
CA GLY A 119 22.31 21.46 -29.69
C GLY A 119 23.48 21.19 -28.76
N ILE A 120 23.29 20.36 -27.74
CA ILE A 120 24.36 20.06 -26.80
C ILE A 120 25.55 19.40 -27.51
N GLY A 121 25.28 18.63 -28.55
CA GLY A 121 26.36 17.96 -29.27
C GLY A 121 27.32 18.92 -29.93
N SER A 122 26.87 20.14 -30.24
CA SER A 122 27.75 21.13 -30.85
C SER A 122 28.84 21.59 -29.91
N LEU A 123 28.70 21.35 -28.60
CA LEU A 123 29.69 21.77 -27.62
C LEU A 123 30.95 20.90 -27.64
N ILE A 124 31.02 19.89 -28.50
CA ILE A 124 32.24 19.08 -28.63
C ILE A 124 33.25 19.71 -29.58
N SER A 125 32.91 20.81 -30.23
CA SER A 125 33.77 21.39 -31.24
C SER A 125 35.08 21.88 -30.64
N VAL A 126 36.19 21.49 -31.26
CA VAL A 126 37.51 21.98 -30.88
C VAL A 126 38.13 22.68 -32.08
N HIS A 127 37.28 23.30 -32.90
CA HIS A 127 37.71 24.15 -34.01
C HIS A 127 36.90 25.43 -34.02
N LEU A 128 36.70 26.01 -32.84
CA LEU A 128 35.86 27.19 -32.72
C LEU A 128 36.56 28.41 -33.33
N LEU A 129 35.78 29.24 -34.00
CA LEU A 129 36.34 30.38 -34.73
C LEU A 129 36.95 31.39 -33.76
N GLU A 130 38.16 31.84 -34.09
CA GLU A 130 38.92 32.82 -33.32
C GLU A 130 39.27 32.33 -31.92
N ALA A 131 39.10 31.05 -31.64
CA ALA A 131 39.29 30.54 -30.29
C ALA A 131 40.75 30.25 -30.00
N LYS A 132 41.12 30.42 -28.72
CA LYS A 132 42.47 30.11 -28.26
C LYS A 132 42.78 28.63 -28.47
N MET A 133 44.03 28.35 -28.85
CA MET A 133 44.46 26.97 -29.02
C MET A 133 44.77 26.33 -27.68
N GLU A 134 44.30 25.10 -27.50
CA GLU A 134 44.56 24.33 -26.29
C GLU A 134 45.72 23.37 -26.56
N ALA A 135 46.93 23.92 -26.47
CA ALA A 135 48.18 23.19 -26.67
C ALA A 135 49.36 24.11 -26.42
N GLY A 136 50.58 23.59 -26.54
CA GLY A 136 51.77 24.39 -26.43
C GLY A 136 51.79 25.48 -27.48
N PRO A 137 52.50 26.59 -27.21
CA PRO A 137 52.45 27.74 -28.12
C PRO A 137 53.02 27.45 -29.50
N ASN A 138 53.82 26.39 -29.66
CA ASN A 138 54.43 26.05 -30.93
C ASN A 138 53.80 24.82 -31.57
N SER A 139 52.60 24.45 -31.13
CA SER A 139 51.90 23.29 -31.65
C SER A 139 50.82 23.73 -32.64
N ASP A 140 50.11 22.74 -33.18
CA ASP A 140 48.94 22.96 -34.03
C ASP A 140 47.79 22.11 -33.52
N GLY A 141 47.42 22.34 -32.26
CA GLY A 141 46.44 21.52 -31.58
C GLY A 141 45.02 22.01 -31.75
N PRO A 142 44.13 21.53 -30.89
CA PRO A 142 42.72 21.93 -30.98
C PRO A 142 42.48 23.27 -30.32
N SER A 143 41.28 23.80 -30.54
CA SER A 143 40.87 25.00 -29.85
C SER A 143 40.32 24.64 -28.48
N ARG A 144 40.26 25.64 -27.61
CA ARG A 144 39.54 25.47 -26.36
C ARG A 144 38.07 25.23 -26.66
N PRO A 145 37.44 24.21 -26.09
CA PRO A 145 36.01 24.01 -26.28
C PRO A 145 35.22 24.93 -25.38
N ILE A 146 33.91 24.98 -25.63
CA ILE A 146 33.02 25.71 -24.74
C ILE A 146 33.06 25.07 -23.36
N GLU A 147 33.51 25.84 -22.37
CA GLU A 147 33.60 25.36 -21.00
C GLU A 147 33.45 26.56 -20.07
N GLY A 148 33.37 26.28 -18.78
CA GLY A 148 33.24 27.34 -17.80
C GLY A 148 31.84 27.46 -17.22
N MET A 149 31.44 28.69 -16.89
CA MET A 149 30.18 28.93 -16.19
C MET A 149 29.01 28.30 -16.94
N ASN A 150 28.21 27.53 -16.21
CA ASN A 150 26.96 26.99 -16.71
C ASN A 150 25.84 27.49 -15.81
N TYR A 151 24.95 28.29 -16.38
CA TYR A 151 23.79 28.83 -15.66
C TYR A 151 22.54 28.39 -16.42
N HIS A 152 21.78 27.47 -15.81
CA HIS A 152 20.63 26.86 -16.47
C HIS A 152 19.41 27.00 -15.59
N MET A 153 18.36 27.59 -16.13
CA MET A 153 17.11 27.79 -15.41
C MET A 153 15.96 27.79 -16.39
N PHE A 154 14.83 27.23 -15.99
CA PHE A 154 13.59 27.37 -16.76
C PHE A 154 12.45 27.60 -15.78
N ALA A 155 11.39 28.24 -16.27
CA ALA A 155 10.26 28.60 -15.42
C ALA A 155 8.98 28.55 -16.23
N VAL A 156 7.89 28.16 -15.56
CA VAL A 156 6.55 28.16 -16.13
C VAL A 156 5.59 28.72 -15.10
N GLY A 157 4.82 29.73 -15.48
CA GLY A 157 3.89 30.37 -14.55
C GLY A 157 2.68 30.94 -15.24
N GLY A 158 1.72 31.37 -14.42
CA GLY A 158 0.53 32.03 -14.88
C GLY A 158 0.64 33.53 -14.98
N GLU A 159 1.84 34.07 -14.77
CA GLU A 159 2.10 35.49 -14.85
C GLU A 159 3.61 35.67 -15.00
N PRO A 160 4.08 36.88 -15.32
CA PRO A 160 5.52 37.10 -15.46
C PRO A 160 6.29 36.67 -14.20
N LEU A 161 7.47 36.09 -14.43
CA LEU A 161 8.31 35.66 -13.33
C LEU A 161 8.83 36.85 -12.54
N ASP A 162 8.65 36.81 -11.22
CA ASP A 162 9.13 37.88 -10.36
C ASP A 162 10.64 37.77 -10.18
N LEU A 163 11.32 38.90 -10.29
CA LEU A 163 12.77 38.95 -10.21
C LEU A 163 13.23 39.80 -9.04
N GLN A 164 14.38 39.43 -8.47
CA GLN A 164 15.05 40.21 -7.44
C GLN A 164 16.41 40.64 -7.97
N GLY A 165 16.75 41.90 -7.75
CA GLY A 165 17.97 42.49 -8.30
C GLY A 165 19.13 42.45 -7.32
N ILE A 166 20.35 42.43 -7.88
CA ILE A 166 21.56 42.37 -7.08
C ILE A 166 22.72 42.83 -7.95
N GLU A 167 23.83 43.22 -7.30
CA GLU A 167 25.06 43.60 -7.98
C GLU A 167 26.23 42.91 -7.30
N SER A 168 27.10 42.29 -8.11
CA SER A 168 28.35 41.79 -7.56
C SER A 168 29.29 42.93 -7.21
N ASN A 169 29.28 43.99 -8.02
CA ASN A 169 29.98 45.23 -7.73
C ASN A 169 28.97 46.36 -7.83
N GLY A 170 28.73 47.06 -6.72
CA GLY A 170 27.72 48.09 -6.70
C GLY A 170 28.00 49.26 -7.63
N GLN A 171 29.28 49.52 -7.89
CA GLN A 171 29.68 50.68 -8.68
C GLN A 171 30.03 50.32 -10.12
N THR A 172 29.56 49.19 -10.62
CA THR A 172 29.81 48.81 -12.01
C THR A 172 29.18 49.84 -12.94
N LYS A 173 29.95 50.27 -13.94
CA LYS A 173 29.49 51.26 -14.89
C LYS A 173 28.76 50.56 -16.04
N TYR A 174 27.51 50.95 -16.27
CA TYR A 174 26.70 50.39 -17.35
C TYR A 174 26.41 51.48 -18.38
N ALA A 175 26.43 51.09 -19.65
CA ALA A 175 26.12 52.02 -20.71
C ALA A 175 24.67 52.48 -20.62
N THR A 176 24.42 53.69 -21.11
CA THR A 176 23.08 54.29 -21.09
C THR A 176 22.56 54.42 -22.51
N ALA A 177 21.35 53.93 -22.74
CA ALA A 177 20.69 54.04 -24.02
C ALA A 177 19.26 54.49 -23.82
N ILE A 178 18.74 55.25 -24.78
CA ILE A 178 17.33 55.66 -24.77
C ILE A 178 16.77 55.38 -26.16
N PRO A 179 15.86 54.41 -26.31
CA PRO A 179 15.34 53.52 -25.24
C PRO A 179 16.40 52.55 -24.73
N ALA A 180 16.26 52.15 -23.46
CA ALA A 180 17.24 51.25 -22.85
C ALA A 180 17.24 49.91 -23.57
N LYS A 181 18.43 49.31 -23.66
CA LYS A 181 18.58 47.97 -24.21
C LYS A 181 18.57 46.89 -23.13
N SER A 182 18.82 47.26 -21.89
CA SER A 182 18.63 46.39 -20.74
C SER A 182 18.31 47.25 -19.53
N ILE A 183 17.88 46.60 -18.46
CA ILE A 183 17.54 47.29 -17.22
C ILE A 183 18.34 46.68 -16.08
N HIS A 184 18.77 47.54 -15.15
CA HIS A 184 19.60 47.17 -14.03
C HIS A 184 18.87 47.46 -12.72
N PRO A 185 19.22 46.77 -11.63
CA PRO A 185 18.45 46.92 -10.38
C PRO A 185 18.31 48.35 -9.89
N ASN A 186 19.34 49.18 -10.03
CA ASN A 186 19.24 50.55 -9.54
C ASN A 186 18.36 51.43 -10.44
N ASP A 187 18.09 50.99 -11.68
CA ASP A 187 17.11 51.70 -12.50
C ASP A 187 15.75 51.71 -11.81
N ILE A 188 15.49 50.74 -10.95
CA ILE A 188 14.24 50.65 -10.19
C ILE A 188 14.44 51.12 -8.75
N ALA A 189 15.52 50.66 -8.10
CA ALA A 189 15.77 51.05 -6.72
C ALA A 189 16.07 52.54 -6.62
N LYS A 190 16.86 53.07 -7.57
CA LYS A 190 17.18 54.50 -7.64
C LYS A 190 17.85 54.98 -6.36
N LEU A 191 18.85 54.22 -5.91
CA LEU A 191 19.68 54.64 -4.79
C LEU A 191 20.69 55.68 -5.24
N PRO A 192 21.10 56.59 -4.35
CA PRO A 192 22.18 57.51 -4.67
C PRO A 192 23.47 56.75 -4.96
N GLU A 193 24.37 57.41 -5.69
CA GLU A 193 25.61 56.77 -6.13
C GLU A 193 26.42 56.25 -4.94
N GLU A 194 26.37 56.93 -3.80
CA GLU A 194 27.16 56.54 -2.64
C GLU A 194 26.48 55.47 -1.80
N ASP A 195 25.25 55.06 -2.15
CA ASP A 195 24.54 54.02 -1.43
C ASP A 195 24.38 52.75 -2.26
N LYS A 196 24.96 52.69 -3.45
CA LYS A 196 24.75 51.55 -4.33
C LYS A 196 25.42 50.27 -3.81
N ALA A 197 26.32 50.38 -2.83
CA ALA A 197 26.88 49.19 -2.21
C ALA A 197 25.81 48.35 -1.52
N GLN A 198 24.65 48.94 -1.23
CA GLN A 198 23.52 48.17 -0.71
C GLN A 198 23.10 47.08 -1.68
N LEU A 199 23.27 47.31 -2.99
CA LEU A 199 22.87 46.34 -3.99
C LEU A 199 23.70 45.06 -3.95
N GLN A 200 24.83 45.06 -3.26
CA GLN A 200 25.58 43.83 -3.07
C GLN A 200 24.96 42.93 -2.01
N GLY A 201 24.06 43.48 -1.19
CA GLY A 201 23.23 42.68 -0.31
C GLY A 201 21.87 42.44 -0.94
N LEU A 202 20.80 42.73 -0.20
CA LEU A 202 19.44 42.61 -0.73
C LEU A 202 18.70 43.93 -0.51
N VAL A 203 18.34 44.59 -1.61
CA VAL A 203 17.56 45.82 -1.58
C VAL A 203 16.13 45.45 -1.97
N PRO A 204 15.15 45.57 -1.05
CA PRO A 204 13.78 45.16 -1.39
C PRO A 204 13.17 45.94 -2.55
N LYS A 205 13.57 47.21 -2.73
CA LYS A 205 13.01 48.00 -3.82
C LYS A 205 13.46 47.52 -5.19
N ALA A 206 14.55 46.73 -5.25
CA ALA A 206 15.08 46.26 -6.53
C ALA A 206 14.35 44.99 -6.96
N LYS A 207 13.12 45.19 -7.44
CA LYS A 207 12.27 44.10 -7.89
C LYS A 207 11.64 44.46 -9.23
N ALA A 208 11.47 43.45 -10.08
CA ALA A 208 10.87 43.63 -11.39
C ALA A 208 10.21 42.33 -11.82
N LYS A 209 9.38 42.42 -12.85
CA LYS A 209 8.82 41.24 -13.50
C LYS A 209 9.60 40.95 -14.78
N LEU A 210 9.85 39.67 -15.03
CA LEU A 210 10.47 39.24 -16.29
C LEU A 210 9.44 39.42 -17.39
N ASP A 211 9.33 40.66 -17.88
CA ASP A 211 8.28 41.06 -18.79
C ASP A 211 8.80 41.45 -20.17
N LYS A 212 10.09 41.28 -20.43
CA LYS A 212 10.66 41.66 -21.72
C LYS A 212 11.78 40.70 -22.07
N ASP A 213 11.67 40.05 -23.22
CA ASP A 213 12.69 39.11 -23.67
C ASP A 213 13.99 39.84 -23.99
N GLY A 214 15.11 39.21 -23.67
CA GLY A 214 16.41 39.79 -23.94
C GLY A 214 16.61 41.15 -23.31
N PHE A 215 16.23 41.29 -22.03
CA PHE A 215 16.25 42.58 -21.36
C PHE A 215 16.81 42.54 -19.95
N TYR A 216 16.67 41.45 -19.21
CA TYR A 216 17.09 41.38 -17.80
C TYR A 216 18.35 40.54 -17.69
N PRO A 217 19.51 41.14 -17.43
CA PRO A 217 20.75 40.36 -17.38
C PRO A 217 20.76 39.36 -16.23
N VAL A 218 21.37 38.21 -16.50
CA VAL A 218 21.44 37.14 -15.50
C VAL A 218 22.29 37.58 -14.31
N GLU A 219 23.40 38.27 -14.57
CA GLU A 219 24.32 38.67 -13.50
C GLU A 219 23.73 39.73 -12.57
N GLU A 220 22.52 40.22 -12.83
CA GLU A 220 21.87 41.20 -11.98
C GLU A 220 20.51 40.77 -11.43
N TRP A 221 19.87 39.78 -12.03
CA TRP A 221 18.51 39.41 -11.66
C TRP A 221 18.41 37.91 -11.40
N SER A 222 17.69 37.55 -10.35
CA SER A 222 17.41 36.17 -9.98
C SER A 222 15.91 36.03 -9.78
N PRO A 223 15.38 34.82 -9.88
CA PRO A 223 13.98 34.59 -9.50
C PRO A 223 13.76 35.01 -8.04
N ASP A 224 12.62 35.65 -7.78
CA ASP A 224 12.33 36.18 -6.46
C ASP A 224 11.61 35.13 -5.64
N PRO A 225 12.26 34.50 -4.66
CA PRO A 225 11.56 33.48 -3.86
C PRO A 225 10.54 34.06 -2.91
N SER A 226 10.58 35.37 -2.64
CA SER A 226 9.58 36.00 -1.80
C SER A 226 8.26 36.18 -2.52
N ARG A 227 8.20 35.89 -3.82
CA ARG A 227 6.97 35.96 -4.58
C ARG A 227 6.83 34.71 -5.45
N ASN A 228 6.44 34.88 -6.71
CA ASN A 228 6.32 33.77 -7.66
C ASN A 228 5.41 32.65 -7.14
N GLU A 229 4.37 33.03 -6.39
CA GLU A 229 3.43 32.04 -5.88
C GLU A 229 2.67 31.35 -7.01
N ASN A 230 2.58 31.98 -8.18
CA ASN A 230 1.90 31.43 -9.33
C ASN A 230 2.87 30.99 -10.42
N SER A 231 4.12 30.70 -10.05
CA SER A 231 5.13 30.27 -11.00
C SER A 231 5.94 29.14 -10.39
N ARG A 232 6.61 28.38 -11.26
CA ARG A 232 7.54 27.34 -10.86
C ARG A 232 8.84 27.55 -11.62
N TYR A 233 9.96 27.65 -10.90
CA TYR A 233 11.25 27.80 -11.53
C TYR A 233 12.24 26.81 -10.95
N TYR A 234 13.15 26.35 -11.81
CA TYR A 234 14.16 25.34 -11.46
C TYR A 234 15.47 25.78 -12.06
N GLY A 235 16.51 25.91 -11.22
CA GLY A 235 17.77 26.48 -11.68
C GLY A 235 18.95 25.79 -11.02
N SER A 236 20.08 25.84 -11.73
CA SER A 236 21.33 25.28 -11.26
C SER A 236 22.48 26.08 -11.85
N PHE A 237 23.59 26.15 -11.12
CA PHE A 237 24.73 26.94 -11.53
C PHE A 237 26.03 26.25 -11.12
N VAL A 238 26.99 26.23 -12.04
CA VAL A 238 28.33 25.73 -11.78
C VAL A 238 29.32 26.73 -12.36
N GLY A 239 30.12 27.36 -11.49
CA GLY A 239 30.99 28.44 -11.88
C GLY A 239 32.36 28.01 -12.35
N GLY A 240 33.26 28.97 -12.40
CA GLY A 240 34.60 28.74 -12.90
C GLY A 240 34.71 28.99 -14.40
N LEU A 241 35.94 29.22 -14.85
CA LEU A 241 36.19 29.51 -16.26
C LEU A 241 36.57 28.28 -17.08
N GLN A 242 37.05 27.22 -16.43
CA GLN A 242 37.44 26.01 -17.13
C GLN A 242 36.66 24.78 -16.68
N THR A 243 35.55 24.97 -16.00
CA THR A 243 34.76 23.84 -15.51
C THR A 243 34.15 23.07 -16.68
N PRO A 244 34.26 21.75 -16.71
CA PRO A 244 33.62 20.98 -17.78
C PRO A 244 32.11 21.12 -17.73
N PRO A 245 31.48 21.46 -18.85
CA PRO A 245 30.01 21.53 -18.87
C PRO A 245 29.41 20.14 -18.73
N ASN A 246 28.35 20.05 -17.93
CA ASN A 246 27.65 18.80 -17.67
C ASN A 246 26.17 19.01 -17.96
N LEU A 247 25.69 18.45 -19.07
CA LEU A 247 24.32 18.62 -19.51
C LEU A 247 23.73 17.27 -19.92
N GLN A 248 22.42 17.16 -19.74
CA GLN A 248 21.68 15.95 -20.12
C GLN A 248 20.53 16.35 -21.05
N PHE A 249 20.06 15.36 -21.81
CA PHE A 249 18.95 15.59 -22.74
C PHE A 249 18.22 14.28 -22.96
N THR A 250 16.89 14.32 -22.79
CA THR A 250 16.04 13.15 -22.94
C THR A 250 14.60 13.61 -23.12
N ASN A 251 13.78 12.73 -23.69
CA ASN A 251 12.37 13.01 -23.90
C ASN A 251 11.47 12.12 -23.06
N ALA A 252 12.03 11.37 -22.11
CA ALA A 252 11.27 10.46 -21.27
C ALA A 252 11.12 10.96 -19.84
N VAL A 253 11.30 12.26 -19.62
CA VAL A 253 11.24 12.85 -18.28
C VAL A 253 10.33 14.06 -18.32
N SER A 254 9.43 14.17 -17.34
CA SER A 254 8.53 15.30 -17.21
C SER A 254 8.77 16.00 -15.88
N THR A 255 8.35 17.25 -15.81
CA THR A 255 8.38 18.04 -14.59
C THR A 255 6.96 18.36 -14.18
N VAL A 256 6.54 17.85 -13.03
CA VAL A 256 5.20 18.11 -12.51
C VAL A 256 5.18 19.49 -11.90
N LEU A 257 4.20 20.31 -12.32
CA LEU A 257 4.11 21.70 -11.89
C LEU A 257 3.09 21.91 -10.78
N LEU A 258 2.47 20.87 -10.27
CA LEU A 258 1.52 21.01 -9.18
C LEU A 258 2.24 21.26 -7.86
N ASP A 259 1.63 22.07 -7.01
CA ASP A 259 2.19 22.35 -5.69
C ASP A 259 1.67 21.30 -4.70
N GLU A 260 1.95 21.51 -3.41
CA GLU A 260 1.59 20.53 -2.39
C GLU A 260 0.09 20.35 -2.24
N ASN A 261 -0.73 21.21 -2.87
CA ASN A 261 -2.18 21.08 -2.83
C ASN A 261 -2.75 20.62 -4.17
N GLY A 262 -1.91 20.18 -5.09
CA GLY A 262 -2.38 19.70 -6.38
C GLY A 262 -2.81 20.78 -7.34
N VAL A 263 -2.27 21.99 -7.19
CA VAL A 263 -2.63 23.12 -8.03
C VAL A 263 -1.39 23.60 -8.77
N GLY A 264 -1.50 23.71 -10.09
CA GLY A 264 -0.44 24.26 -10.89
C GLY A 264 -0.64 25.74 -11.13
N PRO A 265 0.31 26.38 -11.84
CA PRO A 265 0.16 27.80 -12.15
C PRO A 265 -1.12 28.07 -12.93
N LEU A 266 -1.87 29.07 -12.48
CA LEU A 266 -3.13 29.44 -13.10
C LEU A 266 -2.90 30.64 -14.02
N CYS A 267 -3.18 30.45 -15.31
CA CYS A 267 -2.80 31.40 -16.35
C CYS A 267 -3.75 32.58 -16.33
N LYS A 268 -3.27 33.72 -15.81
CA LYS A 268 -4.08 34.93 -15.77
C LYS A 268 -4.17 35.56 -17.15
N GLY A 269 -5.36 36.05 -17.50
CA GLY A 269 -5.58 36.60 -18.82
C GLY A 269 -5.43 35.59 -19.93
N ASP A 270 -5.58 34.30 -19.63
CA ASP A 270 -5.41 33.22 -20.61
C ASP A 270 -4.02 33.26 -21.24
N GLY A 271 -3.02 33.60 -20.42
CA GLY A 271 -1.65 33.68 -20.90
C GLY A 271 -0.70 32.76 -20.15
N LEU A 272 0.06 31.98 -20.90
CA LEU A 272 1.07 31.09 -20.32
C LEU A 272 2.45 31.72 -20.47
N PHE A 273 3.20 31.79 -19.37
CA PHE A 273 4.47 32.48 -19.32
C PHE A 273 5.58 31.47 -19.11
N VAL A 274 6.54 31.43 -20.03
CA VAL A 274 7.70 30.55 -19.93
C VAL A 274 8.97 31.40 -19.91
N SER A 275 9.94 30.99 -19.11
CA SER A 275 11.18 31.73 -18.96
C SER A 275 12.35 30.76 -18.95
N CYS A 276 13.53 31.24 -19.33
CA CYS A 276 14.70 30.39 -19.31
C CYS A 276 15.96 31.21 -19.50
N ALA A 277 17.09 30.57 -19.18
CA ALA A 277 18.43 31.10 -19.39
C ALA A 277 19.37 29.90 -19.35
N ASP A 278 20.24 29.77 -20.37
CA ASP A 278 21.07 28.57 -20.53
C ASP A 278 22.47 28.96 -21.01
N ILE A 279 23.25 29.58 -20.13
CA ILE A 279 24.67 29.77 -20.39
C ILE A 279 25.37 28.41 -20.26
N CYS A 280 26.02 27.97 -21.34
CA CYS A 280 26.65 26.66 -21.37
C CYS A 280 28.17 26.70 -21.26
N GLY A 281 28.75 27.88 -21.10
CA GLY A 281 30.19 28.02 -21.01
C GLY A 281 30.63 29.27 -21.73
N VAL A 282 31.94 29.39 -21.93
CA VAL A 282 32.54 30.55 -22.56
C VAL A 282 33.49 30.09 -23.67
N LEU A 283 33.71 31.00 -24.62
CA LEU A 283 34.71 30.85 -25.66
C LEU A 283 35.84 31.83 -25.38
N VAL A 284 37.08 31.38 -25.56
CA VAL A 284 38.26 32.18 -25.26
C VAL A 284 38.92 32.58 -26.58
N LYS A 285 39.07 33.88 -26.79
CA LYS A 285 39.70 34.37 -28.01
C LYS A 285 41.20 34.13 -27.97
N ALA A 286 41.77 33.93 -29.16
CA ALA A 286 43.20 33.61 -29.24
C ALA A 286 44.08 34.84 -29.14
N ASP A 287 43.60 36.01 -29.57
CA ASP A 287 44.46 37.17 -29.67
C ASP A 287 44.74 37.80 -28.30
N ASN A 288 43.70 37.97 -27.47
CA ASN A 288 43.88 38.60 -26.17
C ASN A 288 43.26 37.81 -25.02
N GLU A 289 42.78 36.59 -25.28
CA GLU A 289 42.28 35.65 -24.27
C GLU A 289 41.02 36.13 -23.56
N ALA A 290 40.34 37.15 -24.08
CA ALA A 290 39.05 37.51 -23.52
C ALA A 290 37.99 36.49 -23.95
N ILE A 291 36.79 36.63 -23.40
CA ILE A 291 35.80 35.56 -23.50
C ILE A 291 34.46 36.06 -24.01
N ARG A 292 33.68 35.12 -24.56
CA ARG A 292 32.28 35.30 -24.91
C ARG A 292 31.47 34.19 -24.28
N TYR A 293 30.33 34.55 -23.69
CA TYR A 293 29.39 33.53 -23.24
C TYR A 293 28.73 32.86 -24.44
N ARG A 294 28.24 31.64 -24.23
CA ARG A 294 27.56 30.90 -25.28
C ARG A 294 26.32 30.21 -24.70
N GLY A 295 25.20 30.34 -25.41
CA GLY A 295 23.97 29.70 -25.01
C GLY A 295 23.41 28.84 -26.12
N LEU A 296 22.37 28.08 -25.78
CA LEU A 296 21.68 27.18 -26.70
C LEU A 296 20.18 27.35 -26.54
N PRO A 297 19.41 27.02 -27.57
CA PRO A 297 17.96 27.18 -27.47
C PRO A 297 17.34 26.13 -26.56
N ARG A 298 16.22 26.50 -25.95
CA ARG A 298 15.48 25.61 -25.06
C ARG A 298 14.07 25.39 -25.59
N TYR A 299 13.60 24.15 -25.48
CA TYR A 299 12.28 23.75 -25.94
C TYR A 299 11.34 23.57 -24.76
N PHE A 300 10.07 23.89 -24.98
CA PHE A 300 9.03 23.74 -23.96
C PHE A 300 7.85 22.98 -24.54
N LYS A 301 7.26 22.11 -23.71
CA LYS A 301 5.98 21.47 -24.04
C LYS A 301 5.19 21.39 -22.73
N VAL A 302 4.19 22.26 -22.59
CA VAL A 302 3.42 22.39 -21.36
C VAL A 302 2.03 21.81 -21.58
N THR A 303 1.58 20.99 -20.65
CA THR A 303 0.25 20.40 -20.67
C THR A 303 -0.64 21.12 -19.66
N LEU A 304 -1.84 21.50 -20.08
CA LEU A 304 -2.72 22.31 -19.25
C LEU A 304 -4.11 21.69 -19.19
N ARG A 305 -4.83 22.04 -18.11
CA ARG A 305 -6.21 21.62 -17.92
C ARG A 305 -7.02 22.82 -17.44
N LYS A 306 -8.34 22.70 -17.55
CA LYS A 306 -9.24 23.75 -17.11
C LYS A 306 -9.51 23.62 -15.61
N ARG A 307 -9.61 24.76 -14.94
CA ARG A 307 -9.81 24.80 -13.50
C ARG A 307 -10.69 25.99 -13.15
N ALA A 308 -11.73 25.74 -12.36
CA ALA A 308 -12.67 26.78 -11.96
C ALA A 308 -12.17 27.46 -10.70
N VAL A 309 -12.29 28.79 -10.66
CA VAL A 309 -11.85 29.59 -9.53
C VAL A 309 -12.91 30.63 -9.20
N LYS A 310 -12.83 31.15 -7.98
CA LYS A 310 -13.73 32.21 -7.54
C LYS A 310 -13.16 33.57 -7.92
N ASN A 311 -14.02 34.44 -8.45
CA ASN A 311 -13.59 35.76 -8.88
C ASN A 311 -13.52 36.73 -7.70
N THR B 38 6.44 -12.03 -25.57
CA THR B 38 7.62 -11.17 -25.49
C THR B 38 8.77 -11.73 -26.32
N THR B 39 9.35 -10.86 -27.15
CA THR B 39 10.47 -11.20 -28.01
C THR B 39 11.61 -10.22 -27.77
N GLU B 40 12.84 -10.71 -27.83
CA GLU B 40 14.03 -9.92 -27.60
C GLU B 40 14.84 -9.80 -28.90
N ILE B 41 15.40 -8.61 -29.11
CA ILE B 41 16.21 -8.31 -30.30
C ILE B 41 17.56 -7.79 -29.84
N GLU B 42 18.64 -8.38 -30.36
CA GLU B 42 20.00 -8.01 -30.00
C GLU B 42 20.76 -7.54 -31.22
N LEU B 43 21.61 -6.52 -31.03
CA LEU B 43 22.46 -6.03 -32.11
C LEU B 43 23.55 -5.15 -31.52
N TRP B 44 24.61 -4.98 -32.31
CA TRP B 44 25.71 -4.07 -31.97
C TRP B 44 25.69 -2.89 -32.93
N LEU B 45 26.06 -1.72 -32.42
CA LEU B 45 26.26 -0.53 -33.24
C LEU B 45 27.71 -0.10 -33.11
N GLU B 46 28.48 -0.29 -34.18
CA GLU B 46 29.88 0.06 -34.16
C GLU B 46 30.05 1.59 -34.26
N PRO B 47 31.12 2.13 -33.67
CA PRO B 47 31.24 3.60 -33.59
C PRO B 47 31.52 4.21 -34.96
N ARG B 48 30.95 5.39 -35.17
CA ARG B 48 31.14 6.18 -36.39
C ARG B 48 31.76 7.52 -35.99
N MET B 49 33.01 7.49 -35.56
CA MET B 49 33.70 8.71 -35.12
C MET B 49 34.28 9.52 -36.28
N GLY B 50 34.22 9.00 -37.51
CA GLY B 50 34.81 9.68 -38.64
C GLY B 50 35.45 8.68 -39.58
N VAL B 51 36.46 7.98 -39.09
CA VAL B 51 36.99 6.80 -39.79
C VAL B 51 36.02 5.67 -39.53
N ASN B 52 35.06 5.48 -40.44
CA ASN B 52 33.91 4.62 -40.20
C ASN B 52 34.09 3.20 -40.72
N ALA B 53 35.29 2.85 -41.20
CA ALA B 53 35.55 1.51 -41.70
C ALA B 53 37.03 1.22 -41.60
N PRO B 54 37.42 -0.01 -41.23
CA PRO B 54 38.83 -0.40 -41.24
C PRO B 54 39.38 -0.66 -42.64
N THR B 55 39.19 0.32 -43.53
CA THR B 55 39.57 0.21 -44.93
C THR B 55 40.17 1.53 -45.41
N GLY B 56 41.06 1.44 -46.37
CA GLY B 56 41.63 2.63 -47.00
C GLY B 56 42.88 3.12 -46.31
N ASP B 57 43.18 4.40 -46.54
CA ASP B 57 44.39 5.00 -45.97
C ASP B 57 44.27 5.15 -44.46
N ARG B 58 43.11 5.59 -43.98
CA ARG B 58 42.86 5.76 -42.55
C ARG B 58 42.46 4.46 -41.86
N LYS B 59 42.79 3.30 -42.45
CA LYS B 59 42.31 2.03 -41.95
C LYS B 59 42.74 1.79 -40.50
N GLU B 60 43.95 2.20 -40.15
CA GLU B 60 44.49 1.90 -38.82
C GLU B 60 43.80 2.69 -37.71
N TRP B 61 43.03 3.73 -38.04
CA TRP B 61 42.36 4.55 -37.04
C TRP B 61 40.84 4.37 -37.08
N TYR B 62 40.38 3.18 -37.43
CA TYR B 62 38.97 2.85 -37.34
C TYR B 62 38.51 2.94 -35.90
N GLY B 63 37.33 3.51 -35.69
CA GLY B 63 36.86 3.80 -34.36
C GLY B 63 37.34 5.13 -33.81
N TYR B 64 38.22 5.82 -34.52
CA TYR B 64 38.68 7.16 -34.18
C TYR B 64 38.20 8.14 -35.24
N SER B 65 38.40 9.42 -34.96
CA SER B 65 38.21 10.47 -35.95
C SER B 65 39.53 10.81 -36.61
N GLU B 66 39.46 11.56 -37.70
CA GLU B 66 40.68 12.13 -38.27
C GLU B 66 41.21 13.23 -37.35
N VAL B 67 42.51 13.50 -37.49
CA VAL B 67 43.15 14.53 -36.68
C VAL B 67 42.46 15.87 -36.91
N ILE B 68 42.28 16.63 -35.83
CA ILE B 68 41.56 17.91 -35.87
C ILE B 68 42.46 18.99 -35.28
N HIS B 69 42.60 20.10 -36.01
CA HIS B 69 43.36 21.26 -35.57
C HIS B 69 42.42 22.44 -35.38
N HIS B 70 42.90 23.46 -34.67
CA HIS B 70 42.02 24.55 -34.23
C HIS B 70 41.47 25.34 -35.41
N ALA B 71 42.28 25.56 -36.44
CA ALA B 71 41.87 26.36 -37.59
C ALA B 71 41.16 25.57 -38.66
N ASP B 72 40.99 24.25 -38.48
CA ASP B 72 40.25 23.47 -39.45
C ASP B 72 38.81 23.97 -39.55
N GLY B 73 38.30 24.04 -40.77
CA GLY B 73 37.02 24.66 -41.03
C GLY B 73 37.10 26.15 -41.31
N TYR B 74 38.26 26.76 -41.11
CA TYR B 74 38.52 28.15 -41.49
C TYR B 74 39.71 28.26 -42.43
N ASP B 75 40.85 27.68 -42.07
CA ASP B 75 41.98 27.60 -42.99
C ASP B 75 41.76 26.61 -44.11
N ASN B 76 40.77 25.74 -44.00
CA ASN B 76 40.51 24.70 -44.99
C ASN B 76 39.07 24.24 -44.84
N ASN B 77 38.72 23.20 -45.59
CA ASN B 77 37.41 22.57 -45.48
C ASN B 77 37.46 21.45 -44.44
N LEU B 78 36.52 21.47 -43.50
CA LEU B 78 36.44 20.41 -42.52
C LEU B 78 35.95 19.13 -43.18
N LEU B 79 36.62 18.02 -42.91
CA LEU B 79 36.32 16.76 -43.55
C LEU B 79 35.28 15.98 -42.75
N SER B 80 34.52 15.14 -43.45
CA SER B 80 33.53 14.31 -42.78
C SER B 80 34.18 13.35 -41.81
N VAL B 81 35.41 12.90 -42.10
CA VAL B 81 36.13 12.02 -41.18
C VAL B 81 36.62 12.75 -39.94
N GLN B 82 36.48 14.08 -39.90
CA GLN B 82 36.83 14.87 -38.73
C GLN B 82 35.62 15.14 -37.83
N MET B 83 34.45 14.62 -38.17
CA MET B 83 33.23 14.91 -37.44
C MET B 83 32.58 13.60 -37.00
N PRO B 84 32.59 13.28 -35.70
CA PRO B 84 31.88 12.08 -35.24
C PRO B 84 30.39 12.17 -35.55
N GLN B 85 29.82 11.02 -35.92
CA GLN B 85 28.44 10.98 -36.37
C GLN B 85 27.64 9.96 -35.54
N TYR B 86 26.33 10.06 -35.65
CA TYR B 86 25.45 9.09 -35.00
C TYR B 86 25.50 7.74 -35.72
N SER B 87 25.37 6.68 -34.95
CA SER B 87 25.17 5.35 -35.49
C SER B 87 23.68 5.02 -35.47
N CYS B 88 23.22 4.31 -36.49
CA CYS B 88 21.83 3.90 -36.51
C CYS B 88 21.69 2.59 -37.28
N ALA B 89 20.54 1.96 -37.11
CA ALA B 89 20.24 0.70 -37.76
C ALA B 89 18.75 0.43 -37.61
N ARG B 90 18.15 -0.11 -38.66
CA ARG B 90 16.76 -0.57 -38.65
C ARG B 90 16.74 -2.09 -38.69
N VAL B 91 15.97 -2.69 -37.80
CA VAL B 91 15.87 -4.14 -37.70
C VAL B 91 14.50 -4.56 -38.21
N GLN B 92 14.48 -5.43 -39.21
CA GLN B 92 13.22 -5.94 -39.74
C GLN B 92 12.64 -6.97 -38.78
N LEU B 93 11.49 -6.66 -38.21
CA LEU B 93 10.79 -7.56 -37.32
C LEU B 93 9.85 -8.47 -38.10
N PRO B 94 9.43 -9.58 -37.52
CA PRO B 94 8.49 -10.48 -38.22
C PRO B 94 7.23 -9.75 -38.65
N MET B 95 6.84 -9.96 -39.90
CA MET B 95 5.63 -9.33 -40.43
C MET B 95 4.40 -9.82 -39.67
N LEU B 96 3.54 -8.89 -39.30
CA LEU B 96 2.42 -9.18 -38.42
C LEU B 96 1.05 -9.16 -39.11
N ASN B 97 0.89 -8.36 -40.16
CA ASN B 97 -0.42 -8.15 -40.77
C ASN B 97 -0.39 -8.55 -42.23
N THR B 98 -1.47 -9.20 -42.68
CA THR B 98 -1.67 -9.58 -44.08
C THR B 98 -2.42 -8.52 -44.88
N ASP B 99 -2.98 -7.51 -44.21
CA ASP B 99 -3.83 -6.53 -44.88
C ASP B 99 -3.78 -5.24 -44.07
N MET B 100 -3.25 -4.18 -44.67
CA MET B 100 -3.02 -2.92 -43.97
C MET B 100 -4.21 -1.98 -44.00
N THR B 101 -5.34 -2.42 -44.53
CA THR B 101 -6.55 -1.60 -44.58
C THR B 101 -7.53 -1.93 -43.46
N CYS B 102 -7.24 -2.95 -42.65
CA CYS B 102 -8.11 -3.29 -41.53
C CYS B 102 -8.12 -2.17 -40.49
N GLU B 103 -9.26 -2.02 -39.83
CA GLU B 103 -9.38 -1.01 -38.79
C GLU B 103 -8.54 -1.35 -37.56
N THR B 104 -8.12 -2.60 -37.40
CA THR B 104 -7.37 -3.04 -36.23
C THR B 104 -6.17 -3.85 -36.70
N LEU B 105 -4.97 -3.39 -36.36
CA LEU B 105 -3.74 -4.03 -36.78
C LEU B 105 -2.88 -4.36 -35.58
N MET B 106 -1.98 -5.33 -35.78
CA MET B 106 -0.99 -5.68 -34.77
C MET B 106 0.30 -4.93 -35.03
N MET B 107 0.96 -4.51 -33.95
CA MET B 107 2.24 -3.80 -34.04
C MET B 107 3.17 -4.30 -32.95
N TRP B 108 4.45 -4.27 -33.24
CA TRP B 108 5.46 -4.57 -32.24
C TRP B 108 5.66 -3.36 -31.34
N GLU B 109 5.60 -3.58 -30.02
CA GLU B 109 5.76 -2.52 -29.04
C GLU B 109 7.01 -2.78 -28.22
N ALA B 110 7.96 -1.85 -28.26
CA ALA B 110 9.18 -1.95 -27.45
C ALA B 110 8.87 -1.48 -26.04
N VAL B 111 9.05 -2.37 -25.06
CA VAL B 111 8.65 -2.09 -23.69
C VAL B 111 9.86 -1.75 -22.82
N SER B 112 11.03 -2.29 -23.16
CA SER B 112 12.21 -2.09 -22.35
C SER B 112 13.45 -2.39 -23.19
N CYS B 113 14.61 -2.06 -22.65
CA CYS B 113 15.88 -2.27 -23.35
C CYS B 113 17.02 -2.35 -22.34
N LYS B 114 18.04 -3.13 -22.71
CA LYS B 114 19.33 -3.14 -22.03
C LYS B 114 20.37 -2.64 -23.02
N THR B 115 21.22 -1.71 -22.59
CA THR B 115 22.25 -1.17 -23.46
C THR B 115 23.53 -0.96 -22.67
N GLU B 116 24.67 -1.20 -23.33
CA GLU B 116 25.96 -1.14 -22.67
C GLU B 116 27.04 -0.77 -23.67
N VAL B 117 27.99 0.04 -23.22
CA VAL B 117 29.16 0.39 -24.00
C VAL B 117 30.28 -0.59 -23.64
N VAL B 118 30.76 -1.31 -24.65
CA VAL B 118 31.77 -2.35 -24.43
C VAL B 118 33.16 -1.75 -24.64
N GLY B 119 34.16 -2.40 -24.04
CA GLY B 119 35.54 -1.96 -24.21
C GLY B 119 35.96 -0.83 -23.30
N ILE B 120 35.23 -0.58 -22.20
CA ILE B 120 35.56 0.54 -21.33
C ILE B 120 36.91 0.32 -20.65
N GLY B 121 37.27 -0.94 -20.36
CA GLY B 121 38.56 -1.21 -19.75
C GLY B 121 39.73 -0.79 -20.63
N SER B 122 39.53 -0.77 -21.94
CA SER B 122 40.61 -0.36 -22.85
C SER B 122 40.97 1.12 -22.69
N LEU B 123 40.13 1.90 -22.03
CA LEU B 123 40.41 3.33 -21.85
C LEU B 123 41.48 3.59 -20.79
N ILE B 124 41.99 2.56 -20.12
CA ILE B 124 43.05 2.73 -19.14
C ILE B 124 44.43 2.80 -19.76
N SER B 125 44.54 2.63 -21.08
CA SER B 125 45.84 2.52 -21.73
C SER B 125 46.63 3.82 -21.61
N VAL B 126 47.92 3.68 -21.28
CA VAL B 126 48.83 4.81 -21.24
C VAL B 126 50.01 4.52 -22.15
N HIS B 127 49.77 3.74 -23.21
CA HIS B 127 50.75 3.46 -24.24
C HIS B 127 50.07 3.58 -25.61
N LEU B 128 49.37 4.70 -25.81
CA LEU B 128 48.60 4.90 -27.04
C LEU B 128 49.51 5.32 -28.19
N LEU B 129 49.19 4.80 -29.38
CA LEU B 129 50.00 5.09 -30.56
C LEU B 129 49.97 6.58 -30.87
N GLU B 130 51.17 7.15 -31.03
CA GLU B 130 51.40 8.55 -31.41
C GLU B 130 50.90 9.55 -30.38
N ALA B 131 50.57 9.11 -29.17
CA ALA B 131 49.98 9.99 -28.19
C ALA B 131 51.05 10.82 -27.47
N LYS B 132 50.63 11.99 -26.98
CA LYS B 132 51.51 12.87 -26.24
C LYS B 132 51.89 12.24 -24.90
N MET B 133 53.14 12.46 -24.48
CA MET B 133 53.64 11.91 -23.23
C MET B 133 53.26 12.81 -22.07
N GLU B 134 52.78 12.19 -20.98
CA GLU B 134 52.37 12.92 -19.79
C GLU B 134 53.47 12.88 -18.74
N ALA B 135 54.54 13.63 -19.02
CA ALA B 135 55.69 13.69 -18.14
C ALA B 135 56.55 14.89 -18.56
N GLY B 136 57.64 15.09 -17.84
CA GLY B 136 58.56 16.17 -18.10
C GLY B 136 59.25 16.02 -19.45
N PRO B 137 59.99 17.06 -19.86
CA PRO B 137 60.57 17.05 -21.22
C PRO B 137 61.56 15.93 -21.46
N ASN B 138 62.38 15.57 -20.46
CA ASN B 138 63.40 14.55 -20.62
C ASN B 138 62.99 13.21 -20.03
N SER B 139 61.72 13.04 -19.68
CA SER B 139 61.27 11.83 -19.01
C SER B 139 60.92 10.74 -20.03
N ASP B 140 60.57 9.56 -19.50
CA ASP B 140 60.05 8.46 -20.30
C ASP B 140 58.77 7.95 -19.64
N GLY B 141 57.82 8.86 -19.45
CA GLY B 141 56.62 8.57 -18.71
C GLY B 141 55.54 7.96 -19.58
N PRO B 142 54.31 7.96 -19.06
CA PRO B 142 53.18 7.39 -19.81
C PRO B 142 52.66 8.38 -20.85
N SER B 143 51.80 7.87 -21.72
CA SER B 143 51.09 8.72 -22.65
C SER B 143 49.82 9.26 -22.00
N ARG B 144 49.30 10.33 -22.58
CA ARG B 144 47.97 10.80 -22.20
C ARG B 144 46.97 9.67 -22.43
N PRO B 145 46.11 9.37 -21.46
CA PRO B 145 45.03 8.40 -21.71
C PRO B 145 43.86 9.09 -22.40
N ILE B 146 42.92 8.28 -22.85
CA ILE B 146 41.71 8.83 -23.45
C ILE B 146 40.97 9.64 -22.40
N GLU B 147 40.72 10.91 -22.71
CA GLU B 147 40.03 11.81 -21.79
C GLU B 147 39.42 12.94 -22.61
N GLY B 148 38.62 13.76 -21.95
CA GLY B 148 38.00 14.89 -22.62
C GLY B 148 36.50 14.74 -22.80
N MET B 149 35.98 15.26 -23.91
CA MET B 149 34.54 15.26 -24.15
C MET B 149 33.99 13.84 -24.08
N ASN B 150 32.88 13.68 -23.37
CA ASN B 150 32.12 12.44 -23.36
C ASN B 150 30.69 12.74 -23.75
N TYR B 151 30.28 12.23 -24.92
CA TYR B 151 28.94 12.41 -25.45
C TYR B 151 28.33 11.03 -25.63
N HIS B 152 27.31 10.72 -24.83
CA HIS B 152 26.70 9.39 -24.82
C HIS B 152 25.19 9.53 -24.93
N MET B 153 24.63 8.93 -25.97
CA MET B 153 23.18 8.94 -26.19
C MET B 153 22.79 7.63 -26.85
N PHE B 154 21.65 7.09 -26.45
CA PHE B 154 21.05 5.94 -27.10
C PHE B 154 19.56 6.18 -27.28
N ALA B 155 18.99 5.56 -28.30
CA ALA B 155 17.59 5.80 -28.65
C ALA B 155 16.96 4.54 -29.21
N VAL B 156 15.68 4.34 -28.88
CA VAL B 156 14.89 3.23 -29.40
C VAL B 156 13.54 3.79 -29.83
N GLY B 157 13.13 3.47 -31.06
CA GLY B 157 11.87 3.97 -31.58
C GLY B 157 11.32 3.08 -32.68
N GLY B 158 10.08 3.38 -33.06
CA GLY B 158 9.38 2.72 -34.14
C GLY B 158 9.50 3.42 -35.48
N GLU B 159 10.39 4.41 -35.56
CA GLU B 159 10.65 5.15 -36.79
C GLU B 159 11.98 5.88 -36.61
N PRO B 160 12.59 6.36 -37.69
CA PRO B 160 13.87 7.05 -37.56
C PRO B 160 13.80 8.20 -36.56
N LEU B 161 14.90 8.39 -35.84
CA LEU B 161 14.99 9.45 -34.85
C LEU B 161 14.96 10.81 -35.55
N ASP B 162 14.11 11.71 -35.04
CA ASP B 162 14.04 13.06 -35.59
C ASP B 162 15.19 13.91 -35.06
N LEU B 163 15.76 14.72 -35.94
CA LEU B 163 16.96 15.50 -35.62
C LEU B 163 16.69 16.98 -35.84
N GLN B 164 17.40 17.81 -35.07
CA GLN B 164 17.37 19.25 -35.19
C GLN B 164 18.79 19.74 -35.45
N GLY B 165 18.95 20.60 -36.45
CA GLY B 165 20.26 21.09 -36.84
C GLY B 165 20.67 22.35 -36.09
N ILE B 166 21.99 22.53 -35.98
CA ILE B 166 22.55 23.70 -35.32
C ILE B 166 24.02 23.80 -35.73
N GLU B 167 24.58 25.00 -35.64
CA GLU B 167 25.98 25.25 -35.92
C GLU B 167 26.58 26.03 -34.76
N SER B 168 27.74 25.58 -34.27
CA SER B 168 28.49 26.39 -33.32
C SER B 168 29.06 27.62 -34.00
N ASN B 169 29.59 27.46 -35.21
CA ASN B 169 30.01 28.56 -36.08
C ASN B 169 29.23 28.45 -37.38
N GLY B 170 28.42 29.46 -37.67
CA GLY B 170 27.56 29.40 -38.85
C GLY B 170 28.34 29.33 -40.15
N GLN B 171 29.55 29.89 -40.18
CA GLN B 171 30.33 29.99 -41.40
C GLN B 171 31.40 28.92 -41.52
N THR B 172 31.26 27.81 -40.79
CA THR B 172 32.22 26.72 -40.89
C THR B 172 32.24 26.15 -42.30
N LYS B 173 33.44 25.96 -42.85
CA LYS B 173 33.60 25.40 -44.19
C LYS B 173 33.61 23.89 -44.11
N TYR B 174 32.82 23.24 -44.97
CA TYR B 174 32.72 21.79 -45.02
C TYR B 174 33.08 21.30 -46.40
N ALA B 175 33.80 20.18 -46.47
CA ALA B 175 34.15 19.58 -47.74
C ALA B 175 32.92 18.96 -48.39
N THR B 176 32.99 18.84 -49.71
CA THR B 176 31.88 18.30 -50.51
C THR B 176 32.40 17.23 -51.45
N ALA B 177 31.70 16.10 -51.49
CA ALA B 177 32.02 15.03 -52.42
C ALA B 177 30.73 14.50 -53.02
N ILE B 178 30.86 13.82 -54.15
CA ILE B 178 29.70 13.20 -54.81
C ILE B 178 29.97 11.70 -54.94
N PRO B 179 29.24 10.85 -54.23
CA PRO B 179 28.13 11.22 -53.33
C PRO B 179 28.61 11.81 -52.01
N ALA B 180 27.70 12.47 -51.29
CA ALA B 180 28.06 13.12 -50.03
C ALA B 180 28.41 12.08 -48.98
N LYS B 181 29.46 12.35 -48.22
CA LYS B 181 29.85 11.50 -47.10
C LYS B 181 29.16 11.89 -45.80
N SER B 182 28.55 13.07 -45.75
CA SER B 182 27.77 13.51 -44.60
C SER B 182 26.82 14.60 -45.07
N ILE B 183 25.90 14.98 -44.19
CA ILE B 183 24.93 16.03 -44.48
C ILE B 183 24.93 17.02 -43.32
N HIS B 184 24.77 18.29 -43.64
CA HIS B 184 24.86 19.38 -42.69
C HIS B 184 23.53 20.14 -42.64
N PRO B 185 23.26 20.85 -41.55
CA PRO B 185 21.96 21.53 -41.41
C PRO B 185 21.60 22.45 -42.57
N ASN B 186 22.54 23.24 -43.08
CA ASN B 186 22.21 24.16 -44.16
C ASN B 186 22.01 23.46 -45.49
N ASP B 187 22.47 22.21 -45.62
CA ASP B 187 22.12 21.43 -46.80
C ASP B 187 20.61 21.24 -46.93
N ILE B 188 19.89 21.35 -45.83
CA ILE B 188 18.43 21.25 -45.83
C ILE B 188 17.78 22.63 -45.70
N ALA B 189 18.30 23.48 -44.81
CA ALA B 189 17.73 24.81 -44.62
C ALA B 189 17.99 25.70 -45.83
N LYS B 190 19.15 25.53 -46.48
CA LYS B 190 19.48 26.27 -47.70
C LYS B 190 19.43 27.78 -47.48
N LEU B 191 19.95 28.23 -46.34
CA LEU B 191 20.02 29.66 -46.07
C LEU B 191 21.11 30.30 -46.93
N PRO B 192 20.93 31.57 -47.31
CA PRO B 192 22.03 32.29 -47.96
C PRO B 192 23.24 32.37 -47.05
N GLU B 193 24.42 32.45 -47.67
CA GLU B 193 25.67 32.44 -46.91
C GLU B 193 25.73 33.61 -45.92
N GLU B 194 25.11 34.74 -46.25
CA GLU B 194 25.06 35.88 -45.35
C GLU B 194 24.06 35.70 -44.21
N ASP B 195 23.30 34.60 -44.20
CA ASP B 195 22.31 34.35 -43.17
C ASP B 195 22.62 33.11 -42.34
N LYS B 196 23.78 32.49 -42.53
CA LYS B 196 24.08 31.24 -41.84
C LYS B 196 24.26 31.42 -40.34
N ALA B 197 24.44 32.65 -39.87
CA ALA B 197 24.51 32.89 -38.44
C ALA B 197 23.22 32.51 -37.72
N GLN B 198 22.11 32.41 -38.46
CA GLN B 198 20.86 31.94 -37.87
C GLN B 198 20.99 30.54 -37.33
N LEU B 199 21.85 29.70 -37.94
CA LEU B 199 22.02 28.33 -37.50
C LEU B 199 22.72 28.23 -36.15
N GLN B 200 23.32 29.32 -35.65
CA GLN B 200 23.81 29.32 -34.27
C GLN B 200 22.68 29.39 -33.26
N GLY B 201 21.46 29.69 -33.70
CA GLY B 201 20.27 29.56 -32.88
C GLY B 201 19.45 28.38 -33.31
N LEU B 202 18.14 28.55 -33.41
CA LEU B 202 17.24 27.47 -33.84
C LEU B 202 16.58 27.85 -35.16
N VAL B 203 16.97 27.17 -36.23
CA VAL B 203 16.37 27.34 -37.55
C VAL B 203 15.38 26.19 -37.76
N PRO B 204 14.06 26.45 -37.75
CA PRO B 204 13.10 25.34 -37.82
C PRO B 204 13.21 24.51 -39.09
N LYS B 205 13.61 25.11 -40.22
CA LYS B 205 13.73 24.35 -41.45
C LYS B 205 14.90 23.38 -41.44
N ALA B 206 15.75 23.44 -40.41
CA ALA B 206 16.92 22.54 -40.31
C ALA B 206 16.55 21.32 -39.49
N LYS B 207 15.72 20.47 -40.09
CA LYS B 207 15.30 19.22 -39.48
C LYS B 207 15.60 18.07 -40.44
N ALA B 208 15.81 16.89 -39.85
CA ALA B 208 16.12 15.70 -40.62
C ALA B 208 15.80 14.47 -39.80
N LYS B 209 15.71 13.34 -40.50
CA LYS B 209 15.54 12.05 -39.86
C LYS B 209 16.87 11.29 -39.86
N LEU B 210 17.19 10.64 -38.75
CA LEU B 210 18.39 9.81 -38.66
C LEU B 210 18.14 8.56 -39.50
N ASP B 211 18.39 8.68 -40.80
CA ASP B 211 18.04 7.66 -41.78
C ASP B 211 19.27 7.13 -42.51
N LYS B 212 20.46 7.29 -41.95
CA LYS B 212 21.68 6.81 -42.60
C LYS B 212 22.78 6.70 -41.57
N ASP B 213 23.39 5.52 -41.48
CA ASP B 213 24.45 5.30 -40.50
C ASP B 213 25.73 6.03 -40.90
N GLY B 214 26.36 6.67 -39.92
CA GLY B 214 27.58 7.43 -40.16
C GLY B 214 27.41 8.51 -41.21
N PHE B 215 26.49 9.44 -40.95
CA PHE B 215 26.16 10.46 -41.95
C PHE B 215 25.81 11.79 -41.30
N TYR B 216 25.29 11.76 -40.08
CA TYR B 216 24.86 12.96 -39.39
C TYR B 216 25.82 13.31 -38.27
N PRO B 217 26.62 14.37 -38.40
CA PRO B 217 27.60 14.70 -37.36
C PRO B 217 26.93 15.08 -36.04
N VAL B 218 27.56 14.66 -34.94
CA VAL B 218 27.04 14.96 -33.61
C VAL B 218 27.07 16.45 -33.35
N GLU B 219 28.13 17.13 -33.79
CA GLU B 219 28.29 18.55 -33.54
C GLU B 219 27.32 19.42 -34.32
N GLU B 220 26.46 18.83 -35.16
CA GLU B 220 25.48 19.59 -35.93
C GLU B 220 24.04 19.16 -35.71
N TRP B 221 23.81 17.92 -35.25
CA TRP B 221 22.47 17.37 -35.14
C TRP B 221 22.22 16.88 -33.72
N SER B 222 21.06 17.22 -33.17
CA SER B 222 20.62 16.77 -31.86
C SER B 222 19.23 16.16 -31.98
N PRO B 223 18.87 15.24 -31.08
CA PRO B 223 17.51 14.71 -31.09
C PRO B 223 16.48 15.83 -30.96
N ASP B 224 15.45 15.78 -31.81
CA ASP B 224 14.44 16.83 -31.85
C ASP B 224 13.40 16.60 -30.77
N PRO B 225 13.34 17.46 -29.75
CA PRO B 225 12.33 17.29 -28.70
C PRO B 225 10.93 17.71 -29.14
N SER B 226 10.82 18.52 -30.20
CA SER B 226 9.52 18.91 -30.72
C SER B 226 8.84 17.80 -31.50
N ARG B 227 9.54 16.70 -31.77
CA ARG B 227 8.96 15.55 -32.43
C ARG B 227 9.31 14.29 -31.64
N ASN B 228 9.68 13.20 -32.33
CA ASN B 228 10.12 11.96 -31.69
C ASN B 228 9.06 11.44 -30.72
N GLU B 229 7.78 11.57 -31.11
CA GLU B 229 6.71 11.08 -30.25
C GLU B 229 6.71 9.56 -30.14
N ASN B 230 7.27 8.88 -31.15
CA ASN B 230 7.33 7.43 -31.18
C ASN B 230 8.73 6.90 -30.90
N SER B 231 9.60 7.72 -30.30
CA SER B 231 10.94 7.31 -29.94
C SER B 231 11.22 7.68 -28.50
N ARG B 232 12.26 7.05 -27.94
CA ARG B 232 12.78 7.38 -26.63
C ARG B 232 14.29 7.52 -26.75
N TYR B 233 14.82 8.67 -26.35
CA TYR B 233 16.26 8.90 -26.36
C TYR B 233 16.72 9.40 -25.00
N TYR B 234 17.95 9.05 -24.65
CA TYR B 234 18.55 9.39 -23.37
C TYR B 234 19.99 9.80 -23.62
N GLY B 235 20.36 11.00 -23.21
CA GLY B 235 21.66 11.55 -23.56
C GLY B 235 22.33 12.24 -22.38
N SER B 236 23.65 12.26 -22.42
CA SER B 236 24.47 12.93 -21.42
C SER B 236 25.72 13.48 -22.09
N PHE B 237 26.25 14.57 -21.55
CA PHE B 237 27.41 15.22 -22.14
C PHE B 237 28.28 15.84 -21.05
N VAL B 238 29.58 15.57 -21.12
CA VAL B 238 30.56 16.19 -20.24
C VAL B 238 31.67 16.76 -21.14
N GLY B 239 31.77 18.09 -21.18
CA GLY B 239 32.71 18.76 -22.05
C GLY B 239 34.12 18.81 -21.51
N GLY B 240 34.91 19.71 -22.08
CA GLY B 240 36.31 19.86 -21.71
C GLY B 240 37.20 18.89 -22.45
N LEU B 241 38.50 19.20 -22.46
CA LEU B 241 39.50 18.42 -23.18
C LEU B 241 40.33 17.51 -22.29
N GLN B 242 40.30 17.70 -20.97
CA GLN B 242 41.07 16.88 -20.05
C GLN B 242 40.21 16.22 -18.98
N THR B 243 38.88 16.32 -19.11
CA THR B 243 37.99 15.77 -18.10
C THR B 243 38.15 14.25 -18.01
N PRO B 244 38.24 13.69 -16.82
CA PRO B 244 38.29 12.23 -16.68
C PRO B 244 36.99 11.61 -17.15
N PRO B 245 37.05 10.65 -18.07
CA PRO B 245 35.82 9.97 -18.51
C PRO B 245 35.20 9.17 -17.38
N ASN B 246 33.87 9.22 -17.28
CA ASN B 246 33.14 8.53 -16.23
C ASN B 246 32.09 7.64 -16.90
N LEU B 247 32.31 6.33 -16.85
CA LEU B 247 31.47 5.36 -17.53
C LEU B 247 31.14 4.21 -16.61
N GLN B 248 29.98 3.59 -16.83
CA GLN B 248 29.54 2.43 -16.07
C GLN B 248 29.16 1.31 -17.03
N PHE B 249 29.17 0.09 -16.51
CA PHE B 249 28.76 -1.07 -17.29
C PHE B 249 28.23 -2.15 -16.35
N THR B 250 27.07 -2.69 -16.70
CA THR B 250 26.39 -3.71 -15.89
C THR B 250 25.25 -4.30 -16.70
N ASN B 251 24.91 -5.55 -16.40
CA ASN B 251 23.82 -6.25 -17.06
C ASN B 251 22.59 -6.43 -16.18
N ALA B 252 22.53 -5.72 -15.05
CA ALA B 252 21.41 -5.83 -14.12
C ALA B 252 20.54 -4.58 -14.13
N VAL B 253 20.62 -3.77 -15.18
CA VAL B 253 19.89 -2.51 -15.28
C VAL B 253 19.11 -2.49 -16.59
N SER B 254 17.85 -2.07 -16.51
CA SER B 254 16.96 -1.96 -17.67
C SER B 254 16.36 -0.56 -17.70
N THR B 255 16.06 -0.11 -18.92
CA THR B 255 15.38 1.16 -19.16
C THR B 255 13.99 0.87 -19.71
N VAL B 256 12.94 1.23 -18.95
CA VAL B 256 11.57 1.03 -19.41
C VAL B 256 11.25 2.06 -20.49
N LEU B 257 10.72 1.58 -21.61
CA LEU B 257 10.41 2.45 -22.75
C LEU B 257 8.95 2.87 -22.78
N LEU B 258 8.14 2.43 -21.83
CA LEU B 258 6.73 2.83 -21.80
C LEU B 258 6.60 4.28 -21.35
N ASP B 259 5.67 5.00 -21.94
CA ASP B 259 5.44 6.38 -21.57
C ASP B 259 4.51 6.44 -20.36
N GLU B 260 4.01 7.64 -20.05
CA GLU B 260 3.12 7.81 -18.91
C GLU B 260 1.81 7.06 -19.07
N ASN B 261 1.41 6.75 -20.31
CA ASN B 261 0.20 6.00 -20.59
C ASN B 261 0.46 4.51 -20.77
N GLY B 262 1.67 4.04 -20.45
CA GLY B 262 1.98 2.63 -20.58
C GLY B 262 2.18 2.15 -21.99
N VAL B 263 2.54 3.04 -22.90
CA VAL B 263 2.75 2.71 -24.31
C VAL B 263 4.21 2.96 -24.67
N GLY B 264 4.86 1.94 -25.23
CA GLY B 264 6.20 2.10 -25.75
C GLY B 264 6.17 2.45 -27.22
N PRO B 265 7.34 2.58 -27.83
CA PRO B 265 7.39 2.87 -29.27
C PRO B 265 6.72 1.76 -30.08
N LEU B 266 5.93 2.19 -31.06
CA LEU B 266 5.20 1.27 -31.93
C LEU B 266 5.93 1.19 -33.28
N CYS B 267 6.37 -0.02 -33.63
CA CYS B 267 7.28 -0.23 -34.75
C CYS B 267 6.49 -0.14 -36.06
N LYS B 268 6.62 0.98 -36.76
CA LYS B 268 5.95 1.15 -38.03
C LYS B 268 6.65 0.38 -39.13
N GLY B 269 5.86 -0.30 -39.96
CA GLY B 269 6.43 -1.15 -40.99
C GLY B 269 7.19 -2.34 -40.45
N ASP B 270 6.87 -2.76 -39.22
CA ASP B 270 7.57 -3.87 -38.55
C ASP B 270 9.07 -3.62 -38.48
N GLY B 271 9.44 -2.37 -38.23
CA GLY B 271 10.85 -2.01 -38.12
C GLY B 271 11.22 -1.37 -36.81
N LEU B 272 12.24 -1.92 -36.14
CA LEU B 272 12.74 -1.38 -34.89
C LEU B 272 13.97 -0.53 -35.17
N PHE B 273 13.93 0.73 -34.77
CA PHE B 273 14.97 1.70 -35.08
C PHE B 273 15.77 2.01 -33.83
N VAL B 274 17.09 1.88 -33.93
CA VAL B 274 17.99 2.02 -32.79
C VAL B 274 19.10 2.99 -33.17
N SER B 275 19.43 3.89 -32.25
CA SER B 275 20.41 4.94 -32.51
C SER B 275 21.35 5.06 -31.31
N CYS B 276 22.54 5.61 -31.56
CA CYS B 276 23.51 5.80 -30.49
C CYS B 276 24.66 6.68 -30.99
N ALA B 277 25.44 7.18 -30.02
CA ALA B 277 26.65 7.94 -30.28
C ALA B 277 27.43 7.97 -28.97
N ASP B 278 28.67 7.48 -28.98
CA ASP B 278 29.45 7.31 -27.74
C ASP B 278 30.88 7.82 -27.95
N ILE B 279 31.05 9.12 -27.84
CA ILE B 279 32.38 9.72 -27.79
C ILE B 279 32.91 9.56 -26.37
N CYS B 280 34.05 8.90 -26.24
CA CYS B 280 34.60 8.56 -24.92
C CYS B 280 35.80 9.41 -24.53
N GLY B 281 36.17 10.39 -25.34
CA GLY B 281 37.29 11.26 -25.05
C GLY B 281 38.09 11.52 -26.30
N VAL B 282 39.30 12.03 -26.11
CA VAL B 282 40.18 12.38 -27.23
C VAL B 282 41.57 11.81 -27.00
N LEU B 283 42.25 11.52 -28.10
CA LEU B 283 43.66 11.16 -28.10
C LEU B 283 44.45 12.36 -28.61
N VAL B 284 45.49 12.74 -27.88
CA VAL B 284 46.30 13.91 -28.20
C VAL B 284 47.58 13.46 -28.89
N LYS B 285 47.80 13.96 -30.10
CA LYS B 285 49.01 13.63 -30.84
C LYS B 285 50.24 14.17 -30.13
N ALA B 286 51.37 13.48 -30.32
CA ALA B 286 52.60 13.90 -29.67
C ALA B 286 53.34 14.97 -30.46
N ASP B 287 53.26 14.93 -31.80
CA ASP B 287 54.07 15.81 -32.63
C ASP B 287 53.54 17.25 -32.63
N ASN B 288 52.23 17.43 -32.82
CA ASN B 288 51.64 18.76 -32.89
C ASN B 288 50.46 18.95 -31.95
N GLU B 289 50.18 17.98 -31.08
CA GLU B 289 49.17 18.07 -30.03
C GLU B 289 47.75 18.20 -30.54
N ALA B 290 47.51 17.86 -31.81
CA ALA B 290 46.14 17.79 -32.29
C ALA B 290 45.47 16.53 -31.75
N ILE B 291 44.14 16.47 -31.88
CA ILE B 291 43.36 15.44 -31.19
C ILE B 291 42.57 14.60 -32.18
N ARG B 292 42.31 13.36 -31.78
CA ARG B 292 41.35 12.47 -32.42
C ARG B 292 40.29 12.09 -31.40
N TYR B 293 39.02 12.12 -31.82
CA TYR B 293 37.97 11.56 -30.98
C TYR B 293 38.07 10.04 -30.98
N ARG B 294 37.67 9.44 -29.86
CA ARG B 294 37.64 7.99 -29.72
C ARG B 294 36.25 7.54 -29.32
N GLY B 295 35.74 6.52 -30.00
CA GLY B 295 34.44 5.97 -29.68
C GLY B 295 34.49 4.48 -29.39
N LEU B 296 33.43 3.94 -28.80
CA LEU B 296 33.36 2.53 -28.43
C LEU B 296 32.03 1.95 -28.89
N PRO B 297 31.99 0.65 -29.17
CA PRO B 297 30.74 0.04 -29.62
C PRO B 297 29.70 -0.04 -28.51
N ARG B 298 28.44 0.01 -28.92
CA ARG B 298 27.31 -0.09 -27.99
C ARG B 298 26.47 -1.32 -28.34
N TYR B 299 25.95 -1.98 -27.31
CA TYR B 299 25.13 -3.17 -27.46
C TYR B 299 23.70 -2.85 -27.09
N PHE B 300 22.76 -3.55 -27.72
CA PHE B 300 21.34 -3.35 -27.47
C PHE B 300 20.63 -4.69 -27.32
N LYS B 301 19.77 -4.78 -26.31
CA LYS B 301 18.83 -5.89 -26.18
C LYS B 301 17.46 -5.26 -25.90
N VAL B 302 16.59 -5.28 -26.90
CA VAL B 302 15.29 -4.63 -26.83
C VAL B 302 14.21 -5.70 -26.68
N THR B 303 13.37 -5.53 -25.67
CA THR B 303 12.27 -6.46 -25.40
C THR B 303 10.98 -5.89 -25.99
N LEU B 304 10.28 -6.70 -26.79
CA LEU B 304 9.08 -6.25 -27.48
C LEU B 304 7.93 -7.20 -27.23
N ARG B 305 6.71 -6.67 -27.34
CA ARG B 305 5.49 -7.45 -27.27
C ARG B 305 4.58 -7.03 -28.41
N LYS B 306 3.53 -7.82 -28.64
CA LYS B 306 2.56 -7.53 -29.69
C LYS B 306 1.39 -6.73 -29.12
N ARG B 307 1.01 -5.68 -29.83
CA ARG B 307 -0.09 -4.81 -29.40
C ARG B 307 -1.01 -4.53 -30.59
N ALA B 308 -2.31 -4.56 -30.32
CA ALA B 308 -3.31 -4.19 -31.32
C ALA B 308 -3.63 -2.71 -31.19
N VAL B 309 -3.64 -2.00 -32.32
CA VAL B 309 -3.83 -0.56 -32.35
C VAL B 309 -4.88 -0.20 -33.38
N LYS B 310 -5.39 1.02 -33.28
CA LYS B 310 -6.39 1.52 -34.22
C LYS B 310 -5.72 1.97 -35.51
N ASN B 311 -6.30 1.58 -36.63
CA ASN B 311 -5.75 1.92 -37.94
C ASN B 311 -6.69 2.85 -38.70
N THR C 38 19.39 -22.57 2.59
CA THR C 38 20.28 -21.45 2.82
C THR C 38 21.72 -21.91 3.00
N THR C 39 22.66 -21.04 2.67
CA THR C 39 24.09 -21.27 2.81
C THR C 39 24.81 -19.99 2.41
N GLU C 40 26.03 -19.83 2.93
CA GLU C 40 26.85 -18.66 2.68
C GLU C 40 28.26 -19.10 2.30
N ILE C 41 28.85 -18.38 1.35
CA ILE C 41 30.18 -18.67 0.85
C ILE C 41 31.02 -17.41 0.90
N GLU C 42 32.18 -17.48 1.55
CA GLU C 42 33.13 -16.39 1.63
C GLU C 42 34.42 -16.74 0.89
N LEU C 43 35.09 -15.73 0.35
CA LEU C 43 36.41 -15.92 -0.23
C LEU C 43 37.01 -14.55 -0.55
N TRP C 44 38.33 -14.54 -0.75
CA TRP C 44 39.09 -13.36 -1.13
C TRP C 44 39.65 -13.54 -2.54
N LEU C 45 39.71 -12.46 -3.29
CA LEU C 45 40.35 -12.44 -4.60
C LEU C 45 41.49 -11.44 -4.56
N GLU C 46 42.72 -11.93 -4.68
CA GLU C 46 43.89 -11.07 -4.62
C GLU C 46 44.09 -10.35 -5.95
N PRO C 47 44.61 -9.12 -5.92
CA PRO C 47 44.72 -8.34 -7.16
C PRO C 47 45.69 -8.98 -8.15
N ARG C 48 45.37 -8.83 -9.44
CA ARG C 48 46.18 -9.34 -10.53
C ARG C 48 46.51 -8.17 -11.47
N MET C 49 47.37 -7.27 -11.00
CA MET C 49 47.72 -6.08 -11.74
C MET C 49 48.82 -6.30 -12.76
N GLY C 50 49.49 -7.45 -12.74
CA GLY C 50 50.61 -7.71 -13.61
C GLY C 50 51.65 -8.55 -12.89
N VAL C 51 52.20 -8.00 -11.81
CA VAL C 51 53.01 -8.79 -10.89
C VAL C 51 52.04 -9.53 -9.98
N ASN C 52 51.74 -10.78 -10.32
CA ASN C 52 50.65 -11.52 -9.71
C ASN C 52 51.09 -12.45 -8.60
N ALA C 53 52.36 -12.45 -8.22
CA ALA C 53 52.84 -13.29 -7.14
C ALA C 53 54.04 -12.62 -6.49
N PRO C 54 54.15 -12.67 -5.15
CA PRO C 54 55.33 -12.15 -4.46
C PRO C 54 56.55 -13.08 -4.57
N THR C 55 56.89 -13.45 -5.80
CA THR C 55 58.04 -14.30 -6.09
C THR C 55 58.77 -13.72 -7.30
N GLY C 56 59.94 -14.31 -7.59
CA GLY C 56 60.70 -13.89 -8.74
C GLY C 56 61.40 -12.55 -8.54
N ASP C 57 61.86 -12.01 -9.67
CA ASP C 57 62.61 -10.75 -9.63
C ASP C 57 61.71 -9.57 -9.27
N ARG C 58 60.47 -9.57 -9.75
CA ARG C 58 59.51 -8.51 -9.46
C ARG C 58 58.80 -8.72 -8.13
N LYS C 59 59.44 -9.41 -7.17
CA LYS C 59 58.79 -9.80 -5.93
C LYS C 59 58.23 -8.61 -5.18
N GLU C 60 59.03 -7.54 -5.03
CA GLU C 60 58.67 -6.42 -4.16
C GLU C 60 57.52 -5.58 -4.68
N TRP C 61 56.99 -5.85 -5.88
CA TRP C 61 55.92 -5.05 -6.45
C TRP C 61 54.66 -5.88 -6.65
N TYR C 62 54.46 -6.88 -5.82
CA TYR C 62 53.22 -7.64 -5.81
C TYR C 62 52.05 -6.70 -5.52
N GLY C 63 50.95 -6.90 -6.24
CA GLY C 63 49.84 -5.98 -6.18
C GLY C 63 49.96 -4.78 -7.07
N TYR C 64 51.07 -4.63 -7.78
CA TYR C 64 51.28 -3.57 -8.75
C TYR C 64 51.49 -4.17 -10.13
N SER C 65 51.50 -3.29 -11.13
CA SER C 65 51.92 -3.68 -12.47
C SER C 65 53.39 -3.34 -12.66
N GLU C 66 53.97 -3.87 -13.73
CA GLU C 66 55.30 -3.44 -14.13
C GLU C 66 55.24 -2.03 -14.68
N VAL C 67 56.38 -1.32 -14.58
CA VAL C 67 56.47 0.04 -15.09
C VAL C 67 56.07 0.08 -16.56
N ILE C 68 55.31 1.12 -16.93
CA ILE C 68 54.79 1.28 -18.28
C ILE C 68 55.21 2.63 -18.83
N HIS C 69 55.75 2.62 -20.04
CA HIS C 69 56.16 3.84 -20.74
C HIS C 69 55.25 4.08 -21.93
N HIS C 70 55.34 5.29 -22.49
CA HIS C 70 54.41 5.70 -23.53
C HIS C 70 54.60 4.89 -24.82
N ALA C 71 55.85 4.57 -25.17
CA ALA C 71 56.15 3.87 -26.41
C ALA C 71 56.14 2.35 -26.27
N ASP C 72 55.81 1.83 -25.08
CA ASP C 72 55.72 0.39 -24.92
C ASP C 72 54.62 -0.17 -25.80
N GLY C 73 54.89 -1.33 -26.40
CA GLY C 73 54.03 -1.88 -27.43
C GLY C 73 54.35 -1.40 -28.83
N TYR C 74 55.15 -0.34 -28.96
CA TYR C 74 55.64 0.16 -30.24
C TYR C 74 57.15 0.11 -30.33
N ASP C 75 57.85 0.61 -29.32
CA ASP C 75 59.30 0.46 -29.25
C ASP C 75 59.71 -0.96 -28.86
N ASN C 76 58.81 -1.71 -28.24
CA ASN C 76 59.12 -3.03 -27.70
C ASN C 76 57.85 -3.85 -27.68
N ASN C 77 57.94 -5.04 -27.10
CA ASN C 77 56.79 -5.90 -26.89
C ASN C 77 56.24 -5.66 -25.49
N LEU C 78 54.94 -5.38 -25.41
CA LEU C 78 54.30 -5.15 -24.13
C LEU C 78 54.17 -6.45 -23.35
N LEU C 79 54.61 -6.43 -22.09
CA LEU C 79 54.70 -7.65 -21.29
C LEU C 79 53.40 -7.94 -20.56
N SER C 80 53.22 -9.22 -20.21
CA SER C 80 52.03 -9.59 -19.43
C SER C 80 52.00 -8.84 -18.11
N VAL C 81 53.17 -8.65 -17.49
CA VAL C 81 53.23 -7.97 -16.20
C VAL C 81 52.91 -6.49 -16.28
N GLN C 82 52.74 -5.94 -17.48
CA GLN C 82 52.39 -4.54 -17.68
C GLN C 82 50.90 -4.32 -17.90
N MET C 83 50.10 -5.39 -17.91
CA MET C 83 48.68 -5.29 -18.23
C MET C 83 47.84 -5.82 -17.07
N PRO C 84 47.14 -4.97 -16.34
CA PRO C 84 46.27 -5.45 -15.26
C PRO C 84 45.23 -6.42 -15.78
N GLN C 85 45.02 -7.50 -15.03
CA GLN C 85 44.16 -8.59 -15.47
C GLN C 85 43.01 -8.79 -14.50
N TYR C 86 41.98 -9.49 -14.99
CA TYR C 86 40.85 -9.84 -14.16
C TYR C 86 41.22 -10.95 -13.19
N SER C 87 40.64 -10.91 -12.00
CA SER C 87 40.74 -11.99 -11.05
C SER C 87 39.50 -12.87 -11.17
N CYS C 88 39.66 -14.15 -10.84
CA CYS C 88 38.54 -15.08 -10.95
C CYS C 88 38.81 -16.28 -10.05
N ALA C 89 37.72 -16.98 -9.71
CA ALA C 89 37.80 -18.16 -8.86
C ALA C 89 36.48 -18.91 -8.96
N ARG C 90 36.57 -20.22 -8.93
CA ARG C 90 35.41 -21.10 -8.90
C ARG C 90 35.35 -21.81 -7.55
N VAL C 91 34.22 -21.69 -6.87
CA VAL C 91 34.02 -22.31 -5.56
C VAL C 91 33.19 -23.57 -5.76
N GLN C 92 33.70 -24.70 -5.28
CA GLN C 92 32.95 -25.94 -5.32
C GLN C 92 31.92 -25.95 -4.19
N LEU C 93 30.65 -26.02 -4.56
CA LEU C 93 29.56 -26.08 -3.60
C LEU C 93 29.20 -27.53 -3.29
N PRO C 94 28.48 -27.78 -2.20
CA PRO C 94 28.05 -29.16 -1.92
C PRO C 94 27.23 -29.72 -3.08
N MET C 95 27.63 -30.90 -3.55
CA MET C 95 26.96 -31.53 -4.68
C MET C 95 25.55 -31.96 -4.29
N LEU C 96 24.58 -31.66 -5.13
CA LEU C 96 23.17 -31.76 -4.74
C LEU C 96 22.46 -32.99 -5.28
N ASN C 97 22.85 -33.48 -6.44
CA ASN C 97 22.13 -34.53 -7.15
C ASN C 97 23.02 -35.76 -7.27
N THR C 98 22.54 -36.90 -6.76
CA THR C 98 23.28 -38.15 -6.90
C THR C 98 23.19 -38.68 -8.32
N ASP C 99 21.98 -38.69 -8.90
CA ASP C 99 21.76 -39.14 -10.26
C ASP C 99 21.38 -37.93 -11.10
N MET C 100 22.32 -37.49 -11.95
CA MET C 100 22.11 -36.32 -12.79
C MET C 100 21.25 -36.62 -14.02
N THR C 101 20.70 -37.82 -14.13
CA THR C 101 19.85 -38.19 -15.26
C THR C 101 18.38 -37.93 -15.00
N CYS C 102 18.03 -37.48 -13.80
CA CYS C 102 16.63 -37.27 -13.43
C CYS C 102 16.10 -35.96 -14.01
N GLU C 103 14.80 -35.97 -14.33
CA GLU C 103 14.19 -34.82 -14.98
C GLU C 103 14.09 -33.62 -14.04
N THR C 104 13.99 -33.85 -12.75
CA THR C 104 13.87 -32.78 -11.75
C THR C 104 15.13 -32.78 -10.90
N LEU C 105 15.92 -31.71 -11.02
CA LEU C 105 17.20 -31.60 -10.33
C LEU C 105 17.21 -30.39 -9.41
N MET C 106 18.17 -30.39 -8.49
CA MET C 106 18.36 -29.29 -7.55
C MET C 106 19.61 -28.51 -7.92
N MET C 107 19.55 -27.19 -7.74
CA MET C 107 20.67 -26.32 -8.09
C MET C 107 20.80 -25.21 -7.06
N TRP C 108 22.03 -24.78 -6.84
CA TRP C 108 22.30 -23.64 -5.97
C TRP C 108 21.96 -22.34 -6.69
N GLU C 109 21.22 -21.47 -6.02
CA GLU C 109 20.81 -20.18 -6.58
C GLU C 109 21.38 -19.06 -5.73
N ALA C 110 22.22 -18.23 -6.34
CA ALA C 110 22.82 -17.10 -5.64
C ALA C 110 21.82 -15.96 -5.59
N VAL C 111 21.45 -15.56 -4.37
CA VAL C 111 20.37 -14.61 -4.14
C VAL C 111 20.94 -13.22 -3.93
N SER C 112 22.04 -13.12 -3.20
CA SER C 112 22.58 -11.80 -2.92
C SER C 112 24.06 -11.94 -2.59
N CYS C 113 24.73 -10.78 -2.54
CA CYS C 113 26.16 -10.76 -2.25
C CYS C 113 26.54 -9.49 -1.51
N LYS C 114 27.54 -9.63 -0.63
CA LYS C 114 28.26 -8.53 -0.02
C LYS C 114 29.69 -8.59 -0.51
N THR C 115 30.18 -7.46 -1.00
CA THR C 115 31.54 -7.37 -1.54
C THR C 115 32.15 -6.04 -1.14
N GLU C 116 33.48 -6.03 -0.99
CA GLU C 116 34.16 -4.85 -0.46
C GLU C 116 35.63 -4.91 -0.86
N VAL C 117 36.19 -3.75 -1.20
CA VAL C 117 37.61 -3.62 -1.48
C VAL C 117 38.32 -3.25 -0.18
N VAL C 118 39.32 -4.04 0.18
CA VAL C 118 40.02 -3.85 1.44
C VAL C 118 41.30 -3.06 1.21
N GLY C 119 41.77 -2.40 2.27
CA GLY C 119 43.02 -1.67 2.20
C GLY C 119 42.94 -0.29 1.62
N ILE C 120 41.74 0.31 1.57
CA ILE C 120 41.57 1.62 0.96
C ILE C 120 42.36 2.69 1.72
N GLY C 121 42.48 2.54 3.04
CA GLY C 121 43.20 3.53 3.82
C GLY C 121 44.66 3.67 3.42
N SER C 122 45.24 2.61 2.86
CA SER C 122 46.64 2.68 2.43
C SER C 122 46.86 3.66 1.29
N LEU C 123 45.79 4.06 0.59
CA LEU C 123 45.91 4.98 -0.53
C LEU C 123 46.14 6.43 -0.08
N ILE C 124 46.15 6.70 1.23
CA ILE C 124 46.48 8.04 1.72
C ILE C 124 47.98 8.29 1.77
N SER C 125 48.79 7.27 1.51
CA SER C 125 50.24 7.40 1.69
C SER C 125 50.83 8.45 0.75
N VAL C 126 51.73 9.26 1.31
CA VAL C 126 52.51 10.23 0.55
C VAL C 126 54.01 9.95 0.68
N HIS C 127 54.37 8.77 1.18
CA HIS C 127 55.76 8.35 1.25
C HIS C 127 55.96 7.08 0.43
N LEU C 128 55.44 7.09 -0.80
CA LEU C 128 55.50 5.91 -1.64
C LEU C 128 56.91 5.67 -2.15
N LEU C 129 57.36 4.43 -2.08
CA LEU C 129 58.70 4.07 -2.52
C LEU C 129 58.89 4.40 -4.00
N GLU C 130 60.00 5.06 -4.31
CA GLU C 130 60.43 5.39 -5.66
C GLU C 130 59.51 6.36 -6.38
N ALA C 131 58.55 6.98 -5.67
CA ALA C 131 57.55 7.82 -6.30
C ALA C 131 58.04 9.26 -6.45
N LYS C 132 57.44 9.96 -7.40
CA LYS C 132 57.81 11.34 -7.69
C LYS C 132 57.39 12.26 -6.56
N MET C 133 58.23 13.26 -6.29
CA MET C 133 57.92 14.25 -5.27
C MET C 133 57.02 15.35 -5.84
N GLU C 134 55.97 15.72 -5.11
CA GLU C 134 55.05 16.76 -5.52
C GLU C 134 55.45 18.06 -4.84
N ALA C 135 56.50 18.68 -5.35
CA ALA C 135 57.03 19.91 -4.76
C ALA C 135 58.04 20.51 -5.73
N GLY C 136 58.47 21.74 -5.41
CA GLY C 136 59.39 22.45 -6.23
C GLY C 136 60.78 21.83 -6.20
N PRO C 137 61.70 22.42 -6.97
CA PRO C 137 63.03 21.81 -7.14
C PRO C 137 63.85 21.74 -5.86
N ASN C 138 63.73 22.72 -4.95
CA ASN C 138 64.53 22.76 -3.74
C ASN C 138 63.73 22.33 -2.51
N SER C 139 62.67 21.55 -2.68
CA SER C 139 61.79 21.20 -1.60
C SER C 139 61.99 19.75 -1.17
N ASP C 140 61.40 19.42 -0.02
CA ASP C 140 61.36 18.06 0.51
C ASP C 140 59.91 17.71 0.84
N GLY C 141 59.07 17.72 -0.18
CA GLY C 141 57.65 17.56 0.00
C GLY C 141 57.19 16.11 -0.07
N PRO C 142 55.88 15.91 -0.20
CA PRO C 142 55.35 14.55 -0.24
C PRO C 142 55.51 13.92 -1.61
N SER C 143 55.39 12.60 -1.64
CA SER C 143 55.33 11.90 -2.90
C SER C 143 53.94 12.00 -3.51
N ARG C 144 53.87 11.74 -4.80
CA ARG C 144 52.56 11.61 -5.44
C ARG C 144 51.79 10.47 -4.79
N PRO C 145 50.55 10.69 -4.38
CA PRO C 145 49.73 9.58 -3.88
C PRO C 145 49.19 8.76 -5.04
N ILE C 146 48.65 7.59 -4.69
CA ILE C 146 47.95 6.79 -5.69
C ILE C 146 46.78 7.60 -6.21
N GLU C 147 46.73 7.78 -7.53
CA GLU C 147 45.67 8.53 -8.17
C GLU C 147 45.58 8.11 -9.62
N GLY C 148 44.51 8.56 -10.29
CA GLY C 148 44.35 8.27 -11.70
C GLY C 148 43.24 7.28 -12.01
N MET C 149 43.45 6.45 -13.04
CA MET C 149 42.43 5.54 -13.53
C MET C 149 41.93 4.63 -12.42
N ASN C 150 40.61 4.62 -12.23
CA ASN C 150 39.94 3.71 -11.31
C ASN C 150 38.99 2.84 -12.12
N TYR C 151 39.34 1.56 -12.25
CA TYR C 151 38.51 0.56 -12.93
C TYR C 151 38.11 -0.47 -11.90
N HIS C 152 36.82 -0.59 -11.63
CA HIS C 152 36.31 -1.48 -10.61
C HIS C 152 35.14 -2.29 -11.14
N MET C 153 35.25 -3.61 -11.05
CA MET C 153 34.19 -4.52 -11.46
C MET C 153 34.16 -5.71 -10.53
N PHE C 154 32.96 -6.26 -10.30
CA PHE C 154 32.81 -7.53 -9.63
C PHE C 154 31.63 -8.26 -10.27
N ALA C 155 31.68 -9.59 -10.23
CA ALA C 155 30.68 -10.40 -10.90
C ALA C 155 30.43 -11.68 -10.11
N VAL C 156 29.16 -12.10 -10.08
CA VAL C 156 28.75 -13.36 -9.47
C VAL C 156 27.88 -14.10 -10.48
N GLY C 157 28.24 -15.34 -10.77
CA GLY C 157 27.49 -16.14 -11.71
C GLY C 157 27.63 -17.62 -11.44
N GLY C 158 26.84 -18.41 -12.17
CA GLY C 158 26.87 -19.85 -12.10
C GLY C 158 27.75 -20.51 -13.15
N GLU C 159 28.51 -19.72 -13.90
CA GLU C 159 29.41 -20.22 -14.92
C GLU C 159 30.42 -19.12 -15.23
N PRO C 160 31.52 -19.46 -15.92
CA PRO C 160 32.53 -18.44 -16.20
C PRO C 160 31.96 -17.22 -16.92
N LEU C 161 32.48 -16.06 -16.57
CA LEU C 161 32.02 -14.81 -17.16
C LEU C 161 32.40 -14.73 -18.63
N ASP C 162 31.43 -14.30 -19.45
CA ASP C 162 31.68 -14.13 -20.88
C ASP C 162 32.37 -12.80 -21.13
N LEU C 163 33.40 -12.82 -21.97
CA LEU C 163 34.22 -11.65 -22.24
C LEU C 163 34.18 -11.29 -23.72
N GLN C 164 34.24 -9.99 -24.00
CA GLN C 164 34.33 -9.47 -25.36
C GLN C 164 35.65 -8.75 -25.52
N GLY C 165 36.36 -9.05 -26.61
CA GLY C 165 37.68 -8.50 -26.83
C GLY C 165 37.65 -7.20 -27.62
N ILE C 166 38.69 -6.38 -27.41
CA ILE C 166 38.81 -5.10 -28.10
C ILE C 166 40.27 -4.65 -27.99
N GLU C 167 40.66 -3.71 -28.84
CA GLU C 167 42.00 -3.15 -28.84
C GLU C 167 41.91 -1.64 -28.98
N SER C 168 42.60 -0.92 -28.10
CA SER C 168 42.70 0.53 -28.29
C SER C 168 43.60 0.85 -29.47
N ASN C 169 44.63 0.04 -29.69
CA ASN C 169 45.47 0.12 -30.88
C ASN C 169 45.61 -1.29 -31.45
N GLY C 170 45.10 -1.49 -32.67
CA GLY C 170 45.06 -2.81 -33.26
C GLY C 170 46.42 -3.45 -33.46
N GLN C 171 47.49 -2.65 -33.59
CA GLN C 171 48.81 -3.16 -33.89
C GLN C 171 49.74 -3.14 -32.68
N THR C 172 49.20 -3.19 -31.47
CA THR C 172 50.03 -3.19 -30.27
C THR C 172 50.82 -4.49 -30.19
N LYS C 173 52.14 -4.37 -30.03
CA LYS C 173 53.00 -5.54 -29.96
C LYS C 173 52.96 -6.14 -28.56
N TYR C 174 52.70 -7.46 -28.50
CA TYR C 174 52.63 -8.18 -27.25
C TYR C 174 53.69 -9.28 -27.24
N ALA C 175 54.35 -9.44 -26.09
CA ALA C 175 55.33 -10.50 -25.94
C ALA C 175 54.64 -11.86 -25.92
N THR C 176 55.40 -12.89 -26.27
CA THR C 176 54.89 -14.25 -26.31
C THR C 176 55.83 -15.17 -25.55
N ALA C 177 55.24 -16.05 -24.73
CA ALA C 177 55.99 -17.04 -23.98
C ALA C 177 55.28 -18.38 -24.08
N ILE C 178 56.03 -19.45 -23.85
CA ILE C 178 55.48 -20.80 -23.85
C ILE C 178 55.78 -21.44 -22.50
N PRO C 179 54.78 -21.68 -21.64
CA PRO C 179 53.36 -21.43 -21.90
C PRO C 179 53.00 -19.94 -21.84
N ALA C 180 51.79 -19.60 -22.30
CA ALA C 180 51.37 -18.21 -22.36
C ALA C 180 51.10 -17.68 -20.96
N LYS C 181 51.52 -16.43 -20.73
CA LYS C 181 51.26 -15.77 -19.45
C LYS C 181 49.99 -14.92 -19.49
N SER C 182 49.52 -14.55 -20.67
CA SER C 182 48.24 -13.88 -20.85
C SER C 182 47.72 -14.22 -22.23
N ILE C 183 46.47 -13.86 -22.48
CA ILE C 183 45.82 -14.12 -23.76
C ILE C 183 45.14 -12.84 -24.24
N HIS C 184 45.28 -12.56 -25.52
CA HIS C 184 44.80 -11.33 -26.14
C HIS C 184 43.72 -11.64 -27.16
N PRO C 185 42.89 -10.64 -27.53
CA PRO C 185 41.78 -10.92 -28.46
C PRO C 185 42.16 -11.63 -29.74
N ASN C 186 43.24 -11.20 -30.41
CA ASN C 186 43.58 -11.81 -31.69
C ASN C 186 44.18 -13.21 -31.54
N ASP C 187 44.50 -13.64 -30.33
CA ASP C 187 44.87 -15.04 -30.13
C ASP C 187 43.69 -15.97 -30.39
N ILE C 188 42.47 -15.44 -30.36
CA ILE C 188 41.26 -16.22 -30.60
C ILE C 188 40.64 -15.87 -31.96
N ALA C 189 40.51 -14.57 -32.25
CA ALA C 189 39.95 -14.17 -33.53
C ALA C 189 40.87 -14.55 -34.69
N LYS C 190 42.18 -14.44 -34.48
CA LYS C 190 43.19 -14.85 -35.46
C LYS C 190 42.99 -14.15 -36.79
N LEU C 191 42.80 -12.83 -36.72
CA LEU C 191 42.72 -12.02 -37.93
C LEU C 191 44.11 -11.85 -38.53
N PRO C 192 44.20 -11.66 -39.85
CA PRO C 192 45.49 -11.31 -40.45
C PRO C 192 46.02 -10.01 -39.87
N GLU C 193 47.34 -9.87 -39.88
CA GLU C 193 47.99 -8.72 -39.25
C GLU C 193 47.53 -7.40 -39.87
N GLU C 194 47.21 -7.40 -41.17
CA GLU C 194 46.73 -6.19 -41.82
C GLU C 194 45.27 -5.88 -41.48
N ASP C 195 44.53 -6.83 -40.91
CA ASP C 195 43.13 -6.63 -40.58
C ASP C 195 42.89 -6.38 -39.10
N LYS C 196 43.95 -6.30 -38.28
CA LYS C 196 43.79 -6.18 -36.85
C LYS C 196 43.20 -4.84 -36.42
N ALA C 197 43.14 -3.86 -37.32
CA ALA C 197 42.45 -2.61 -37.00
C ALA C 197 40.97 -2.83 -36.72
N GLN C 198 40.40 -3.94 -37.20
CA GLN C 198 39.01 -4.25 -36.90
C GLN C 198 38.79 -4.44 -35.41
N LEU C 199 39.83 -4.84 -34.67
CA LEU C 199 39.72 -5.03 -33.23
C LEU C 199 39.50 -3.73 -32.47
N GLN C 200 39.69 -2.58 -33.11
CA GLN C 200 39.35 -1.31 -32.50
C GLN C 200 37.85 -1.05 -32.49
N GLY C 201 37.07 -1.86 -33.21
CA GLY C 201 35.63 -1.82 -33.13
C GLY C 201 35.10 -3.03 -32.38
N LEU C 202 34.19 -3.79 -32.99
CA LEU C 202 33.66 -5.01 -32.40
C LEU C 202 33.93 -6.18 -33.35
N VAL C 203 34.76 -7.12 -32.91
CA VAL C 203 35.05 -8.33 -33.66
C VAL C 203 34.27 -9.47 -33.02
N PRO C 204 33.27 -10.05 -33.69
CA PRO C 204 32.44 -11.08 -33.04
C PRO C 204 33.20 -12.34 -32.70
N LYS C 205 34.28 -12.66 -33.44
CA LYS C 205 35.08 -13.83 -33.10
C LYS C 205 35.96 -13.62 -31.88
N ALA C 206 36.10 -12.38 -31.41
CA ALA C 206 36.94 -12.07 -30.26
C ALA C 206 36.14 -12.20 -28.97
N LYS C 207 35.82 -13.45 -28.63
CA LYS C 207 35.08 -13.78 -27.41
C LYS C 207 35.82 -14.87 -26.66
N ALA C 208 35.65 -14.86 -25.34
CA ALA C 208 36.31 -15.84 -24.47
C ALA C 208 35.53 -15.94 -23.17
N LYS C 209 35.89 -16.95 -22.38
CA LYS C 209 35.36 -17.12 -21.03
C LYS C 209 36.44 -16.78 -20.02
N LEU C 210 36.06 -16.13 -18.94
CA LEU C 210 36.98 -15.83 -17.84
C LEU C 210 37.19 -17.12 -17.05
N ASP C 211 38.06 -17.98 -17.59
CA ASP C 211 38.31 -19.30 -17.02
C ASP C 211 39.71 -19.46 -16.45
N LYS C 212 40.45 -18.37 -16.25
CA LYS C 212 41.77 -18.44 -15.64
C LYS C 212 42.09 -17.13 -14.95
N ASP C 213 42.61 -17.22 -13.73
CA ASP C 213 42.90 -16.05 -12.93
C ASP C 213 44.23 -15.44 -13.35
N GLY C 214 44.27 -14.10 -13.42
CA GLY C 214 45.47 -13.40 -13.83
C GLY C 214 45.90 -13.76 -15.23
N PHE C 215 44.96 -13.69 -16.18
CA PHE C 215 45.21 -14.13 -17.55
C PHE C 215 44.57 -13.24 -18.61
N TYR C 216 43.50 -12.51 -18.29
CA TYR C 216 42.80 -11.70 -19.28
C TYR C 216 42.98 -10.22 -18.95
N PRO C 217 43.69 -9.45 -19.77
CA PRO C 217 43.95 -8.05 -19.43
C PRO C 217 42.69 -7.20 -19.46
N VAL C 218 42.61 -6.27 -18.52
CA VAL C 218 41.45 -5.37 -18.43
C VAL C 218 41.34 -4.51 -19.68
N GLU C 219 42.48 -4.03 -20.20
CA GLU C 219 42.49 -3.15 -21.36
C GLU C 219 42.14 -3.86 -22.66
N GLU C 220 41.89 -5.17 -22.64
CA GLU C 220 41.54 -5.91 -23.83
C GLU C 220 40.21 -6.65 -23.74
N TRP C 221 39.72 -6.94 -22.54
CA TRP C 221 38.53 -7.73 -22.36
C TRP C 221 37.56 -7.02 -21.43
N SER C 222 36.28 -7.09 -21.77
CA SER C 222 35.19 -6.54 -20.99
C SER C 222 34.11 -7.60 -20.85
N PRO C 223 33.24 -7.48 -19.84
CA PRO C 223 32.11 -8.40 -19.76
C PRO C 223 31.25 -8.30 -21.01
N ASP C 224 30.85 -9.45 -21.54
CA ASP C 224 30.07 -9.50 -22.77
C ASP C 224 28.60 -9.29 -22.47
N PRO C 225 28.02 -8.15 -22.87
CA PRO C 225 26.59 -7.93 -22.63
C PRO C 225 25.71 -8.77 -23.54
N SER C 226 26.23 -9.27 -24.66
CA SER C 226 25.46 -10.14 -25.53
C SER C 226 25.24 -11.52 -24.93
N ARG C 227 25.97 -11.88 -23.87
CA ARG C 227 25.79 -13.15 -23.19
C ARG C 227 25.61 -12.92 -21.70
N ASN C 228 26.26 -13.74 -20.87
CA ASN C 228 26.22 -13.59 -19.42
C ASN C 228 24.78 -13.60 -18.89
N GLU C 229 23.96 -14.50 -19.43
CA GLU C 229 22.58 -14.61 -18.95
C GLU C 229 22.52 -15.22 -17.55
N ASN C 230 23.52 -16.03 -17.19
CA ASN C 230 23.58 -16.67 -15.89
C ASN C 230 24.60 -16.00 -14.97
N SER C 231 24.87 -14.71 -15.19
CA SER C 231 25.81 -13.98 -14.37
C SER C 231 25.31 -12.55 -14.17
N ARG C 232 25.75 -11.94 -13.08
CA ARG C 232 25.51 -10.53 -12.80
C ARG C 232 26.86 -9.86 -12.59
N TYR C 233 27.10 -8.76 -13.32
CA TYR C 233 28.34 -8.02 -13.16
C TYR C 233 28.03 -6.53 -13.03
N TYR C 234 28.91 -5.84 -12.29
CA TYR C 234 28.71 -4.43 -11.95
C TYR C 234 30.06 -3.73 -12.05
N GLY C 235 30.14 -2.72 -12.90
CA GLY C 235 31.42 -2.08 -13.16
C GLY C 235 31.28 -0.58 -13.29
N SER C 236 32.39 0.11 -13.02
CA SER C 236 32.48 1.56 -13.16
C SER C 236 33.91 1.91 -13.53
N PHE C 237 34.07 3.05 -14.20
CA PHE C 237 35.39 3.47 -14.65
C PHE C 237 35.50 4.98 -14.59
N VAL C 238 36.60 5.48 -14.04
CA VAL C 238 36.95 6.89 -14.06
C VAL C 238 38.37 7.01 -14.58
N GLY C 239 38.53 7.65 -15.73
CA GLY C 239 39.81 7.73 -16.39
C GLY C 239 40.68 8.87 -15.86
N GLY C 240 41.69 9.21 -16.66
CA GLY C 240 42.63 10.24 -16.28
C GLY C 240 43.79 9.72 -15.46
N LEU C 241 44.87 10.49 -15.45
CA LEU C 241 46.09 10.11 -14.74
C LEU C 241 46.20 10.74 -13.36
N GLN C 242 45.59 11.90 -13.13
CA GLN C 242 45.64 12.58 -11.84
C GLN C 242 44.29 12.65 -11.15
N THR C 243 43.30 11.90 -11.63
CA THR C 243 41.97 11.98 -11.06
C THR C 243 41.97 11.48 -9.62
N PRO C 244 41.28 12.15 -8.70
CA PRO C 244 41.21 11.68 -7.32
C PRO C 244 40.45 10.37 -7.24
N PRO C 245 41.04 9.33 -6.65
CA PRO C 245 40.32 8.07 -6.46
C PRO C 245 39.17 8.25 -5.49
N ASN C 246 37.99 7.74 -5.87
CA ASN C 246 36.78 7.83 -5.07
C ASN C 246 36.32 6.41 -4.76
N LEU C 247 36.46 5.99 -3.50
CA LEU C 247 36.11 4.65 -3.10
C LEU C 247 35.32 4.69 -1.78
N GLN C 248 34.41 3.75 -1.64
CA GLN C 248 33.61 3.59 -0.43
C GLN C 248 33.78 2.17 0.11
N PHE C 249 33.44 1.99 1.37
CA PHE C 249 33.51 0.68 1.99
C PHE C 249 32.54 0.62 3.17
N THR C 250 31.73 -0.44 3.22
CA THR C 250 30.74 -0.61 4.27
C THR C 250 30.30 -2.07 4.29
N ASN C 251 29.83 -2.52 5.46
CA ASN C 251 29.34 -3.88 5.62
C ASN C 251 27.83 -3.94 5.77
N ALA C 252 27.12 -2.87 5.41
CA ALA C 252 25.68 -2.77 5.57
C ALA C 252 24.93 -2.69 4.25
N VAL C 253 25.60 -2.95 3.13
CA VAL C 253 24.99 -2.88 1.81
C VAL C 253 25.10 -4.23 1.13
N SER C 254 24.00 -4.68 0.54
CA SER C 254 23.95 -5.93 -0.19
C SER C 254 23.51 -5.66 -1.64
N THR C 255 23.99 -6.49 -2.55
CA THR C 255 23.58 -6.47 -3.95
C THR C 255 22.70 -7.68 -4.22
N VAL C 256 21.45 -7.43 -4.55
CA VAL C 256 20.51 -8.51 -4.86
C VAL C 256 20.80 -9.02 -6.27
N LEU C 257 20.93 -10.34 -6.39
CA LEU C 257 21.32 -10.96 -7.65
C LEU C 257 20.15 -11.56 -8.42
N LEU C 258 18.92 -11.43 -7.93
CA LEU C 258 17.76 -11.95 -8.63
C LEU C 258 17.38 -11.05 -9.80
N ASP C 259 16.90 -11.66 -10.87
CA ASP C 259 16.48 -10.91 -12.05
C ASP C 259 15.03 -10.44 -11.87
N GLU C 260 14.42 -9.98 -12.96
CA GLU C 260 13.02 -9.53 -12.88
C GLU C 260 12.07 -10.66 -12.55
N ASN C 261 12.40 -11.89 -12.96
CA ASN C 261 11.60 -13.06 -12.63
C ASN C 261 11.83 -13.55 -11.21
N GLY C 262 12.77 -12.95 -10.48
CA GLY C 262 13.08 -13.40 -9.15
C GLY C 262 14.00 -14.60 -9.09
N VAL C 263 14.85 -14.78 -10.10
CA VAL C 263 15.74 -15.92 -10.20
C VAL C 263 17.17 -15.40 -10.31
N GLY C 264 18.05 -15.90 -9.45
CA GLY C 264 19.45 -15.54 -9.49
C GLY C 264 20.27 -16.51 -10.32
N PRO C 265 21.58 -16.33 -10.32
CA PRO C 265 22.45 -17.26 -11.07
C PRO C 265 22.35 -18.68 -10.52
N LEU C 266 22.17 -19.63 -11.43
CA LEU C 266 22.10 -21.05 -11.07
C LEU C 266 23.46 -21.67 -11.34
N CYS C 267 24.04 -22.28 -10.31
CA CYS C 267 25.43 -22.76 -10.35
C CYS C 267 25.49 -24.11 -11.04
N LYS C 268 25.92 -24.11 -12.30
CA LYS C 268 26.09 -25.36 -13.03
C LYS C 268 27.30 -26.11 -12.50
N GLY C 269 27.17 -27.44 -12.43
CA GLY C 269 28.22 -28.24 -11.82
C GLY C 269 28.43 -27.96 -10.37
N ASP C 270 27.45 -27.33 -9.71
CA ASP C 270 27.56 -26.93 -8.31
C ASP C 270 28.81 -26.08 -8.06
N GLY C 271 29.07 -25.17 -8.99
CA GLY C 271 30.20 -24.27 -8.90
C GLY C 271 29.81 -22.81 -8.92
N LEU C 272 30.26 -22.04 -7.93
CA LEU C 272 30.02 -20.62 -7.87
C LEU C 272 31.22 -19.89 -8.47
N PHE C 273 30.94 -18.93 -9.35
CA PHE C 273 31.98 -18.23 -10.10
C PHE C 273 31.95 -16.76 -9.70
N VAL C 274 33.03 -16.30 -9.08
CA VAL C 274 33.20 -14.90 -8.72
C VAL C 274 34.40 -14.35 -9.50
N SER C 275 34.32 -13.09 -9.88
CA SER C 275 35.39 -12.45 -10.62
C SER C 275 35.40 -10.97 -10.29
N CYS C 276 36.57 -10.35 -10.41
CA CYS C 276 36.71 -8.95 -10.04
C CYS C 276 37.88 -8.31 -10.78
N ALA C 277 38.02 -7.00 -10.56
CA ALA C 277 39.10 -6.18 -11.09
C ALA C 277 39.01 -4.82 -10.42
N ASP C 278 40.09 -4.39 -9.75
CA ASP C 278 40.04 -3.16 -8.95
C ASP C 278 41.35 -2.37 -9.11
N ILE C 279 41.48 -1.70 -10.26
CA ILE C 279 42.55 -0.73 -10.43
C ILE C 279 42.17 0.53 -9.66
N CYS C 280 43.01 0.90 -8.69
CA CYS C 280 42.69 2.01 -7.79
C CYS C 280 43.47 3.27 -8.12
N GLY C 281 44.34 3.24 -9.11
CA GLY C 281 45.15 4.39 -9.46
C GLY C 281 46.50 3.97 -9.97
N VAL C 282 47.42 4.94 -10.04
CA VAL C 282 48.76 4.69 -10.54
C VAL C 282 49.80 5.27 -9.60
N LEU C 283 51.01 4.72 -9.67
CA LEU C 283 52.19 5.25 -9.01
C LEU C 283 53.08 5.86 -10.08
N VAL C 284 53.64 7.03 -9.80
CA VAL C 284 54.50 7.75 -10.74
C VAL C 284 55.94 7.62 -10.27
N LYS C 285 56.77 6.96 -11.07
CA LYS C 285 58.18 6.81 -10.74
C LYS C 285 58.86 8.17 -10.66
N ALA C 286 59.90 8.25 -9.84
CA ALA C 286 60.61 9.52 -9.68
C ALA C 286 61.62 9.76 -10.80
N ASP C 287 62.34 8.71 -11.21
CA ASP C 287 63.46 8.91 -12.12
C ASP C 287 63.00 9.25 -13.53
N ASN C 288 62.03 8.50 -14.07
CA ASN C 288 61.60 8.71 -15.44
C ASN C 288 60.11 9.01 -15.57
N GLU C 289 59.37 9.11 -14.47
CA GLU C 289 57.96 9.49 -14.41
C GLU C 289 57.03 8.46 -15.05
N ALA C 290 57.51 7.25 -15.35
CA ALA C 290 56.63 6.21 -15.83
C ALA C 290 55.81 5.63 -14.66
N ILE C 291 54.79 4.86 -14.99
CA ILE C 291 53.75 4.52 -14.02
C ILE C 291 53.62 3.02 -13.84
N ARG C 292 53.12 2.63 -12.66
CA ARG C 292 52.62 1.30 -12.38
C ARG C 292 51.19 1.42 -11.88
N TYR C 293 50.33 0.48 -12.27
CA TYR C 293 48.99 0.42 -11.72
C TYR C 293 49.02 -0.19 -10.32
N ARG C 294 48.03 0.18 -9.50
CA ARG C 294 47.91 -0.35 -8.15
C ARG C 294 46.52 -0.95 -7.97
N GLY C 295 46.48 -2.16 -7.44
CA GLY C 295 45.22 -2.83 -7.15
C GLY C 295 45.10 -3.25 -5.71
N LEU C 296 43.89 -3.58 -5.26
CA LEU C 296 43.61 -3.94 -3.89
C LEU C 296 42.78 -5.22 -3.85
N PRO C 297 42.86 -5.98 -2.76
CA PRO C 297 42.08 -7.22 -2.67
C PRO C 297 40.60 -6.93 -2.45
N ARG C 298 39.77 -7.87 -2.91
CA ARG C 298 38.32 -7.76 -2.79
C ARG C 298 37.77 -8.98 -2.08
N TYR C 299 36.78 -8.75 -1.22
CA TYR C 299 36.13 -9.78 -0.44
C TYR C 299 34.74 -10.08 -1.00
N PHE C 300 34.32 -11.34 -0.89
CA PHE C 300 33.01 -11.78 -1.34
C PHE C 300 32.33 -12.58 -0.24
N LYS C 301 31.03 -12.32 -0.04
CA LYS C 301 30.18 -13.18 0.76
C LYS C 301 28.86 -13.35 0.00
N VAL C 302 28.67 -14.51 -0.60
CA VAL C 302 27.52 -14.78 -1.46
C VAL C 302 26.55 -15.69 -0.71
N THR C 303 25.28 -15.32 -0.71
CA THR C 303 24.23 -16.08 -0.06
C THR C 303 23.47 -16.89 -1.11
N LEU C 304 23.29 -18.18 -0.85
CA LEU C 304 22.68 -19.09 -1.81
C LEU C 304 21.55 -19.89 -1.17
N ARG C 305 20.58 -20.25 -1.99
CA ARG C 305 19.48 -21.14 -1.62
C ARG C 305 19.42 -22.26 -2.64
N LYS C 306 18.54 -23.23 -2.38
CA LYS C 306 18.35 -24.37 -3.28
C LYS C 306 17.09 -24.16 -4.12
N ARG C 307 17.17 -24.55 -5.38
CA ARG C 307 16.05 -24.42 -6.31
C ARG C 307 15.96 -25.68 -7.17
N ALA C 308 14.73 -26.16 -7.35
CA ALA C 308 14.47 -27.32 -8.20
C ALA C 308 14.25 -26.84 -9.63
N VAL C 309 14.96 -27.47 -10.57
CA VAL C 309 14.95 -27.04 -11.96
C VAL C 309 14.52 -28.20 -12.85
N LYS C 310 14.12 -27.87 -14.06
CA LYS C 310 13.72 -28.86 -15.05
C LYS C 310 14.74 -28.93 -16.18
N GLU D 27 22.13 -16.80 20.14
CA GLU D 27 20.74 -17.01 19.73
C GLU D 27 19.88 -15.82 20.12
N VAL D 28 19.45 -15.05 19.12
CA VAL D 28 18.70 -13.81 19.35
C VAL D 28 17.23 -14.13 19.48
N LEU D 29 16.60 -13.65 20.55
CA LEU D 29 15.18 -13.84 20.77
C LEU D 29 14.40 -12.58 20.43
N ASN D 30 13.42 -12.23 21.26
CA ASN D 30 12.53 -11.10 20.99
C ASN D 30 12.88 -9.91 21.87
N ILE D 31 12.40 -8.74 21.43
CA ILE D 31 12.63 -7.50 22.16
C ILE D 31 11.72 -7.45 23.38
N ILE D 32 12.23 -6.86 24.46
CA ILE D 32 11.46 -6.69 25.69
C ILE D 32 10.83 -5.30 25.64
N THR D 33 9.50 -5.24 25.53
CA THR D 33 8.78 -3.97 25.49
C THR D 33 8.13 -3.67 26.83
N ASP D 36 11.32 1.48 30.66
CA ASP D 36 12.74 1.67 30.83
C ASP D 36 13.55 0.70 29.99
N ALA D 37 13.00 0.36 28.81
CA ALA D 37 13.61 -0.62 27.92
C ALA D 37 14.53 0.00 26.87
N THR D 38 14.63 1.33 26.84
CA THR D 38 15.51 2.01 25.89
C THR D 38 16.43 2.96 26.64
N THR D 39 17.50 3.38 25.96
CA THR D 39 18.45 4.33 26.51
C THR D 39 19.19 5.01 25.38
N GLU D 40 19.75 6.18 25.68
CA GLU D 40 20.50 6.96 24.71
C GLU D 40 21.91 7.20 25.23
N ILE D 41 22.86 7.30 24.31
CA ILE D 41 24.27 7.42 24.65
C ILE D 41 24.90 8.51 23.77
N GLU D 42 25.72 9.36 24.39
CA GLU D 42 26.42 10.44 23.71
C GLU D 42 27.90 10.40 24.05
N LEU D 43 28.75 10.73 23.08
CA LEU D 43 30.17 10.89 23.34
C LEU D 43 30.84 11.53 22.14
N TRP D 44 31.99 12.14 22.40
CA TRP D 44 32.85 12.71 21.37
C TRP D 44 34.10 11.84 21.21
N LEU D 45 34.61 11.79 19.98
CA LEU D 45 35.86 11.11 19.66
C LEU D 45 36.80 12.12 19.01
N GLU D 46 37.84 12.53 19.74
CA GLU D 46 38.78 13.50 19.24
C GLU D 46 39.73 12.85 18.22
N PRO D 47 40.21 13.61 17.25
CA PRO D 47 41.04 13.02 16.18
C PRO D 47 42.38 12.55 16.69
N ARG D 48 42.88 11.48 16.09
CA ARG D 48 44.17 10.90 16.40
C ARG D 48 45.00 10.82 15.12
N MET D 49 45.42 11.99 14.62
CA MET D 49 46.15 12.09 13.38
C MET D 49 47.63 11.78 13.54
N GLY D 50 48.11 11.56 14.76
CA GLY D 50 49.53 11.36 15.00
C GLY D 50 49.97 12.08 16.26
N VAL D 51 49.74 13.39 16.30
CA VAL D 51 49.90 14.18 17.51
C VAL D 51 48.60 14.05 18.29
N ASN D 52 48.56 13.10 19.23
CA ASN D 52 47.33 12.67 19.86
C ASN D 52 47.08 13.30 21.22
N ALA D 53 47.88 14.30 21.61
CA ALA D 53 47.68 14.99 22.87
C ALA D 53 48.28 16.38 22.78
N PRO D 54 47.61 17.39 23.35
CA PRO D 54 48.16 18.75 23.40
C PRO D 54 49.20 18.95 24.50
N THR D 55 50.16 18.03 24.56
CA THR D 55 51.24 18.07 25.53
C THR D 55 52.55 17.71 24.85
N GLY D 56 53.65 18.04 25.51
CA GLY D 56 54.95 17.71 24.97
C GLY D 56 55.43 18.73 23.95
N ASP D 57 56.44 18.30 23.16
CA ASP D 57 57.07 19.20 22.22
C ASP D 57 56.19 19.48 21.00
N ARG D 58 55.40 18.49 20.57
CA ARG D 58 54.49 18.65 19.45
C ARG D 58 53.13 19.20 19.88
N LYS D 59 53.08 19.91 21.01
CA LYS D 59 51.81 20.30 21.61
C LYS D 59 50.97 21.15 20.67
N GLU D 60 51.59 22.11 19.99
CA GLU D 60 50.84 23.07 19.19
C GLU D 60 50.18 22.45 17.96
N TRP D 61 50.54 21.23 17.59
CA TRP D 61 49.99 20.59 16.40
C TRP D 61 49.08 19.42 16.77
N TYR D 62 48.42 19.51 17.92
CA TYR D 62 47.40 18.53 18.29
C TYR D 62 46.27 18.55 17.27
N GLY D 63 45.82 17.35 16.89
CA GLY D 63 44.84 17.22 15.82
C GLY D 63 45.43 17.18 14.44
N TYR D 64 46.75 17.35 14.30
CA TYR D 64 47.45 17.17 13.04
C TYR D 64 48.38 15.98 13.13
N SER D 65 48.93 15.60 11.99
CA SER D 65 50.01 14.63 11.97
C SER D 65 51.35 15.36 12.04
N GLU D 66 52.41 14.59 12.25
CA GLU D 66 53.75 15.14 12.12
C GLU D 66 54.07 15.34 10.64
N VAL D 67 55.02 16.24 10.37
CA VAL D 67 55.44 16.51 9.00
C VAL D 67 55.87 15.21 8.32
N ILE D 68 55.51 15.08 7.03
CA ILE D 68 55.77 13.87 6.27
C ILE D 68 56.47 14.25 4.97
N HIS D 69 57.56 13.55 4.66
CA HIS D 69 58.33 13.78 3.44
C HIS D 69 58.27 12.53 2.57
N HIS D 70 58.66 12.70 1.30
CA HIS D 70 58.45 11.63 0.31
C HIS D 70 59.28 10.39 0.64
N ALA D 71 60.50 10.57 1.11
CA ALA D 71 61.39 9.45 1.40
C ALA D 71 61.30 8.96 2.83
N ASP D 72 60.34 9.47 3.62
CA ASP D 72 60.15 8.98 4.97
C ASP D 72 59.69 7.53 4.95
N GLY D 73 60.31 6.72 5.80
CA GLY D 73 60.11 5.28 5.76
C GLY D 73 61.10 4.55 4.88
N TYR D 74 61.91 5.27 4.11
CA TYR D 74 62.97 4.66 3.30
C TYR D 74 64.35 5.06 3.77
N ASP D 75 64.69 6.35 3.70
CA ASP D 75 65.97 6.82 4.22
C ASP D 75 65.91 7.18 5.69
N ASN D 76 64.76 6.96 6.34
CA ASN D 76 64.65 7.06 7.79
C ASN D 76 63.51 6.13 8.23
N ASN D 77 63.24 6.13 9.54
CA ASN D 77 62.15 5.34 10.09
C ASN D 77 60.90 6.20 10.18
N LEU D 78 59.78 5.68 9.67
CA LEU D 78 58.52 6.40 9.76
C LEU D 78 58.00 6.36 11.20
N LEU D 79 57.58 7.52 11.70
CA LEU D 79 57.19 7.65 13.10
C LEU D 79 55.69 7.42 13.27
N SER D 80 55.32 7.05 14.50
CA SER D 80 53.90 6.89 14.82
C SER D 80 53.14 8.19 14.64
N VAL D 81 53.76 9.32 15.01
CA VAL D 81 53.14 10.62 14.86
C VAL D 81 52.92 11.03 13.41
N GLN D 82 53.55 10.33 12.47
CA GLN D 82 53.38 10.59 11.05
C GLN D 82 52.30 9.71 10.41
N MET D 83 51.58 8.93 11.20
CA MET D 83 50.60 7.98 10.68
C MET D 83 49.25 8.20 11.36
N PRO D 84 48.29 8.82 10.67
CA PRO D 84 46.95 8.98 11.26
C PRO D 84 46.35 7.65 11.67
N GLN D 85 45.65 7.66 12.79
CA GLN D 85 45.14 6.44 13.40
C GLN D 85 43.64 6.55 13.64
N TYR D 86 43.03 5.40 13.92
CA TYR D 86 41.61 5.34 14.21
C TYR D 86 41.33 5.83 15.63
N SER D 87 40.17 6.44 15.80
CA SER D 87 39.65 6.73 17.12
C SER D 87 38.75 5.58 17.56
N CYS D 88 38.79 5.25 18.85
CA CYS D 88 37.82 4.31 19.38
C CYS D 88 37.60 4.59 20.86
N ALA D 89 36.52 4.00 21.37
CA ALA D 89 36.10 4.19 22.76
C ALA D 89 35.05 3.14 23.07
N ARG D 90 35.05 2.69 24.32
CA ARG D 90 34.04 1.79 24.84
C ARG D 90 33.13 2.56 25.79
N VAL D 91 31.82 2.40 25.62
CA VAL D 91 30.83 3.04 26.48
C VAL D 91 30.21 1.97 27.36
N GLN D 92 30.33 2.14 28.67
CA GLN D 92 29.71 1.22 29.62
C GLN D 92 28.23 1.53 29.72
N LEU D 93 27.41 0.56 29.39
CA LEU D 93 25.97 0.66 29.44
C LEU D 93 25.45 0.14 30.78
N PRO D 94 24.21 0.46 31.15
CA PRO D 94 23.66 -0.06 32.41
C PRO D 94 23.64 -1.57 32.42
N MET D 95 23.95 -2.14 33.58
CA MET D 95 23.94 -3.60 33.73
C MET D 95 22.52 -4.14 33.65
N LEU D 96 22.35 -5.24 32.93
CA LEU D 96 21.04 -5.80 32.67
C LEU D 96 20.76 -7.10 33.40
N ASN D 97 21.77 -7.95 33.60
CA ASN D 97 21.57 -9.28 34.16
C ASN D 97 22.35 -9.39 35.47
N THR D 98 21.65 -9.75 36.54
CA THR D 98 22.32 -9.99 37.82
C THR D 98 22.94 -11.38 37.86
N ASP D 99 22.20 -12.39 37.41
CA ASP D 99 22.69 -13.76 37.34
C ASP D 99 23.08 -14.04 35.89
N MET D 100 24.38 -14.00 35.61
CA MET D 100 24.88 -14.26 34.26
C MET D 100 24.81 -15.74 33.89
N THR D 101 24.43 -16.62 34.81
CA THR D 101 24.30 -18.04 34.53
C THR D 101 22.88 -18.43 34.14
N CYS D 102 21.97 -17.46 34.01
CA CYS D 102 20.60 -17.78 33.61
C CYS D 102 20.54 -18.18 32.15
N GLU D 103 19.55 -19.01 31.82
CA GLU D 103 19.43 -19.52 30.46
C GLU D 103 19.04 -18.44 29.48
N THR D 104 18.14 -17.54 29.89
CA THR D 104 17.69 -16.43 29.05
C THR D 104 18.16 -15.13 29.69
N LEU D 105 18.93 -14.35 28.94
CA LEU D 105 19.48 -13.09 29.41
C LEU D 105 19.05 -11.96 28.48
N MET D 106 19.48 -10.74 28.80
CA MET D 106 19.15 -9.56 28.02
C MET D 106 20.43 -8.82 27.65
N MET D 107 20.41 -8.23 26.46
CA MET D 107 21.53 -7.46 25.95
C MET D 107 21.03 -6.15 25.37
N TRP D 108 21.90 -5.15 25.36
CA TRP D 108 21.58 -3.88 24.71
C TRP D 108 21.78 -4.02 23.21
N GLU D 109 20.80 -3.55 22.44
CA GLU D 109 20.82 -3.63 20.99
C GLU D 109 20.80 -2.22 20.43
N ALA D 110 21.86 -1.86 19.70
CA ALA D 110 21.94 -0.55 19.07
C ALA D 110 21.09 -0.53 17.81
N VAL D 111 20.09 0.34 17.76
CA VAL D 111 19.13 0.36 16.67
C VAL D 111 19.45 1.46 15.67
N SER D 112 19.93 2.61 16.13
CA SER D 112 20.21 3.73 15.24
C SER D 112 21.20 4.66 15.91
N CYS D 113 21.82 5.53 15.12
CA CYS D 113 22.80 6.47 15.64
C CYS D 113 22.88 7.69 14.75
N LYS D 114 23.14 8.83 15.36
CA LYS D 114 23.49 10.06 14.66
C LYS D 114 24.98 10.34 14.87
N THR D 115 25.65 10.73 13.81
CA THR D 115 27.08 11.04 13.87
C THR D 115 27.38 12.25 13.01
N GLU D 116 28.33 13.06 13.47
CA GLU D 116 28.61 14.33 12.82
C GLU D 116 30.05 14.76 13.07
N VAL D 117 30.71 15.24 12.02
CA VAL D 117 32.02 15.84 12.13
C VAL D 117 31.84 17.32 12.46
N VAL D 118 32.43 17.76 13.57
CA VAL D 118 32.32 19.13 14.02
C VAL D 118 33.53 19.92 13.56
N GLY D 119 33.38 21.24 13.52
CA GLY D 119 34.48 22.11 13.14
C GLY D 119 34.74 22.20 11.65
N ILE D 120 33.76 21.84 10.82
CA ILE D 120 33.97 21.82 9.38
C ILE D 120 34.23 23.22 8.84
N GLY D 121 33.56 24.22 9.42
CA GLY D 121 33.76 25.60 8.97
C GLY D 121 35.17 26.11 9.15
N SER D 122 35.93 25.53 10.07
CA SER D 122 37.32 25.93 10.27
C SER D 122 38.19 25.65 9.05
N LEU D 123 37.72 24.78 8.14
CA LEU D 123 38.49 24.41 6.96
C LEU D 123 38.49 25.49 5.89
N ILE D 124 37.79 26.61 6.09
CA ILE D 124 37.85 27.72 5.14
C ILE D 124 39.09 28.58 5.31
N SER D 125 39.87 28.33 6.37
CA SER D 125 40.98 29.21 6.71
C SER D 125 42.03 29.23 5.61
N VAL D 126 42.42 30.44 5.19
CA VAL D 126 43.53 30.65 4.29
C VAL D 126 44.64 31.45 4.95
N HIS D 127 44.65 31.49 6.29
CA HIS D 127 45.73 32.10 7.04
C HIS D 127 46.32 31.04 7.97
N LEU D 128 46.64 29.87 7.42
CA LEU D 128 47.09 28.75 8.22
C LEU D 128 48.55 28.92 8.63
N LEU D 129 48.84 28.62 9.89
CA LEU D 129 50.18 28.78 10.42
C LEU D 129 51.18 27.93 9.63
N GLU D 130 52.26 28.57 9.17
CA GLU D 130 53.37 27.96 8.44
C GLU D 130 52.96 27.40 7.09
N ALA D 131 51.78 27.72 6.59
CA ALA D 131 51.29 27.10 5.36
C ALA D 131 51.86 27.81 4.14
N LYS D 132 52.06 27.03 3.08
CA LYS D 132 52.54 27.56 1.81
C LYS D 132 51.57 28.60 1.26
N MET D 133 52.11 29.65 0.66
CA MET D 133 51.29 30.69 0.06
C MET D 133 50.82 30.26 -1.32
N GLU D 134 49.52 30.42 -1.59
CA GLU D 134 48.96 30.09 -2.90
C GLU D 134 48.85 31.40 -3.69
N ALA D 135 49.98 31.81 -4.24
CA ALA D 135 50.09 33.03 -5.04
C ALA D 135 51.48 33.05 -5.66
N GLY D 136 51.68 34.00 -6.58
CA GLY D 136 52.95 34.18 -7.24
C GLY D 136 54.07 34.50 -6.26
N PRO D 137 55.32 34.36 -6.71
CA PRO D 137 56.44 34.48 -5.76
C PRO D 137 56.57 35.86 -5.14
N ASN D 138 56.16 36.92 -5.83
CA ASN D 138 56.28 38.28 -5.33
C ASN D 138 54.96 38.82 -4.81
N SER D 139 54.06 37.94 -4.37
CA SER D 139 52.72 38.32 -3.95
C SER D 139 52.55 38.16 -2.44
N ASP D 140 51.36 38.51 -1.97
CA ASP D 140 51.00 38.41 -0.56
C ASP D 140 49.57 37.87 -0.47
N GLY D 141 49.37 36.71 -1.07
CA GLY D 141 48.04 36.12 -1.15
C GLY D 141 47.74 35.18 -0.01
N PRO D 142 46.72 34.35 -0.19
CA PRO D 142 46.29 33.45 0.88
C PRO D 142 47.19 32.22 0.97
N SER D 143 47.12 31.57 2.12
CA SER D 143 47.78 30.29 2.27
C SER D 143 46.94 29.21 1.58
N ARG D 144 47.59 28.10 1.27
CA ARG D 144 46.84 26.93 0.82
C ARG D 144 45.87 26.50 1.91
N PRO D 145 44.61 26.25 1.59
CA PRO D 145 43.68 25.75 2.60
C PRO D 145 43.89 24.26 2.83
N ILE D 146 43.19 23.73 3.83
CA ILE D 146 43.20 22.29 4.06
C ILE D 146 42.53 21.62 2.87
N GLU D 147 43.25 20.71 2.23
CA GLU D 147 42.75 20.00 1.06
C GLU D 147 43.55 18.72 0.89
N GLY D 148 43.07 17.85 0.00
CA GLY D 148 43.75 16.61 -0.25
C GLY D 148 42.97 15.39 0.19
N MET D 149 43.68 14.34 0.60
CA MET D 149 43.04 13.08 0.97
C MET D 149 41.99 13.29 2.05
N ASN D 150 40.80 12.77 1.79
CA ASN D 150 39.75 12.70 2.79
C ASN D 150 39.42 11.24 3.04
N TYR D 151 39.49 10.83 4.31
CA TYR D 151 39.19 9.47 4.73
C TYR D 151 38.25 9.57 5.92
N HIS D 152 37.00 9.15 5.72
CA HIS D 152 35.96 9.32 6.73
C HIS D 152 35.25 7.99 6.96
N MET D 153 35.30 7.53 8.21
CA MET D 153 34.71 6.26 8.59
C MET D 153 34.13 6.40 10.00
N PHE D 154 33.06 5.66 10.26
CA PHE D 154 32.54 5.52 11.61
C PHE D 154 31.92 4.14 11.75
N ALA D 155 31.95 3.61 12.97
CA ALA D 155 31.51 2.25 13.22
C ALA D 155 30.87 2.17 14.59
N VAL D 156 29.79 1.40 14.69
CA VAL D 156 29.10 1.13 15.95
C VAL D 156 28.89 -0.38 16.04
N GLY D 157 29.37 -0.98 17.12
CA GLY D 157 29.23 -2.41 17.31
C GLY D 157 29.18 -2.77 18.77
N GLY D 158 28.82 -4.03 19.03
CA GLY D 158 28.78 -4.57 20.37
C GLY D 158 30.08 -5.20 20.85
N GLU D 159 31.19 -4.93 20.15
CA GLU D 159 32.49 -5.49 20.47
C GLU D 159 33.52 -4.74 19.62
N PRO D 160 34.83 -4.88 19.91
CA PRO D 160 35.83 -4.16 19.11
C PRO D 160 35.71 -4.47 17.63
N LEU D 161 35.99 -3.45 16.82
CA LEU D 161 35.92 -3.59 15.37
C LEU D 161 37.06 -4.46 14.86
N ASP D 162 36.73 -5.41 13.99
CA ASP D 162 37.74 -6.28 13.41
C ASP D 162 38.49 -5.54 12.28
N LEU D 163 39.80 -5.71 12.27
CA LEU D 163 40.67 -5.01 11.33
C LEU D 163 41.45 -5.99 10.47
N GLN D 164 41.68 -5.62 9.21
CA GLN D 164 42.52 -6.37 8.29
C GLN D 164 43.71 -5.51 7.90
N GLY D 165 44.90 -6.09 7.92
CA GLY D 165 46.13 -5.35 7.72
C GLY D 165 46.63 -5.42 6.29
N ILE D 166 47.33 -4.37 5.87
CA ILE D 166 47.88 -4.27 4.51
C ILE D 166 49.03 -3.27 4.55
N GLU D 167 49.88 -3.32 3.54
CA GLU D 167 50.98 -2.38 3.37
C GLU D 167 51.01 -1.90 1.93
N SER D 168 51.06 -0.58 1.74
CA SER D 168 51.26 -0.05 0.40
C SER D 168 52.67 -0.35 -0.09
N ASN D 169 53.65 -0.30 0.80
CA ASN D 169 55.01 -0.75 0.53
C ASN D 169 55.37 -1.78 1.58
N GLY D 170 55.74 -2.98 1.15
CA GLY D 170 56.00 -4.06 2.09
C GLY D 170 57.19 -3.81 2.99
N GLN D 171 58.21 -3.10 2.49
CA GLN D 171 59.46 -2.91 3.21
C GLN D 171 59.56 -1.53 3.85
N THR D 172 58.43 -0.89 4.13
CA THR D 172 58.46 0.42 4.80
C THR D 172 59.10 0.30 6.17
N LYS D 173 60.08 1.16 6.44
CA LYS D 173 60.75 1.16 7.72
C LYS D 173 59.89 1.90 8.76
N TYR D 174 59.65 1.25 9.89
CA TYR D 174 58.86 1.84 10.97
C TYR D 174 59.73 1.92 12.23
N ALA D 175 59.68 3.07 12.89
CA ALA D 175 60.38 3.23 14.16
C ALA D 175 59.68 2.42 15.25
N THR D 176 60.47 1.87 16.16
CA THR D 176 59.99 1.00 17.21
C THR D 176 60.39 1.56 18.57
N ALA D 177 59.42 1.69 19.47
CA ALA D 177 59.65 2.11 20.84
C ALA D 177 59.11 1.04 21.78
N ILE D 178 59.59 1.06 23.02
CA ILE D 178 59.09 0.16 24.05
C ILE D 178 58.62 1.01 25.22
N PRO D 179 57.31 1.06 25.51
CA PRO D 179 56.26 0.33 24.79
C PRO D 179 55.95 0.94 23.42
N ALA D 180 55.35 0.14 22.54
CA ALA D 180 55.05 0.61 21.19
C ALA D 180 53.95 1.66 21.22
N LYS D 181 54.11 2.69 20.40
CA LYS D 181 53.10 3.74 20.27
C LYS D 181 52.07 3.42 19.20
N SER D 182 52.34 2.47 18.33
CA SER D 182 51.38 1.97 17.36
C SER D 182 51.76 0.54 17.01
N ILE D 183 50.85 -0.15 16.33
CA ILE D 183 51.07 -1.53 15.92
C ILE D 183 50.85 -1.63 14.41
N HIS D 184 51.71 -2.39 13.76
CA HIS D 184 51.71 -2.56 12.31
C HIS D 184 51.35 -4.00 11.95
N PRO D 185 50.84 -4.23 10.73
CA PRO D 185 50.38 -5.58 10.37
C PRO D 185 51.42 -6.68 10.55
N ASN D 186 52.69 -6.42 10.25
CA ASN D 186 53.69 -7.47 10.38
C ASN D 186 54.11 -7.73 11.82
N ASP D 187 53.69 -6.89 12.77
CA ASP D 187 53.90 -7.21 14.17
C ASP D 187 53.07 -8.41 14.60
N ILE D 188 52.02 -8.73 13.85
CA ILE D 188 51.17 -9.88 14.13
C ILE D 188 51.45 -11.04 13.17
N ALA D 189 51.58 -10.74 11.87
CA ALA D 189 51.86 -11.78 10.89
C ALA D 189 53.26 -12.36 11.08
N LYS D 190 54.22 -11.53 11.50
CA LYS D 190 55.59 -11.97 11.79
C LYS D 190 56.23 -12.65 10.58
N LEU D 191 56.05 -12.05 9.41
CA LEU D 191 56.66 -12.57 8.20
C LEU D 191 58.15 -12.22 8.18
N PRO D 192 58.99 -13.09 7.64
CA PRO D 192 60.41 -12.73 7.44
C PRO D 192 60.54 -11.59 6.44
N GLU D 193 61.71 -10.95 6.46
CA GLU D 193 61.91 -9.74 5.67
C GLU D 193 61.72 -10.00 4.19
N GLU D 194 62.21 -11.13 3.69
CA GLU D 194 62.11 -11.45 2.27
C GLU D 194 60.72 -11.85 1.83
N ASP D 195 59.74 -11.86 2.75
CA ASP D 195 58.37 -12.24 2.42
C ASP D 195 57.36 -11.14 2.73
N LYS D 196 57.83 -9.95 3.13
CA LYS D 196 56.93 -8.87 3.49
C LYS D 196 56.19 -8.29 2.30
N ALA D 197 56.60 -8.62 1.07
CA ALA D 197 55.85 -8.19 -0.11
C ALA D 197 54.45 -8.78 -0.15
N GLN D 198 54.21 -9.87 0.60
CA GLN D 198 52.86 -10.43 0.69
C GLN D 198 51.89 -9.45 1.35
N LEU D 199 52.41 -8.56 2.20
CA LEU D 199 51.56 -7.58 2.87
C LEU D 199 50.96 -6.56 1.90
N GLN D 200 51.48 -6.47 0.68
CA GLN D 200 50.86 -5.63 -0.35
C GLN D 200 49.63 -6.29 -0.96
N GLY D 201 49.40 -7.57 -0.68
CA GLY D 201 48.16 -8.22 -1.06
C GLY D 201 47.27 -8.44 0.14
N LEU D 202 46.78 -9.67 0.34
CA LEU D 202 46.00 -10.01 1.52
C LEU D 202 46.72 -11.11 2.29
N VAL D 203 47.19 -10.78 3.50
CA VAL D 203 47.80 -11.74 4.40
C VAL D 203 46.75 -12.09 5.47
N PRO D 204 46.22 -13.31 5.47
CA PRO D 204 45.15 -13.63 6.44
C PRO D 204 45.59 -13.51 7.89
N LYS D 205 46.87 -13.75 8.19
CA LYS D 205 47.34 -13.67 9.57
C LYS D 205 47.38 -12.24 10.09
N ALA D 206 47.35 -11.26 9.20
CA ALA D 206 47.44 -9.84 9.59
C ALA D 206 46.04 -9.34 9.92
N LYS D 207 45.55 -9.74 11.09
CA LYS D 207 44.25 -9.33 11.59
C LYS D 207 44.41 -8.85 13.04
N ALA D 208 43.52 -7.94 13.44
CA ALA D 208 43.57 -7.39 14.79
C ALA D 208 42.20 -6.82 15.14
N LYS D 209 42.06 -6.41 16.39
CA LYS D 209 40.85 -5.78 16.90
C LYS D 209 41.16 -4.35 17.27
N LEU D 210 40.30 -3.42 16.85
CA LEU D 210 40.44 -2.00 17.19
C LEU D 210 40.09 -1.85 18.66
N ASP D 211 41.08 -2.11 19.51
CA ASP D 211 40.89 -2.15 20.95
C ASP D 211 41.73 -1.12 21.70
N LYS D 212 42.30 -0.14 21.00
CA LYS D 212 43.17 0.83 21.64
C LYS D 212 43.14 2.14 20.84
N ASP D 213 42.80 3.23 21.52
CA ASP D 213 42.68 4.51 20.84
C ASP D 213 44.04 5.02 20.39
N GLY D 214 44.07 5.61 19.20
CA GLY D 214 45.29 6.17 18.63
C GLY D 214 46.43 5.18 18.59
N PHE D 215 46.22 4.04 17.93
CA PHE D 215 47.20 2.95 17.97
C PHE D 215 47.28 2.20 16.66
N TYR D 216 46.18 2.19 15.90
CA TYR D 216 46.12 1.46 14.64
C TYR D 216 46.12 2.45 13.48
N PRO D 217 47.16 2.48 12.65
CA PRO D 217 47.22 3.48 11.58
C PRO D 217 46.21 3.22 10.48
N VAL D 218 45.68 4.30 9.92
CA VAL D 218 44.70 4.20 8.85
C VAL D 218 45.31 3.58 7.60
N GLU D 219 46.56 3.94 7.30
CA GLU D 219 47.21 3.47 6.07
C GLU D 219 47.61 2.01 6.13
N GLU D 220 47.43 1.33 7.26
CA GLU D 220 47.76 -0.08 7.38
C GLU D 220 46.58 -0.97 7.74
N TRP D 221 45.53 -0.43 8.34
CA TRP D 221 44.42 -1.22 8.86
C TRP D 221 43.11 -0.76 8.25
N SER D 222 42.31 -1.71 7.80
CA SER D 222 40.98 -1.47 7.25
C SER D 222 39.97 -2.35 7.98
N PRO D 223 38.71 -1.93 8.04
CA PRO D 223 37.68 -2.81 8.61
C PRO D 223 37.62 -4.13 7.85
N ASP D 224 37.61 -5.23 8.60
CA ASP D 224 37.66 -6.56 8.01
C ASP D 224 36.25 -7.00 7.62
N PRO D 225 35.93 -7.07 6.32
CA PRO D 225 34.58 -7.49 5.92
C PRO D 225 34.31 -8.97 6.13
N SER D 226 35.36 -9.79 6.28
CA SER D 226 35.16 -11.21 6.56
C SER D 226 34.69 -11.46 7.99
N ARG D 227 34.74 -10.46 8.85
CA ARG D 227 34.25 -10.58 10.22
C ARG D 227 33.26 -9.45 10.49
N ASN D 228 33.34 -8.84 11.68
CA ASN D 228 32.50 -7.71 12.05
C ASN D 228 31.02 -8.00 11.88
N GLU D 229 30.62 -9.24 12.16
CA GLU D 229 29.21 -9.61 12.07
C GLU D 229 28.37 -8.90 13.11
N ASN D 230 29.01 -8.40 14.18
CA ASN D 230 28.31 -7.67 15.25
C ASN D 230 28.67 -6.20 15.26
N SER D 231 29.07 -5.65 14.12
CA SER D 231 29.39 -4.23 13.99
C SER D 231 28.91 -3.72 12.64
N ARG D 232 28.68 -2.42 12.59
CA ARG D 232 28.29 -1.72 11.36
C ARG D 232 29.26 -0.57 11.14
N TYR D 233 29.93 -0.56 10.00
CA TYR D 233 30.87 0.50 9.66
C TYR D 233 30.55 1.08 8.29
N TYR D 234 30.86 2.36 8.13
CA TYR D 234 30.55 3.10 6.91
C TYR D 234 31.73 4.02 6.62
N GLY D 235 32.33 3.87 5.45
CA GLY D 235 33.53 4.63 5.13
C GLY D 235 33.55 5.07 3.68
N SER D 236 34.29 6.14 3.43
CA SER D 236 34.49 6.67 2.09
C SER D 236 35.86 7.35 2.03
N PHE D 237 36.44 7.37 0.84
CA PHE D 237 37.80 7.89 0.65
C PHE D 237 37.88 8.62 -0.68
N VAL D 238 38.46 9.82 -0.67
CA VAL D 238 38.74 10.59 -1.87
C VAL D 238 40.19 11.03 -1.80
N GLY D 239 41.01 10.54 -2.72
CA GLY D 239 42.45 10.74 -2.68
C GLY D 239 42.91 12.01 -3.36
N GLY D 240 44.21 12.06 -3.63
CA GLY D 240 44.83 13.23 -4.22
C GLY D 240 45.31 14.23 -3.18
N LEU D 241 46.23 15.09 -3.61
CA LEU D 241 46.83 16.07 -2.70
C LEU D 241 46.12 17.42 -2.73
N GLN D 242 45.48 17.77 -3.85
CA GLN D 242 44.83 19.07 -4.00
C GLN D 242 43.32 18.92 -4.21
N THR D 243 42.76 17.77 -3.89
CA THR D 243 41.33 17.54 -4.06
C THR D 243 40.55 18.42 -3.09
N PRO D 244 39.47 19.06 -3.54
CA PRO D 244 38.64 19.85 -2.64
C PRO D 244 37.93 18.96 -1.63
N PRO D 245 38.04 19.27 -0.33
CA PRO D 245 37.29 18.49 0.66
C PRO D 245 35.80 18.74 0.55
N ASN D 246 35.03 17.66 0.62
CA ASN D 246 33.57 17.71 0.46
C ASN D 246 32.94 17.03 1.68
N LEU D 247 32.38 17.84 2.58
CA LEU D 247 31.81 17.34 3.83
C LEU D 247 30.44 17.96 4.07
N GLN D 248 29.58 17.18 4.73
CA GLN D 248 28.23 17.60 5.09
C GLN D 248 28.07 17.57 6.60
N PHE D 249 27.03 18.23 7.09
CA PHE D 249 26.71 18.19 8.51
C PHE D 249 25.25 18.59 8.69
N THR D 250 24.54 17.82 9.51
CA THR D 250 23.12 18.03 9.77
C THR D 250 22.71 17.18 10.97
N ASN D 251 21.67 17.62 11.68
CA ASN D 251 21.12 16.89 12.80
C ASN D 251 19.76 16.28 12.48
N ALA D 252 19.45 16.08 11.20
CA ALA D 252 18.14 15.61 10.76
C ALA D 252 18.21 14.28 10.01
N VAL D 253 19.30 13.53 10.17
CA VAL D 253 19.43 12.22 9.56
C VAL D 253 19.93 11.23 10.60
N SER D 254 19.49 9.98 10.46
CA SER D 254 19.92 8.88 11.31
C SER D 254 20.43 7.75 10.45
N THR D 255 21.26 6.89 11.04
CA THR D 255 21.74 5.68 10.41
C THR D 255 21.16 4.49 11.16
N VAL D 256 20.31 3.72 10.48
CA VAL D 256 19.70 2.54 11.09
C VAL D 256 20.74 1.42 11.14
N LEU D 257 20.92 0.85 12.33
CA LEU D 257 21.95 -0.16 12.56
C LEU D 257 21.41 -1.59 12.51
N LEU D 258 20.12 -1.76 12.26
CA LEU D 258 19.56 -3.11 12.17
C LEU D 258 20.00 -3.76 10.86
N ASP D 259 20.19 -5.08 10.91
CA ASP D 259 20.55 -5.83 9.72
C ASP D 259 19.29 -6.23 8.96
N GLU D 260 19.45 -7.14 7.99
CA GLU D 260 18.31 -7.57 7.17
C GLU D 260 17.24 -8.27 8.00
N ASN D 261 17.59 -8.79 9.17
CA ASN D 261 16.64 -9.46 10.04
C ASN D 261 16.10 -8.56 11.14
N GLY D 262 16.40 -7.26 11.08
CA GLY D 262 15.92 -6.35 12.10
C GLY D 262 16.66 -6.44 13.42
N VAL D 263 17.92 -6.86 13.39
CA VAL D 263 18.73 -7.04 14.59
C VAL D 263 19.95 -6.12 14.49
N GLY D 264 20.08 -5.21 15.45
CA GLY D 264 21.25 -4.38 15.53
C GLY D 264 22.36 -5.04 16.32
N PRO D 265 23.49 -4.35 16.44
CA PRO D 265 24.61 -4.92 17.21
C PRO D 265 24.22 -5.15 18.66
N LEU D 266 24.60 -6.32 19.18
CA LEU D 266 24.35 -6.69 20.57
C LEU D 266 25.62 -6.46 21.37
N CYS D 267 25.50 -5.71 22.46
CA CYS D 267 26.65 -5.19 23.21
C CYS D 267 27.07 -6.22 24.25
N LYS D 268 28.10 -7.01 23.91
CA LYS D 268 28.59 -8.04 24.82
C LYS D 268 29.27 -7.39 26.02
N GLY D 269 28.93 -7.89 27.21
CA GLY D 269 29.43 -7.28 28.42
C GLY D 269 28.87 -5.91 28.70
N ASP D 270 27.71 -5.59 28.11
CA ASP D 270 27.09 -4.26 28.23
C ASP D 270 28.04 -3.15 27.79
N GLY D 271 28.86 -3.42 26.78
CA GLY D 271 29.82 -2.46 26.27
C GLY D 271 29.50 -2.07 24.84
N LEU D 272 29.36 -0.76 24.63
CA LEU D 272 29.12 -0.19 23.30
C LEU D 272 30.44 0.35 22.76
N PHE D 273 30.77 -0.04 21.52
CA PHE D 273 32.04 0.29 20.91
C PHE D 273 31.81 1.21 19.71
N VAL D 274 32.37 2.41 19.76
CA VAL D 274 32.29 3.36 18.66
C VAL D 274 33.69 3.61 18.13
N SER D 275 33.82 3.64 16.81
CA SER D 275 35.10 3.84 16.14
C SER D 275 34.92 4.84 15.01
N CYS D 276 36.00 5.52 14.65
CA CYS D 276 35.92 6.51 13.58
C CYS D 276 37.33 6.92 13.17
N ALA D 277 37.40 7.61 12.03
CA ALA D 277 38.63 8.22 11.53
C ALA D 277 38.21 9.26 10.49
N ASP D 278 38.72 10.49 10.63
CA ASP D 278 38.25 11.61 9.80
C ASP D 278 39.44 12.47 9.35
N ILE D 279 40.22 11.94 8.41
CA ILE D 279 41.21 12.76 7.72
C ILE D 279 40.47 13.69 6.76
N CYS D 280 40.72 15.00 6.90
CA CYS D 280 40.00 16.00 6.13
C CYS D 280 40.86 16.69 5.07
N GLY D 281 42.14 16.37 4.99
CA GLY D 281 43.03 16.99 4.04
C GLY D 281 44.39 17.18 4.66
N VAL D 282 45.25 17.93 3.97
CA VAL D 282 46.62 18.15 4.40
C VAL D 282 46.92 19.64 4.45
N LEU D 283 47.91 19.98 5.27
CA LEU D 283 48.52 21.30 5.31
C LEU D 283 49.89 21.21 4.66
N VAL D 284 50.22 22.20 3.82
CA VAL D 284 51.48 22.20 3.08
C VAL D 284 52.41 23.22 3.72
N LYS D 285 53.55 22.75 4.21
CA LYS D 285 54.53 23.63 4.83
C LYS D 285 55.11 24.59 3.80
N ALA D 286 55.36 25.84 4.22
CA ALA D 286 55.88 26.84 3.30
C ALA D 286 57.36 26.64 3.03
N ASP D 287 58.11 26.08 3.99
CA ASP D 287 59.56 26.09 3.89
C ASP D 287 60.08 24.95 3.02
N ASN D 288 59.48 23.76 3.10
CA ASN D 288 59.94 22.61 2.32
C ASN D 288 58.81 21.89 1.60
N GLU D 289 57.59 22.41 1.65
CA GLU D 289 56.41 21.87 0.95
C GLU D 289 56.01 20.49 1.45
N ALA D 290 56.50 20.06 2.60
CA ALA D 290 56.04 18.83 3.20
C ALA D 290 54.68 19.05 3.85
N ILE D 291 54.00 17.96 4.20
CA ILE D 291 52.59 18.02 4.57
C ILE D 291 52.35 17.46 5.97
N ARG D 292 51.27 17.95 6.58
CA ARG D 292 50.67 17.37 7.78
C ARG D 292 49.21 17.03 7.48
N TYR D 293 48.77 15.87 7.93
CA TYR D 293 47.35 15.57 7.88
C TYR D 293 46.60 16.39 8.93
N ARG D 294 45.30 16.57 8.72
CA ARG D 294 44.45 17.30 9.65
C ARG D 294 43.15 16.54 9.84
N GLY D 295 42.74 16.37 11.11
CA GLY D 295 41.51 15.69 11.42
C GLY D 295 40.62 16.54 12.30
N LEU D 296 39.35 16.17 12.36
CA LEU D 296 38.33 16.89 13.11
C LEU D 296 37.61 15.94 14.04
N PRO D 297 37.06 16.44 15.14
CA PRO D 297 36.35 15.56 16.08
C PRO D 297 35.00 15.12 15.53
N ARG D 298 34.55 13.95 15.99
CA ARG D 298 33.30 13.36 15.55
C ARG D 298 32.41 13.08 16.75
N TYR D 299 31.12 13.34 16.59
CA TYR D 299 30.12 13.15 17.64
C TYR D 299 29.30 11.90 17.36
N PHE D 300 28.84 11.26 18.43
CA PHE D 300 28.01 10.06 18.34
C PHE D 300 26.82 10.18 19.28
N LYS D 301 25.66 9.74 18.80
CA LYS D 301 24.47 9.59 19.64
C LYS D 301 23.79 8.29 19.24
N VAL D 302 23.94 7.25 20.07
CA VAL D 302 23.42 5.92 19.77
C VAL D 302 22.16 5.67 20.60
N THR D 303 21.12 5.17 19.95
CA THR D 303 19.89 4.77 20.61
C THR D 303 19.86 3.25 20.70
N LEU D 304 19.53 2.73 21.88
CA LEU D 304 19.59 1.30 22.15
C LEU D 304 18.31 0.83 22.83
N ARG D 305 18.02 -0.46 22.66
CA ARG D 305 16.87 -1.11 23.27
C ARG D 305 17.30 -2.44 23.87
N LYS D 306 16.44 -2.97 24.74
CA LYS D 306 16.71 -4.24 25.41
C LYS D 306 16.23 -5.40 24.56
N ARG D 307 17.12 -6.35 24.31
CA ARG D 307 16.83 -7.52 23.48
C ARG D 307 17.14 -8.78 24.29
N ALA D 308 16.20 -9.73 24.27
CA ALA D 308 16.38 -10.98 24.98
C ALA D 308 17.22 -11.95 24.16
N VAL D 309 18.08 -12.73 24.84
CA VAL D 309 18.99 -13.65 24.18
C VAL D 309 19.02 -14.96 24.95
N LYS D 310 19.49 -16.00 24.26
CA LYS D 310 19.71 -17.32 24.84
C LYS D 310 21.21 -17.54 24.97
N ASN D 311 21.66 -17.79 26.19
CA ASN D 311 23.08 -17.97 26.46
C ASN D 311 23.59 -19.28 25.86
N ALA E 37 -4.75 29.02 13.52
CA ALA E 37 -4.47 27.59 13.39
C ALA E 37 -3.16 27.34 12.67
N THR E 38 -2.90 28.12 11.62
CA THR E 38 -1.72 27.94 10.79
C THR E 38 -1.25 29.30 10.29
N THR E 39 0.06 29.54 10.33
CA THR E 39 0.63 30.80 9.89
C THR E 39 1.85 30.54 9.02
N GLU E 40 2.20 31.54 8.23
CA GLU E 40 3.39 31.53 7.38
C GLU E 40 4.26 32.72 7.71
N ILE E 41 5.58 32.53 7.65
CA ILE E 41 6.54 33.57 8.00
C ILE E 41 7.58 33.67 6.90
N GLU E 42 7.89 34.90 6.50
CA GLU E 42 8.93 35.19 5.52
C GLU E 42 9.94 36.16 6.12
N LEU E 43 11.20 36.02 5.70
CA LEU E 43 12.23 36.99 6.04
C LEU E 43 13.49 36.70 5.25
N TRP E 44 14.28 37.76 5.01
CA TRP E 44 15.58 37.65 4.37
C TRP E 44 16.68 37.77 5.42
N LEU E 45 17.78 37.06 5.17
CA LEU E 45 19.00 37.19 5.97
C LEU E 45 20.12 37.65 5.05
N GLU E 46 20.60 38.87 5.28
CA GLU E 46 21.68 39.40 4.48
C GLU E 46 23.02 38.82 4.93
N PRO E 47 23.97 38.65 4.02
CA PRO E 47 25.22 37.96 4.37
C PRO E 47 26.07 38.78 5.34
N ARG E 48 26.74 38.06 6.23
CA ARG E 48 27.65 38.65 7.20
C ARG E 48 29.04 38.07 6.96
N MET E 49 29.67 38.48 5.86
CA MET E 49 30.97 37.96 5.47
C MET E 49 32.13 38.67 6.13
N GLY E 50 31.88 39.74 6.89
CA GLY E 50 32.93 40.51 7.50
C GLY E 50 32.62 42.00 7.46
N VAL E 51 32.51 42.54 6.26
CA VAL E 51 31.97 43.89 6.06
C VAL E 51 30.44 43.75 6.13
N ASN E 52 29.88 43.99 7.32
CA ASN E 52 28.51 43.62 7.63
C ASN E 52 27.53 44.77 7.48
N ALA E 53 27.94 45.88 6.88
CA ALA E 53 27.04 47.00 6.66
C ALA E 53 27.56 47.86 5.51
N PRO E 54 26.69 48.36 4.62
CA PRO E 54 27.09 49.26 3.53
C PRO E 54 27.34 50.69 4.01
N THR E 55 28.02 50.81 5.15
CA THR E 55 28.39 52.09 5.73
C THR E 55 29.86 52.05 6.13
N GLY E 56 30.43 53.22 6.38
CA GLY E 56 31.78 53.31 6.87
C GLY E 56 32.82 53.33 5.75
N ASP E 57 34.06 53.10 6.17
CA ASP E 57 35.18 53.16 5.23
C ASP E 57 35.17 51.97 4.28
N ARG E 58 34.82 50.78 4.77
CA ARG E 58 34.72 49.59 3.95
C ARG E 58 33.37 49.46 3.27
N LYS E 59 32.70 50.59 3.02
CA LYS E 59 31.32 50.58 2.52
C LYS E 59 31.16 49.81 1.23
N GLU E 60 32.09 50.01 0.29
CA GLU E 60 31.93 49.48 -1.06
C GLU E 60 32.07 47.97 -1.14
N TRP E 61 32.49 47.31 -0.07
CA TRP E 61 32.69 45.86 -0.08
C TRP E 61 31.70 45.14 0.84
N TYR E 62 30.54 45.75 1.07
CA TYR E 62 29.46 45.08 1.79
C TYR E 62 29.09 43.79 1.09
N GLY E 63 28.85 42.74 1.87
CA GLY E 63 28.64 41.41 1.33
C GLY E 63 29.91 40.63 1.07
N TYR E 64 31.07 41.22 1.32
CA TYR E 64 32.36 40.55 1.21
C TYR E 64 33.05 40.56 2.57
N SER E 65 34.22 39.94 2.62
CA SER E 65 35.12 40.05 3.75
C SER E 65 36.23 41.04 3.43
N GLU E 66 36.97 41.42 4.46
CA GLU E 66 38.19 42.18 4.24
C GLU E 66 39.26 41.27 3.64
N VAL E 67 40.26 41.90 3.01
CA VAL E 67 41.34 41.15 2.38
C VAL E 67 42.06 40.29 3.42
N ILE E 68 42.42 39.08 3.01
CA ILE E 68 43.05 38.10 3.89
C ILE E 68 44.37 37.66 3.27
N HIS E 69 45.45 37.75 4.05
CA HIS E 69 46.77 37.33 3.63
C HIS E 69 47.22 36.13 4.45
N HIS E 70 48.21 35.41 3.92
CA HIS E 70 48.61 34.13 4.51
C HIS E 70 49.10 34.30 5.94
N ALA E 71 49.85 35.37 6.22
CA ALA E 71 50.45 35.58 7.54
C ALA E 71 49.53 36.32 8.51
N ASP E 72 48.33 36.72 8.08
CA ASP E 72 47.39 37.36 8.99
C ASP E 72 47.05 36.41 10.13
N GLY E 73 46.92 36.98 11.34
CA GLY E 73 46.79 36.18 12.54
C GLY E 73 48.11 35.79 13.16
N TYR E 74 49.21 35.83 12.39
CA TYR E 74 50.55 35.61 12.90
C TYR E 74 51.40 36.89 12.83
N ASP E 75 51.38 37.57 11.69
CA ASP E 75 52.06 38.85 11.55
C ASP E 75 51.29 39.99 12.20
N ASN E 76 50.01 39.79 12.48
CA ASN E 76 49.16 40.84 13.00
C ASN E 76 47.97 40.18 13.72
N ASN E 77 47.03 41.01 14.16
CA ASN E 77 45.81 40.54 14.79
C ASN E 77 44.73 40.41 13.73
N LEU E 78 44.17 39.20 13.60
CA LEU E 78 43.11 38.98 12.63
C LEU E 78 41.87 39.79 13.00
N LEU E 79 41.31 40.48 12.02
CA LEU E 79 40.17 41.35 12.24
C LEU E 79 38.86 40.58 12.12
N SER E 80 37.82 41.10 12.77
CA SER E 80 36.49 40.49 12.63
C SER E 80 35.96 40.63 11.22
N VAL E 81 36.31 41.72 10.53
CA VAL E 81 35.91 41.91 9.14
C VAL E 81 36.59 40.93 8.19
N GLN E 82 37.64 40.24 8.65
CA GLN E 82 38.32 39.21 7.88
C GLN E 82 37.75 37.82 8.12
N MET E 83 36.70 37.69 8.93
CA MET E 83 36.18 36.39 9.32
C MET E 83 34.68 36.33 9.01
N PRO E 84 34.27 35.55 8.00
CA PRO E 84 32.84 35.40 7.74
C PRO E 84 32.12 34.82 8.95
N GLN E 85 30.93 35.33 9.21
CA GLN E 85 30.16 34.98 10.39
C GLN E 85 28.79 34.44 9.98
N TYR E 86 28.09 33.86 10.96
CA TYR E 86 26.74 33.37 10.76
C TYR E 86 25.76 34.51 10.78
N SER E 87 24.73 34.43 9.95
CA SER E 87 23.59 35.33 10.10
C SER E 87 22.55 34.68 10.97
N CYS E 88 21.73 35.51 11.63
CA CYS E 88 20.62 34.95 12.39
C CYS E 88 19.63 36.07 12.66
N ALA E 89 18.44 35.65 13.12
CA ALA E 89 17.34 36.57 13.37
C ALA E 89 16.26 35.82 14.12
N ARG E 90 15.61 36.52 15.04
CA ARG E 90 14.46 36.00 15.76
C ARG E 90 13.22 36.71 15.26
N VAL E 91 12.21 35.94 14.87
CA VAL E 91 10.96 36.47 14.32
C VAL E 91 9.88 36.32 15.39
N GLN E 92 9.30 37.43 15.81
CA GLN E 92 8.25 37.40 16.82
C GLN E 92 6.96 36.86 16.20
N LEU E 93 6.40 35.83 16.83
CA LEU E 93 5.15 35.21 16.40
C LEU E 93 4.00 35.69 17.28
N PRO E 94 2.76 35.51 16.82
CA PRO E 94 1.62 35.92 17.66
C PRO E 94 1.63 35.22 19.01
N MET E 95 1.45 36.00 20.06
CA MET E 95 1.42 35.45 21.41
C MET E 95 0.25 34.49 21.57
N LEU E 96 0.48 33.39 22.29
CA LEU E 96 -0.49 32.31 22.37
C LEU E 96 -1.04 32.06 23.76
N ASN E 97 -0.29 32.38 24.82
CA ASN E 97 -0.69 32.03 26.18
C ASN E 97 -0.72 33.27 27.05
N THR E 98 -1.82 33.47 27.77
CA THR E 98 -1.94 34.56 28.72
C THR E 98 -1.33 34.23 30.08
N ASP E 99 -0.95 32.97 30.32
CA ASP E 99 -0.39 32.56 31.60
C ASP E 99 0.59 31.43 31.33
N MET E 100 1.88 31.69 31.49
CA MET E 100 2.91 30.68 31.28
C MET E 100 3.02 29.69 32.43
N THR E 101 2.12 29.76 33.41
CA THR E 101 2.15 28.86 34.56
C THR E 101 1.15 27.71 34.43
N CYS E 102 0.22 27.78 33.48
CA CYS E 102 -0.74 26.69 33.30
C CYS E 102 -0.03 25.41 32.87
N GLU E 103 -0.62 24.28 33.27
CA GLU E 103 -0.01 22.99 32.97
C GLU E 103 -0.06 22.66 31.48
N THR E 104 -1.03 23.23 30.76
CA THR E 104 -1.19 23.00 29.33
C THR E 104 -1.06 24.34 28.61
N LEU E 105 -0.11 24.42 27.68
CA LEU E 105 0.20 25.66 26.99
C LEU E 105 0.29 25.42 25.49
N MET E 106 0.08 26.49 24.73
CA MET E 106 0.14 26.45 23.28
C MET E 106 1.49 26.96 22.79
N MET E 107 2.01 26.31 21.75
CA MET E 107 3.30 26.69 21.17
C MET E 107 3.24 26.59 19.65
N TRP E 108 3.96 27.49 18.99
CA TRP E 108 4.08 27.43 17.54
C TRP E 108 5.07 26.33 17.16
N GLU E 109 4.70 25.52 16.18
CA GLU E 109 5.51 24.39 15.73
C GLU E 109 5.84 24.56 14.26
N ALA E 110 7.13 24.70 13.96
CA ALA E 110 7.58 24.83 12.57
C ALA E 110 7.57 23.45 11.92
N VAL E 111 6.78 23.30 10.85
CA VAL E 111 6.57 21.99 10.25
C VAL E 111 7.41 21.83 8.99
N SER E 112 7.61 22.92 8.25
CA SER E 112 8.38 22.85 7.01
C SER E 112 8.90 24.24 6.68
N CYS E 113 9.88 24.28 5.79
CA CYS E 113 10.51 25.53 5.39
C CYS E 113 10.86 25.51 3.91
N LYS E 114 10.89 26.71 3.33
CA LYS E 114 11.43 26.95 1.99
C LYS E 114 12.54 27.97 2.12
N THR E 115 13.74 27.61 1.70
CA THR E 115 14.89 28.50 1.78
C THR E 115 15.60 28.52 0.43
N GLU E 116 16.18 29.67 0.11
CA GLU E 116 16.83 29.85 -1.19
C GLU E 116 17.89 30.93 -1.07
N VAL E 117 19.00 30.74 -1.80
CA VAL E 117 20.06 31.73 -1.92
C VAL E 117 19.81 32.52 -3.20
N VAL E 118 19.73 33.84 -3.07
CA VAL E 118 19.39 34.71 -4.18
C VAL E 118 20.67 35.31 -4.76
N GLY E 119 20.59 35.74 -6.01
CA GLY E 119 21.72 36.39 -6.66
C GLY E 119 22.76 35.45 -7.22
N ILE E 120 22.43 34.18 -7.40
CA ILE E 120 23.40 33.19 -7.87
C ILE E 120 23.91 33.53 -9.26
N GLY E 121 23.05 34.15 -10.09
CA GLY E 121 23.47 34.51 -11.43
C GLY E 121 24.62 35.50 -11.47
N SER E 122 24.75 36.32 -10.43
CA SER E 122 25.83 37.29 -10.38
C SER E 122 27.20 36.65 -10.31
N LEU E 123 27.28 35.37 -9.93
CA LEU E 123 28.56 34.69 -9.84
C LEU E 123 29.17 34.35 -11.21
N ILE E 124 28.50 34.70 -12.31
CA ILE E 124 29.09 34.52 -13.63
C ILE E 124 30.03 35.65 -14.02
N SER E 125 30.11 36.70 -13.21
CA SER E 125 30.85 37.89 -13.58
C SER E 125 32.33 37.58 -13.78
N VAL E 126 32.89 38.08 -14.90
CA VAL E 126 34.31 37.97 -15.17
C VAL E 126 34.87 39.38 -15.36
N HIS E 127 34.22 40.36 -14.76
CA HIS E 127 34.67 41.74 -14.71
C HIS E 127 34.58 42.26 -13.28
N LEU E 128 35.10 41.48 -12.34
CA LEU E 128 35.03 41.83 -10.94
C LEU E 128 36.04 42.94 -10.62
N LEU E 129 35.59 43.94 -9.86
CA LEU E 129 36.44 45.08 -9.55
C LEU E 129 37.67 44.64 -8.76
N GLU E 130 38.84 45.10 -9.22
CA GLU E 130 40.14 44.85 -8.61
C GLU E 130 40.57 43.39 -8.67
N ALA E 131 39.88 42.56 -9.46
CA ALA E 131 40.13 41.14 -9.45
C ALA E 131 41.27 40.76 -10.39
N LYS E 132 41.91 39.64 -10.08
CA LYS E 132 43.00 39.14 -10.90
C LYS E 132 42.49 38.70 -12.27
N MET E 133 43.26 39.04 -13.31
CA MET E 133 42.96 38.61 -14.67
C MET E 133 43.53 37.21 -14.90
N GLU E 134 42.69 36.32 -15.42
CA GLU E 134 43.09 34.95 -15.75
C GLU E 134 43.40 34.88 -17.24
N ALA E 135 44.61 35.32 -17.59
CA ALA E 135 45.14 35.24 -18.94
C ALA E 135 46.64 35.49 -18.84
N GLY E 136 47.32 35.36 -19.98
CA GLY E 136 48.75 35.62 -20.03
C GLY E 136 49.06 37.05 -19.65
N PRO E 137 50.34 37.31 -19.36
CA PRO E 137 50.71 38.67 -18.91
C PRO E 137 50.46 39.76 -19.93
N ASN E 138 50.58 39.45 -21.22
CA ASN E 138 50.39 40.43 -22.28
C ASN E 138 48.95 40.46 -22.81
N SER E 139 48.04 39.70 -22.21
CA SER E 139 46.69 39.57 -22.72
C SER E 139 45.75 40.56 -22.04
N ASP E 140 44.49 40.56 -22.48
CA ASP E 140 43.43 41.38 -21.90
C ASP E 140 42.22 40.48 -21.64
N GLY E 141 42.44 39.44 -20.85
CA GLY E 141 41.44 38.42 -20.62
C GLY E 141 40.45 38.79 -19.54
N PRO E 142 39.61 37.84 -19.16
CA PRO E 142 38.60 38.09 -18.13
C PRO E 142 39.20 38.03 -16.74
N SER E 143 38.42 38.49 -15.77
CA SER E 143 38.81 38.39 -14.37
C SER E 143 38.56 36.97 -13.87
N ARG E 144 39.16 36.66 -12.72
CA ARG E 144 38.81 35.43 -12.01
C ARG E 144 37.38 35.54 -11.48
N PRO E 145 36.51 34.60 -11.77
CA PRO E 145 35.17 34.63 -11.19
C PRO E 145 35.21 34.22 -9.73
N ILE E 146 34.09 34.43 -9.04
CA ILE E 146 33.95 33.94 -7.68
C ILE E 146 34.04 32.43 -7.70
N GLU E 147 34.98 31.88 -6.93
CA GLU E 147 35.19 30.44 -6.89
C GLU E 147 35.90 30.10 -5.59
N GLY E 148 35.99 28.81 -5.30
CA GLY E 148 36.67 28.35 -4.11
C GLY E 148 35.74 27.82 -3.04
N MET E 149 36.04 28.14 -1.79
CA MET E 149 35.29 27.62 -0.65
C MET E 149 33.81 27.94 -0.78
N ASN E 150 32.98 26.91 -0.63
CA ASN E 150 31.54 27.08 -0.48
C ASN E 150 31.13 26.46 0.84
N TYR E 151 30.55 27.28 1.71
CA TYR E 151 30.08 26.86 3.02
C TYR E 151 28.63 27.33 3.15
N HIS E 152 27.69 26.40 3.04
CA HIS E 152 26.27 26.72 3.01
C HIS E 152 25.56 25.97 4.13
N MET E 153 24.84 26.71 4.97
CA MET E 153 24.12 26.13 6.08
C MET E 153 22.91 27.01 6.38
N PHE E 154 21.78 26.37 6.68
CA PHE E 154 20.61 27.06 7.18
C PHE E 154 20.03 26.26 8.35
N ALA E 155 19.36 26.97 9.26
CA ALA E 155 18.83 26.35 10.45
C ALA E 155 17.51 27.01 10.83
N VAL E 156 16.57 26.20 11.31
CA VAL E 156 15.30 26.66 11.85
C VAL E 156 15.09 25.99 13.20
N GLY E 157 14.69 26.77 14.20
CA GLY E 157 14.48 26.24 15.53
C GLY E 157 13.60 27.13 16.37
N GLY E 158 13.16 26.58 17.50
CA GLY E 158 12.38 27.29 18.48
C GLY E 158 13.20 28.00 19.54
N GLU E 159 14.51 28.06 19.35
CA GLU E 159 15.40 28.76 20.27
C GLU E 159 16.73 28.96 19.55
N PRO E 160 17.61 29.79 20.10
CA PRO E 160 18.90 30.04 19.43
C PRO E 160 19.65 28.74 19.13
N LEU E 161 20.34 28.74 17.99
CA LEU E 161 21.13 27.58 17.60
C LEU E 161 22.33 27.44 18.53
N ASP E 162 22.60 26.19 18.93
CA ASP E 162 23.72 25.90 19.80
C ASP E 162 24.98 25.70 18.96
N LEU E 163 26.09 26.30 19.41
CA LEU E 163 27.35 26.27 18.68
C LEU E 163 28.43 25.60 19.50
N GLN E 164 29.37 24.96 18.79
CA GLN E 164 30.55 24.37 19.38
C GLN E 164 31.79 25.03 18.80
N GLY E 165 32.75 25.34 19.66
CA GLY E 165 33.92 26.08 19.25
C GLY E 165 35.10 25.19 18.86
N ILE E 166 35.96 25.75 17.99
CA ILE E 166 37.16 25.06 17.54
C ILE E 166 38.13 26.09 16.98
N GLU E 167 39.40 25.71 16.80
CA GLU E 167 40.39 26.55 16.16
C GLU E 167 41.24 25.69 15.24
N SER E 168 41.47 26.18 14.02
CA SER E 168 42.41 25.51 13.14
C SER E 168 43.85 25.74 13.57
N ASN E 169 44.13 26.92 14.13
CA ASN E 169 45.41 27.22 14.75
C ASN E 169 45.12 27.77 16.14
N GLY E 170 45.54 27.03 17.17
CA GLY E 170 45.20 27.42 18.54
C GLY E 170 45.74 28.76 18.95
N GLN E 171 46.87 29.18 18.37
CA GLN E 171 47.54 30.41 18.76
C GLN E 171 47.28 31.56 17.79
N THR E 172 46.15 31.53 17.08
CA THR E 172 45.79 32.63 16.21
C THR E 172 45.53 33.89 17.04
N LYS E 173 46.09 35.01 16.58
CA LYS E 173 45.93 36.28 17.28
C LYS E 173 44.73 37.02 16.70
N TYR E 174 43.82 37.45 17.57
CA TYR E 174 42.59 38.11 17.16
C TYR E 174 42.57 39.53 17.72
N ALA E 175 42.15 40.48 16.88
CA ALA E 175 42.02 41.86 17.32
C ALA E 175 40.94 41.99 18.37
N THR E 176 41.03 43.04 19.18
CA THR E 176 40.09 43.30 20.26
C THR E 176 39.55 44.72 20.16
N ALA E 177 38.24 44.84 20.37
CA ALA E 177 37.58 46.14 20.43
C ALA E 177 36.51 46.08 21.52
N ILE E 178 36.16 47.26 22.04
CA ILE E 178 35.10 47.39 23.03
C ILE E 178 34.08 48.40 22.52
N PRO E 179 32.83 48.00 22.24
CA PRO E 179 32.34 46.62 22.42
C PRO E 179 32.92 45.64 21.41
N ALA E 180 32.92 44.35 21.76
CA ALA E 180 33.51 43.34 20.91
C ALA E 180 32.75 43.24 19.60
N LYS E 181 33.50 43.15 18.49
CA LYS E 181 32.90 42.99 17.17
C LYS E 181 32.58 41.54 16.85
N SER E 182 33.24 40.59 17.52
CA SER E 182 32.94 39.18 17.38
C SER E 182 33.38 38.48 18.67
N ILE E 183 33.13 37.17 18.73
CA ILE E 183 33.48 36.38 19.90
C ILE E 183 34.13 35.08 19.42
N HIS E 184 35.07 34.59 20.21
CA HIS E 184 35.91 33.45 19.85
C HIS E 184 35.80 32.37 20.91
N PRO E 185 36.09 31.11 20.56
CA PRO E 185 35.93 30.01 21.53
C PRO E 185 36.63 30.23 22.86
N ASN E 186 37.87 30.73 22.86
CA ASN E 186 38.58 30.92 24.11
C ASN E 186 38.09 32.11 24.92
N ASP E 187 37.27 32.99 24.32
CA ASP E 187 36.62 34.04 25.11
C ASP E 187 35.64 33.45 26.11
N ILE E 188 35.19 32.21 25.88
CA ILE E 188 34.27 31.53 26.78
C ILE E 188 34.97 30.41 27.54
N ALA E 189 35.82 29.62 26.86
CA ALA E 189 36.55 28.57 27.55
C ALA E 189 37.59 29.15 28.49
N LYS E 190 38.22 30.26 28.09
CA LYS E 190 39.18 30.98 28.92
C LYS E 190 40.35 30.10 29.34
N LEU E 191 40.89 29.34 28.39
CA LEU E 191 42.08 28.56 28.64
C LEU E 191 43.30 29.48 28.68
N PRO E 192 44.31 29.14 29.48
CA PRO E 192 45.58 29.88 29.41
C PRO E 192 46.23 29.70 28.04
N GLU E 193 47.14 30.63 27.72
CA GLU E 193 47.70 30.68 26.38
C GLU E 193 48.41 29.38 26.01
N GLU E 194 49.19 28.81 26.95
CA GLU E 194 49.96 27.62 26.65
C GLU E 194 49.11 26.37 26.49
N ASP E 195 47.81 26.45 26.76
CA ASP E 195 46.91 25.31 26.63
C ASP E 195 45.89 25.50 25.50
N LYS E 196 46.03 26.56 24.71
CA LYS E 196 45.06 26.84 23.65
C LYS E 196 45.12 25.83 22.51
N ALA E 197 46.17 25.00 22.44
CA ALA E 197 46.20 23.94 21.45
C ALA E 197 45.06 22.94 21.66
N GLN E 198 44.44 22.94 22.84
CA GLN E 198 43.28 22.07 23.07
C GLN E 198 42.13 22.44 22.15
N LEU E 199 42.01 23.71 21.77
CA LEU E 199 40.92 24.16 20.91
C LEU E 199 41.04 23.62 19.49
N GLN E 200 42.17 23.02 19.13
CA GLN E 200 42.28 22.33 17.86
C GLN E 200 41.58 20.97 17.87
N GLY E 201 41.06 20.56 19.02
CA GLY E 201 40.21 19.39 19.12
C GLY E 201 38.82 19.74 19.61
N LEU E 202 38.33 19.01 20.62
CA LEU E 202 37.01 19.23 21.19
C LEU E 202 37.19 19.73 22.63
N VAL E 203 36.89 21.01 22.84
CA VAL E 203 36.89 21.62 24.18
C VAL E 203 35.46 21.79 24.62
N PRO E 204 34.96 20.99 25.57
CA PRO E 204 33.53 21.06 25.92
C PRO E 204 33.09 22.41 26.44
N LYS E 205 33.99 23.21 27.00
CA LYS E 205 33.64 24.53 27.51
C LYS E 205 33.43 25.55 26.41
N ALA E 206 33.87 25.26 25.18
CA ALA E 206 33.75 26.21 24.08
C ALA E 206 32.40 26.05 23.40
N LYS E 207 31.35 26.45 24.13
CA LYS E 207 29.99 26.39 23.66
C LYS E 207 29.34 27.76 23.78
N ALA E 208 28.43 28.04 22.85
CA ALA E 208 27.72 29.32 22.85
C ALA E 208 26.42 29.16 22.09
N LYS E 209 25.56 30.17 22.21
CA LYS E 209 24.32 30.25 21.46
C LYS E 209 24.44 31.28 20.36
N LEU E 210 23.90 30.97 19.18
CA LEU E 210 23.86 31.92 18.08
C LEU E 210 22.79 32.96 18.39
N ASP E 211 23.13 33.88 19.28
CA ASP E 211 22.19 34.89 19.77
C ASP E 211 22.47 36.27 19.23
N LYS E 212 23.42 36.43 18.31
CA LYS E 212 23.77 37.74 17.79
C LYS E 212 24.19 37.62 16.33
N ASP E 213 23.62 38.49 15.49
CA ASP E 213 23.90 38.44 14.06
C ASP E 213 25.26 39.05 13.75
N GLY E 214 25.98 38.45 12.80
CA GLY E 214 27.28 38.93 12.43
C GLY E 214 28.23 39.00 13.60
N PHE E 215 28.29 37.93 14.39
CA PHE E 215 29.07 37.89 15.63
C PHE E 215 29.88 36.61 15.83
N TYR E 216 29.44 35.46 15.32
CA TYR E 216 30.13 34.20 15.53
C TYR E 216 30.79 33.73 14.25
N PRO E 217 32.12 33.71 14.16
CA PRO E 217 32.77 33.39 12.89
C PRO E 217 32.59 31.93 12.49
N VAL E 218 32.50 31.70 11.18
CA VAL E 218 32.31 30.35 10.66
C VAL E 218 33.52 29.48 10.95
N GLU E 219 34.72 30.05 10.81
CA GLU E 219 35.95 29.28 11.00
C GLU E 219 36.21 28.90 12.45
N GLU E 220 35.37 29.36 13.39
CA GLU E 220 35.53 29.03 14.80
C GLU E 220 34.34 28.32 15.40
N TRP E 221 33.15 28.44 14.82
CA TRP E 221 31.93 27.91 15.41
C TRP E 221 31.21 27.00 14.42
N SER E 222 30.76 25.86 14.91
CA SER E 222 29.93 24.93 14.16
C SER E 222 28.65 24.68 14.94
N PRO E 223 27.58 24.23 14.28
CA PRO E 223 26.41 23.76 15.02
C PRO E 223 26.79 22.62 15.95
N ASP E 224 26.26 22.66 17.17
CA ASP E 224 26.61 21.68 18.18
C ASP E 224 25.68 20.48 18.07
N PRO E 225 26.15 19.32 17.58
CA PRO E 225 25.27 18.15 17.46
C PRO E 225 24.94 17.51 18.79
N SER E 226 25.70 17.81 19.86
CA SER E 226 25.38 17.30 21.18
C SER E 226 24.20 18.04 21.81
N ARG E 227 23.72 19.11 21.20
CA ARG E 227 22.54 19.82 21.67
C ARG E 227 21.57 20.02 20.51
N ASN E 228 21.01 21.22 20.38
CA ASN E 228 20.16 21.59 19.26
C ASN E 228 18.98 20.63 19.11
N GLU E 229 18.49 20.11 20.23
CA GLU E 229 17.34 19.19 20.17
C GLU E 229 16.11 19.88 19.62
N ASN E 230 15.97 21.18 19.85
CA ASN E 230 14.84 21.96 19.36
C ASN E 230 15.17 22.74 18.09
N SER E 231 16.15 22.28 17.32
CA SER E 231 16.52 22.94 16.08
C SER E 231 16.80 21.90 15.00
N ARG E 232 16.73 22.35 13.75
CA ARG E 232 17.12 21.57 12.60
C ARG E 232 18.09 22.40 11.77
N TYR E 233 19.26 21.85 11.47
CA TYR E 233 20.23 22.54 10.64
C TYR E 233 20.73 21.60 9.56
N TYR E 234 21.07 22.20 8.41
CA TYR E 234 21.50 21.45 7.23
C TYR E 234 22.66 22.21 6.60
N GLY E 235 23.80 21.52 6.44
CA GLY E 235 25.01 22.18 5.98
C GLY E 235 25.80 21.32 5.02
N SER E 236 26.65 21.98 4.25
CA SER E 236 27.55 21.33 3.30
C SER E 236 28.75 22.22 3.08
N PHE E 237 29.87 21.61 2.72
CA PHE E 237 31.13 22.35 2.56
C PHE E 237 31.96 21.73 1.44
N VAL E 238 32.43 22.58 0.53
CA VAL E 238 33.40 22.19 -0.49
C VAL E 238 34.56 23.18 -0.40
N GLY E 239 35.76 22.66 -0.15
CA GLY E 239 36.92 23.47 0.13
C GLY E 239 37.72 23.81 -1.11
N GLY E 240 38.97 24.21 -0.86
CA GLY E 240 39.85 24.63 -1.94
C GLY E 240 39.65 26.08 -2.32
N LEU E 241 40.59 26.59 -3.12
CA LEU E 241 40.56 27.98 -3.55
C LEU E 241 40.04 28.16 -4.97
N GLN E 242 40.08 27.12 -5.80
CA GLN E 242 39.69 27.23 -7.21
C GLN E 242 38.54 26.29 -7.58
N THR E 243 37.89 25.69 -6.59
CA THR E 243 36.80 24.77 -6.89
C THR E 243 35.62 25.52 -7.50
N PRO E 244 35.02 24.98 -8.57
CA PRO E 244 33.83 25.62 -9.14
C PRO E 244 32.68 25.64 -8.16
N PRO E 245 32.08 26.80 -7.92
CA PRO E 245 30.90 26.85 -7.05
C PRO E 245 29.73 26.10 -7.68
N ASN E 246 29.06 25.28 -6.86
CA ASN E 246 27.96 24.45 -7.32
C ASN E 246 26.74 24.78 -6.47
N LEU E 247 25.78 25.51 -7.05
CA LEU E 247 24.61 25.97 -6.33
C LEU E 247 23.36 25.72 -7.15
N GLN E 248 22.23 25.57 -6.44
CA GLN E 248 20.93 25.36 -7.07
C GLN E 248 19.94 26.37 -6.50
N PHE E 249 18.84 26.56 -7.23
CA PHE E 249 17.77 27.44 -6.77
C PHE E 249 16.47 27.02 -7.42
N THR E 250 15.41 26.93 -6.62
CA THR E 250 14.09 26.51 -7.06
C THR E 250 13.10 26.85 -5.98
N ASN E 251 11.83 26.98 -6.37
CA ASN E 251 10.75 27.26 -5.42
C ASN E 251 9.77 26.10 -5.30
N ALA E 252 10.11 24.93 -5.83
CA ALA E 252 9.24 23.76 -5.80
C ALA E 252 9.67 22.73 -4.77
N VAL E 253 10.63 23.05 -3.92
CA VAL E 253 11.18 22.12 -2.95
C VAL E 253 11.00 22.70 -1.55
N SER E 254 10.59 21.85 -0.61
CA SER E 254 10.48 22.22 0.79
C SER E 254 11.28 21.25 1.64
N THR E 255 11.61 21.68 2.85
CA THR E 255 12.29 20.86 3.83
C THR E 255 11.36 20.61 5.01
N VAL E 256 10.96 19.36 5.21
CA VAL E 256 10.11 19.03 6.33
C VAL E 256 10.93 19.10 7.61
N LEU E 257 10.39 19.80 8.62
CA LEU E 257 11.11 20.06 9.85
C LEU E 257 10.74 19.11 10.98
N LEU E 258 9.79 18.21 10.77
CA LEU E 258 9.39 17.28 11.82
C LEU E 258 10.48 16.24 12.07
N ASP E 259 10.56 15.77 13.31
CA ASP E 259 11.50 14.73 13.66
C ASP E 259 10.86 13.36 13.42
N GLU E 260 11.49 12.29 13.92
CA GLU E 260 10.98 10.95 13.70
C GLU E 260 9.64 10.70 14.40
N ASN E 261 9.32 11.48 15.43
CA ASN E 261 8.05 11.37 16.12
C ASN E 261 7.01 12.33 15.57
N GLY E 262 7.30 13.01 14.46
CA GLY E 262 6.36 13.94 13.87
C GLY E 262 6.26 15.28 14.57
N VAL E 263 7.28 15.67 15.32
CA VAL E 263 7.29 16.93 16.05
C VAL E 263 8.37 17.83 15.46
N GLY E 264 8.01 19.08 15.16
CA GLY E 264 8.96 20.05 14.69
C GLY E 264 9.46 20.91 15.82
N PRO E 265 10.33 21.88 15.50
CA PRO E 265 10.81 22.81 16.53
C PRO E 265 9.66 23.59 17.15
N LEU E 266 9.64 23.64 18.48
CA LEU E 266 8.62 24.36 19.23
C LEU E 266 9.18 25.71 19.65
N CYS E 267 8.50 26.78 19.27
CA CYS E 267 9.01 28.15 19.42
C CYS E 267 8.78 28.63 20.84
N LYS E 268 9.84 28.60 21.66
CA LYS E 268 9.75 29.10 23.02
C LYS E 268 9.68 30.62 23.01
N GLY E 269 8.90 31.18 23.93
CA GLY E 269 8.68 32.62 23.95
C GLY E 269 7.98 33.14 22.72
N ASP E 270 7.30 32.26 21.97
CA ASP E 270 6.65 32.62 20.71
C ASP E 270 7.64 33.24 19.73
N GLY E 271 8.89 32.80 19.75
CA GLY E 271 9.89 33.31 18.82
C GLY E 271 10.45 32.24 17.91
N LEU E 272 10.52 32.54 16.61
CA LEU E 272 11.10 31.64 15.63
C LEU E 272 12.51 32.12 15.29
N PHE E 273 13.47 31.20 15.34
CA PHE E 273 14.88 31.52 15.13
C PHE E 273 15.35 30.89 13.83
N VAL E 274 15.88 31.69 12.94
CA VAL E 274 16.48 31.21 11.70
C VAL E 274 17.93 31.68 11.65
N SER E 275 18.78 30.85 11.08
CA SER E 275 20.21 31.15 11.00
C SER E 275 20.72 30.66 9.66
N CYS E 276 21.83 31.26 9.21
CA CYS E 276 22.42 30.80 7.96
C CYS E 276 23.88 31.26 7.86
N ALA E 277 24.52 30.81 6.79
CA ALA E 277 25.86 31.20 6.40
C ALA E 277 26.07 30.65 5.00
N ASP E 278 26.44 31.53 4.07
CA ASP E 278 26.50 31.15 2.65
C ASP E 278 27.73 31.77 2.01
N ILE E 279 28.90 31.20 2.30
CA ILE E 279 30.10 31.53 1.55
C ILE E 279 30.02 30.87 0.18
N CYS E 280 30.17 31.67 -0.88
CA CYS E 280 30.00 31.19 -2.25
C CYS E 280 31.31 31.12 -3.02
N GLY E 281 32.42 31.50 -2.42
CA GLY E 281 33.70 31.51 -3.08
C GLY E 281 34.51 32.71 -2.65
N VAL E 282 35.62 32.94 -3.35
CA VAL E 282 36.51 34.04 -3.02
C VAL E 282 36.80 34.87 -4.27
N LEU E 283 37.08 36.15 -4.05
CA LEU E 283 37.60 37.04 -5.06
C LEU E 283 39.11 37.19 -4.84
N VAL E 284 39.87 37.16 -5.93
CA VAL E 284 41.33 37.27 -5.88
C VAL E 284 41.73 38.63 -6.41
N LYS E 285 42.46 39.39 -5.61
CA LYS E 285 42.88 40.72 -6.00
C LYS E 285 44.07 40.65 -6.96
N ALA E 286 44.11 41.58 -7.91
CA ALA E 286 45.15 41.52 -8.93
C ALA E 286 46.51 41.95 -8.39
N ASP E 287 46.54 42.91 -7.46
CA ASP E 287 47.81 43.51 -7.07
C ASP E 287 48.64 42.59 -6.18
N ASN E 288 48.04 41.95 -5.18
CA ASN E 288 48.78 41.09 -4.28
C ASN E 288 48.28 39.66 -4.24
N GLU E 289 47.25 39.31 -5.01
CA GLU E 289 46.68 37.97 -5.11
C GLU E 289 46.06 37.48 -3.80
N ALA E 290 45.75 38.40 -2.88
CA ALA E 290 45.02 38.03 -1.68
C ALA E 290 43.52 37.96 -1.98
N ILE E 291 42.75 37.46 -1.01
CA ILE E 291 41.37 37.06 -1.29
C ILE E 291 40.39 37.78 -0.38
N ARG E 292 39.15 37.87 -0.87
CA ARG E 292 37.98 38.23 -0.09
C ARG E 292 36.93 37.14 -0.25
N TYR E 293 36.30 36.76 0.86
CA TYR E 293 35.13 35.87 0.76
C TYR E 293 33.93 36.65 0.23
N ARG E 294 33.02 35.94 -0.44
CA ARG E 294 31.82 36.53 -0.98
C ARG E 294 30.61 35.72 -0.53
N GLY E 295 29.58 36.41 -0.05
CA GLY E 295 28.35 35.78 0.38
C GLY E 295 27.15 36.33 -0.37
N LEU E 296 26.03 35.64 -0.23
CA LEU E 296 24.79 36.00 -0.89
C LEU E 296 23.63 35.93 0.10
N PRO E 297 22.60 36.75 -0.09
CA PRO E 297 21.46 36.73 0.83
C PRO E 297 20.68 35.43 0.72
N ARG E 298 20.01 35.08 1.81
CA ARG E 298 19.21 33.86 1.88
C ARG E 298 17.79 34.21 2.31
N TYR E 299 16.82 33.62 1.63
CA TYR E 299 15.41 33.82 1.91
C TYR E 299 14.86 32.64 2.69
N PHE E 300 13.88 32.92 3.56
CA PHE E 300 13.22 31.90 4.36
C PHE E 300 11.71 32.03 4.25
N LYS E 301 11.03 30.91 4.13
CA LYS E 301 9.58 30.84 4.28
C LYS E 301 9.27 29.63 5.15
N VAL E 302 8.77 29.88 6.36
CA VAL E 302 8.54 28.83 7.35
C VAL E 302 7.04 28.72 7.60
N THR E 303 6.52 27.49 7.58
CA THR E 303 5.13 27.22 7.87
C THR E 303 5.02 26.67 9.29
N LEU E 304 4.08 27.20 10.06
CA LEU E 304 3.90 26.82 11.46
C LEU E 304 2.46 26.45 11.74
N ARG E 305 2.28 25.66 12.80
CA ARG E 305 0.96 25.29 13.29
C ARG E 305 0.98 25.35 14.80
N LYS E 306 -0.22 25.31 15.40
CA LYS E 306 -0.36 25.40 16.85
C LYS E 306 -0.33 24.01 17.45
N ARG E 307 0.44 23.85 18.53
CA ARG E 307 0.58 22.57 19.21
C ARG E 307 0.53 22.79 20.71
N ALA E 308 -0.24 21.96 21.40
CA ALA E 308 -0.35 22.02 22.85
C ALA E 308 0.73 21.15 23.49
N VAL E 309 1.27 21.64 24.61
CA VAL E 309 2.37 20.97 25.30
C VAL E 309 2.10 21.00 26.81
N LYS E 310 2.93 20.27 27.54
CA LYS E 310 2.87 20.26 29.00
C LYS E 310 3.98 21.13 29.59
N GLU F 27 8.41 -33.32 1.98
CA GLU F 27 9.17 -32.08 1.93
C GLU F 27 8.83 -31.29 0.66
N VAL F 28 8.16 -30.16 0.83
CA VAL F 28 7.71 -29.34 -0.28
C VAL F 28 8.80 -28.36 -0.68
N LEU F 29 9.06 -28.24 -1.98
CA LEU F 29 10.03 -27.32 -2.54
C LEU F 29 9.29 -26.23 -3.32
N ASN F 30 9.95 -25.66 -4.32
CA ASN F 30 9.38 -24.53 -5.05
C ASN F 30 8.52 -25.01 -6.23
N ILE F 31 7.81 -24.06 -6.83
CA ILE F 31 6.94 -24.34 -7.97
C ILE F 31 7.78 -24.42 -9.24
N ILE F 32 7.30 -25.19 -10.21
CA ILE F 32 7.89 -25.28 -11.54
C ILE F 32 7.01 -24.50 -12.50
N THR F 33 7.55 -23.42 -13.05
CA THR F 33 6.79 -22.58 -13.98
C THR F 33 7.24 -22.80 -15.41
N ASP F 36 3.59 -26.18 -20.07
CA ASP F 36 2.58 -27.15 -19.69
C ASP F 36 2.63 -27.45 -18.19
N ALA F 37 2.73 -26.39 -17.39
CA ALA F 37 2.79 -26.52 -15.94
C ALA F 37 1.43 -26.37 -15.27
N THR F 38 0.37 -26.15 -16.04
CA THR F 38 -0.97 -25.96 -15.50
C THR F 38 -1.93 -26.96 -16.15
N THR F 39 -2.96 -27.36 -15.40
CA THR F 39 -4.00 -28.20 -15.96
C THR F 39 -5.29 -27.96 -15.19
N GLU F 40 -6.41 -28.15 -15.88
CA GLU F 40 -7.74 -28.00 -15.31
C GLU F 40 -8.46 -29.34 -15.31
N ILE F 41 -9.30 -29.54 -14.29
CA ILE F 41 -10.02 -30.80 -14.10
C ILE F 41 -11.50 -30.49 -13.90
N GLU F 42 -12.36 -31.18 -14.64
CA GLU F 42 -13.80 -31.07 -14.51
C GLU F 42 -14.39 -32.43 -14.18
N LEU F 43 -15.49 -32.43 -13.43
CA LEU F 43 -16.24 -33.64 -13.18
C LEU F 43 -17.53 -33.31 -12.43
N TRP F 44 -18.48 -34.23 -12.52
CA TRP F 44 -19.74 -34.16 -11.79
C TRP F 44 -19.78 -35.27 -10.75
N LEU F 45 -20.42 -34.99 -9.61
CA LEU F 45 -20.68 -35.99 -8.58
C LEU F 45 -22.19 -36.08 -8.38
N GLU F 46 -22.77 -37.21 -8.77
CA GLU F 46 -24.21 -37.39 -8.61
C GLU F 46 -24.56 -37.70 -7.16
N PRO F 47 -25.74 -37.27 -6.69
CA PRO F 47 -26.07 -37.45 -5.27
C PRO F 47 -26.26 -38.92 -4.92
N ARG F 48 -25.85 -39.26 -3.70
CA ARG F 48 -25.96 -40.61 -3.17
C ARG F 48 -26.80 -40.57 -1.89
N MET F 49 -28.10 -40.30 -2.06
CA MET F 49 -29.01 -40.14 -0.92
C MET F 49 -29.52 -41.47 -0.38
N GLY F 50 -29.18 -42.59 -1.01
CA GLY F 50 -29.71 -43.88 -0.61
C GLY F 50 -30.11 -44.72 -1.81
N VAL F 51 -31.13 -44.26 -2.54
CA VAL F 51 -31.44 -44.81 -3.84
C VAL F 51 -30.37 -44.29 -4.80
N ASN F 52 -29.28 -45.03 -4.93
CA ASN F 52 -28.08 -44.55 -5.61
C ASN F 52 -28.01 -44.93 -7.08
N ALA F 53 -29.05 -45.56 -7.63
CA ALA F 53 -29.06 -45.92 -9.03
C ALA F 53 -30.49 -45.90 -9.55
N PRO F 54 -30.71 -45.44 -10.78
CA PRO F 54 -32.07 -45.48 -11.37
C PRO F 54 -32.40 -46.86 -11.94
N THR F 55 -32.38 -47.87 -11.08
CA THR F 55 -32.66 -49.24 -11.47
C THR F 55 -33.46 -49.91 -10.36
N GLY F 56 -33.98 -51.10 -10.68
CA GLY F 56 -34.73 -51.88 -9.71
C GLY F 56 -36.10 -51.27 -9.39
N ASP F 57 -36.72 -51.83 -8.36
CA ASP F 57 -38.04 -51.37 -7.96
C ASP F 57 -38.02 -49.95 -7.41
N ARG F 58 -36.88 -49.49 -6.90
CA ARG F 58 -36.74 -48.14 -6.38
C ARG F 58 -36.28 -47.14 -7.44
N LYS F 59 -36.42 -47.49 -8.72
CA LYS F 59 -35.77 -46.73 -9.79
C LYS F 59 -36.22 -45.27 -9.80
N GLU F 60 -37.52 -45.02 -9.63
CA GLU F 60 -38.08 -43.69 -9.79
C GLU F 60 -37.75 -42.75 -8.63
N TRP F 61 -37.02 -43.21 -7.62
CA TRP F 61 -36.61 -42.36 -6.52
C TRP F 61 -35.10 -42.15 -6.49
N TYR F 62 -34.44 -42.32 -7.63
CA TYR F 62 -33.04 -41.97 -7.75
C TYR F 62 -32.84 -40.50 -7.39
N GLY F 63 -31.79 -40.22 -6.62
CA GLY F 63 -31.59 -38.89 -6.09
C GLY F 63 -32.35 -38.61 -4.80
N TYR F 64 -33.12 -39.56 -4.31
CA TYR F 64 -33.80 -39.48 -3.02
C TYR F 64 -33.33 -40.61 -2.13
N SER F 65 -33.74 -40.54 -0.86
CA SER F 65 -33.56 -41.64 0.06
C SER F 65 -34.83 -42.48 0.11
N GLU F 66 -34.71 -43.68 0.66
CA GLU F 66 -35.89 -44.47 0.96
C GLU F 66 -36.68 -43.80 2.08
N VAL F 67 -37.98 -44.10 2.13
CA VAL F 67 -38.85 -43.55 3.15
C VAL F 67 -38.32 -43.89 4.54
N ILE F 68 -38.40 -42.92 5.45
CA ILE F 68 -37.86 -43.05 6.80
C ILE F 68 -38.97 -42.77 7.80
N HIS F 69 -39.15 -43.68 8.75
CA HIS F 69 -40.15 -43.55 9.80
C HIS F 69 -39.46 -43.37 11.15
N HIS F 70 -40.19 -42.80 12.10
CA HIS F 70 -39.60 -42.41 13.39
C HIS F 70 -39.03 -43.62 14.13
N ALA F 71 -39.71 -44.76 14.05
CA ALA F 71 -39.28 -45.96 14.76
C ALA F 71 -38.27 -46.80 13.98
N ASP F 72 -37.94 -46.40 12.76
CA ASP F 72 -36.95 -47.14 11.98
C ASP F 72 -35.61 -47.15 12.70
N GLY F 73 -34.89 -48.26 12.56
CA GLY F 73 -33.71 -48.51 13.37
C GLY F 73 -34.01 -49.04 14.75
N TYR F 74 -35.26 -48.98 15.20
CA TYR F 74 -35.69 -49.57 16.46
C TYR F 74 -36.65 -50.73 16.23
N ASP F 75 -37.80 -50.48 15.61
CA ASP F 75 -38.72 -51.54 15.24
C ASP F 75 -38.12 -52.50 14.21
N ASN F 76 -37.14 -52.04 13.45
CA ASN F 76 -36.57 -52.82 12.36
C ASN F 76 -35.11 -52.46 12.19
N ASN F 77 -34.48 -53.03 11.17
CA ASN F 77 -33.09 -52.70 10.81
C ASN F 77 -33.09 -51.53 9.83
N LEU F 78 -32.38 -50.46 10.17
CA LEU F 78 -32.25 -49.33 9.27
C LEU F 78 -31.51 -49.76 8.01
N LEU F 79 -32.07 -49.43 6.85
CA LEU F 79 -31.49 -49.80 5.57
C LEU F 79 -30.51 -48.74 5.09
N SER F 80 -29.53 -49.18 4.29
CA SER F 80 -28.59 -48.26 3.68
C SER F 80 -29.30 -47.26 2.77
N VAL F 81 -30.38 -47.67 2.11
CA VAL F 81 -31.13 -46.78 1.24
C VAL F 81 -31.86 -45.69 2.02
N GLN F 82 -31.96 -45.81 3.34
CA GLN F 82 -32.54 -44.78 4.19
C GLN F 82 -31.50 -43.84 4.76
N MET F 83 -30.25 -43.91 4.29
CA MET F 83 -29.15 -43.16 4.87
C MET F 83 -28.38 -42.44 3.77
N PRO F 84 -28.54 -41.12 3.64
CA PRO F 84 -27.75 -40.39 2.64
C PRO F 84 -26.26 -40.53 2.90
N GLN F 85 -25.50 -40.67 1.82
CA GLN F 85 -24.08 -40.97 1.91
C GLN F 85 -23.28 -39.92 1.14
N TYR F 86 -21.99 -39.85 1.46
CA TYR F 86 -21.09 -38.96 0.76
C TYR F 86 -20.82 -39.48 -0.65
N SER F 87 -20.67 -38.55 -1.58
CA SER F 87 -20.19 -38.84 -2.93
C SER F 87 -18.69 -38.58 -3.00
N CYS F 88 -18.01 -39.34 -3.86
CA CYS F 88 -16.56 -39.25 -3.96
C CYS F 88 -16.12 -39.77 -5.32
N ALA F 89 -14.90 -39.39 -5.71
CA ALA F 89 -14.31 -39.79 -6.98
C ALA F 89 -12.82 -39.47 -6.96
N ARG F 90 -12.03 -40.36 -7.54
CA ARG F 90 -10.60 -40.12 -7.75
C ARG F 90 -10.37 -39.85 -9.23
N VAL F 91 -9.84 -38.68 -9.55
CA VAL F 91 -9.52 -38.30 -10.92
C VAL F 91 -8.05 -38.57 -11.17
N GLN F 92 -7.75 -39.32 -12.22
CA GLN F 92 -6.36 -39.61 -12.58
C GLN F 92 -5.78 -38.42 -13.34
N LEU F 93 -4.66 -37.91 -12.86
CA LEU F 93 -3.97 -36.79 -13.45
C LEU F 93 -2.84 -37.26 -14.35
N PRO F 94 -2.36 -36.40 -15.25
CA PRO F 94 -1.24 -36.81 -16.12
C PRO F 94 -0.02 -37.22 -15.31
N MET F 95 0.62 -38.31 -15.74
CA MET F 95 1.80 -38.81 -15.06
C MET F 95 2.92 -37.79 -15.12
N LEU F 96 3.56 -37.54 -13.98
CA LEU F 96 4.54 -36.46 -13.85
C LEU F 96 5.97 -36.96 -13.84
N ASN F 97 6.25 -38.06 -13.14
CA ASN F 97 7.61 -38.51 -12.90
C ASN F 97 7.86 -39.80 -13.66
N THR F 98 8.78 -39.77 -14.62
CA THR F 98 9.14 -40.96 -15.37
C THR F 98 9.81 -41.99 -14.48
N ASP F 99 10.51 -41.55 -13.44
CA ASP F 99 11.29 -42.43 -12.56
C ASP F 99 10.94 -42.08 -11.12
N MET F 100 10.16 -42.94 -10.47
CA MET F 100 9.73 -42.73 -9.09
C MET F 100 10.83 -42.95 -8.06
N THR F 101 12.09 -43.09 -8.47
CA THR F 101 13.19 -43.30 -7.55
C THR F 101 14.06 -42.06 -7.35
N CYS F 102 13.84 -41.00 -8.12
CA CYS F 102 14.67 -39.82 -8.03
C CYS F 102 14.40 -39.07 -6.73
N GLU F 103 15.44 -38.41 -6.22
CA GLU F 103 15.33 -37.73 -4.93
C GLU F 103 14.41 -36.51 -5.01
N THR F 104 14.31 -35.88 -6.17
CA THR F 104 13.44 -34.73 -6.38
C THR F 104 12.38 -35.12 -7.41
N LEU F 105 11.11 -35.00 -7.03
CA LEU F 105 10.00 -35.39 -7.88
C LEU F 105 9.00 -34.25 -7.98
N MET F 106 8.02 -34.43 -8.85
CA MET F 106 6.96 -33.45 -9.07
C MET F 106 5.62 -34.01 -8.61
N MET F 107 4.75 -33.11 -8.17
CA MET F 107 3.40 -33.46 -7.75
C MET F 107 2.44 -32.38 -8.22
N TRP F 108 1.25 -32.80 -8.64
CA TRP F 108 0.20 -31.84 -8.97
C TRP F 108 -0.32 -31.19 -7.69
N GLU F 109 -0.40 -29.86 -7.71
CA GLU F 109 -0.85 -29.08 -6.55
C GLU F 109 -2.13 -28.36 -6.92
N ALA F 110 -3.24 -28.71 -6.27
CA ALA F 110 -4.51 -28.06 -6.48
C ALA F 110 -4.47 -26.67 -5.83
N VAL F 111 -4.68 -25.63 -6.63
CA VAL F 111 -4.52 -24.26 -6.14
C VAL F 111 -5.88 -23.62 -5.89
N SER F 112 -6.89 -23.98 -6.67
CA SER F 112 -8.20 -23.37 -6.54
C SER F 112 -9.23 -24.29 -7.18
N CYS F 113 -10.50 -24.02 -6.86
CA CYS F 113 -11.59 -24.82 -7.41
C CYS F 113 -12.86 -23.99 -7.49
N LYS F 114 -13.66 -24.30 -8.50
CA LYS F 114 -15.03 -23.80 -8.61
C LYS F 114 -15.98 -24.96 -8.43
N THR F 115 -17.02 -24.76 -7.61
CA THR F 115 -17.98 -25.81 -7.36
C THR F 115 -19.37 -25.20 -7.20
N GLU F 116 -20.37 -25.94 -7.67
CA GLU F 116 -21.73 -25.43 -7.72
C GLU F 116 -22.71 -26.60 -7.64
N VAL F 117 -23.85 -26.36 -7.00
CA VAL F 117 -24.93 -27.33 -6.93
C VAL F 117 -25.92 -27.01 -8.05
N VAL F 118 -26.12 -27.96 -8.95
CA VAL F 118 -26.98 -27.75 -10.11
C VAL F 118 -28.40 -28.18 -9.78
N GLY F 119 -29.36 -27.63 -10.52
CA GLY F 119 -30.76 -28.00 -10.36
C GLY F 119 -31.45 -27.37 -9.19
N ILE F 120 -30.98 -26.22 -8.71
CA ILE F 120 -31.58 -25.59 -7.54
C ILE F 120 -33.00 -25.11 -7.85
N GLY F 121 -33.23 -24.64 -9.08
CA GLY F 121 -34.56 -24.19 -9.49
C GLY F 121 -35.64 -25.25 -9.39
N SER F 122 -35.26 -26.52 -9.45
CA SER F 122 -36.23 -27.60 -9.34
C SER F 122 -36.88 -27.67 -7.96
N LEU F 123 -36.30 -27.01 -6.96
CA LEU F 123 -36.81 -27.06 -5.60
C LEU F 123 -38.02 -26.16 -5.38
N ILE F 124 -38.47 -25.43 -6.41
CA ILE F 124 -39.68 -24.62 -6.28
C ILE F 124 -40.95 -25.40 -6.52
N SER F 125 -40.85 -26.67 -6.92
CA SER F 125 -42.01 -27.42 -7.34
C SER F 125 -42.97 -27.68 -6.18
N VAL F 126 -44.25 -27.40 -6.40
CA VAL F 126 -45.29 -27.66 -5.42
C VAL F 126 -46.25 -28.73 -5.97
N HIS F 127 -45.75 -29.56 -6.87
CA HIS F 127 -46.50 -30.68 -7.45
C HIS F 127 -45.67 -31.96 -7.38
N LEU F 128 -45.04 -32.17 -6.23
CA LEU F 128 -44.17 -33.32 -6.05
C LEU F 128 -44.99 -34.60 -5.92
N LEU F 129 -44.54 -35.66 -6.59
CA LEU F 129 -45.26 -36.92 -6.57
C LEU F 129 -45.38 -37.46 -5.16
N GLU F 130 -46.58 -37.91 -4.80
CA GLU F 130 -46.89 -38.53 -3.52
C GLU F 130 -46.70 -37.60 -2.34
N ALA F 131 -46.53 -36.30 -2.57
CA ALA F 131 -46.19 -35.38 -1.50
C ALA F 131 -47.44 -34.91 -0.76
N LYS F 132 -47.26 -34.59 0.52
CA LYS F 132 -48.35 -34.10 1.35
C LYS F 132 -48.82 -32.74 0.86
N MET F 133 -50.13 -32.54 0.85
CA MET F 133 -50.72 -31.28 0.42
C MET F 133 -50.70 -30.27 1.57
N GLU F 134 -50.21 -29.06 1.29
CA GLU F 134 -50.15 -27.99 2.28
C GLU F 134 -51.38 -27.10 2.10
N ALA F 135 -52.48 -27.55 2.68
CA ALA F 135 -53.76 -26.84 2.61
C ALA F 135 -54.72 -27.51 3.59
N GLY F 136 -55.95 -26.99 3.64
CA GLY F 136 -56.99 -27.57 4.46
C GLY F 136 -57.40 -28.94 3.97
N PRO F 137 -58.12 -29.69 4.79
CA PRO F 137 -58.47 -31.07 4.42
C PRO F 137 -59.36 -31.17 3.18
N ASN F 138 -60.27 -30.23 2.99
CA ASN F 138 -61.17 -30.24 1.84
C ASN F 138 -60.77 -29.21 0.79
N SER F 139 -59.48 -28.92 0.68
CA SER F 139 -58.95 -27.98 -0.30
C SER F 139 -58.20 -28.73 -1.39
N ASP F 140 -57.69 -27.97 -2.36
CA ASP F 140 -56.92 -28.52 -3.46
C ASP F 140 -55.71 -27.62 -3.69
N GLY F 141 -54.86 -27.51 -2.67
CA GLY F 141 -53.74 -26.60 -2.70
C GLY F 141 -52.46 -27.23 -3.21
N PRO F 142 -51.33 -26.59 -2.95
CA PRO F 142 -50.05 -27.10 -3.41
C PRO F 142 -49.56 -28.22 -2.50
N SER F 143 -48.55 -28.95 -3.00
CA SER F 143 -47.88 -29.91 -2.17
C SER F 143 -46.80 -29.21 -1.34
N ARG F 144 -46.34 -29.90 -0.31
CA ARG F 144 -45.21 -29.40 0.45
C ARG F 144 -43.97 -29.41 -0.43
N PRO F 145 -43.27 -28.28 -0.56
CA PRO F 145 -42.03 -28.28 -1.34
C PRO F 145 -40.89 -28.92 -0.57
N ILE F 146 -39.77 -29.10 -1.25
CA ILE F 146 -38.57 -29.59 -0.59
C ILE F 146 -38.14 -28.57 0.44
N GLU F 147 -37.99 -29.02 1.68
CA GLU F 147 -37.59 -28.16 2.79
C GLU F 147 -37.04 -29.04 3.90
N GLY F 148 -36.44 -28.40 4.90
CA GLY F 148 -35.89 -29.12 6.02
C GLY F 148 -34.37 -29.14 6.04
N MET F 149 -33.80 -30.21 6.59
CA MET F 149 -32.36 -30.28 6.80
C MET F 149 -31.60 -30.07 5.51
N ASN F 150 -30.62 -29.16 5.56
CA ASN F 150 -29.69 -28.94 4.46
C ASN F 150 -28.29 -29.24 4.97
N TYR F 151 -27.65 -30.24 4.38
CA TYR F 151 -26.27 -30.62 4.70
C TYR F 151 -25.47 -30.50 3.41
N HIS F 152 -24.56 -29.53 3.36
CA HIS F 152 -23.80 -29.23 2.16
C HIS F 152 -22.32 -29.20 2.50
N MET F 153 -21.54 -30.02 1.80
CA MET F 153 -20.10 -30.10 2.03
C MET F 153 -19.42 -30.44 0.71
N PHE F 154 -18.22 -29.90 0.50
CA PHE F 154 -17.38 -30.31 -0.60
C PHE F 154 -15.93 -30.30 -0.14
N ALA F 155 -15.12 -31.16 -0.75
CA ALA F 155 -13.74 -31.32 -0.34
C ALA F 155 -12.86 -31.64 -1.54
N VAL F 156 -11.66 -31.07 -1.54
CA VAL F 156 -10.64 -31.34 -2.55
C VAL F 156 -9.34 -31.67 -1.84
N GLY F 157 -8.72 -32.79 -2.22
CA GLY F 157 -7.50 -33.22 -1.57
C GLY F 157 -6.65 -34.09 -2.48
N GLY F 158 -5.44 -34.37 -2.01
CA GLY F 158 -4.52 -35.25 -2.70
C GLY F 158 -4.56 -36.69 -2.23
N GLU F 159 -5.47 -37.02 -1.32
CA GLU F 159 -5.68 -38.37 -0.85
C GLU F 159 -7.12 -38.48 -0.39
N PRO F 160 -7.60 -39.69 -0.11
CA PRO F 160 -8.99 -39.84 0.38
C PRO F 160 -9.27 -38.95 1.58
N LEU F 161 -10.49 -38.45 1.64
CA LEU F 161 -10.92 -37.63 2.76
C LEU F 161 -10.98 -38.47 4.03
N ASP F 162 -10.32 -38.00 5.09
CA ASP F 162 -10.36 -38.68 6.38
C ASP F 162 -11.68 -38.42 7.07
N LEU F 163 -12.22 -39.44 7.72
CA LEU F 163 -13.53 -39.37 8.36
C LEU F 163 -13.45 -39.79 9.82
N GLN F 164 -14.35 -39.23 10.62
CA GLN F 164 -14.51 -39.59 12.02
C GLN F 164 -15.93 -40.06 12.26
N GLY F 165 -16.07 -41.13 13.04
CA GLY F 165 -17.35 -41.77 13.25
C GLY F 165 -18.07 -41.29 14.50
N ILE F 166 -19.40 -41.35 14.45
CA ILE F 166 -20.24 -40.96 15.58
C ILE F 166 -21.61 -41.58 15.36
N GLU F 167 -22.40 -41.66 16.44
CA GLU F 167 -23.76 -42.19 16.38
C GLU F 167 -24.67 -41.29 17.20
N SER F 168 -25.76 -40.82 16.59
CA SER F 168 -26.77 -40.10 17.35
C SER F 168 -27.43 -41.01 18.38
N ASN F 169 -27.61 -42.28 18.02
CA ASN F 169 -28.07 -43.31 18.94
C ASN F 169 -27.09 -44.47 18.86
N GLY F 170 -26.46 -44.80 19.98
CA GLY F 170 -25.45 -45.85 19.96
C GLY F 170 -25.99 -47.22 19.65
N GLN F 171 -27.29 -47.44 19.90
CA GLN F 171 -27.90 -48.75 19.74
C GLN F 171 -28.84 -48.84 18.55
N THR F 172 -28.61 -48.02 17.52
CA THR F 172 -29.41 -48.11 16.31
C THR F 172 -29.12 -49.42 15.59
N LYS F 173 -30.18 -50.08 15.13
CA LYS F 173 -30.06 -51.31 14.37
C LYS F 173 -29.84 -51.01 12.89
N TYR F 174 -28.91 -51.73 12.28
CA TYR F 174 -28.57 -51.55 10.87
C TYR F 174 -28.66 -52.88 10.15
N ALA F 175 -29.21 -52.85 8.93
CA ALA F 175 -29.33 -54.04 8.13
C ALA F 175 -27.98 -54.45 7.57
N THR F 176 -27.82 -55.75 7.31
CA THR F 176 -26.56 -56.32 6.85
C THR F 176 -26.77 -57.04 5.53
N ALA F 177 -25.85 -56.82 4.59
CA ALA F 177 -25.83 -57.53 3.33
C ALA F 177 -24.39 -57.93 3.03
N ILE F 178 -24.24 -58.92 2.15
CA ILE F 178 -22.93 -59.38 1.72
C ILE F 178 -22.90 -59.45 0.19
N PRO F 179 -22.12 -58.58 -0.48
CA PRO F 179 -21.26 -57.57 0.12
C PRO F 179 -22.03 -56.39 0.73
N ALA F 180 -21.43 -55.74 1.72
CA ALA F 180 -22.10 -54.66 2.43
C ALA F 180 -22.41 -53.50 1.47
N LYS F 181 -23.55 -52.85 1.71
CA LYS F 181 -23.96 -51.69 0.93
C LYS F 181 -23.57 -50.39 1.58
N SER F 182 -23.20 -50.41 2.86
CA SER F 182 -22.68 -49.23 3.56
C SER F 182 -21.90 -49.73 4.78
N ILE F 183 -21.08 -48.85 5.33
CA ILE F 183 -20.26 -49.17 6.48
C ILE F 183 -20.54 -48.15 7.58
N HIS F 184 -20.51 -48.62 8.82
CA HIS F 184 -20.85 -47.84 10.00
C HIS F 184 -19.66 -47.77 10.95
N PRO F 185 -19.66 -46.79 11.86
CA PRO F 185 -18.48 -46.63 12.75
C PRO F 185 -18.10 -47.88 13.53
N ASN F 186 -19.08 -48.60 14.10
CA ASN F 186 -18.73 -49.76 14.92
C ASN F 186 -18.22 -50.93 14.08
N ASP F 187 -18.51 -50.95 12.78
CA ASP F 187 -17.87 -51.93 11.90
C ASP F 187 -16.36 -51.82 11.94
N ILE F 188 -15.83 -50.65 12.28
CA ILE F 188 -14.40 -50.43 12.38
C ILE F 188 -13.93 -50.41 13.83
N ALA F 189 -14.70 -49.77 14.72
CA ALA F 189 -14.31 -49.71 16.12
C ALA F 189 -14.53 -51.06 16.81
N LYS F 190 -15.61 -51.75 16.47
CA LYS F 190 -15.91 -53.08 17.00
C LYS F 190 -16.03 -53.07 18.53
N LEU F 191 -16.69 -52.03 19.05
CA LEU F 191 -17.05 -52.04 20.45
C LEU F 191 -18.10 -53.12 20.71
N PRO F 192 -18.08 -53.74 21.89
CA PRO F 192 -19.18 -54.60 22.28
C PRO F 192 -20.48 -53.81 22.38
N GLU F 193 -21.60 -54.51 22.23
CA GLU F 193 -22.89 -53.84 22.12
C GLU F 193 -23.22 -53.04 23.38
N GLU F 194 -22.80 -53.52 24.55
CA GLU F 194 -23.06 -52.78 25.78
C GLU F 194 -22.17 -51.55 25.94
N ASP F 195 -21.20 -51.36 25.05
CA ASP F 195 -20.32 -50.19 25.09
C ASP F 195 -20.55 -49.23 23.93
N LYS F 196 -21.52 -49.51 23.06
CA LYS F 196 -21.74 -48.69 21.88
C LYS F 196 -22.22 -47.28 22.21
N ALA F 197 -22.64 -47.03 23.46
CA ALA F 197 -22.98 -45.66 23.85
C ALA F 197 -21.77 -44.73 23.81
N GLN F 198 -20.55 -45.29 23.72
CA GLN F 198 -19.37 -44.46 23.53
C GLN F 198 -19.41 -43.75 22.19
N LEU F 199 -20.05 -44.35 21.19
CA LEU F 199 -20.14 -43.75 19.86
C LEU F 199 -20.97 -42.48 19.83
N GLN F 200 -21.74 -42.20 20.88
CA GLN F 200 -22.45 -40.93 20.97
C GLN F 200 -21.53 -39.77 21.36
N GLY F 201 -20.28 -40.06 21.74
CA GLY F 201 -19.27 -39.05 21.91
C GLY F 201 -18.22 -39.17 20.81
N LEU F 202 -16.95 -39.28 21.19
CA LEU F 202 -15.86 -39.45 20.22
C LEU F 202 -15.08 -40.72 20.55
N VAL F 203 -15.08 -41.66 19.61
CA VAL F 203 -14.33 -42.90 19.72
C VAL F 203 -13.15 -42.81 18.76
N PRO F 204 -11.91 -42.74 19.24
CA PRO F 204 -10.77 -42.57 18.33
C PRO F 204 -10.60 -43.69 17.32
N LYS F 205 -11.05 -44.90 17.64
CA LYS F 205 -10.91 -46.00 16.69
C LYS F 205 -11.89 -45.90 15.53
N ALA F 206 -12.93 -45.07 15.65
CA ALA F 206 -13.95 -44.95 14.62
C ALA F 206 -13.51 -43.92 13.57
N LYS F 207 -12.54 -44.34 12.77
CA LYS F 207 -12.01 -43.53 11.68
C LYS F 207 -11.96 -44.36 10.41
N ALA F 208 -12.05 -43.67 9.27
CA ALA F 208 -12.03 -44.33 7.98
C ALA F 208 -11.59 -43.34 6.92
N LYS F 209 -11.38 -43.85 5.71
CA LYS F 209 -11.07 -43.04 4.54
C LYS F 209 -12.26 -43.06 3.60
N LEU F 210 -12.67 -41.89 3.12
CA LEU F 210 -13.74 -41.79 2.13
C LEU F 210 -13.21 -42.36 0.81
N ASP F 211 -13.23 -43.69 0.72
CA ASP F 211 -12.62 -44.40 -0.40
C ASP F 211 -13.65 -45.16 -1.23
N LYS F 212 -14.93 -44.82 -1.11
CA LYS F 212 -15.96 -45.53 -1.85
C LYS F 212 -17.17 -44.61 -2.01
N ASP F 213 -17.57 -44.37 -3.25
CA ASP F 213 -18.75 -43.55 -3.52
C ASP F 213 -20.01 -44.23 -3.02
N GLY F 214 -20.89 -43.45 -2.40
CA GLY F 214 -22.15 -43.97 -1.93
C GLY F 214 -22.02 -45.11 -0.96
N PHE F 215 -21.15 -44.94 0.05
CA PHE F 215 -20.85 -45.97 1.03
C PHE F 215 -20.82 -45.49 2.49
N TYR F 216 -20.53 -44.22 2.75
CA TYR F 216 -20.38 -43.71 4.11
C TYR F 216 -21.54 -42.79 4.44
N PRO F 217 -22.42 -43.15 5.37
CA PRO F 217 -23.59 -42.30 5.62
C PRO F 217 -23.22 -40.98 6.28
N VAL F 218 -23.96 -39.93 5.91
CA VAL F 218 -23.69 -38.60 6.45
C VAL F 218 -23.96 -38.56 7.94
N GLU F 219 -25.01 -39.25 8.40
CA GLU F 219 -25.39 -39.22 9.80
C GLU F 219 -24.44 -39.97 10.71
N GLU F 220 -23.41 -40.62 10.16
CA GLU F 220 -22.43 -41.35 10.97
C GLU F 220 -21.00 -40.89 10.78
N TRP F 221 -20.67 -40.22 9.68
CA TRP F 221 -19.30 -39.87 9.36
C TRP F 221 -19.20 -38.37 9.10
N SER F 222 -18.22 -37.73 9.72
CA SER F 222 -17.89 -36.34 9.51
C SER F 222 -16.42 -36.24 9.09
N PRO F 223 -16.03 -35.17 8.41
CA PRO F 223 -14.60 -34.96 8.14
C PRO F 223 -13.81 -34.91 9.44
N ASP F 224 -12.65 -35.57 9.42
CA ASP F 224 -11.82 -35.68 10.62
C ASP F 224 -10.94 -34.44 10.73
N PRO F 225 -11.20 -33.53 11.67
CA PRO F 225 -10.34 -32.35 11.78
C PRO F 225 -8.96 -32.66 12.34
N SER F 226 -8.78 -33.80 13.01
CA SER F 226 -7.46 -34.20 13.50
C SER F 226 -6.56 -34.72 12.39
N ARG F 227 -7.08 -34.91 11.19
CA ARG F 227 -6.27 -35.32 10.05
C ARG F 227 -6.54 -34.38 8.88
N ASN F 228 -6.64 -34.93 7.66
CA ASN F 228 -6.99 -34.15 6.48
C ASN F 228 -6.02 -32.99 6.23
N GLU F 229 -4.75 -33.17 6.59
CA GLU F 229 -3.76 -32.13 6.36
C GLU F 229 -3.57 -31.88 4.86
N ASN F 230 -3.77 -32.91 4.04
CA ASN F 230 -3.60 -32.82 2.59
C ASN F 230 -4.94 -32.63 1.88
N SER F 231 -5.96 -32.13 2.57
CA SER F 231 -7.26 -31.90 1.97
C SER F 231 -7.87 -30.63 2.56
N ARG F 232 -8.79 -30.05 1.80
CA ARG F 232 -9.56 -28.89 2.23
C ARG F 232 -11.04 -29.23 2.11
N TYR F 233 -11.79 -29.03 3.20
CA TYR F 233 -13.22 -29.27 3.17
C TYR F 233 -13.96 -28.07 3.77
N TYR F 234 -15.20 -27.88 3.30
CA TYR F 234 -16.04 -26.76 3.69
C TYR F 234 -17.48 -27.28 3.78
N GLY F 235 -18.11 -27.07 4.92
CA GLY F 235 -19.45 -27.62 5.13
C GLY F 235 -20.31 -26.72 6.00
N SER F 236 -21.62 -26.87 5.83
CA SER F 236 -22.60 -26.12 6.62
C SER F 236 -23.85 -26.97 6.78
N PHE F 237 -24.60 -26.67 7.84
CA PHE F 237 -25.76 -27.47 8.18
C PHE F 237 -26.85 -26.57 8.77
N VAL F 238 -28.09 -26.79 8.34
CA VAL F 238 -29.27 -26.11 8.89
C VAL F 238 -30.34 -27.18 9.08
N GLY F 239 -30.66 -27.49 10.33
CA GLY F 239 -31.55 -28.59 10.67
C GLY F 239 -33.01 -28.21 10.65
N GLY F 240 -33.81 -29.05 11.29
CA GLY F 240 -35.25 -28.89 11.31
C GLY F 240 -35.91 -29.49 10.08
N LEU F 241 -37.20 -29.79 10.22
CA LEU F 241 -37.96 -30.44 9.16
C LEU F 241 -38.64 -29.46 8.21
N GLN F 242 -38.95 -28.25 8.67
CA GLN F 242 -39.67 -27.27 7.86
C GLN F 242 -38.84 -26.03 7.57
N THR F 243 -37.54 -26.06 7.78
CA THR F 243 -36.71 -24.89 7.54
C THR F 243 -36.63 -24.60 6.04
N PRO F 244 -36.79 -23.34 5.62
CA PRO F 244 -36.67 -23.01 4.20
C PRO F 244 -35.25 -23.25 3.71
N PRO F 245 -35.09 -23.99 2.61
CA PRO F 245 -33.74 -24.18 2.05
C PRO F 245 -33.19 -22.87 1.53
N ASN F 246 -31.91 -22.63 1.80
CA ASN F 246 -31.22 -21.41 1.40
C ASN F 246 -29.98 -21.81 0.62
N LEU F 247 -30.01 -21.60 -0.70
CA LEU F 247 -28.92 -22.02 -1.58
C LEU F 247 -28.60 -20.90 -2.56
N GLN F 248 -27.36 -20.90 -3.04
CA GLN F 248 -26.91 -19.95 -4.04
C GLN F 248 -26.18 -20.68 -5.16
N PHE F 249 -26.05 -20.00 -6.30
CA PHE F 249 -25.35 -20.55 -7.44
C PHE F 249 -24.78 -19.41 -8.27
N THR F 250 -23.52 -19.55 -8.67
CA THR F 250 -22.83 -18.53 -9.43
C THR F 250 -21.55 -19.12 -9.99
N ASN F 251 -21.07 -18.54 -11.10
CA ASN F 251 -19.82 -18.95 -11.72
C ASN F 251 -18.74 -17.88 -11.58
N ALA F 252 -18.94 -16.93 -10.68
CA ALA F 252 -18.00 -15.82 -10.49
C ALA F 252 -17.21 -15.92 -9.20
N VAL F 253 -17.35 -17.03 -8.46
CA VAL F 253 -16.67 -17.22 -7.18
C VAL F 253 -15.74 -18.42 -7.30
N SER F 254 -14.58 -18.32 -6.67
CA SER F 254 -13.60 -19.40 -6.58
C SER F 254 -13.29 -19.66 -5.11
N THR F 255 -12.66 -20.80 -4.86
CA THR F 255 -12.17 -21.16 -3.53
C THR F 255 -10.67 -21.41 -3.62
N VAL F 256 -9.89 -20.62 -2.88
CA VAL F 256 -8.45 -20.82 -2.86
C VAL F 256 -8.12 -21.98 -1.93
N LEU F 257 -7.39 -22.96 -2.44
CA LEU F 257 -7.06 -24.18 -1.70
C LEU F 257 -5.70 -24.12 -1.03
N LEU F 258 -4.96 -23.03 -1.20
CA LEU F 258 -3.65 -22.92 -0.58
C LEU F 258 -3.78 -22.67 0.92
N ASP F 259 -2.84 -23.20 1.69
CA ASP F 259 -2.83 -23.03 3.13
C ASP F 259 -2.11 -21.73 3.51
N GLU F 260 -1.78 -21.60 4.80
CA GLU F 260 -1.12 -20.38 5.27
C GLU F 260 0.28 -20.22 4.68
N ASN F 261 0.91 -21.30 4.24
CA ASN F 261 2.23 -21.26 3.63
C ASN F 261 2.15 -21.23 2.11
N GLY F 262 0.96 -21.09 1.53
CA GLY F 262 0.82 -21.07 0.09
C GLY F 262 0.91 -22.42 -0.57
N VAL F 263 0.61 -23.49 0.14
CA VAL F 263 0.69 -24.85 -0.38
C VAL F 263 -0.72 -25.42 -0.48
N GLY F 264 -1.12 -25.82 -1.68
CA GLY F 264 -2.37 -26.52 -1.86
C GLY F 264 -2.20 -28.00 -1.59
N PRO F 265 -3.31 -28.73 -1.71
CA PRO F 265 -3.24 -30.18 -1.57
C PRO F 265 -2.38 -30.80 -2.66
N LEU F 266 -1.50 -31.72 -2.26
CA LEU F 266 -0.58 -32.39 -3.17
C LEU F 266 -1.13 -33.77 -3.50
N CYS F 267 -1.28 -34.05 -4.78
CA CYS F 267 -1.98 -35.24 -5.26
C CYS F 267 -1.01 -36.42 -5.28
N LYS F 268 -1.12 -37.30 -4.28
CA LYS F 268 -0.27 -38.48 -4.22
C LYS F 268 -0.70 -39.48 -5.29
N GLY F 269 0.30 -40.07 -5.96
CA GLY F 269 0.00 -40.98 -7.05
C GLY F 269 -0.67 -40.33 -8.24
N ASP F 270 -0.51 -39.01 -8.40
CA ASP F 270 -1.12 -38.26 -9.50
C ASP F 270 -2.64 -38.43 -9.50
N GLY F 271 -3.23 -38.47 -8.30
CA GLY F 271 -4.66 -38.64 -8.16
C GLY F 271 -5.32 -37.53 -7.39
N LEU F 272 -6.32 -36.89 -8.00
CA LEU F 272 -7.08 -35.82 -7.36
C LEU F 272 -8.36 -36.41 -6.79
N PHE F 273 -8.63 -36.11 -5.53
CA PHE F 273 -9.76 -36.67 -4.81
C PHE F 273 -10.76 -35.57 -4.48
N VAL F 274 -11.99 -35.72 -4.96
CA VAL F 274 -13.07 -34.79 -4.65
C VAL F 274 -14.17 -35.54 -3.93
N SER F 275 -14.89 -34.79 -3.09
CA SER F 275 -15.92 -35.37 -2.25
C SER F 275 -16.98 -34.31 -1.99
N CYS F 276 -18.21 -34.77 -1.73
CA CYS F 276 -19.30 -33.85 -1.49
C CYS F 276 -20.48 -34.60 -0.87
N ALA F 277 -21.41 -33.83 -0.33
CA ALA F 277 -22.71 -34.28 0.14
C ALA F 277 -23.63 -33.08 0.14
N ASP F 278 -24.83 -33.21 -0.45
CA ASP F 278 -25.70 -32.07 -0.68
C ASP F 278 -27.17 -32.46 -0.44
N ILE F 279 -27.51 -32.70 0.82
CA ILE F 279 -28.91 -32.81 1.21
C ILE F 279 -29.55 -31.43 1.17
N CYS F 280 -30.65 -31.30 0.44
CA CYS F 280 -31.30 -30.01 0.22
C CYS F 280 -32.67 -29.91 0.87
N GLY F 281 -33.09 -30.92 1.62
CA GLY F 281 -34.37 -30.91 2.28
C GLY F 281 -35.01 -32.28 2.20
N VAL F 282 -36.29 -32.34 2.53
CA VAL F 282 -37.04 -33.59 2.55
C VAL F 282 -38.36 -33.43 1.82
N LEU F 283 -38.88 -34.55 1.34
CA LEU F 283 -40.24 -34.67 0.83
C LEU F 283 -41.09 -35.36 1.89
N VAL F 284 -42.33 -34.93 2.04
CA VAL F 284 -43.26 -35.50 3.01
C VAL F 284 -44.32 -36.27 2.25
N LYS F 285 -44.42 -37.57 2.52
CA LYS F 285 -45.43 -38.40 1.87
C LYS F 285 -46.82 -38.04 2.38
N ALA F 286 -47.81 -38.13 1.49
CA ALA F 286 -49.15 -37.72 1.84
C ALA F 286 -49.86 -38.76 2.71
N ASP F 287 -49.60 -40.04 2.48
CA ASP F 287 -50.41 -41.08 3.12
C ASP F 287 -50.06 -41.25 4.61
N ASN F 288 -48.76 -41.32 4.95
CA ASN F 288 -48.36 -41.55 6.33
C ASN F 288 -47.41 -40.47 6.86
N GLU F 289 -47.15 -39.41 6.09
CA GLU F 289 -46.36 -38.26 6.51
C GLU F 289 -44.91 -38.62 6.82
N ALA F 290 -44.40 -39.73 6.27
CA ALA F 290 -42.99 -40.03 6.38
C ALA F 290 -42.20 -39.28 5.31
N ILE F 291 -40.88 -39.29 5.43
CA ILE F 291 -40.05 -38.37 4.66
C ILE F 291 -39.03 -39.11 3.81
N ARG F 292 -38.62 -38.45 2.73
CA ARG F 292 -37.49 -38.84 1.90
C ARG F 292 -36.53 -37.66 1.78
N TYR F 293 -35.23 -37.92 1.94
CA TYR F 293 -34.24 -36.88 1.69
C TYR F 293 -34.08 -36.65 0.19
N ARG F 294 -33.72 -35.42 -0.16
CA ARG F 294 -33.51 -35.05 -1.57
C ARG F 294 -32.14 -34.41 -1.72
N GLY F 295 -31.36 -34.91 -2.67
CA GLY F 295 -30.06 -34.35 -2.98
C GLY F 295 -29.96 -33.86 -4.40
N LEU F 296 -28.93 -33.07 -4.69
CA LEU F 296 -28.73 -32.50 -6.01
C LEU F 296 -27.28 -32.68 -6.44
N PRO F 297 -27.03 -32.78 -7.75
CA PRO F 297 -25.66 -32.99 -8.22
C PRO F 297 -24.80 -31.77 -8.00
N ARG F 298 -23.49 -32.02 -7.86
CA ARG F 298 -22.51 -30.96 -7.63
C ARG F 298 -21.42 -31.03 -8.68
N TYR F 299 -21.04 -29.87 -9.21
CA TYR F 299 -20.01 -29.74 -10.23
C TYR F 299 -18.70 -29.33 -9.58
N PHE F 300 -17.59 -29.73 -10.20
CA PHE F 300 -16.26 -29.38 -9.73
C PHE F 300 -15.40 -28.93 -10.90
N LYS F 301 -14.62 -27.86 -10.69
CA LYS F 301 -13.59 -27.45 -11.63
C LYS F 301 -12.37 -27.04 -10.81
N VAL F 302 -11.31 -27.86 -10.87
CA VAL F 302 -10.13 -27.68 -10.05
C VAL F 302 -8.96 -27.28 -10.93
N THR F 303 -8.22 -26.26 -10.51
CA THR F 303 -7.01 -25.81 -11.20
C THR F 303 -5.79 -26.30 -10.43
N LEU F 304 -4.82 -26.85 -11.16
CA LEU F 304 -3.64 -27.45 -10.55
C LEU F 304 -2.38 -26.95 -11.23
N ARG F 305 -1.26 -27.07 -10.51
CA ARG F 305 0.04 -26.67 -11.01
C ARG F 305 1.08 -27.67 -10.53
N LYS F 306 2.24 -27.67 -11.18
CA LYS F 306 3.31 -28.59 -10.84
C LYS F 306 4.14 -28.03 -9.70
N ARG F 307 4.44 -28.89 -8.71
CA ARG F 307 5.21 -28.51 -7.54
C ARG F 307 6.29 -29.54 -7.28
N ALA F 308 7.52 -29.08 -7.08
CA ALA F 308 8.63 -29.97 -6.79
C ALA F 308 8.65 -30.32 -5.31
N VAL F 309 8.97 -31.58 -5.02
CA VAL F 309 9.01 -32.10 -3.65
C VAL F 309 10.22 -33.01 -3.51
N LYS F 310 10.47 -33.44 -2.27
CA LYS F 310 11.57 -34.36 -1.97
C LYS F 310 11.02 -35.73 -1.58
N VAL G 26 -11.92 -16.96 -27.63
CA VAL G 26 -10.89 -16.79 -28.65
C VAL G 26 -9.64 -16.18 -28.03
N GLU G 27 -8.65 -15.90 -28.87
CA GLU G 27 -7.40 -15.30 -28.41
C GLU G 27 -7.65 -13.84 -28.06
N VAL G 28 -7.64 -13.52 -26.77
CA VAL G 28 -7.91 -12.17 -26.30
C VAL G 28 -6.60 -11.39 -26.27
N LEU G 29 -6.63 -10.16 -26.81
CA LEU G 29 -5.50 -9.26 -26.81
C LEU G 29 -5.78 -8.10 -25.86
N ASN G 30 -5.22 -6.93 -26.16
CA ASN G 30 -5.34 -5.78 -25.27
C ASN G 30 -6.63 -5.01 -25.53
N ILE G 31 -6.99 -4.19 -24.55
CA ILE G 31 -8.11 -3.25 -24.70
C ILE G 31 -7.68 -2.09 -25.58
N ILE G 32 -8.59 -1.64 -26.44
CA ILE G 32 -8.35 -0.49 -27.30
C ILE G 32 -8.94 0.73 -26.59
N THR G 33 -8.07 1.63 -26.16
CA THR G 33 -8.50 2.86 -25.49
C THR G 33 -8.77 3.95 -26.53
N GLY G 34 -9.39 5.04 -26.07
CA GLY G 34 -9.72 6.15 -26.93
C GLY G 34 -10.93 6.92 -26.45
N PRO G 35 -11.24 8.02 -27.15
CA PRO G 35 -12.37 8.86 -26.72
C PRO G 35 -13.73 8.22 -26.94
N ASP G 36 -13.81 7.14 -27.71
CA ASP G 36 -15.10 6.56 -28.11
C ASP G 36 -15.11 5.05 -27.94
N ALA G 37 -14.40 4.54 -26.93
CA ALA G 37 -14.24 3.10 -26.75
C ALA G 37 -15.18 2.52 -25.70
N THR G 38 -16.13 3.29 -25.20
CA THR G 38 -17.04 2.85 -24.15
C THR G 38 -18.48 3.15 -24.54
N THR G 39 -19.36 2.16 -24.34
CA THR G 39 -20.78 2.31 -24.59
C THR G 39 -21.57 1.83 -23.39
N GLU G 40 -22.83 2.24 -23.32
CA GLU G 40 -23.73 1.85 -22.24
C GLU G 40 -25.03 1.32 -22.81
N ILE G 41 -25.62 0.36 -22.12
CA ILE G 41 -26.83 -0.32 -22.57
C ILE G 41 -27.78 -0.46 -21.39
N GLU G 42 -29.03 -0.02 -21.58
CA GLU G 42 -30.09 -0.19 -20.60
C GLU G 42 -31.23 -0.99 -21.22
N LEU G 43 -31.97 -1.71 -20.37
CA LEU G 43 -33.10 -2.50 -20.84
C LEU G 43 -33.95 -2.94 -19.67
N TRP G 44 -35.19 -3.29 -19.97
CA TRP G 44 -36.11 -3.91 -19.03
C TRP G 44 -36.42 -5.32 -19.49
N LEU G 45 -36.67 -6.21 -18.53
CA LEU G 45 -37.10 -7.58 -18.80
C LEU G 45 -38.31 -7.89 -17.94
N GLU G 46 -39.46 -8.06 -18.58
CA GLU G 46 -40.67 -8.38 -17.85
C GLU G 46 -40.68 -9.87 -17.46
N PRO G 47 -41.28 -10.20 -16.33
CA PRO G 47 -41.20 -11.58 -15.83
C PRO G 47 -42.02 -12.54 -16.69
N ARG G 48 -41.60 -13.80 -16.69
CA ARG G 48 -42.26 -14.87 -17.43
C ARG G 48 -42.61 -15.99 -16.45
N MET G 49 -43.60 -15.74 -15.59
CA MET G 49 -44.03 -16.73 -14.62
C MET G 49 -44.93 -17.80 -15.21
N GLY G 50 -45.45 -17.58 -16.42
CA GLY G 50 -46.36 -18.52 -17.04
C GLY G 50 -47.37 -17.79 -17.90
N VAL G 51 -48.13 -16.87 -17.31
CA VAL G 51 -48.94 -15.94 -18.06
C VAL G 51 -48.02 -14.85 -18.58
N ASN G 52 -47.47 -15.05 -19.78
CA ASN G 52 -46.38 -14.24 -20.28
C ASN G 52 -46.86 -13.08 -21.16
N ALA G 53 -48.17 -12.88 -21.29
CA ALA G 53 -48.69 -11.78 -22.09
C ALA G 53 -50.01 -11.33 -21.50
N PRO G 54 -50.24 -10.02 -21.35
CA PRO G 54 -51.53 -9.50 -20.90
C PRO G 54 -52.62 -9.57 -21.97
N THR G 55 -52.77 -10.76 -22.56
CA THR G 55 -53.80 -11.01 -23.56
C THR G 55 -54.40 -12.38 -23.31
N GLY G 56 -55.55 -12.62 -23.91
CA GLY G 56 -56.23 -13.89 -23.77
C GLY G 56 -57.11 -13.95 -22.55
N ASP G 57 -57.53 -15.18 -22.23
CA ASP G 57 -58.44 -15.39 -21.11
C ASP G 57 -57.74 -15.25 -19.76
N ARG G 58 -56.43 -15.51 -19.72
CA ARG G 58 -55.63 -15.33 -18.51
C ARG G 58 -55.05 -13.92 -18.41
N LYS G 59 -55.62 -12.95 -19.13
CA LYS G 59 -55.01 -11.63 -19.24
C LYS G 59 -54.81 -10.97 -17.88
N GLU G 60 -55.79 -11.10 -16.98
CA GLU G 60 -55.75 -10.38 -15.71
C GLU G 60 -54.64 -10.87 -14.79
N TRP G 61 -54.03 -12.02 -15.07
CA TRP G 61 -52.99 -12.57 -14.20
C TRP G 61 -51.62 -12.56 -14.89
N TYR G 62 -51.39 -11.57 -15.74
CA TYR G 62 -50.07 -11.36 -16.33
C TYR G 62 -49.07 -11.03 -15.23
N GLY G 63 -47.88 -11.62 -15.33
CA GLY G 63 -46.89 -11.52 -14.27
C GLY G 63 -47.03 -12.56 -13.19
N TYR G 64 -48.09 -13.37 -13.23
CA TYR G 64 -48.27 -14.51 -12.35
C TYR G 64 -48.23 -15.79 -13.18
N SER G 65 -48.13 -16.91 -12.48
CA SER G 65 -48.28 -18.21 -13.11
C SER G 65 -49.73 -18.65 -13.03
N GLU G 66 -50.07 -19.66 -13.83
CA GLU G 66 -51.37 -20.29 -13.71
C GLU G 66 -51.46 -20.99 -12.35
N VAL G 67 -52.70 -21.19 -11.90
CA VAL G 67 -52.93 -21.88 -10.63
C VAL G 67 -52.32 -23.28 -10.70
N ILE G 68 -51.70 -23.69 -9.59
CA ILE G 68 -51.00 -24.97 -9.50
C ILE G 68 -51.54 -25.76 -8.31
N HIS G 69 -51.84 -27.03 -8.54
CA HIS G 69 -52.34 -27.93 -7.51
C HIS G 69 -51.34 -29.05 -7.29
N HIS G 70 -51.47 -29.72 -6.15
CA HIS G 70 -50.47 -30.71 -5.73
C HIS G 70 -50.39 -31.87 -6.73
N ALA G 71 -51.53 -32.26 -7.31
CA ALA G 71 -51.58 -33.40 -8.20
C ALA G 71 -51.37 -33.04 -9.67
N ASP G 72 -51.18 -31.75 -9.98
CA ASP G 72 -50.90 -31.36 -11.35
C ASP G 72 -49.60 -32.01 -11.82
N GLY G 73 -49.58 -32.43 -13.09
CA GLY G 73 -48.52 -33.26 -13.60
C GLY G 73 -48.70 -34.73 -13.33
N TYR G 74 -49.62 -35.09 -12.44
CA TYR G 74 -49.96 -36.48 -12.15
C TYR G 74 -51.43 -36.77 -12.47
N ASP G 75 -52.33 -35.90 -12.02
CA ASP G 75 -53.73 -36.00 -12.43
C ASP G 75 -53.95 -35.52 -13.85
N ASN G 76 -53.02 -34.74 -14.40
CA ASN G 76 -53.20 -34.11 -15.68
C ASN G 76 -51.82 -33.82 -16.28
N ASN G 77 -51.82 -33.15 -17.43
CA ASN G 77 -50.59 -32.64 -18.02
C ASN G 77 -50.31 -31.24 -17.49
N LEU G 78 -49.12 -31.05 -16.92
CA LEU G 78 -48.72 -29.74 -16.43
C LEU G 78 -48.58 -28.78 -17.61
N LEU G 79 -49.26 -27.65 -17.54
CA LEU G 79 -49.18 -26.65 -18.59
C LEU G 79 -47.92 -25.80 -18.44
N SER G 80 -47.50 -25.19 -19.55
CA SER G 80 -46.36 -24.30 -19.51
C SER G 80 -46.67 -23.00 -18.77
N VAL G 81 -47.94 -22.57 -18.80
CA VAL G 81 -48.36 -21.42 -18.03
C VAL G 81 -48.28 -21.66 -16.53
N GLN G 82 -48.10 -22.90 -16.11
CA GLN G 82 -47.91 -23.24 -14.69
C GLN G 82 -46.44 -23.31 -14.30
N MET G 83 -45.53 -23.05 -15.23
CA MET G 83 -44.09 -23.21 -14.96
C MET G 83 -43.37 -21.90 -15.20
N PRO G 84 -42.87 -21.24 -14.16
CA PRO G 84 -42.09 -20.01 -14.36
C PRO G 84 -40.86 -20.27 -15.20
N GLN G 85 -40.59 -19.36 -16.13
CA GLN G 85 -39.52 -19.52 -17.09
C GLN G 85 -38.51 -18.38 -16.97
N TYR G 86 -37.40 -18.53 -17.70
CA TYR G 86 -36.36 -17.52 -17.70
C TYR G 86 -36.69 -16.41 -18.71
N SER G 87 -36.42 -15.18 -18.32
CA SER G 87 -36.48 -14.04 -19.24
C SER G 87 -35.12 -13.86 -19.88
N CYS G 88 -35.11 -13.51 -21.17
CA CYS G 88 -33.85 -13.30 -21.87
C CYS G 88 -34.08 -12.33 -23.02
N ALA G 89 -32.98 -11.84 -23.57
CA ALA G 89 -32.99 -10.86 -24.66
C ALA G 89 -31.58 -10.72 -25.19
N ARG G 90 -31.48 -10.44 -26.49
CA ARG G 90 -30.22 -10.12 -27.13
C ARG G 90 -30.29 -8.68 -27.62
N VAL G 91 -29.34 -7.86 -27.19
CA VAL G 91 -29.28 -6.45 -27.55
C VAL G 91 -28.26 -6.27 -28.66
N GLN G 92 -28.67 -5.59 -29.73
CA GLN G 92 -27.76 -5.28 -30.82
C GLN G 92 -26.83 -4.15 -30.40
N LEU G 93 -25.54 -4.40 -30.50
CA LEU G 93 -24.52 -3.41 -30.17
C LEU G 93 -23.98 -2.77 -31.45
N PRO G 94 -23.34 -1.61 -31.34
CA PRO G 94 -22.76 -0.98 -32.54
C PRO G 94 -21.77 -1.91 -33.23
N MET G 95 -21.89 -1.99 -34.55
CA MET G 95 -21.00 -2.83 -35.35
C MET G 95 -19.56 -2.33 -35.23
N LEU G 96 -18.65 -3.25 -34.92
CA LEU G 96 -17.26 -2.90 -34.64
C LEU G 96 -16.31 -3.17 -35.81
N ASN G 97 -16.61 -4.16 -36.64
CA ASN G 97 -15.71 -4.58 -37.72
C ASN G 97 -16.44 -4.46 -39.04
N THR G 98 -16.01 -3.51 -39.88
CA THR G 98 -16.60 -3.39 -41.21
C THR G 98 -16.35 -4.63 -42.05
N ASP G 99 -15.27 -5.35 -41.77
CA ASP G 99 -14.91 -6.54 -42.52
C ASP G 99 -14.43 -7.58 -41.52
N MET G 100 -15.28 -8.55 -41.21
CA MET G 100 -14.86 -9.68 -40.38
C MET G 100 -13.80 -10.53 -41.05
N THR G 101 -13.26 -10.10 -42.19
CA THR G 101 -12.18 -10.85 -42.81
C THR G 101 -10.91 -10.85 -41.94
N CYS G 102 -10.65 -9.76 -41.23
CA CYS G 102 -9.31 -9.48 -40.74
C CYS G 102 -8.87 -10.42 -39.62
N GLU G 103 -7.55 -10.64 -39.56
CA GLU G 103 -6.95 -11.49 -38.55
C GLU G 103 -7.07 -10.90 -37.16
N THR G 104 -7.26 -9.58 -37.05
CA THR G 104 -7.47 -8.91 -35.77
C THR G 104 -8.79 -8.16 -35.80
N LEU G 105 -9.64 -8.43 -34.81
CA LEU G 105 -10.97 -7.84 -34.73
C LEU G 105 -11.18 -7.25 -33.34
N MET G 106 -12.27 -6.50 -33.21
CA MET G 106 -12.65 -5.88 -31.95
C MET G 106 -14.01 -6.42 -31.50
N MET G 107 -14.12 -6.67 -30.20
CA MET G 107 -15.35 -7.17 -29.61
C MET G 107 -15.74 -6.30 -28.42
N TRP G 108 -17.05 -6.20 -28.18
CA TRP G 108 -17.54 -5.49 -27.01
C TRP G 108 -17.36 -6.34 -25.76
N GLU G 109 -16.75 -5.76 -24.74
CA GLU G 109 -16.43 -6.48 -23.51
C GLU G 109 -17.25 -5.87 -22.37
N ALA G 110 -18.20 -6.64 -21.85
CA ALA G 110 -19.00 -6.19 -20.72
C ALA G 110 -18.14 -6.17 -19.46
N VAL G 111 -18.04 -5.01 -18.83
CA VAL G 111 -17.16 -4.81 -17.68
C VAL G 111 -17.94 -4.78 -16.37
N SER G 112 -19.14 -4.21 -16.38
CA SER G 112 -19.91 -4.06 -15.16
C SER G 112 -21.38 -3.89 -15.52
N CYS G 113 -22.24 -4.03 -14.51
CA CYS G 113 -23.67 -3.89 -14.74
C CYS G 113 -24.36 -3.52 -13.43
N LYS G 114 -25.40 -2.71 -13.55
CA LYS G 114 -26.33 -2.43 -12.47
C LYS G 114 -27.64 -3.12 -12.77
N THR G 115 -28.20 -3.81 -11.79
CA THR G 115 -29.47 -4.51 -11.97
C THR G 115 -30.33 -4.31 -10.73
N GLU G 116 -31.64 -4.19 -10.96
CA GLU G 116 -32.58 -3.92 -9.88
C GLU G 116 -33.92 -4.55 -10.20
N VAL G 117 -34.58 -5.07 -9.17
CA VAL G 117 -35.93 -5.59 -9.27
C VAL G 117 -36.89 -4.47 -8.83
N VAL G 118 -37.73 -4.02 -9.75
CA VAL G 118 -38.64 -2.92 -9.48
C VAL G 118 -39.97 -3.48 -8.98
N GLY G 119 -40.69 -2.64 -8.23
CA GLY G 119 -42.00 -3.01 -7.73
C GLY G 119 -42.00 -3.79 -6.44
N ILE G 120 -40.90 -3.74 -5.67
CA ILE G 120 -40.83 -4.52 -4.43
C ILE G 120 -41.83 -4.02 -3.40
N GLY G 121 -42.10 -2.71 -3.40
CA GLY G 121 -43.07 -2.17 -2.46
C GLY G 121 -44.47 -2.71 -2.65
N SER G 122 -44.79 -3.16 -3.86
CA SER G 122 -46.11 -3.75 -4.12
C SER G 122 -46.32 -5.05 -3.37
N LEU G 123 -45.26 -5.66 -2.85
CA LEU G 123 -45.36 -6.92 -2.12
C LEU G 123 -45.86 -6.74 -0.69
N ILE G 124 -46.21 -5.52 -0.29
CA ILE G 124 -46.81 -5.28 1.03
C ILE G 124 -48.32 -5.48 1.02
N SER G 125 -48.92 -5.71 -0.15
CA SER G 125 -50.37 -5.74 -0.26
C SER G 125 -50.96 -6.89 0.55
N VAL G 126 -51.96 -6.56 1.38
CA VAL G 126 -52.75 -7.55 2.10
C VAL G 126 -54.20 -7.54 1.62
N HIS G 127 -54.45 -6.99 0.44
CA HIS G 127 -55.77 -7.02 -0.18
C HIS G 127 -55.67 -7.65 -1.56
N LEU G 128 -54.94 -8.76 -1.66
CA LEU G 128 -54.68 -9.37 -2.95
C LEU G 128 -55.94 -10.04 -3.49
N LEU G 129 -56.13 -9.93 -4.81
CA LEU G 129 -57.35 -10.43 -5.43
C LEU G 129 -57.41 -11.95 -5.35
N GLU G 130 -58.57 -12.47 -4.94
CA GLU G 130 -58.85 -13.89 -4.81
C GLU G 130 -57.96 -14.60 -3.80
N ALA G 131 -57.30 -13.85 -2.92
CA ALA G 131 -56.32 -14.42 -2.01
C ALA G 131 -56.95 -14.89 -0.71
N LYS G 132 -56.33 -15.89 -0.10
CA LYS G 132 -56.80 -16.42 1.18
C LYS G 132 -56.66 -15.38 2.28
N MET G 133 -57.58 -15.42 3.23
CA MET G 133 -57.59 -14.49 4.35
C MET G 133 -56.72 -15.01 5.49
N GLU G 134 -55.96 -14.11 6.10
CA GLU G 134 -55.09 -14.44 7.24
C GLU G 134 -55.80 -14.03 8.52
N ALA G 135 -56.77 -14.85 8.93
CA ALA G 135 -57.56 -14.58 10.14
C ALA G 135 -58.34 -15.85 10.46
N GLY G 136 -59.10 -15.78 11.55
CA GLY G 136 -59.96 -16.87 11.98
C GLY G 136 -61.06 -17.13 10.97
N PRO G 137 -61.85 -18.18 11.21
CA PRO G 137 -62.87 -18.56 10.21
C PRO G 137 -63.95 -17.52 10.00
N ASN G 138 -64.27 -16.72 11.01
CA ASN G 138 -65.36 -15.75 10.94
C ASN G 138 -64.88 -14.34 11.27
N SER G 139 -63.73 -13.96 10.75
CA SER G 139 -63.18 -12.62 10.89
C SER G 139 -63.07 -11.96 9.52
N ASP G 140 -62.68 -10.69 9.52
CA ASP G 140 -62.47 -9.92 8.29
C ASP G 140 -61.07 -9.31 8.32
N GLY G 141 -60.07 -10.19 8.38
CA GLY G 141 -58.70 -9.76 8.47
C GLY G 141 -58.09 -9.50 7.11
N PRO G 142 -56.76 -9.43 7.05
CA PRO G 142 -56.08 -9.20 5.78
C PRO G 142 -55.93 -10.50 5.01
N SER G 143 -55.51 -10.36 3.75
CA SER G 143 -55.19 -11.51 2.93
C SER G 143 -53.74 -11.92 3.14
N ARG G 144 -53.43 -13.15 2.75
CA ARG G 144 -52.05 -13.59 2.74
C ARG G 144 -51.25 -12.74 1.76
N PRO G 145 -50.12 -12.19 2.15
CA PRO G 145 -49.27 -11.45 1.21
C PRO G 145 -48.47 -12.41 0.36
N ILE G 146 -47.76 -11.84 -0.62
CA ILE G 146 -46.85 -12.63 -1.43
C ILE G 146 -45.69 -13.10 -0.54
N GLU G 147 -45.52 -14.41 -0.45
CA GLU G 147 -44.47 -15.01 0.37
C GLU G 147 -44.14 -16.37 -0.20
N GLY G 148 -43.09 -16.97 0.36
CA GLY G 148 -42.68 -18.29 -0.08
C GLY G 148 -41.46 -18.26 -0.99
N MET G 149 -41.47 -19.13 -2.01
CA MET G 149 -40.32 -19.31 -2.89
C MET G 149 -39.80 -18.00 -3.42
N ASN G 150 -38.50 -17.79 -3.30
CA ASN G 150 -37.80 -16.69 -3.95
C ASN G 150 -36.64 -17.28 -4.74
N TYR G 151 -36.72 -17.17 -6.07
CA TYR G 151 -35.67 -17.64 -6.97
C TYR G 151 -35.24 -16.45 -7.81
N HIS G 152 -34.06 -15.91 -7.50
CA HIS G 152 -33.58 -14.69 -8.13
C HIS G 152 -32.24 -14.96 -8.80
N MET G 153 -32.18 -14.72 -10.10
CA MET G 153 -30.96 -14.91 -10.87
C MET G 153 -30.90 -13.85 -11.95
N PHE G 154 -29.69 -13.38 -12.25
CA PHE G 154 -29.46 -12.54 -13.41
C PHE G 154 -28.13 -12.94 -14.03
N ALA G 155 -28.00 -12.67 -15.33
CA ALA G 155 -26.82 -13.13 -16.07
C ALA G 155 -26.53 -12.16 -17.21
N VAL G 156 -25.23 -12.02 -17.51
CA VAL G 156 -24.76 -11.23 -18.64
C VAL G 156 -23.66 -12.01 -19.34
N GLY G 157 -23.73 -12.09 -20.67
CA GLY G 157 -22.71 -12.82 -21.40
C GLY G 157 -22.63 -12.37 -22.84
N GLY G 158 -21.60 -12.88 -23.52
CA GLY G 158 -21.39 -12.65 -24.93
C GLY G 158 -22.04 -13.68 -25.84
N GLU G 159 -22.90 -14.53 -25.29
CA GLU G 159 -23.61 -15.55 -26.05
C GLU G 159 -24.77 -16.04 -25.19
N PRO G 160 -25.67 -16.86 -25.75
CA PRO G 160 -26.76 -17.41 -24.92
C PRO G 160 -26.23 -18.14 -23.70
N LEU G 161 -26.98 -18.03 -22.60
CA LEU G 161 -26.61 -18.71 -21.37
C LEU G 161 -26.76 -20.22 -21.53
N ASP G 162 -25.71 -20.95 -21.18
CA ASP G 162 -25.74 -22.41 -21.22
C ASP G 162 -26.56 -22.94 -20.05
N LEU G 163 -27.41 -23.93 -20.34
CA LEU G 163 -28.32 -24.48 -19.34
C LEU G 163 -28.10 -25.98 -19.19
N GLN G 164 -28.29 -26.45 -17.96
CA GLN G 164 -28.30 -27.87 -17.64
C GLN G 164 -29.69 -28.26 -17.16
N GLY G 165 -30.20 -29.38 -17.66
CA GLY G 165 -31.55 -29.81 -17.37
C GLY G 165 -31.63 -30.78 -16.20
N ILE G 166 -32.77 -30.78 -15.53
CA ILE G 166 -33.02 -31.67 -14.40
C ILE G 166 -34.52 -31.82 -14.22
N GLU G 167 -34.92 -32.86 -13.49
CA GLU G 167 -36.32 -33.10 -13.15
C GLU G 167 -36.39 -33.48 -11.69
N SER G 168 -37.28 -32.82 -10.94
CA SER G 168 -37.55 -33.27 -9.57
C SER G 168 -38.30 -34.59 -9.55
N ASN G 169 -39.24 -34.75 -10.48
CA ASN G 169 -39.94 -36.01 -10.71
C ASN G 169 -39.74 -36.40 -12.16
N GLY G 170 -39.07 -37.54 -12.39
CA GLY G 170 -38.73 -37.93 -13.74
C GLY G 170 -39.94 -38.18 -14.63
N GLN G 171 -41.05 -38.64 -14.04
CA GLN G 171 -42.23 -39.03 -14.80
C GLN G 171 -43.31 -37.96 -14.81
N THR G 172 -42.95 -36.70 -14.54
CA THR G 172 -43.92 -35.61 -14.63
C THR G 172 -44.46 -35.50 -16.05
N LYS G 173 -45.78 -35.41 -16.16
CA LYS G 173 -46.43 -35.30 -17.46
C LYS G 173 -46.58 -33.84 -17.84
N TYR G 174 -46.12 -33.49 -19.04
CA TYR G 174 -46.17 -32.13 -19.55
C TYR G 174 -47.08 -32.07 -20.77
N ALA G 175 -47.83 -30.98 -20.87
CA ALA G 175 -48.68 -30.77 -22.03
C ALA G 175 -47.84 -30.42 -23.26
N THR G 176 -48.36 -30.75 -24.43
CA THR G 176 -47.66 -30.52 -25.69
C THR G 176 -48.55 -29.71 -26.63
N ALA G 177 -47.90 -28.87 -27.43
CA ALA G 177 -48.61 -28.05 -28.41
C ALA G 177 -47.71 -27.83 -29.62
N ILE G 178 -48.33 -27.48 -30.73
CA ILE G 178 -47.60 -27.20 -31.97
C ILE G 178 -47.90 -25.78 -32.42
N PRO G 179 -46.93 -24.86 -32.38
CA PRO G 179 -45.56 -25.10 -31.90
C PRO G 179 -45.48 -25.17 -30.38
N ALA G 180 -44.37 -25.71 -29.87
CA ALA G 180 -44.23 -25.88 -28.43
C ALA G 180 -44.20 -24.52 -27.74
N LYS G 181 -44.81 -24.47 -26.55
CA LYS G 181 -44.77 -23.27 -25.72
C LYS G 181 -43.67 -23.33 -24.67
N SER G 182 -43.03 -24.48 -24.50
CA SER G 182 -41.86 -24.62 -23.62
C SER G 182 -41.15 -25.91 -24.03
N ILE G 183 -39.91 -26.04 -23.57
CA ILE G 183 -39.10 -27.22 -23.85
C ILE G 183 -38.58 -27.77 -22.53
N HIS G 184 -38.48 -29.10 -22.45
CA HIS G 184 -38.13 -29.81 -21.24
C HIS G 184 -36.86 -30.62 -21.46
N PRO G 185 -36.15 -31.00 -20.39
CA PRO G 185 -34.88 -31.71 -20.56
C PRO G 185 -34.94 -32.93 -21.48
N ASN G 186 -35.94 -33.78 -21.34
CA ASN G 186 -35.99 -34.98 -22.17
C ASN G 186 -36.36 -34.70 -23.62
N ASP G 187 -36.87 -33.51 -23.93
CA ASP G 187 -37.07 -33.14 -25.32
C ASP G 187 -35.74 -33.06 -26.08
N ILE G 188 -34.63 -32.95 -25.36
CA ILE G 188 -33.30 -32.91 -25.95
C ILE G 188 -32.53 -34.21 -25.67
N ALA G 189 -32.57 -34.68 -24.42
CA ALA G 189 -31.88 -35.93 -24.07
C ALA G 189 -32.53 -37.11 -24.76
N LYS G 190 -33.86 -37.09 -24.94
CA LYS G 190 -34.58 -38.11 -25.68
C LYS G 190 -34.32 -39.52 -25.12
N LEU G 191 -34.33 -39.62 -23.79
CA LEU G 191 -34.26 -40.92 -23.15
C LEU G 191 -35.62 -41.62 -23.24
N PRO G 192 -35.63 -42.95 -23.27
CA PRO G 192 -36.92 -43.66 -23.22
C PRO G 192 -37.66 -43.36 -21.93
N GLU G 193 -38.99 -43.40 -22.01
CA GLU G 193 -39.82 -43.03 -20.87
C GLU G 193 -39.50 -43.84 -19.62
N GLU G 194 -39.09 -45.10 -19.80
CA GLU G 194 -38.76 -45.96 -18.67
C GLU G 194 -37.49 -45.53 -17.95
N ASP G 195 -36.66 -44.69 -18.59
CA ASP G 195 -35.37 -44.30 -18.03
C ASP G 195 -35.32 -42.84 -17.63
N LYS G 196 -36.46 -42.15 -17.60
CA LYS G 196 -36.47 -40.73 -17.28
C LYS G 196 -36.11 -40.44 -15.83
N ALA G 197 -36.00 -41.47 -14.98
CA ALA G 197 -35.52 -41.26 -13.62
C ALA G 197 -34.08 -40.79 -13.59
N GLN G 198 -33.33 -41.01 -14.67
CA GLN G 198 -31.97 -40.47 -14.77
C GLN G 198 -31.96 -38.96 -14.68
N LEU G 199 -33.04 -38.31 -15.12
CA LEU G 199 -33.13 -36.86 -15.09
C LEU G 199 -33.24 -36.31 -13.67
N GLN G 200 -33.52 -37.16 -12.68
CA GLN G 200 -33.47 -36.73 -11.29
C GLN G 200 -32.04 -36.61 -10.78
N GLY G 201 -31.06 -37.14 -11.51
CA GLY G 201 -29.67 -36.89 -11.25
C GLY G 201 -29.11 -35.90 -12.26
N LEU G 202 -27.99 -36.23 -12.90
CA LEU G 202 -27.41 -35.39 -13.94
C LEU G 202 -27.28 -36.19 -15.23
N VAL G 203 -27.97 -35.74 -16.26
CA VAL G 203 -27.91 -36.33 -17.60
C VAL G 203 -27.09 -35.39 -18.48
N PRO G 204 -25.90 -35.80 -18.93
CA PRO G 204 -25.07 -34.88 -19.72
C PRO G 204 -25.69 -34.41 -21.02
N LYS G 205 -26.52 -35.25 -21.66
CA LYS G 205 -27.16 -34.84 -22.91
C LYS G 205 -28.27 -33.82 -22.71
N ALA G 206 -28.70 -33.59 -21.47
CA ALA G 206 -29.79 -32.65 -21.20
C ALA G 206 -29.23 -31.24 -21.04
N LYS G 207 -28.75 -30.68 -22.15
CA LYS G 207 -28.19 -29.35 -22.17
C LYS G 207 -28.85 -28.54 -23.29
N ALA G 208 -28.94 -27.23 -23.06
CA ALA G 208 -29.56 -26.33 -24.02
C ALA G 208 -29.00 -24.92 -23.81
N LYS G 209 -29.29 -24.05 -24.76
CA LYS G 209 -28.96 -22.63 -24.66
C LYS G 209 -30.23 -21.84 -24.38
N LEU G 210 -30.08 -20.78 -23.57
CA LEU G 210 -31.19 -19.87 -23.28
C LEU G 210 -31.36 -18.95 -24.48
N ASP G 211 -31.98 -19.48 -25.53
CA ASP G 211 -32.10 -18.80 -26.81
C ASP G 211 -33.53 -18.38 -27.12
N LYS G 212 -34.43 -18.39 -26.12
CA LYS G 212 -35.82 -18.02 -26.36
C LYS G 212 -36.44 -17.54 -25.07
N ASP G 213 -37.16 -16.42 -25.13
CA ASP G 213 -37.76 -15.83 -23.94
C ASP G 213 -39.05 -16.55 -23.59
N GLY G 214 -39.25 -16.77 -22.28
CA GLY G 214 -40.43 -17.45 -21.79
C GLY G 214 -40.59 -18.83 -22.39
N PHE G 215 -39.54 -19.64 -22.29
CA PHE G 215 -39.52 -20.94 -22.94
C PHE G 215 -38.85 -22.05 -22.13
N TYR G 216 -37.94 -21.72 -21.22
CA TYR G 216 -37.26 -22.73 -20.42
C TYR G 216 -37.70 -22.62 -18.97
N PRO G 217 -38.43 -23.61 -18.44
CA PRO G 217 -38.97 -23.48 -17.08
C PRO G 217 -37.87 -23.51 -16.03
N VAL G 218 -38.07 -22.72 -14.97
CA VAL G 218 -37.08 -22.61 -13.90
C VAL G 218 -36.89 -23.95 -13.21
N GLU G 219 -37.99 -24.67 -12.98
CA GLU G 219 -37.94 -25.93 -12.24
C GLU G 219 -37.26 -27.05 -13.02
N GLU G 220 -36.84 -26.83 -14.26
CA GLU G 220 -36.19 -27.85 -15.05
C GLU G 220 -34.78 -27.49 -15.52
N TRP G 221 -34.46 -26.19 -15.62
CA TRP G 221 -33.20 -25.75 -16.18
C TRP G 221 -32.48 -24.83 -15.20
N SER G 222 -31.19 -25.07 -15.02
CA SER G 222 -30.30 -24.23 -14.24
C SER G 222 -29.13 -23.80 -15.11
N PRO G 223 -28.44 -22.72 -14.75
CA PRO G 223 -27.21 -22.37 -15.46
C PRO G 223 -26.20 -23.49 -15.37
N ASP G 224 -25.62 -23.86 -16.51
CA ASP G 224 -24.65 -24.94 -16.58
C ASP G 224 -23.28 -24.46 -16.12
N PRO G 225 -22.80 -24.92 -14.96
CA PRO G 225 -21.47 -24.50 -14.50
C PRO G 225 -20.33 -25.16 -15.26
N SER G 226 -20.60 -26.26 -15.98
CA SER G 226 -19.60 -26.90 -16.81
C SER G 226 -19.32 -26.12 -18.09
N ARG G 227 -20.13 -25.11 -18.41
CA ARG G 227 -19.90 -24.25 -19.56
C ARG G 227 -19.95 -22.80 -19.13
N ASN G 228 -20.60 -21.94 -19.91
CA ASN G 228 -20.79 -20.53 -19.58
C ASN G 228 -19.47 -19.82 -19.33
N GLU G 229 -18.42 -20.20 -20.06
CA GLU G 229 -17.13 -19.55 -19.93
C GLU G 229 -17.18 -18.09 -20.38
N ASN G 230 -18.15 -17.74 -21.22
CA ASN G 230 -18.30 -16.39 -21.74
C ASN G 230 -19.50 -15.66 -21.14
N SER G 231 -19.92 -16.04 -19.93
CA SER G 231 -21.04 -15.40 -19.27
C SER G 231 -20.79 -15.39 -17.76
N ARG G 232 -21.49 -14.49 -17.08
CA ARG G 232 -21.50 -14.41 -15.62
C ARG G 232 -22.95 -14.50 -15.16
N TYR G 233 -23.21 -15.35 -14.17
CA TYR G 233 -24.55 -15.45 -13.62
C TYR G 233 -24.47 -15.49 -12.10
N TYR G 234 -25.50 -14.95 -11.45
CA TYR G 234 -25.56 -14.82 -10.01
C TYR G 234 -26.97 -15.16 -9.56
N GLY G 235 -27.10 -16.12 -8.65
CA GLY G 235 -28.40 -16.61 -8.27
C GLY G 235 -28.48 -17.02 -6.81
N SER G 236 -29.68 -16.89 -6.24
CA SER G 236 -29.94 -17.31 -4.87
C SER G 236 -31.36 -17.88 -4.81
N PHE G 237 -31.58 -18.75 -3.83
CA PHE G 237 -32.86 -19.43 -3.69
C PHE G 237 -33.22 -19.59 -2.22
N VAL G 238 -34.46 -19.27 -1.88
CA VAL G 238 -35.02 -19.52 -0.56
C VAL G 238 -36.36 -20.20 -0.75
N GLY G 239 -36.48 -21.43 -0.24
CA GLY G 239 -37.66 -22.25 -0.47
C GLY G 239 -38.76 -22.03 0.54
N GLY G 240 -39.66 -23.01 0.60
CA GLY G 240 -40.80 -22.93 1.48
C GLY G 240 -41.95 -22.15 0.87
N LEU G 241 -43.12 -22.29 1.49
CA LEU G 241 -44.33 -21.64 1.01
C LEU G 241 -44.72 -20.42 1.84
N GLN G 242 -44.34 -20.37 3.12
CA GLN G 242 -44.67 -19.26 3.99
C GLN G 242 -43.44 -18.42 4.35
N THR G 243 -42.33 -18.61 3.63
CA THR G 243 -41.10 -17.92 3.98
C THR G 243 -41.23 -16.42 3.69
N PRO G 244 -40.79 -15.56 4.61
CA PRO G 244 -40.81 -14.12 4.34
C PRO G 244 -39.87 -13.78 3.20
N PRO G 245 -40.36 -13.09 2.17
CA PRO G 245 -39.47 -12.67 1.09
C PRO G 245 -38.54 -11.55 1.53
N ASN G 246 -37.27 -11.67 1.16
CA ASN G 246 -36.24 -10.71 1.52
C ASN G 246 -35.64 -10.14 0.24
N LEU G 247 -35.80 -8.84 0.03
CA LEU G 247 -35.32 -8.18 -1.18
C LEU G 247 -34.73 -6.83 -0.84
N GLN G 248 -33.72 -6.43 -1.61
CA GLN G 248 -33.10 -5.12 -1.50
C GLN G 248 -33.25 -4.39 -2.83
N PHE G 249 -33.08 -3.07 -2.79
CA PHE G 249 -33.10 -2.27 -4.01
C PHE G 249 -32.35 -0.97 -3.78
N THR G 250 -31.44 -0.64 -4.70
CA THR G 250 -30.61 0.55 -4.60
C THR G 250 -29.95 0.77 -5.96
N ASN G 251 -29.54 2.02 -6.19
CA ASN G 251 -28.84 2.39 -7.42
C ASN G 251 -27.38 2.73 -7.16
N ALA G 252 -26.81 2.26 -6.05
CA ALA G 252 -25.45 2.62 -5.66
C ALA G 252 -24.48 1.45 -5.71
N VAL G 253 -24.90 0.29 -6.19
CA VAL G 253 -24.07 -0.91 -6.23
C VAL G 253 -23.99 -1.41 -7.67
N SER G 254 -22.82 -1.93 -8.05
CA SER G 254 -22.60 -2.50 -9.36
C SER G 254 -21.96 -3.86 -9.22
N THR G 255 -22.04 -4.64 -10.29
CA THR G 255 -21.44 -5.96 -10.35
C THR G 255 -20.32 -5.95 -11.38
N VAL G 256 -19.10 -6.27 -10.93
CA VAL G 256 -17.98 -6.37 -11.85
C VAL G 256 -18.09 -7.69 -12.62
N LEU G 257 -17.94 -7.62 -13.94
CA LEU G 257 -18.10 -8.78 -14.80
C LEU G 257 -16.77 -9.36 -15.26
N LEU G 258 -15.65 -8.75 -14.90
CA LEU G 258 -14.35 -9.28 -15.29
C LEU G 258 -14.01 -10.54 -14.48
N ASP G 259 -13.29 -11.45 -15.11
CA ASP G 259 -12.86 -12.66 -14.43
C ASP G 259 -11.54 -12.41 -13.69
N GLU G 260 -10.86 -13.48 -13.29
CA GLU G 260 -9.63 -13.34 -12.52
C GLU G 260 -8.50 -12.73 -13.33
N ASN G 261 -8.57 -12.79 -14.67
CA ASN G 261 -7.58 -12.18 -15.53
C ASN G 261 -8.03 -10.82 -16.07
N GLY G 262 -9.10 -10.26 -15.53
CA GLY G 262 -9.56 -8.95 -15.94
C GLY G 262 -10.30 -8.90 -17.25
N VAL G 263 -10.86 -10.02 -17.70
CA VAL G 263 -11.56 -10.10 -18.98
C VAL G 263 -13.04 -10.36 -18.69
N GLY G 264 -13.90 -9.48 -19.21
CA GLY G 264 -15.32 -9.67 -19.12
C GLY G 264 -15.85 -10.46 -20.30
N PRO G 265 -17.15 -10.73 -20.31
CA PRO G 265 -17.75 -11.44 -21.45
C PRO G 265 -17.54 -10.67 -22.75
N LEU G 266 -17.18 -11.41 -23.80
CA LEU G 266 -16.91 -10.84 -25.12
C LEU G 266 -18.09 -11.15 -26.03
N CYS G 267 -18.71 -10.10 -26.56
CA CYS G 267 -19.99 -10.20 -27.25
C CYS G 267 -19.77 -10.69 -28.68
N LYS G 268 -20.06 -11.97 -28.92
CA LYS G 268 -19.94 -12.52 -30.27
C LYS G 268 -21.08 -12.00 -31.15
N GLY G 269 -20.72 -11.65 -32.39
CA GLY G 269 -21.70 -11.07 -33.28
C GLY G 269 -22.22 -9.73 -32.84
N ASP G 270 -21.49 -9.03 -31.97
CA ASP G 270 -21.89 -7.73 -31.44
C ASP G 270 -23.25 -7.82 -30.74
N GLY G 271 -23.49 -8.93 -30.06
CA GLY G 271 -24.73 -9.11 -29.34
C GLY G 271 -24.54 -9.29 -27.85
N LEU G 272 -25.27 -8.53 -27.05
CA LEU G 272 -25.24 -8.62 -25.60
C LEU G 272 -26.42 -9.47 -25.14
N PHE G 273 -26.16 -10.42 -24.25
CA PHE G 273 -27.15 -11.41 -23.84
C PHE G 273 -27.46 -11.25 -22.36
N VAL G 274 -28.71 -10.91 -22.05
CA VAL G 274 -29.17 -10.72 -20.69
C VAL G 274 -30.12 -11.87 -20.34
N SER G 275 -30.15 -12.23 -19.06
CA SER G 275 -31.00 -13.32 -18.60
C SER G 275 -31.36 -13.05 -17.14
N CYS G 276 -32.54 -13.51 -16.74
CA CYS G 276 -32.96 -13.34 -15.35
C CYS G 276 -34.20 -14.18 -15.09
N ALA G 277 -34.51 -14.31 -13.79
CA ALA G 277 -35.72 -14.95 -13.30
C ALA G 277 -35.93 -14.48 -11.87
N ASP G 278 -37.13 -13.97 -11.57
CA ASP G 278 -37.37 -13.33 -10.27
C ASP G 278 -38.74 -13.76 -9.74
N ILE G 279 -38.79 -14.96 -9.18
CA ILE G 279 -39.95 -15.39 -8.41
C ILE G 279 -39.85 -14.78 -7.02
N CYS G 280 -40.87 -14.03 -6.63
CA CYS G 280 -40.86 -13.30 -5.37
C CYS G 280 -41.74 -13.92 -4.30
N GLY G 281 -42.44 -15.00 -4.61
CA GLY G 281 -43.33 -15.65 -3.69
C GLY G 281 -44.55 -16.18 -4.41
N VAL G 282 -45.58 -16.57 -3.65
CA VAL G 282 -46.79 -17.14 -4.22
C VAL G 282 -48.01 -16.45 -3.64
N LEU G 283 -49.09 -16.48 -4.42
CA LEU G 283 -50.43 -16.09 -3.98
C LEU G 283 -51.22 -17.34 -3.67
N VAL G 284 -51.93 -17.34 -2.55
CA VAL G 284 -52.73 -18.47 -2.11
C VAL G 284 -54.19 -18.16 -2.39
N LYS G 285 -54.83 -19.01 -3.21
CA LYS G 285 -56.24 -18.84 -3.53
C LYS G 285 -57.10 -19.01 -2.28
N ALA G 286 -58.21 -18.27 -2.24
CA ALA G 286 -59.10 -18.36 -1.09
C ALA G 286 -60.08 -19.52 -1.19
N ASP G 287 -60.40 -19.96 -2.41
CA ASP G 287 -61.44 -20.97 -2.60
C ASP G 287 -60.90 -22.38 -2.36
N ASN G 288 -59.74 -22.71 -2.93
CA ASN G 288 -59.19 -24.06 -2.82
C ASN G 288 -57.75 -24.07 -2.34
N GLU G 289 -57.19 -22.91 -1.95
CA GLU G 289 -55.86 -22.79 -1.35
C GLU G 289 -54.74 -23.17 -2.31
N ALA G 290 -54.97 -23.13 -3.62
CA ALA G 290 -53.90 -23.33 -4.57
C ALA G 290 -53.08 -22.06 -4.74
N ILE G 291 -51.96 -22.17 -5.45
CA ILE G 291 -50.99 -21.08 -5.47
C ILE G 291 -50.71 -20.62 -6.90
N ARG G 292 -50.29 -19.36 -7.01
CA ARG G 292 -49.74 -18.78 -8.24
C ARG G 292 -48.41 -18.14 -7.89
N TYR G 293 -47.38 -18.39 -8.70
CA TYR G 293 -46.12 -17.68 -8.53
C TYR G 293 -46.27 -16.24 -8.96
N ARG G 294 -45.48 -15.36 -8.35
CA ARG G 294 -45.51 -13.92 -8.66
C ARG G 294 -44.11 -13.45 -8.99
N GLY G 295 -43.97 -12.75 -10.11
CA GLY G 295 -42.70 -12.20 -10.52
C GLY G 295 -42.73 -10.70 -10.70
N LEU G 296 -41.54 -10.08 -10.74
CA LEU G 296 -41.41 -8.65 -10.90
C LEU G 296 -40.39 -8.34 -12.00
N PRO G 297 -40.53 -7.19 -12.65
CA PRO G 297 -39.59 -6.85 -13.73
C PRO G 297 -38.20 -6.55 -13.20
N ARG G 298 -37.21 -6.76 -14.05
CA ARG G 298 -35.81 -6.50 -13.71
C ARG G 298 -35.20 -5.55 -14.72
N TYR G 299 -34.43 -4.59 -14.21
CA TYR G 299 -33.74 -3.59 -15.01
C TYR G 299 -32.27 -3.95 -15.13
N PHE G 300 -31.67 -3.57 -16.26
CA PHE G 300 -30.25 -3.78 -16.50
C PHE G 300 -29.62 -2.49 -17.00
N LYS G 301 -28.36 -2.27 -16.60
CA LYS G 301 -27.53 -1.21 -17.19
C LYS G 301 -26.12 -1.78 -17.28
N VAL G 302 -25.73 -2.19 -18.49
CA VAL G 302 -24.47 -2.87 -18.73
C VAL G 302 -23.50 -1.90 -19.38
N THR G 303 -22.29 -1.81 -18.84
CA THR G 303 -21.22 -1.00 -19.40
C THR G 303 -20.25 -1.89 -20.15
N LEU G 304 -19.86 -1.45 -21.35
CA LEU G 304 -18.99 -2.23 -22.21
C LEU G 304 -17.83 -1.39 -22.71
N ARG G 305 -16.77 -2.08 -23.13
CA ARG G 305 -15.59 -1.45 -23.71
C ARG G 305 -15.12 -2.30 -24.89
N LYS G 306 -14.19 -1.74 -25.65
CA LYS G 306 -13.67 -2.39 -26.85
C LYS G 306 -12.44 -3.22 -26.52
N ARG G 307 -12.43 -4.47 -26.97
CA ARG G 307 -11.33 -5.39 -26.72
C ARG G 307 -10.89 -6.03 -28.02
N ALA G 308 -9.58 -6.10 -28.23
CA ALA G 308 -9.03 -6.69 -29.44
C ALA G 308 -8.89 -8.20 -29.31
N VAL G 309 -9.23 -8.92 -30.39
CA VAL G 309 -9.14 -10.37 -30.43
C VAL G 309 -8.48 -10.78 -31.74
N LYS G 310 -8.01 -12.02 -31.78
CA LYS G 310 -7.32 -12.57 -32.94
C LYS G 310 -8.27 -13.46 -33.74
N ASN G 311 -8.00 -13.55 -35.04
CA ASN G 311 -8.79 -14.36 -35.97
C ASN G 311 -10.26 -13.96 -35.97
N ALA H 37 -17.95 26.88 2.15
CA ALA H 37 -17.60 25.82 1.21
C ALA H 37 -18.12 24.47 1.68
N THR H 38 -18.75 24.46 2.85
CA THR H 38 -19.27 23.23 3.44
C THR H 38 -20.48 23.58 4.29
N THR H 39 -21.50 22.74 4.21
CA THR H 39 -22.71 22.93 5.00
C THR H 39 -23.27 21.59 5.43
N GLU H 40 -23.96 21.60 6.56
CA GLU H 40 -24.65 20.43 7.08
C GLU H 40 -26.13 20.79 7.25
N ILE H 41 -27.00 19.88 6.83
CA ILE H 41 -28.44 20.09 6.95
C ILE H 41 -29.01 18.98 7.83
N GLU H 42 -29.99 19.33 8.64
CA GLU H 42 -30.73 18.40 9.48
C GLU H 42 -32.21 18.58 9.23
N LEU H 43 -32.95 17.48 9.24
CA LEU H 43 -34.40 17.55 9.17
C LEU H 43 -34.98 16.18 9.50
N TRP H 44 -36.22 16.20 9.96
CA TRP H 44 -36.98 15.01 10.26
C TRP H 44 -38.04 14.80 9.19
N LEU H 45 -38.39 13.55 8.95
CA LEU H 45 -39.50 13.19 8.08
C LEU H 45 -40.47 12.32 8.87
N GLU H 46 -41.66 12.84 9.13
CA GLU H 46 -42.66 12.08 9.85
C GLU H 46 -43.32 11.04 8.94
N PRO H 47 -43.72 9.90 9.48
CA PRO H 47 -44.25 8.83 8.63
C PRO H 47 -45.57 9.22 7.98
N ARG H 48 -45.80 8.64 6.80
CA ARG H 48 -47.01 8.88 6.02
C ARG H 48 -47.63 7.52 5.66
N MET H 49 -48.13 6.83 6.68
CA MET H 49 -48.69 5.50 6.51
C MET H 49 -50.12 5.50 5.96
N GLY H 50 -50.75 6.67 5.90
CA GLY H 50 -52.14 6.75 5.47
C GLY H 50 -52.86 7.85 6.22
N VAL H 51 -52.97 7.69 7.55
CA VAL H 51 -53.40 8.78 8.42
C VAL H 51 -52.20 9.70 8.60
N ASN H 52 -52.14 10.77 7.80
CA ASN H 52 -50.95 11.59 7.68
C ASN H 52 -50.97 12.84 8.54
N ALA H 53 -51.96 12.97 9.43
CA ALA H 53 -52.04 14.15 10.28
C ALA H 53 -52.79 13.81 11.56
N PRO H 54 -52.36 14.35 12.71
CA PRO H 54 -53.08 14.16 13.98
C PRO H 54 -54.33 15.03 14.09
N THR H 55 -55.18 14.98 13.06
CA THR H 55 -56.40 15.76 13.00
C THR H 55 -57.51 14.91 12.39
N GLY H 56 -58.73 15.41 12.48
CA GLY H 56 -59.85 14.75 11.83
C GLY H 56 -60.38 13.57 12.63
N ASP H 57 -61.18 12.75 11.93
CA ASP H 57 -61.79 11.60 12.58
C ASP H 57 -60.75 10.57 13.03
N ARG H 58 -59.69 10.40 12.23
CA ARG H 58 -58.66 9.41 12.49
C ARG H 58 -57.48 9.99 13.27
N LYS H 59 -57.72 11.00 14.11
CA LYS H 59 -56.63 11.71 14.77
C LYS H 59 -55.80 10.78 15.66
N GLU H 60 -56.46 9.86 16.37
CA GLU H 60 -55.77 9.02 17.33
C GLU H 60 -54.89 7.95 16.68
N TRP H 61 -54.91 7.83 15.36
CA TRP H 61 -54.12 6.81 14.66
C TRP H 61 -53.11 7.46 13.71
N TYR H 62 -52.62 8.64 14.07
CA TYR H 62 -51.54 9.27 13.31
C TYR H 62 -50.29 8.40 13.37
N GLY H 63 -49.60 8.29 12.25
CA GLY H 63 -48.48 7.38 12.13
C GLY H 63 -48.88 5.97 11.77
N TYR H 64 -50.17 5.67 11.69
CA TYR H 64 -50.69 4.38 11.29
C TYR H 64 -51.47 4.53 9.98
N SER H 65 -51.77 3.39 9.37
CA SER H 65 -52.69 3.37 8.24
C SER H 65 -54.09 3.06 8.73
N GLU H 66 -55.07 3.32 7.86
CA GLU H 66 -56.43 2.90 8.14
C GLU H 66 -56.50 1.36 8.13
N VAL H 67 -57.51 0.83 8.83
CA VAL H 67 -57.70 -0.62 8.86
C VAL H 67 -57.93 -1.14 7.46
N ILE H 68 -57.28 -2.28 7.15
CA ILE H 68 -57.30 -2.87 5.82
C ILE H 68 -57.83 -4.29 5.92
N HIS H 69 -58.73 -4.64 4.99
CA HIS H 69 -59.32 -5.97 4.93
C HIS H 69 -58.97 -6.62 3.59
N HIS H 70 -59.12 -7.95 3.55
CA HIS H 70 -58.65 -8.73 2.42
C HIS H 70 -59.38 -8.35 1.12
N ALA H 71 -60.66 -8.01 1.20
CA ALA H 71 -61.45 -7.71 0.01
C ALA H 71 -61.54 -6.22 -0.27
N ASP H 72 -60.85 -5.38 0.50
CA ASP H 72 -60.82 -3.96 0.20
C ASP H 72 -60.15 -3.72 -1.15
N GLY H 73 -60.71 -2.80 -1.93
CA GLY H 73 -60.32 -2.63 -3.31
C GLY H 73 -61.08 -3.49 -4.29
N TYR H 74 -61.88 -4.45 -3.80
CA TYR H 74 -62.74 -5.27 -4.63
C TYR H 74 -64.20 -5.14 -4.22
N ASP H 75 -64.52 -5.34 -2.94
CA ASP H 75 -65.87 -5.08 -2.47
C ASP H 75 -66.15 -3.58 -2.39
N ASN H 76 -65.12 -2.78 -2.15
CA ASN H 76 -65.26 -1.34 -2.03
C ASN H 76 -64.08 -0.69 -2.75
N ASN H 77 -63.96 0.63 -2.59
CA ASN H 77 -62.83 1.37 -3.11
C ASN H 77 -61.74 1.44 -2.05
N LEU H 78 -60.50 1.21 -2.44
CA LEU H 78 -59.39 1.33 -1.50
C LEU H 78 -59.12 2.81 -1.25
N LEU H 79 -58.96 3.17 0.02
CA LEU H 79 -58.83 4.58 0.39
C LEU H 79 -57.37 4.98 0.47
N SER H 80 -57.11 6.28 0.25
CA SER H 80 -55.77 6.79 0.42
C SER H 80 -55.25 6.58 1.83
N VAL H 81 -56.15 6.61 2.82
CA VAL H 81 -55.73 6.36 4.20
C VAL H 81 -55.29 4.93 4.44
N GLN H 82 -55.56 4.02 3.50
CA GLN H 82 -55.19 2.62 3.63
C GLN H 82 -53.91 2.26 2.90
N MET H 83 -53.24 3.24 2.28
CA MET H 83 -52.05 2.96 1.48
C MET H 83 -50.87 3.77 1.99
N PRO H 84 -49.87 3.13 2.60
CA PRO H 84 -48.69 3.87 3.06
C PRO H 84 -47.97 4.53 1.89
N GLN H 85 -47.60 5.79 2.09
CA GLN H 85 -46.99 6.61 1.05
C GLN H 85 -45.57 6.98 1.43
N TYR H 86 -44.83 7.48 0.45
CA TYR H 86 -43.46 7.93 0.67
C TYR H 86 -43.46 9.30 1.35
N SER H 87 -42.49 9.52 2.22
CA SER H 87 -42.26 10.83 2.79
C SER H 87 -41.21 11.56 1.97
N CYS H 88 -41.40 12.86 1.77
CA CYS H 88 -40.41 13.63 1.03
C CYS H 88 -40.46 15.07 1.48
N ALA H 89 -39.42 15.82 1.12
CA ALA H 89 -39.28 17.21 1.53
C ALA H 89 -38.14 17.83 0.76
N ARG H 90 -38.32 19.08 0.35
CA ARG H 90 -37.29 19.87 -0.30
C ARG H 90 -36.75 20.89 0.70
N VAL H 91 -35.42 20.92 0.85
CA VAL H 91 -34.75 21.84 1.76
C VAL H 91 -34.09 22.94 0.92
N GLN H 92 -34.42 24.19 1.22
CA GLN H 92 -33.84 25.33 0.52
C GLN H 92 -32.42 25.56 1.05
N LEU H 93 -31.44 25.47 0.16
CA LEU H 93 -30.05 25.70 0.48
C LEU H 93 -29.65 27.13 0.17
N PRO H 94 -28.57 27.63 0.77
CA PRO H 94 -28.14 29.01 0.50
C PRO H 94 -27.90 29.24 -0.99
N MET H 95 -28.34 30.41 -1.47
CA MET H 95 -28.13 30.76 -2.87
C MET H 95 -26.63 30.87 -3.17
N LEU H 96 -26.23 30.29 -4.30
CA LEU H 96 -24.82 30.22 -4.67
C LEU H 96 -24.44 31.18 -5.78
N ASN H 97 -25.24 31.25 -6.83
CA ASN H 97 -24.93 32.06 -8.01
C ASN H 97 -25.80 33.30 -8.05
N THR H 98 -25.17 34.44 -8.34
CA THR H 98 -25.87 35.71 -8.44
C THR H 98 -26.22 36.07 -9.88
N ASP H 99 -26.02 35.13 -10.82
CA ASP H 99 -26.41 35.33 -12.21
C ASP H 99 -26.45 33.94 -12.84
N MET H 100 -27.64 33.37 -12.96
CA MET H 100 -27.82 32.00 -13.41
C MET H 100 -27.52 31.80 -14.90
N THR H 101 -27.03 32.80 -15.64
CA THR H 101 -26.71 32.62 -17.05
C THR H 101 -25.22 32.50 -17.32
N CYS H 102 -24.40 32.54 -16.27
CA CYS H 102 -22.96 32.39 -16.45
C CYS H 102 -22.63 30.98 -16.91
N GLU H 103 -21.55 30.86 -17.70
CA GLU H 103 -21.16 29.57 -18.25
C GLU H 103 -20.72 28.60 -17.15
N THR H 104 -20.10 29.11 -16.10
CA THR H 104 -19.66 28.30 -14.96
C THR H 104 -20.44 28.73 -13.72
N LEU H 105 -21.11 27.77 -13.09
CA LEU H 105 -21.94 28.04 -11.93
C LEU H 105 -21.49 27.19 -10.75
N MET H 106 -22.06 27.48 -9.58
CA MET H 106 -21.77 26.76 -8.35
C MET H 106 -23.01 25.99 -7.92
N MET H 107 -22.81 24.73 -7.54
CA MET H 107 -23.89 23.88 -7.07
C MET H 107 -23.49 23.21 -5.77
N TRP H 108 -24.49 22.99 -4.91
CA TRP H 108 -24.27 22.20 -3.71
C TRP H 108 -24.21 20.73 -4.06
N GLU H 109 -23.24 20.03 -3.48
CA GLU H 109 -22.98 18.62 -3.78
C GLU H 109 -23.08 17.81 -2.50
N ALA H 110 -24.08 16.94 -2.43
CA ALA H 110 -24.23 16.06 -1.26
C ALA H 110 -23.16 14.98 -1.30
N VAL H 111 -22.34 14.91 -0.26
CA VAL H 111 -21.23 13.97 -0.22
C VAL H 111 -21.49 12.79 0.71
N SER H 112 -22.28 12.98 1.77
CA SER H 112 -22.54 11.90 2.72
C SER H 112 -23.81 12.25 3.48
N CYS H 113 -24.31 11.26 4.24
CA CYS H 113 -25.52 11.48 5.01
C CYS H 113 -25.56 10.51 6.17
N LYS H 114 -26.10 10.98 7.29
CA LYS H 114 -26.42 10.16 8.44
C LYS H 114 -27.94 10.10 8.58
N THR H 115 -28.48 8.89 8.65
CA THR H 115 -29.92 8.71 8.75
C THR H 115 -30.23 7.62 9.76
N GLU H 116 -31.35 7.79 10.47
CA GLU H 116 -31.73 6.86 11.52
C GLU H 116 -33.24 6.90 11.72
N VAL H 117 -33.80 5.73 12.04
CA VAL H 117 -35.20 5.61 12.40
C VAL H 117 -35.31 5.72 13.92
N VAL H 118 -36.11 6.67 14.40
CA VAL H 118 -36.24 6.93 15.83
C VAL H 118 -37.50 6.23 16.34
N GLY H 119 -37.49 5.90 17.62
CA GLY H 119 -38.63 5.27 18.25
C GLY H 119 -38.70 3.77 18.11
N ILE H 120 -37.59 3.10 17.79
CA ILE H 120 -37.60 1.66 17.60
C ILE H 120 -37.95 0.94 18.90
N GLY H 121 -37.52 1.51 20.04
CA GLY H 121 -37.82 0.87 21.32
C GLY H 121 -39.30 0.76 21.61
N SER H 122 -40.12 1.60 20.97
CA SER H 122 -41.57 1.53 21.18
C SER H 122 -42.17 0.27 20.59
N LEU H 123 -41.47 -0.42 19.69
CA LEU H 123 -41.98 -1.62 19.06
C LEU H 123 -41.93 -2.85 19.97
N ILE H 124 -41.50 -2.68 21.22
CA ILE H 124 -41.56 -3.78 22.19
C ILE H 124 -42.92 -3.89 22.86
N SER H 125 -43.80 -2.93 22.64
CA SER H 125 -45.06 -2.86 23.38
C SER H 125 -45.93 -4.07 23.09
N VAL H 126 -46.50 -4.65 24.15
CA VAL H 126 -47.45 -5.75 24.03
C VAL H 126 -48.75 -5.36 24.72
N HIS H 127 -49.01 -4.05 24.81
CA HIS H 127 -50.25 -3.51 25.35
C HIS H 127 -50.83 -2.47 24.39
N LEU H 128 -50.84 -2.82 23.10
CA LEU H 128 -51.30 -1.90 22.07
C LEU H 128 -52.82 -1.79 22.09
N LEU H 129 -53.31 -0.58 21.85
CA LEU H 129 -54.75 -0.34 21.86
C LEU H 129 -55.44 -1.13 20.76
N GLU H 130 -56.54 -1.81 21.13
CA GLU H 130 -57.37 -2.59 20.22
C GLU H 130 -56.63 -3.76 19.59
N ALA H 131 -55.47 -4.14 20.12
CA ALA H 131 -54.65 -5.16 19.49
C ALA H 131 -55.11 -6.55 19.91
N LYS H 132 -55.01 -7.49 18.96
CA LYS H 132 -55.35 -8.88 19.23
C LYS H 132 -54.45 -9.45 20.32
N MET H 133 -55.05 -10.27 21.19
CA MET H 133 -54.30 -10.88 22.28
C MET H 133 -53.58 -12.15 21.81
N GLU H 134 -52.31 -12.28 22.21
CA GLU H 134 -51.50 -13.44 21.87
C GLU H 134 -51.56 -14.42 23.04
N ALA H 135 -52.68 -15.14 23.12
CA ALA H 135 -52.89 -16.14 24.16
C ALA H 135 -54.16 -16.91 23.81
N GLY H 136 -54.42 -17.97 24.58
CA GLY H 136 -55.64 -18.72 24.45
C GLY H 136 -56.85 -17.88 24.80
N PRO H 137 -58.03 -18.31 24.35
CA PRO H 137 -59.23 -17.47 24.55
C PRO H 137 -59.61 -17.27 26.01
N ASN H 138 -59.21 -18.18 26.90
CA ASN H 138 -59.56 -18.10 28.31
C ASN H 138 -58.46 -17.47 29.15
N SER H 139 -57.53 -16.75 28.51
CA SER H 139 -56.37 -16.20 29.20
C SER H 139 -56.41 -14.67 29.18
N ASP H 140 -55.37 -14.06 29.77
CA ASP H 140 -55.19 -12.62 29.80
C ASP H 140 -53.71 -12.34 29.49
N GLY H 141 -53.30 -12.69 28.28
CA GLY H 141 -51.92 -12.57 27.88
C GLY H 141 -51.60 -11.21 27.28
N PRO H 142 -50.45 -11.11 26.62
CA PRO H 142 -50.07 -9.86 25.98
C PRO H 142 -50.80 -9.68 24.66
N SER H 143 -50.69 -8.47 24.12
CA SER H 143 -51.22 -8.22 22.79
C SER H 143 -50.21 -8.65 21.73
N ARG H 144 -50.69 -8.74 20.49
CA ARG H 144 -49.78 -8.92 19.37
C ARG H 144 -48.89 -7.69 19.25
N PRO H 145 -47.57 -7.85 19.16
CA PRO H 145 -46.70 -6.69 18.93
C PRO H 145 -46.66 -6.33 17.45
N ILE H 146 -46.09 -5.16 17.19
CA ILE H 146 -45.86 -4.76 15.80
C ILE H 146 -44.92 -5.75 15.15
N GLU H 147 -45.38 -6.34 14.04
CA GLU H 147 -44.59 -7.33 13.31
C GLU H 147 -45.13 -7.40 11.89
N GLY H 148 -44.39 -8.12 11.04
CA GLY H 148 -44.80 -8.29 9.66
C GLY H 148 -43.94 -7.52 8.68
N MET H 149 -44.58 -6.99 7.63
CA MET H 149 -43.85 -6.32 6.55
C MET H 149 -42.98 -5.20 7.11
N ASN H 150 -41.73 -5.18 6.64
CA ASN H 150 -40.82 -4.06 6.89
C ASN H 150 -40.33 -3.53 5.54
N TYR H 151 -40.66 -2.28 5.25
CA TYR H 151 -40.25 -1.63 4.01
C TYR H 151 -39.53 -0.35 4.39
N HIS H 152 -38.20 -0.34 4.22
CA HIS H 152 -37.37 0.77 4.64
C HIS H 152 -36.55 1.26 3.46
N MET H 153 -36.66 2.55 3.18
CA MET H 153 -35.93 3.17 2.07
C MET H 153 -35.67 4.63 2.41
N PHE H 154 -34.50 5.12 2.03
CA PHE H 154 -34.19 6.54 2.13
C PHE H 154 -33.42 6.96 0.89
N ALA H 155 -33.55 8.23 0.53
CA ALA H 155 -32.96 8.73 -0.71
C ALA H 155 -32.50 10.16 -0.52
N VAL H 156 -31.40 10.51 -1.18
CA VAL H 156 -30.85 11.87 -1.17
C VAL H 156 -30.46 12.22 -2.60
N GLY H 157 -30.98 13.34 -3.11
CA GLY H 157 -30.68 13.76 -4.46
C GLY H 157 -30.84 15.26 -4.64
N GLY H 158 -30.37 15.74 -5.78
CA GLY H 158 -30.49 17.13 -6.17
C GLY H 158 -31.74 17.46 -6.94
N GLU H 159 -32.70 16.55 -7.00
CA GLU H 159 -33.97 16.76 -7.67
C GLU H 159 -34.94 15.69 -7.19
N PRO H 160 -36.24 15.83 -7.46
CA PRO H 160 -37.20 14.83 -6.98
C PRO H 160 -36.84 13.42 -7.45
N LEU H 161 -37.06 12.46 -6.55
CA LEU H 161 -36.77 11.06 -6.86
C LEU H 161 -37.72 10.54 -7.93
N ASP H 162 -37.15 9.88 -8.94
CA ASP H 162 -37.95 9.31 -10.02
C ASP H 162 -38.63 8.04 -9.55
N LEU H 163 -39.90 7.89 -9.92
CA LEU H 163 -40.71 6.75 -9.49
C LEU H 163 -41.20 5.97 -10.70
N GLN H 164 -41.31 4.65 -10.53
CA GLN H 164 -41.86 3.76 -11.54
C GLN H 164 -43.12 3.12 -11.00
N GLY H 165 -44.19 3.14 -11.79
CA GLY H 165 -45.47 2.64 -11.36
C GLY H 165 -45.66 1.16 -11.62
N ILE H 166 -46.39 0.51 -10.71
CA ILE H 166 -46.72 -0.91 -10.83
C ILE H 166 -48.00 -1.17 -10.04
N GLU H 167 -48.63 -2.30 -10.34
CA GLU H 167 -49.83 -2.74 -9.64
C GLU H 167 -49.71 -4.23 -9.33
N SER H 168 -49.97 -4.60 -8.08
CA SER H 168 -50.06 -6.02 -7.76
C SER H 168 -51.31 -6.63 -8.39
N ASN H 169 -52.42 -5.89 -8.38
CA ASN H 169 -53.64 -6.26 -9.09
C ASN H 169 -54.02 -5.09 -10.00
N GLY H 170 -54.16 -5.38 -11.30
CA GLY H 170 -54.41 -4.30 -12.24
C GLY H 170 -55.77 -3.63 -12.07
N GLN H 171 -56.77 -4.39 -11.64
CA GLN H 171 -58.14 -3.89 -11.54
C GLN H 171 -58.51 -3.45 -10.13
N THR H 172 -57.52 -3.12 -9.30
CA THR H 172 -57.82 -2.65 -7.96
C THR H 172 -58.59 -1.34 -8.01
N LYS H 173 -59.69 -1.28 -7.27
CA LYS H 173 -60.51 -0.07 -7.21
C LYS H 173 -59.93 0.90 -6.20
N TYR H 174 -59.79 2.16 -6.60
CA TYR H 174 -59.29 3.22 -5.74
C TYR H 174 -60.32 4.34 -5.65
N ALA H 175 -60.50 4.86 -4.44
CA ALA H 175 -61.39 6.00 -4.26
C ALA H 175 -60.81 7.24 -4.92
N THR H 176 -61.70 8.17 -5.27
CA THR H 176 -61.32 9.40 -5.95
C THR H 176 -61.95 10.59 -5.25
N ALA H 177 -61.12 11.53 -4.83
CA ALA H 177 -61.58 12.80 -4.29
C ALA H 177 -60.95 13.94 -5.05
N ILE H 178 -61.56 15.12 -4.96
CA ILE H 178 -60.97 16.31 -5.57
C ILE H 178 -60.93 17.42 -4.54
N PRO H 179 -59.75 17.93 -4.16
CA PRO H 179 -58.43 17.57 -4.69
C PRO H 179 -58.00 16.15 -4.33
N ALA H 180 -57.23 15.52 -5.21
CA ALA H 180 -56.85 14.12 -5.02
C ALA H 180 -55.96 13.97 -3.80
N LYS H 181 -56.25 12.96 -2.99
CA LYS H 181 -55.45 12.67 -1.80
C LYS H 181 -54.27 11.76 -2.11
N SER H 182 -54.22 11.16 -3.29
CA SER H 182 -53.11 10.33 -3.72
C SER H 182 -53.12 10.26 -5.24
N ILE H 183 -52.13 9.58 -5.81
CA ILE H 183 -52.02 9.41 -7.25
C ILE H 183 -51.54 7.99 -7.53
N HIS H 184 -52.12 7.37 -8.55
CA HIS H 184 -51.87 5.99 -8.91
C HIS H 184 -51.26 5.91 -10.30
N PRO H 185 -50.57 4.81 -10.63
CA PRO H 185 -49.88 4.72 -11.94
C PRO H 185 -50.78 4.95 -13.14
N ASN H 186 -52.00 4.43 -13.13
CA ASN H 186 -52.89 4.60 -14.28
C ASN H 186 -53.47 6.00 -14.38
N ASP H 187 -53.35 6.82 -13.34
CA ASP H 187 -53.66 8.24 -13.49
C ASP H 187 -52.72 8.92 -14.48
N ILE H 188 -51.54 8.35 -14.70
CA ILE H 188 -50.55 8.91 -15.61
C ILE H 188 -50.52 8.15 -16.93
N ALA H 189 -50.44 6.83 -16.86
CA ALA H 189 -50.43 6.03 -18.09
C ALA H 189 -51.77 6.11 -18.82
N LYS H 190 -52.87 6.22 -18.09
CA LYS H 190 -54.21 6.38 -18.66
C LYS H 190 -54.54 5.26 -19.64
N LEU H 191 -54.23 4.03 -19.23
CA LEU H 191 -54.60 2.90 -20.06
C LEU H 191 -56.09 2.60 -19.91
N PRO H 192 -56.72 2.09 -20.96
CA PRO H 192 -58.12 1.66 -20.84
C PRO H 192 -58.25 0.56 -19.79
N GLU H 193 -59.48 0.41 -19.28
CA GLU H 193 -59.71 -0.44 -18.12
C GLU H 193 -59.44 -1.91 -18.43
N GLU H 194 -59.64 -2.33 -19.67
CA GLU H 194 -59.38 -3.73 -20.03
C GLU H 194 -57.91 -4.01 -20.28
N ASP H 195 -57.06 -2.98 -20.31
CA ASP H 195 -55.62 -3.15 -20.52
C ASP H 195 -54.82 -2.90 -19.26
N LYS H 196 -55.47 -2.70 -18.11
CA LYS H 196 -54.77 -2.38 -16.87
C LYS H 196 -53.96 -3.55 -16.34
N ALA H 197 -54.14 -4.76 -16.88
CA ALA H 197 -53.27 -5.87 -16.51
C ALA H 197 -51.82 -5.63 -16.89
N GLN H 198 -51.57 -4.71 -17.83
CA GLN H 198 -50.19 -4.39 -18.19
C GLN H 198 -49.44 -3.77 -17.02
N LEU H 199 -50.17 -3.11 -16.10
CA LEU H 199 -49.54 -2.50 -14.93
C LEU H 199 -48.99 -3.53 -13.95
N GLN H 200 -49.33 -4.81 -14.11
CA GLN H 200 -48.72 -5.85 -13.28
C GLN H 200 -47.32 -6.20 -13.74
N GLY H 201 -46.95 -5.82 -14.96
CA GLY H 201 -45.57 -5.92 -15.41
C GLY H 201 -44.89 -4.56 -15.34
N LEU H 202 -44.26 -4.14 -16.44
CA LEU H 202 -43.65 -2.82 -16.50
C LEU H 202 -44.26 -2.03 -17.65
N VAL H 203 -44.84 -0.88 -17.31
CA VAL H 203 -45.40 0.05 -18.27
C VAL H 203 -44.52 1.31 -18.26
N PRO H 204 -43.73 1.55 -19.31
CA PRO H 204 -42.82 2.71 -19.28
C PRO H 204 -43.52 4.05 -19.10
N LYS H 205 -44.76 4.19 -19.57
CA LYS H 205 -45.46 5.46 -19.44
C LYS H 205 -45.86 5.75 -18.00
N ALA H 206 -45.85 4.75 -17.13
CA ALA H 206 -46.26 4.93 -15.74
C ALA H 206 -45.06 5.39 -14.90
N LYS H 207 -44.69 6.64 -15.10
CA LYS H 207 -43.57 7.25 -14.38
C LYS H 207 -44.01 8.57 -13.76
N ALA H 208 -43.36 8.94 -12.66
CA ALA H 208 -43.67 10.16 -11.94
C ALA H 208 -42.45 10.59 -11.16
N LYS H 209 -42.51 11.82 -10.65
CA LYS H 209 -41.48 12.36 -9.76
C LYS H 209 -42.08 12.52 -8.37
N LEU H 210 -41.34 12.04 -7.36
CA LEU H 210 -41.78 12.21 -5.98
C LEU H 210 -41.77 13.69 -5.61
N ASP H 211 -42.85 14.39 -5.93
CA ASP H 211 -42.93 15.84 -5.77
C ASP H 211 -43.95 16.27 -4.73
N LYS H 212 -44.48 15.33 -3.95
CA LYS H 212 -45.50 15.67 -2.95
C LYS H 212 -45.41 14.68 -1.80
N ASP H 213 -45.46 15.22 -0.57
CA ASP H 213 -45.33 14.38 0.61
C ASP H 213 -46.64 13.68 0.92
N GLY H 214 -46.56 12.38 1.23
CA GLY H 214 -47.74 11.59 1.50
C GLY H 214 -48.73 11.58 0.36
N PHE H 215 -48.29 11.10 -0.80
CA PHE H 215 -49.10 11.19 -2.02
C PHE H 215 -48.91 9.96 -2.90
N TYR H 216 -47.70 9.42 -2.90
CA TYR H 216 -47.36 8.29 -3.77
C TYR H 216 -47.30 7.02 -2.95
N PRO H 217 -48.27 6.10 -3.08
CA PRO H 217 -48.28 4.92 -2.22
C PRO H 217 -47.12 3.97 -2.51
N VAL H 218 -46.63 3.34 -1.43
CA VAL H 218 -45.50 2.42 -1.55
C VAL H 218 -45.86 1.23 -2.45
N GLU H 219 -47.09 0.72 -2.32
CA GLU H 219 -47.49 -0.47 -3.05
C GLU H 219 -47.68 -0.22 -4.54
N GLU H 220 -47.63 1.03 -5.00
CA GLU H 220 -47.77 1.35 -6.40
C GLU H 220 -46.54 1.99 -7.02
N TRP H 221 -45.67 2.60 -6.23
CA TRP H 221 -44.52 3.34 -6.75
C TRP H 221 -43.24 2.83 -6.13
N SER H 222 -42.21 2.70 -6.97
CA SER H 222 -40.88 2.28 -6.58
C SER H 222 -39.87 3.24 -7.17
N PRO H 223 -38.69 3.35 -6.57
CA PRO H 223 -37.63 4.17 -7.19
C PRO H 223 -37.27 3.62 -8.56
N ASP H 224 -37.17 4.53 -9.54
CA ASP H 224 -36.94 4.13 -10.93
C ASP H 224 -35.46 3.93 -11.15
N PRO H 225 -34.99 2.69 -11.38
CA PRO H 225 -33.56 2.49 -11.64
C PRO H 225 -33.11 2.97 -13.01
N SER H 226 -34.04 3.15 -13.95
CA SER H 226 -33.70 3.65 -15.27
C SER H 226 -33.42 5.15 -15.29
N ARG H 227 -33.77 5.86 -14.23
CA ARG H 227 -33.46 7.28 -14.11
C ARG H 227 -32.67 7.51 -12.83
N ASN H 228 -32.98 8.60 -12.10
CA ASN H 228 -32.36 8.88 -10.81
C ASN H 228 -30.84 8.96 -10.93
N GLU H 229 -30.34 9.49 -12.04
CA GLU H 229 -28.90 9.69 -12.18
C GLU H 229 -28.37 10.68 -11.16
N ASN H 230 -29.21 11.61 -10.72
CA ASN H 230 -28.82 12.64 -9.77
C ASN H 230 -29.33 12.34 -8.36
N SER H 231 -29.54 11.07 -8.03
CA SER H 231 -30.07 10.69 -6.73
C SER H 231 -29.44 9.37 -6.29
N ARG H 232 -29.48 9.13 -4.98
CA ARG H 232 -29.02 7.88 -4.39
C ARG H 232 -30.10 7.38 -3.43
N TYR H 233 -30.63 6.18 -3.71
CA TYR H 233 -31.63 5.58 -2.85
C TYR H 233 -31.16 4.21 -2.39
N TYR H 234 -31.57 3.82 -1.19
CA TYR H 234 -31.18 2.56 -0.57
C TYR H 234 -32.41 1.98 0.12
N GLY H 235 -32.80 0.76 -0.26
CA GLY H 235 -34.04 0.20 0.21
C GLY H 235 -33.92 -1.28 0.52
N SER H 236 -34.74 -1.72 1.48
CA SER H 236 -34.84 -3.12 1.84
C SER H 236 -36.31 -3.46 2.07
N PHE H 237 -36.62 -4.76 2.05
CA PHE H 237 -37.99 -5.21 2.27
C PHE H 237 -37.98 -6.64 2.79
N VAL H 238 -38.73 -6.88 3.86
CA VAL H 238 -38.94 -8.22 4.41
C VAL H 238 -40.44 -8.41 4.56
N GLY H 239 -41.00 -9.34 3.80
CA GLY H 239 -42.44 -9.53 3.75
C GLY H 239 -42.97 -10.42 4.85
N GLY H 240 -44.23 -10.81 4.70
CA GLY H 240 -44.92 -11.62 5.69
C GLY H 240 -45.73 -10.78 6.66
N LEU H 241 -46.63 -11.45 7.37
CA LEU H 241 -47.51 -10.80 8.33
C LEU H 241 -47.07 -10.98 9.77
N GLN H 242 -46.29 -12.02 10.07
CA GLN H 242 -45.81 -12.28 11.42
C GLN H 242 -44.29 -12.26 11.52
N THR H 243 -43.61 -11.80 10.48
CA THR H 243 -42.15 -11.81 10.46
C THR H 243 -41.60 -10.89 11.55
N PRO H 244 -40.63 -11.35 12.34
CA PRO H 244 -40.03 -10.49 13.36
C PRO H 244 -39.30 -9.32 12.72
N PRO H 245 -39.67 -8.08 13.08
CA PRO H 245 -38.98 -6.93 12.52
C PRO H 245 -37.56 -6.81 13.05
N ASN H 246 -36.62 -6.53 12.15
CA ASN H 246 -35.20 -6.44 12.47
C ASN H 246 -34.72 -5.04 12.11
N LEU H 247 -34.43 -4.22 13.12
CA LEU H 247 -34.08 -2.82 12.92
C LEU H 247 -32.83 -2.47 13.71
N GLN H 248 -32.01 -1.58 13.14
CA GLN H 248 -30.78 -1.12 13.75
C GLN H 248 -30.81 0.40 13.89
N PHE H 249 -30.04 0.91 14.85
CA PHE H 249 -29.93 2.36 15.05
C PHE H 249 -28.59 2.67 15.68
N THR H 250 -27.90 3.67 15.14
CA THR H 250 -26.58 4.08 15.61
C THR H 250 -26.23 5.41 14.96
N ASN H 251 -25.34 6.16 15.61
CA ASN H 251 -24.86 7.43 15.10
C ASN H 251 -23.38 7.38 14.70
N ALA H 252 -22.84 6.18 14.50
CA ALA H 252 -21.43 6.01 14.20
C ALA H 252 -21.18 5.52 12.78
N VAL H 253 -22.22 5.46 11.95
CA VAL H 253 -22.07 5.04 10.55
C VAL H 253 -22.69 6.11 9.66
N SER H 254 -22.16 6.24 8.45
CA SER H 254 -22.67 7.17 7.46
C SER H 254 -22.67 6.49 6.10
N THR H 255 -23.37 7.09 5.15
CA THR H 255 -23.43 6.61 3.78
C THR H 255 -22.79 7.65 2.87
N VAL H 256 -21.77 7.23 2.12
CA VAL H 256 -21.12 8.12 1.16
C VAL H 256 -21.99 8.17 -0.11
N LEU H 257 -22.27 9.39 -0.56
CA LEU H 257 -23.18 9.60 -1.68
C LEU H 257 -22.46 9.81 -3.01
N LEU H 258 -21.13 9.75 -3.03
CA LEU H 258 -20.39 9.93 -4.26
C LEU H 258 -20.51 8.70 -5.14
N ASP H 259 -20.63 8.92 -6.45
CA ASP H 259 -20.70 7.82 -7.39
C ASP H 259 -19.28 7.32 -7.70
N GLU H 260 -19.15 6.46 -8.71
CA GLU H 260 -17.86 5.89 -9.08
C GLU H 260 -16.85 6.96 -9.48
N ASN H 261 -17.31 8.12 -9.94
CA ASN H 261 -16.44 9.21 -10.34
C ASN H 261 -16.19 10.20 -9.21
N GLY H 262 -16.56 9.86 -7.97
CA GLY H 262 -16.36 10.77 -6.86
C GLY H 262 -17.24 11.99 -6.87
N VAL H 263 -18.43 11.89 -7.46
CA VAL H 263 -19.36 13.01 -7.58
C VAL H 263 -20.65 12.63 -6.88
N GLY H 264 -21.11 13.47 -5.96
CA GLY H 264 -22.37 13.27 -5.29
C GLY H 264 -23.50 13.96 -6.02
N PRO H 265 -24.72 13.84 -5.52
CA PRO H 265 -25.86 14.52 -6.14
C PRO H 265 -25.67 16.03 -6.13
N LEU H 266 -25.96 16.65 -7.26
CA LEU H 266 -25.83 18.10 -7.42
C LEU H 266 -27.21 18.73 -7.32
N CYS H 267 -27.35 19.66 -6.37
CA CYS H 267 -28.65 20.20 -5.98
C CYS H 267 -29.08 21.27 -6.99
N LYS H 268 -30.02 20.92 -7.86
CA LYS H 268 -30.53 21.86 -8.85
C LYS H 268 -31.48 22.85 -8.19
N GLY H 269 -31.40 24.10 -8.62
CA GLY H 269 -32.20 25.14 -7.99
C GLY H 269 -31.86 25.39 -6.55
N ASP H 270 -30.68 24.97 -6.10
CA ASP H 270 -30.25 25.09 -4.71
C ASP H 270 -31.21 24.39 -3.77
N GLY H 271 -31.70 23.22 -4.18
CA GLY H 271 -32.63 22.47 -3.38
C GLY H 271 -32.16 21.07 -3.09
N LEU H 272 -32.22 20.65 -1.84
CA LEU H 272 -31.84 19.30 -1.46
C LEU H 272 -33.09 18.48 -1.20
N PHE H 273 -33.15 17.30 -1.82
CA PHE H 273 -34.33 16.46 -1.81
C PHE H 273 -34.02 15.19 -1.02
N VAL H 274 -34.78 14.97 0.05
CA VAL H 274 -34.67 13.75 0.85
C VAL H 274 -36.00 13.02 0.79
N SER H 275 -35.94 11.70 0.72
CA SER H 275 -37.13 10.86 0.67
C SER H 275 -36.96 9.70 1.63
N CYS H 276 -38.08 9.13 2.06
CA CYS H 276 -38.01 7.97 2.94
C CYS H 276 -39.35 7.26 2.95
N ALA H 277 -39.33 6.07 3.54
CA ALA H 277 -40.51 5.23 3.77
C ALA H 277 -40.09 4.13 4.72
N ASP H 278 -40.77 4.04 5.87
CA ASP H 278 -40.35 3.12 6.94
C ASP H 278 -41.59 2.44 7.54
N ILE H 279 -42.11 1.45 6.82
CA ILE H 279 -43.13 0.57 7.36
C ILE H 279 -42.44 -0.44 8.29
N CYS H 280 -42.82 -0.43 9.56
CA CYS H 280 -42.15 -1.25 10.56
C CYS H 280 -42.92 -2.50 10.93
N GLY H 281 -44.12 -2.68 10.38
CA GLY H 281 -44.93 -3.83 10.70
C GLY H 281 -46.40 -3.47 10.64
N VAL H 282 -47.22 -4.36 11.22
CA VAL H 282 -48.66 -4.15 11.27
C VAL H 282 -49.16 -4.37 12.70
N LEU H 283 -50.32 -3.80 12.99
CA LEU H 283 -51.06 -4.04 14.21
C LEU H 283 -52.31 -4.83 13.86
N VAL H 284 -52.52 -5.95 14.55
CA VAL H 284 -53.68 -6.80 14.29
C VAL H 284 -54.81 -6.38 15.21
N LYS H 285 -55.95 -6.00 14.63
CA LYS H 285 -57.11 -5.66 15.41
C LYS H 285 -57.67 -6.90 16.12
N ALA H 286 -58.31 -6.68 17.26
CA ALA H 286 -58.86 -7.77 18.04
C ALA H 286 -60.26 -8.19 17.62
N ASP H 287 -61.04 -7.27 17.05
CA ASP H 287 -62.43 -7.58 16.73
C ASP H 287 -62.52 -8.44 15.47
N ASN H 288 -61.91 -7.99 14.37
CA ASN H 288 -62.00 -8.70 13.09
C ASN H 288 -60.65 -9.14 12.56
N GLU H 289 -59.58 -9.01 13.36
CA GLU H 289 -58.23 -9.46 13.00
C GLU H 289 -57.66 -8.73 11.79
N ALA H 290 -58.24 -7.60 11.41
CA ALA H 290 -57.68 -6.78 10.34
C ALA H 290 -56.50 -5.98 10.87
N ILE H 291 -55.76 -5.34 9.95
CA ILE H 291 -54.46 -4.78 10.28
C ILE H 291 -54.40 -3.29 9.96
N ARG H 292 -53.53 -2.59 10.67
CA ARG H 292 -53.06 -1.26 10.32
C ARG H 292 -51.54 -1.31 10.17
N TYR H 293 -51.02 -0.61 9.17
CA TYR H 293 -49.57 -0.44 9.09
C TYR H 293 -49.10 0.53 10.16
N ARG H 294 -47.81 0.43 10.52
CA ARG H 294 -47.21 1.33 11.49
C ARG H 294 -45.87 1.83 10.95
N GLY H 295 -45.67 3.13 11.01
CA GLY H 295 -44.43 3.74 10.59
C GLY H 295 -43.80 4.58 11.66
N LEU H 296 -42.50 4.84 11.54
CA LEU H 296 -41.74 5.64 12.49
C LEU H 296 -41.03 6.77 11.78
N PRO H 297 -40.72 7.85 12.49
CA PRO H 297 -40.02 8.98 11.85
C PRO H 297 -38.57 8.63 11.53
N ARG H 298 -38.04 9.34 10.55
CA ARG H 298 -36.65 9.17 10.12
C ARG H 298 -35.93 10.51 10.18
N TYR H 299 -34.67 10.47 10.60
CA TYR H 299 -33.82 11.64 10.72
C TYR H 299 -32.81 11.67 9.59
N PHE H 300 -32.41 12.88 9.19
CA PHE H 300 -31.46 13.09 8.11
C PHE H 300 -30.42 14.11 8.53
N LYS H 301 -29.15 13.82 8.22
CA LYS H 301 -28.07 14.80 8.35
C LYS H 301 -27.18 14.64 7.12
N VAL H 302 -27.33 15.56 6.16
CA VAL H 302 -26.59 15.50 4.89
C VAL H 302 -25.46 16.51 4.92
N THR H 303 -24.26 16.07 4.56
CA THR H 303 -23.08 16.92 4.47
C THR H 303 -22.88 17.31 3.01
N LEU H 304 -22.64 18.59 2.75
CA LEU H 304 -22.55 19.09 1.39
C LEU H 304 -21.30 19.95 1.22
N ARG H 305 -20.85 20.05 -0.03
CA ARG H 305 -19.73 20.90 -0.41
C ARG H 305 -20.10 21.63 -1.69
N LYS H 306 -19.26 22.58 -2.08
CA LYS H 306 -19.50 23.40 -3.27
C LYS H 306 -18.72 22.84 -4.45
N ARG H 307 -19.40 22.68 -5.59
CA ARG H 307 -18.81 22.15 -6.80
C ARG H 307 -19.17 23.04 -7.97
N ALA H 308 -18.17 23.34 -8.80
CA ALA H 308 -18.36 24.18 -9.98
C ALA H 308 -18.64 23.32 -11.19
N VAL H 309 -19.74 23.61 -11.89
CA VAL H 309 -20.19 22.82 -13.03
C VAL H 309 -20.32 23.72 -14.25
N LYS H 310 -20.49 23.10 -15.41
CA LYS H 310 -20.67 23.82 -16.66
C LYS H 310 -22.15 24.01 -16.96
N ALA I 37 -1.26 9.23 30.92
CA ALA I 37 -1.59 9.52 29.53
C ALA I 37 -2.78 8.67 29.05
N THR I 38 -2.86 7.43 29.55
CA THR I 38 -3.88 6.47 29.18
C THR I 38 -4.43 5.80 30.44
N THR I 39 -5.75 5.62 30.50
CA THR I 39 -6.41 5.00 31.64
C THR I 39 -7.51 4.06 31.15
N GLU I 40 -7.83 3.06 31.97
CA GLU I 40 -8.87 2.09 31.65
C GLU I 40 -9.95 2.13 32.72
N ILE I 41 -11.21 2.01 32.30
CA ILE I 41 -12.36 2.12 33.19
C ILE I 41 -13.22 0.89 33.02
N GLU I 42 -13.48 0.18 34.13
CA GLU I 42 -14.37 -0.96 34.16
C GLU I 42 -15.61 -0.62 35.00
N LEU I 43 -16.75 -1.18 34.59
CA LEU I 43 -17.96 -1.13 35.42
C LEU I 43 -18.96 -2.15 34.90
N TRP I 44 -19.90 -2.49 35.76
CA TRP I 44 -21.08 -3.27 35.40
C TRP I 44 -22.31 -2.39 35.47
N LEU I 45 -23.25 -2.61 34.55
CA LEU I 45 -24.57 -1.99 34.61
C LEU I 45 -25.60 -3.09 34.76
N GLU I 46 -26.31 -3.10 35.88
CA GLU I 46 -27.31 -4.13 36.10
C GLU I 46 -28.61 -3.76 35.39
N PRO I 47 -29.38 -4.74 34.95
CA PRO I 47 -30.58 -4.44 34.15
C PRO I 47 -31.65 -3.74 34.97
N ARG I 48 -32.43 -2.90 34.28
CA ARG I 48 -33.53 -2.14 34.87
C ARG I 48 -34.79 -2.42 34.06
N MET I 49 -35.31 -3.64 34.18
CA MET I 49 -36.46 -4.08 33.41
C MET I 49 -37.79 -3.66 34.02
N GLY I 50 -37.79 -3.05 35.20
CA GLY I 50 -39.01 -2.71 35.89
C GLY I 50 -38.90 -2.98 37.38
N VAL I 51 -38.67 -4.25 37.73
CA VAL I 51 -38.29 -4.61 39.09
C VAL I 51 -36.80 -4.32 39.22
N ASN I 52 -36.47 -3.13 39.70
CA ASN I 52 -35.11 -2.60 39.59
C ASN I 52 -34.26 -2.84 40.84
N ALA I 53 -34.77 -3.57 41.83
CA ALA I 53 -34.00 -3.84 43.04
C ALA I 53 -34.49 -5.14 43.64
N PRO I 54 -33.60 -5.94 44.24
CA PRO I 54 -34.00 -7.17 44.94
C PRO I 54 -34.59 -6.90 46.33
N THR I 55 -35.58 -6.01 46.38
CA THR I 55 -36.20 -5.59 47.64
C THR I 55 -37.70 -5.54 47.46
N GLY I 56 -38.41 -5.31 48.57
CA GLY I 56 -39.83 -5.12 48.50
C GLY I 56 -40.60 -6.40 48.18
N ASP I 57 -41.88 -6.20 47.83
CA ASP I 57 -42.77 -7.33 47.57
C ASP I 57 -42.42 -8.05 46.28
N ARG I 58 -41.93 -7.32 45.27
CA ARG I 58 -41.53 -7.89 44.00
C ARG I 58 -40.08 -8.37 44.00
N LYS I 59 -39.53 -8.70 45.17
CA LYS I 59 -38.10 -8.96 45.29
C LYS I 59 -37.65 -10.15 44.43
N GLU I 60 -38.50 -11.17 44.28
CA GLU I 60 -38.07 -12.40 43.62
C GLU I 60 -37.93 -12.26 42.11
N TRP I 61 -38.41 -11.15 41.53
CA TRP I 61 -38.35 -10.95 40.08
C TRP I 61 -37.42 -9.82 39.70
N TYR I 62 -36.38 -9.59 40.50
CA TYR I 62 -35.34 -8.63 40.14
C TYR I 62 -34.70 -9.05 38.83
N GLY I 63 -34.47 -8.08 37.95
CA GLY I 63 -34.01 -8.35 36.61
C GLY I 63 -35.12 -8.69 35.63
N TYR I 64 -36.37 -8.71 36.08
CA TYR I 64 -37.53 -8.90 35.22
C TYR I 64 -38.41 -7.66 35.29
N SER I 65 -39.43 -7.65 34.42
CA SER I 65 -40.49 -6.66 34.50
C SER I 65 -41.68 -7.25 35.24
N GLU I 66 -42.58 -6.37 35.67
CA GLU I 66 -43.85 -6.82 36.19
C GLU I 66 -44.67 -7.43 35.05
N VAL I 67 -45.61 -8.30 35.42
CA VAL I 67 -46.45 -8.98 34.44
C VAL I 67 -47.26 -7.94 33.65
N ILE I 68 -47.36 -8.17 32.34
CA ILE I 68 -47.98 -7.20 31.42
C ILE I 68 -49.10 -7.89 30.66
N HIS I 69 -50.29 -7.29 30.68
CA HIS I 69 -51.45 -7.80 29.97
C HIS I 69 -51.80 -6.86 28.82
N HIS I 70 -52.62 -7.38 27.89
CA HIS I 70 -52.89 -6.66 26.65
C HIS I 70 -53.67 -5.38 26.89
N ALA I 71 -54.55 -5.35 27.89
CA ALA I 71 -55.36 -4.18 28.18
C ALA I 71 -54.72 -3.23 29.18
N ASP I 72 -53.53 -3.57 29.70
CA ASP I 72 -52.84 -2.67 30.61
C ASP I 72 -52.53 -1.35 29.91
N GLY I 73 -52.68 -0.25 30.65
CA GLY I 73 -52.63 1.08 30.08
C GLY I 73 -53.95 1.57 29.54
N TYR I 74 -54.92 0.68 29.35
CA TYR I 74 -56.27 1.03 28.94
C TYR I 74 -57.31 0.62 29.99
N ASP I 75 -57.29 -0.64 30.41
CA ASP I 75 -58.11 -1.05 31.55
C ASP I 75 -57.66 -0.36 32.83
N ASN I 76 -56.37 -0.08 32.96
CA ASN I 76 -55.80 0.45 34.19
C ASN I 76 -54.66 1.39 33.82
N ASN I 77 -53.93 1.85 34.84
CA ASN I 77 -52.75 2.68 34.62
C ASN I 77 -51.52 1.80 34.52
N LEU I 78 -50.75 1.97 33.44
CA LEU I 78 -49.53 1.21 33.27
C LEU I 78 -48.50 1.62 34.31
N LEU I 79 -47.91 0.64 34.99
CA LEU I 79 -46.97 0.90 36.06
C LEU I 79 -45.55 1.02 35.52
N SER I 80 -44.70 1.72 36.27
CA SER I 80 -43.30 1.85 35.88
C SER I 80 -42.58 0.50 35.94
N VAL I 81 -43.00 -0.39 36.84
CA VAL I 81 -42.41 -1.72 36.93
C VAL I 81 -42.77 -2.58 35.74
N GLN I 82 -43.72 -2.16 34.91
CA GLN I 82 -44.10 -2.87 33.70
C GLN I 82 -43.36 -2.35 32.46
N MET I 83 -42.50 -1.36 32.61
CA MET I 83 -41.83 -0.73 31.47
C MET I 83 -40.32 -0.86 31.62
N PRO I 84 -39.66 -1.67 30.81
CA PRO I 84 -38.19 -1.75 30.87
C PRO I 84 -37.57 -0.39 30.58
N GLN I 85 -36.51 -0.07 31.33
CA GLN I 85 -35.90 1.24 31.30
C GLN I 85 -34.42 1.13 30.99
N TYR I 86 -33.85 2.25 30.54
CA TYR I 86 -32.42 2.32 30.26
C TYR I 86 -31.62 2.32 31.57
N SER I 87 -30.45 1.69 31.53
CA SER I 87 -29.46 1.81 32.59
C SER I 87 -28.44 2.87 32.18
N CYS I 88 -27.86 3.53 33.19
CA CYS I 88 -26.86 4.55 32.93
C CYS I 88 -26.08 4.79 34.22
N ALA I 89 -24.88 5.33 34.06
CA ALA I 89 -24.01 5.64 35.19
C ALA I 89 -22.98 6.66 34.74
N ARG I 90 -22.50 7.46 35.70
CA ARG I 90 -21.42 8.39 35.48
C ARG I 90 -20.22 7.97 36.30
N VAL I 91 -19.06 7.89 35.65
CA VAL I 91 -17.81 7.49 36.30
C VAL I 91 -16.96 8.74 36.49
N GLN I 92 -16.57 8.99 37.74
CA GLN I 92 -15.65 10.09 38.02
C GLN I 92 -14.25 9.70 37.60
N LEU I 93 -13.69 10.44 36.66
CA LEU I 93 -12.35 10.24 36.18
C LEU I 93 -11.37 11.13 36.94
N PRO I 94 -10.07 10.79 36.93
CA PRO I 94 -9.11 11.61 37.67
C PRO I 94 -9.12 13.05 37.20
N MET I 95 -9.06 13.98 38.15
CA MET I 95 -9.03 15.40 37.83
C MET I 95 -7.81 15.71 36.98
N LEU I 96 -8.02 16.44 35.89
CA LEU I 96 -6.98 16.70 34.90
C LEU I 96 -6.35 18.08 35.04
N ASN I 97 -7.15 19.12 35.19
CA ASN I 97 -6.68 20.49 35.21
C ASN I 97 -6.81 21.07 36.62
N THR I 98 -5.71 21.59 37.16
CA THR I 98 -5.74 22.22 38.47
C THR I 98 -6.40 23.59 38.43
N ASP I 99 -6.44 24.24 37.27
CA ASP I 99 -7.04 25.56 37.11
C ASP I 99 -7.96 25.52 35.91
N MET I 100 -9.28 25.62 36.16
CA MET I 100 -10.25 25.65 35.07
C MET I 100 -10.30 26.99 34.35
N THR I 101 -9.51 27.97 34.79
CA THR I 101 -9.46 29.27 34.13
C THR I 101 -8.45 29.32 32.99
N CYS I 102 -7.59 28.31 32.85
CA CYS I 102 -6.66 28.31 31.72
C CYS I 102 -7.41 28.26 30.40
N GLU I 103 -6.83 28.88 29.38
CA GLU I 103 -7.43 28.87 28.06
C GLU I 103 -7.31 27.49 27.40
N THR I 104 -6.25 26.75 27.71
CA THR I 104 -6.04 25.41 27.18
C THR I 104 -6.14 24.40 28.32
N LEU I 105 -6.99 23.40 28.15
CA LEU I 105 -7.26 22.42 29.20
C LEU I 105 -7.17 21.02 28.63
N MET I 106 -7.05 20.06 29.55
CA MET I 106 -7.01 18.64 29.21
C MET I 106 -8.36 18.00 29.45
N MET I 107 -8.77 17.12 28.56
CA MET I 107 -10.00 16.35 28.69
C MET I 107 -9.71 14.88 28.41
N TRP I 108 -10.40 14.00 29.13
CA TRP I 108 -10.33 12.58 28.83
C TRP I 108 -11.10 12.29 27.54
N GLU I 109 -10.52 11.48 26.67
CA GLU I 109 -11.10 11.14 25.38
C GLU I 109 -11.32 9.64 25.30
N ALA I 110 -12.58 9.24 25.19
CA ALA I 110 -12.93 7.83 25.06
C ALA I 110 -12.50 7.33 23.69
N VAL I 111 -11.53 6.41 23.66
CA VAL I 111 -10.96 5.95 22.40
C VAL I 111 -11.64 4.68 21.92
N SER I 112 -11.82 3.69 22.80
CA SER I 112 -12.40 2.42 22.42
C SER I 112 -13.07 1.81 23.62
N CYS I 113 -13.90 0.80 23.36
CA CYS I 113 -14.63 0.12 24.42
C CYS I 113 -14.75 -1.37 24.11
N LYS I 114 -14.76 -2.16 25.18
CA LYS I 114 -15.18 -3.55 25.16
C LYS I 114 -16.42 -3.69 26.00
N THR I 115 -17.46 -4.30 25.45
CA THR I 115 -18.73 -4.44 26.15
C THR I 115 -19.31 -5.82 25.87
N GLU I 116 -20.00 -6.36 26.87
CA GLU I 116 -20.48 -7.73 26.78
C GLU I 116 -21.66 -7.94 27.71
N VAL I 117 -22.65 -8.68 27.25
CA VAL I 117 -23.78 -9.09 28.08
C VAL I 117 -23.44 -10.43 28.73
N VAL I 118 -23.46 -10.47 30.05
CA VAL I 118 -23.11 -11.66 30.81
C VAL I 118 -24.38 -12.41 31.18
N GLY I 119 -24.26 -13.72 31.37
CA GLY I 119 -25.38 -14.54 31.74
C GLY I 119 -26.21 -15.07 30.59
N ILE I 120 -25.66 -15.05 29.38
CA ILE I 120 -26.40 -15.52 28.21
C ILE I 120 -26.70 -17.02 28.31
N GLY I 121 -25.80 -17.79 28.93
CA GLY I 121 -26.02 -19.22 29.05
C GLY I 121 -27.25 -19.57 29.89
N SER I 122 -27.65 -18.65 30.78
CA SER I 122 -28.84 -18.87 31.59
C SER I 122 -30.13 -18.82 30.77
N LEU I 123 -30.06 -18.36 29.52
CA LEU I 123 -31.24 -18.29 28.67
C LEU I 123 -31.64 -19.63 28.07
N ILE I 124 -30.89 -20.71 28.37
CA ILE I 124 -31.25 -22.05 27.89
C ILE I 124 -32.26 -22.74 28.78
N SER I 125 -32.66 -22.10 29.89
CA SER I 125 -33.49 -22.77 30.89
C SER I 125 -34.87 -23.10 30.32
N VAL I 126 -35.29 -24.34 30.52
CA VAL I 126 -36.64 -24.78 30.19
C VAL I 126 -37.41 -25.21 31.44
N HIS I 127 -36.97 -24.74 32.61
CA HIS I 127 -37.62 -24.99 33.89
C HIS I 127 -37.83 -23.67 34.62
N LEU I 128 -38.36 -22.69 33.90
CA LEU I 128 -38.53 -21.35 34.45
C LEU I 128 -39.71 -21.32 35.41
N LEU I 129 -39.53 -20.65 36.54
CA LEU I 129 -40.57 -20.56 37.55
C LEU I 129 -41.82 -19.90 36.98
N GLU I 130 -42.97 -20.50 37.23
CA GLU I 130 -44.29 -20.00 36.84
C GLU I 130 -44.46 -19.90 35.33
N ALA I 131 -43.57 -20.50 34.54
CA ALA I 131 -43.61 -20.35 33.09
C ALA I 131 -44.54 -21.38 32.45
N LYS I 132 -45.12 -20.98 31.32
CA LYS I 132 -46.02 -21.86 30.58
C LYS I 132 -45.26 -23.06 30.04
N MET I 133 -45.91 -24.22 30.05
CA MET I 133 -45.32 -25.44 29.53
C MET I 133 -45.52 -25.52 28.02
N GLU I 134 -44.45 -25.84 27.30
CA GLU I 134 -44.50 -26.00 25.84
C GLU I 134 -44.67 -27.48 25.52
N ALA I 135 -45.90 -27.94 25.64
CA ALA I 135 -46.27 -29.33 25.37
C ALA I 135 -47.80 -29.43 25.38
N GLY I 136 -48.30 -30.61 25.06
CA GLY I 136 -49.71 -30.87 25.09
C GLY I 136 -50.27 -30.76 26.50
N PRO I 137 -51.58 -30.55 26.62
CA PRO I 137 -52.17 -30.35 27.95
C PRO I 137 -52.05 -31.54 28.88
N ASN I 138 -51.80 -32.73 28.36
CA ASN I 138 -51.64 -33.93 29.16
C ASN I 138 -50.19 -34.33 29.35
N SER I 139 -49.25 -33.48 28.95
CA SER I 139 -47.83 -33.82 28.95
C SER I 139 -47.14 -33.24 30.18
N ASP I 140 -45.87 -33.60 30.33
CA ASP I 140 -44.99 -33.07 31.37
C ASP I 140 -43.70 -32.57 30.71
N GLY I 141 -43.86 -31.70 29.72
CA GLY I 141 -42.75 -31.21 28.95
C GLY I 141 -42.01 -30.08 29.63
N PRO I 142 -41.19 -29.37 28.87
CA PRO I 142 -40.42 -28.25 29.44
C PRO I 142 -41.22 -26.96 29.41
N SER I 143 -40.74 -25.99 30.18
CA SER I 143 -41.31 -24.66 30.13
C SER I 143 -40.86 -23.96 28.84
N ARG I 144 -41.56 -22.89 28.50
CA ARG I 144 -41.12 -22.05 27.40
C ARG I 144 -39.84 -21.32 27.81
N PRO I 145 -38.80 -21.33 26.99
CA PRO I 145 -37.59 -20.58 27.33
C PRO I 145 -37.81 -19.09 27.13
N ILE I 146 -36.80 -18.32 27.52
CA ILE I 146 -36.80 -16.89 27.25
C ILE I 146 -36.70 -16.67 25.75
N GLU I 147 -37.67 -15.96 25.19
CA GLU I 147 -37.71 -15.71 23.75
C GLU I 147 -38.56 -14.46 23.52
N GLY I 148 -38.51 -13.96 22.29
CA GLY I 148 -39.28 -12.79 21.94
C GLY I 148 -38.43 -11.55 21.75
N MET I 149 -38.97 -10.39 22.12
CA MET I 149 -38.32 -9.11 21.87
C MET I 149 -36.89 -9.09 22.39
N ASN I 150 -35.97 -8.67 21.53
CA ASN I 150 -34.60 -8.42 21.92
C ASN I 150 -34.25 -6.99 21.54
N TYR I 151 -34.02 -6.16 22.55
CA TYR I 151 -33.62 -4.77 22.38
C TYR I 151 -32.28 -4.58 23.07
N HIS I 152 -31.24 -4.34 22.28
CA HIS I 152 -29.88 -4.23 22.80
C HIS I 152 -29.27 -2.91 22.35
N MET I 153 -28.74 -2.15 23.30
CA MET I 153 -28.13 -0.86 23.02
C MET I 153 -27.07 -0.59 24.08
N PHE I 154 -25.98 0.04 23.67
CA PHE I 154 -24.97 0.51 24.61
C PHE I 154 -24.37 1.81 24.06
N ALA I 155 -24.07 2.74 24.97
CA ALA I 155 -23.59 4.05 24.58
C ALA I 155 -22.47 4.49 25.51
N VAL I 156 -21.53 5.25 24.94
CA VAL I 156 -20.41 5.81 25.69
C VAL I 156 -20.23 7.26 25.22
N GLY I 157 -20.31 8.20 26.16
CA GLY I 157 -20.18 9.60 25.81
C GLY I 157 -19.62 10.42 26.96
N GLY I 158 -19.24 11.65 26.63
CA GLY I 158 -18.73 12.60 27.59
C GLY I 158 -19.78 13.41 28.32
N GLU I 159 -21.05 13.07 28.13
CA GLU I 159 -22.15 13.78 28.77
C GLU I 159 -23.37 12.88 28.71
N PRO I 160 -24.45 13.22 29.43
CA PRO I 160 -25.65 12.39 29.37
C PRO I 160 -26.15 12.18 27.94
N LEU I 161 -26.62 10.97 27.68
CA LEU I 161 -27.17 10.64 26.37
C LEU I 161 -28.44 11.42 26.10
N ASP I 162 -28.57 11.94 24.89
CA ASP I 162 -29.77 12.68 24.50
C ASP I 162 -30.85 11.71 24.04
N LEU I 163 -32.09 11.99 24.44
CA LEU I 163 -33.21 11.11 24.18
C LEU I 163 -34.32 11.85 23.44
N GLN I 164 -34.99 11.15 22.54
CA GLN I 164 -36.16 11.65 21.83
C GLN I 164 -37.36 10.81 22.23
N GLY I 165 -38.45 11.46 22.62
CA GLY I 165 -39.62 10.76 23.10
C GLY I 165 -40.58 10.37 21.99
N ILE I 166 -41.30 9.28 22.23
CA ILE I 166 -42.32 8.80 21.29
C ILE I 166 -43.31 7.95 22.08
N GLU I 167 -44.49 7.74 21.50
CA GLU I 167 -45.53 6.92 22.10
C GLU I 167 -46.10 5.98 21.05
N SER I 168 -46.18 4.69 21.37
CA SER I 168 -46.87 3.75 20.49
C SER I 168 -48.36 4.05 20.47
N ASN I 169 -48.95 4.37 21.63
CA ASN I 169 -50.32 4.83 21.73
C ASN I 169 -50.30 6.14 22.50
N GLY I 170 -50.76 7.21 21.86
CA GLY I 170 -50.70 8.53 22.49
C GLY I 170 -51.53 8.63 23.75
N GLN I 171 -52.57 7.81 23.88
CA GLN I 171 -53.49 7.89 25.01
C GLN I 171 -53.24 6.79 26.04
N THR I 172 -52.04 6.23 26.08
CA THR I 172 -51.73 5.21 27.08
C THR I 172 -51.73 5.83 28.47
N LYS I 173 -52.46 5.21 29.40
CA LYS I 173 -52.54 5.71 30.76
C LYS I 173 -51.34 5.23 31.57
N TYR I 174 -50.74 6.15 32.33
CA TYR I 174 -49.59 5.84 33.17
C TYR I 174 -49.88 6.23 34.60
N ALA I 175 -49.43 5.40 35.54
CA ALA I 175 -49.59 5.71 36.95
C ALA I 175 -48.66 6.86 37.35
N THR I 176 -49.07 7.60 38.37
CA THR I 176 -48.30 8.74 38.87
C THR I 176 -48.02 8.54 40.35
N ALA I 177 -46.77 8.79 40.74
CA ALA I 177 -46.34 8.68 42.13
C ALA I 177 -45.58 9.93 42.53
N ILE I 178 -45.45 10.11 43.83
CA ILE I 178 -44.70 11.24 44.40
C ILE I 178 -43.66 10.69 45.36
N PRO I 179 -42.36 10.67 44.99
CA PRO I 179 -41.82 11.16 43.71
C PRO I 179 -42.04 10.17 42.56
N ALA I 180 -41.88 10.64 41.33
CA ALA I 180 -42.11 9.80 40.16
C ALA I 180 -41.07 8.70 40.07
N LYS I 181 -41.54 7.49 39.75
CA LYS I 181 -40.67 6.35 39.53
C LYS I 181 -40.17 6.25 38.10
N SER I 182 -40.80 6.98 37.17
CA SER I 182 -40.35 7.07 35.79
C SER I 182 -40.79 8.42 35.24
N ILE I 183 -40.46 8.66 33.98
CA ILE I 183 -40.88 9.89 33.29
C ILE I 183 -41.23 9.53 31.86
N HIS I 184 -42.23 10.21 31.31
CA HIS I 184 -42.78 9.95 30.00
C HIS I 184 -42.66 11.18 29.12
N PRO I 185 -42.69 11.01 27.79
CA PRO I 185 -42.47 12.17 26.90
C PRO I 185 -43.40 13.35 27.15
N ASN I 186 -44.70 13.09 27.41
CA ASN I 186 -45.63 14.20 27.61
C ASN I 186 -45.43 14.90 28.95
N ASP I 187 -44.71 14.28 29.89
CA ASP I 187 -44.34 15.00 31.10
C ASP I 187 -43.46 16.20 30.79
N ILE I 188 -42.70 16.12 29.70
CA ILE I 188 -41.85 17.23 29.25
C ILE I 188 -42.53 18.04 28.15
N ALA I 189 -43.13 17.34 27.17
CA ALA I 189 -43.81 18.05 26.08
C ALA I 189 -45.02 18.82 26.58
N LYS I 190 -45.78 18.24 27.50
CA LYS I 190 -46.94 18.88 28.12
C LYS I 190 -47.98 19.29 27.08
N LEU I 191 -48.30 18.36 26.18
CA LEU I 191 -49.38 18.56 25.24
C LEU I 191 -50.72 18.33 25.93
N PRO I 192 -51.78 19.00 25.48
CA PRO I 192 -53.12 18.68 26.00
C PRO I 192 -53.51 17.26 25.62
N GLU I 193 -54.40 16.67 26.43
CA GLU I 193 -54.79 15.28 26.22
C GLU I 193 -55.38 15.06 24.83
N GLU I 194 -56.02 16.09 24.27
CA GLU I 194 -56.56 15.98 22.92
C GLU I 194 -55.49 15.93 21.85
N ASP I 195 -54.27 16.40 22.16
CA ASP I 195 -53.19 16.47 21.19
C ASP I 195 -52.11 15.43 21.43
N LYS I 196 -52.29 14.51 22.37
CA LYS I 196 -51.27 13.52 22.66
C LYS I 196 -51.02 12.56 21.50
N ALA I 197 -51.91 12.53 20.51
CA ALA I 197 -51.69 11.71 19.32
C ALA I 197 -50.48 12.18 18.52
N GLN I 198 -50.03 13.42 18.74
CA GLN I 198 -48.81 13.90 18.09
C GLN I 198 -47.59 13.09 18.50
N LEU I 199 -47.61 12.54 19.72
CA LEU I 199 -46.49 11.75 20.22
C LEU I 199 -46.28 10.46 19.45
N GLN I 200 -47.25 10.04 18.64
CA GLN I 200 -47.05 8.90 17.75
C GLN I 200 -46.19 9.25 16.55
N GLY I 201 -45.92 10.53 16.32
CA GLY I 201 -44.94 10.96 15.33
C GLY I 201 -43.68 11.47 16.01
N LEU I 202 -43.17 12.60 15.58
CA LEU I 202 -42.00 13.23 16.21
C LEU I 202 -42.41 14.57 16.78
N VAL I 203 -42.37 14.68 18.11
CA VAL I 203 -42.64 15.93 18.82
C VAL I 203 -41.32 16.53 19.23
N PRO I 204 -40.91 17.68 18.67
CA PRO I 204 -39.60 18.25 19.01
C PRO I 204 -39.43 18.56 20.48
N LYS I 205 -40.50 18.95 21.17
CA LYS I 205 -40.41 19.28 22.59
C LYS I 205 -40.21 18.06 23.47
N ALA I 206 -40.40 16.85 22.95
CA ALA I 206 -40.26 15.62 23.73
C ALA I 206 -38.80 15.17 23.67
N LYS I 207 -37.96 15.86 24.43
CA LYS I 207 -36.54 15.55 24.52
C LYS I 207 -36.12 15.50 25.98
N ALA I 208 -35.08 14.72 26.25
CA ALA I 208 -34.59 14.56 27.62
C ALA I 208 -33.15 14.08 27.58
N LYS I 209 -32.49 14.18 28.73
CA LYS I 209 -31.16 13.64 28.94
C LYS I 209 -31.24 12.40 29.81
N LEU I 210 -30.53 11.35 29.41
CA LEU I 210 -30.47 10.11 30.19
C LEU I 210 -29.62 10.38 31.43
N ASP I 211 -30.26 10.98 32.44
CA ASP I 211 -29.56 11.44 33.63
C ASP I 211 -29.98 10.69 34.90
N LYS I 212 -30.75 9.62 34.77
CA LYS I 212 -31.22 8.88 35.94
C LYS I 212 -31.37 7.41 35.59
N ASP I 213 -30.69 6.54 36.33
CA ASP I 213 -30.76 5.12 36.08
C ASP I 213 -32.13 4.56 36.45
N GLY I 214 -32.67 3.70 35.58
CA GLY I 214 -33.97 3.11 35.79
C GLY I 214 -35.07 4.14 35.92
N PHE I 215 -35.24 4.96 34.88
CA PHE I 215 -36.17 6.08 34.95
C PHE I 215 -36.84 6.33 33.61
N TYR I 216 -36.12 6.07 32.52
CA TYR I 216 -36.62 6.34 31.18
C TYR I 216 -37.00 5.03 30.49
N PRO I 217 -38.29 4.78 30.25
CA PRO I 217 -38.69 3.51 29.64
C PRO I 217 -38.22 3.40 28.20
N VAL I 218 -37.89 2.16 27.80
CA VAL I 218 -37.38 1.92 26.46
C VAL I 218 -38.45 2.18 25.42
N GLU I 219 -39.70 1.82 25.72
CA GLU I 219 -40.79 1.95 24.76
C GLU I 219 -41.22 3.40 24.52
N GLU I 220 -40.64 4.37 25.23
CA GLU I 220 -40.99 5.76 25.06
C GLU I 220 -39.83 6.64 24.62
N TRP I 221 -38.59 6.24 24.87
CA TRP I 221 -37.43 7.06 24.58
C TRP I 221 -36.46 6.31 23.69
N SER I 222 -35.82 7.03 22.78
CA SER I 222 -34.80 6.51 21.89
C SER I 222 -33.63 7.47 21.91
N PRO I 223 -32.42 7.00 21.58
CA PRO I 223 -31.30 7.92 21.41
C PRO I 223 -31.60 8.94 20.31
N ASP I 224 -31.38 10.22 20.62
CA ASP I 224 -31.72 11.31 19.72
C ASP I 224 -30.63 11.48 18.67
N PRO I 225 -30.90 11.13 17.41
CA PRO I 225 -29.87 11.27 16.37
C PRO I 225 -29.60 12.72 15.99
N SER I 226 -30.50 13.64 16.33
CA SER I 226 -30.27 15.06 16.07
C SER I 226 -29.29 15.69 17.05
N ARG I 227 -28.87 14.95 18.07
CA ARG I 227 -27.89 15.45 19.04
C ARG I 227 -26.81 14.40 19.25
N ASN I 228 -26.37 14.22 20.49
CA ASN I 228 -25.38 13.19 20.83
C ASN I 228 -24.09 13.36 20.03
N GLU I 229 -23.69 14.62 19.80
CA GLU I 229 -22.44 14.88 19.10
C GLU I 229 -21.25 14.40 19.91
N ASN I 230 -21.37 14.34 21.23
CA ASN I 230 -20.29 13.94 22.12
C ASN I 230 -20.51 12.54 22.69
N SER I 231 -21.30 11.71 22.01
CA SER I 231 -21.54 10.34 22.45
C SER I 231 -21.68 9.45 21.23
N ARG I 232 -21.50 8.15 21.45
CA ARG I 232 -21.70 7.13 20.42
C ARG I 232 -22.62 6.07 20.98
N TYR I 233 -23.64 5.70 20.23
CA TYR I 233 -24.56 4.65 20.64
C TYR I 233 -24.75 3.64 19.52
N TYR I 234 -24.96 2.39 19.91
CA TYR I 234 -25.08 1.27 18.97
C TYR I 234 -26.24 0.40 19.44
N GLY I 235 -27.24 0.22 18.58
CA GLY I 235 -28.45 -0.47 18.98
C GLY I 235 -28.95 -1.40 17.90
N SER I 236 -29.63 -2.46 18.35
CA SER I 236 -30.26 -3.42 17.46
C SER I 236 -31.55 -3.91 18.10
N PHE I 237 -32.51 -4.30 17.27
CA PHE I 237 -33.81 -4.72 17.76
C PHE I 237 -34.39 -5.80 16.86
N VAL I 238 -34.90 -6.86 17.47
CA VAL I 238 -35.61 -7.93 16.76
C VAL I 238 -36.91 -8.18 17.53
N GLY I 239 -38.04 -7.87 16.89
CA GLY I 239 -39.32 -7.94 17.54
C GLY I 239 -39.92 -9.33 17.54
N GLY I 240 -41.20 -9.39 17.90
CA GLY I 240 -41.92 -10.64 18.01
C GLY I 240 -41.90 -11.18 19.43
N LEU I 241 -42.85 -12.09 19.68
CA LEU I 241 -42.99 -12.72 20.99
C LEU I 241 -42.35 -14.10 21.07
N GLN I 242 -42.10 -14.75 19.93
CA GLN I 242 -41.52 -16.09 19.92
C GLN I 242 -40.23 -16.16 19.11
N THR I 243 -39.65 -15.02 18.77
CA THR I 243 -38.41 -15.01 18.00
C THR I 243 -37.29 -15.63 18.81
N PRO I 244 -36.48 -16.52 18.24
CA PRO I 244 -35.33 -17.06 18.97
C PRO I 244 -34.34 -15.96 19.29
N PRO I 245 -33.97 -15.82 20.57
CA PRO I 245 -32.95 -14.83 20.92
C PRO I 245 -31.60 -15.19 20.30
N ASN I 246 -30.94 -14.18 19.72
CA ASN I 246 -29.64 -14.35 19.08
C ASN I 246 -28.67 -13.41 19.77
N LEU I 247 -27.73 -13.97 20.52
CA LEU I 247 -26.77 -13.18 21.28
C LEU I 247 -25.38 -13.79 21.14
N GLN I 248 -24.37 -12.93 21.11
CA GLN I 248 -22.98 -13.35 21.06
C GLN I 248 -22.23 -12.83 22.28
N PHE I 249 -21.07 -13.44 22.55
CA PHE I 249 -20.22 -12.97 23.64
C PHE I 249 -18.78 -13.38 23.34
N THR I 250 -17.86 -12.44 23.52
CA THR I 250 -16.44 -12.64 23.25
C THR I 250 -15.66 -11.47 23.84
N ASN I 251 -14.39 -11.73 24.17
CA ASN I 251 -13.50 -10.71 24.71
C ASN I 251 -12.41 -10.30 23.72
N ALA I 252 -12.62 -10.59 22.44
CA ALA I 252 -11.58 -10.37 21.42
C ALA I 252 -11.95 -9.28 20.41
N VAL I 253 -13.04 -8.55 20.63
CA VAL I 253 -13.46 -7.48 19.73
C VAL I 253 -13.63 -6.20 20.52
N SER I 254 -13.33 -5.09 19.87
CA SER I 254 -13.44 -3.76 20.47
C SER I 254 -14.19 -2.83 19.52
N THR I 255 -14.89 -1.86 20.10
CA THR I 255 -15.56 -0.82 19.32
C THR I 255 -14.75 0.46 19.42
N VAL I 256 -14.24 0.92 18.29
CA VAL I 256 -13.52 2.19 18.23
C VAL I 256 -14.53 3.33 18.32
N LEU I 257 -14.30 4.24 19.26
CA LEU I 257 -15.23 5.34 19.50
C LEU I 257 -14.85 6.62 18.79
N LEU I 258 -13.71 6.66 18.12
CA LEU I 258 -13.30 7.85 17.40
C LEU I 258 -14.23 8.08 16.19
N ASP I 259 -14.52 9.35 15.93
CA ASP I 259 -15.32 9.71 14.76
C ASP I 259 -14.44 9.78 13.52
N GLU I 260 -15.02 10.25 12.41
CA GLU I 260 -14.30 10.33 11.14
C GLU I 260 -13.13 11.31 11.19
N ASN I 261 -13.14 12.24 12.15
CA ASN I 261 -12.03 13.14 12.38
C ASN I 261 -11.03 12.57 13.39
N GLY I 262 -11.24 11.35 13.86
CA GLY I 262 -10.33 10.74 14.81
C GLY I 262 -10.49 11.21 16.24
N VAL I 263 -11.66 11.76 16.59
CA VAL I 263 -11.91 12.31 17.92
C VAL I 263 -13.00 11.49 18.58
N GLY I 264 -12.70 10.94 19.76
CA GLY I 264 -13.69 10.25 20.54
C GLY I 264 -14.45 11.21 21.43
N PRO I 265 -15.41 10.69 22.20
CA PRO I 265 -16.15 11.56 23.13
C PRO I 265 -15.22 12.16 24.17
N LEU I 266 -15.46 13.44 24.47
CA LEU I 266 -14.68 14.19 25.45
C LEU I 266 -15.53 14.38 26.70
N CYS I 267 -15.03 13.87 27.83
CA CYS I 267 -15.80 13.81 29.06
C CYS I 267 -15.79 15.16 29.78
N LYS I 268 -16.90 15.88 29.68
CA LYS I 268 -17.01 17.17 30.36
C LYS I 268 -17.05 16.95 31.86
N GLY I 269 -16.32 17.80 32.59
CA GLY I 269 -16.24 17.67 34.02
C GLY I 269 -15.56 16.40 34.48
N ASP I 270 -14.72 15.80 33.64
CA ASP I 270 -14.03 14.55 33.95
C ASP I 270 -15.01 13.43 34.31
N GLY I 271 -16.11 13.36 33.57
CA GLY I 271 -17.13 12.37 33.84
C GLY I 271 -17.46 11.49 32.65
N LEU I 272 -17.25 10.18 32.79
CA LEU I 272 -17.56 9.22 31.73
C LEU I 272 -19.00 8.74 31.90
N PHE I 273 -19.74 8.73 30.80
CA PHE I 273 -21.16 8.37 30.81
C PHE I 273 -21.37 7.13 29.97
N VAL I 274 -21.90 6.07 30.59
CA VAL I 274 -22.22 4.83 29.91
C VAL I 274 -23.72 4.57 30.05
N SER I 275 -24.32 4.03 28.99
CA SER I 275 -25.74 3.74 28.98
C SER I 275 -25.95 2.40 28.31
N CYS I 276 -27.02 1.70 28.70
CA CYS I 276 -27.28 0.40 28.10
C CYS I 276 -28.75 0.03 28.28
N ALA I 277 -29.15 -1.03 27.58
CA ALA I 277 -30.49 -1.60 27.66
C ALA I 277 -30.43 -2.94 26.94
N ASP I 278 -30.74 -4.02 27.66
CA ASP I 278 -30.55 -5.38 27.13
C ASP I 278 -31.78 -6.22 27.44
N ILE I 279 -32.88 -5.94 26.75
CA ILE I 279 -34.03 -6.84 26.77
C ILE I 279 -33.67 -8.08 25.95
N CYS I 280 -33.70 -9.24 26.59
CA CYS I 280 -33.27 -10.48 25.95
C CYS I 280 -34.42 -11.40 25.58
N GLY I 281 -35.65 -11.04 25.92
CA GLY I 281 -36.80 -11.88 25.65
C GLY I 281 -37.83 -11.72 26.73
N VAL I 282 -38.85 -12.59 26.68
CA VAL I 282 -39.94 -12.56 27.63
C VAL I 282 -40.15 -13.95 28.22
N LEU I 283 -40.83 -13.97 29.36
CA LEU I 283 -41.27 -15.19 30.02
C LEU I 283 -42.80 -15.20 30.05
N VAL I 284 -43.39 -16.35 29.74
CA VAL I 284 -44.84 -16.48 29.60
C VAL I 284 -45.39 -17.18 30.84
N LYS I 285 -46.28 -16.51 31.55
CA LYS I 285 -46.89 -17.09 32.74
C LYS I 285 -47.73 -18.31 32.37
N ALA I 286 -47.81 -19.26 33.29
CA ALA I 286 -48.55 -20.49 33.02
C ALA I 286 -50.04 -20.34 33.25
N ASP I 287 -50.45 -19.42 34.12
CA ASP I 287 -51.87 -19.34 34.49
C ASP I 287 -52.69 -18.54 33.50
N ASN I 288 -52.19 -17.36 33.09
CA ASN I 288 -52.94 -16.49 32.20
C ASN I 288 -52.15 -16.10 30.95
N GLU I 289 -50.96 -16.67 30.76
CA GLU I 289 -50.13 -16.47 29.56
C GLU I 289 -49.66 -15.04 29.39
N ALA I 290 -49.69 -14.23 30.45
CA ALA I 290 -49.11 -12.90 30.36
C ALA I 290 -47.60 -12.98 30.55
N ILE I 291 -46.90 -11.89 30.23
CA ILE I 291 -45.46 -11.95 30.02
C ILE I 291 -44.71 -11.03 30.98
N ARG I 292 -43.45 -11.39 31.23
CA ARG I 292 -42.47 -10.53 31.87
C ARG I 292 -41.26 -10.39 30.96
N TYR I 293 -40.75 -9.17 30.83
CA TYR I 293 -39.48 -8.99 30.14
C TYR I 293 -38.33 -9.47 31.02
N ARG I 294 -37.26 -9.94 30.37
CA ARG I 294 -36.07 -10.41 31.08
C ARG I 294 -34.85 -9.70 30.51
N GLY I 295 -34.01 -9.15 31.41
CA GLY I 295 -32.78 -8.50 31.02
C GLY I 295 -31.58 -9.13 31.69
N LEU I 296 -30.40 -8.75 31.20
CA LEU I 296 -29.14 -9.27 31.70
C LEU I 296 -28.16 -8.12 31.91
N PRO I 297 -27.20 -8.28 32.82
CA PRO I 297 -26.23 -7.20 33.05
C PRO I 297 -25.26 -7.06 31.89
N ARG I 298 -24.71 -5.85 31.75
CA ARG I 298 -23.76 -5.52 30.71
C ARG I 298 -22.48 -4.97 31.32
N TYR I 299 -21.35 -5.41 30.78
CA TYR I 299 -20.03 -4.99 31.25
C TYR I 299 -19.42 -3.98 30.29
N PHE I 300 -18.63 -3.07 30.83
CA PHE I 300 -17.95 -2.04 30.06
C PHE I 300 -16.48 -1.99 30.42
N LYS I 301 -15.63 -1.85 29.40
CA LYS I 301 -14.21 -1.54 29.59
C LYS I 301 -13.85 -0.45 28.59
N VAL I 302 -13.69 0.77 29.08
CA VAL I 302 -13.47 1.94 28.24
C VAL I 302 -12.01 2.35 28.36
N THR I 303 -11.36 2.56 27.21
CA THR I 303 -9.99 3.06 27.15
C THR I 303 -10.02 4.55 26.80
N LEU I 304 -9.30 5.35 27.57
CA LEU I 304 -9.30 6.79 27.40
C LEU I 304 -7.88 7.33 27.34
N ARG I 305 -7.75 8.52 26.73
CA ARG I 305 -6.47 9.20 26.62
C ARG I 305 -6.69 10.68 26.87
N LYS I 306 -5.58 11.38 27.15
CA LYS I 306 -5.62 12.81 27.43
C LYS I 306 -5.57 13.59 26.12
N ARG I 307 -6.48 14.55 25.97
CA ARG I 307 -6.57 15.39 24.78
C ARG I 307 -6.68 16.84 25.19
N ALA I 308 -5.87 17.69 24.57
CA ALA I 308 -5.92 19.12 24.84
C ALA I 308 -7.03 19.78 24.02
N VAL I 309 -7.77 20.69 24.64
CA VAL I 309 -8.89 21.36 24.01
C VAL I 309 -8.77 22.86 24.23
N LYS I 310 -9.44 23.61 23.35
CA LYS I 310 -9.42 25.06 23.43
C LYS I 310 -10.72 25.60 24.02
N ALA J 37 11.14 -24.37 19.36
CA ALA J 37 10.78 -22.98 19.13
C ALA J 37 9.28 -22.84 18.83
N THR J 38 8.73 -23.82 18.13
CA THR J 38 7.33 -23.84 17.72
C THR J 38 6.75 -25.22 17.97
N THR J 39 5.48 -25.25 18.41
CA THR J 39 4.81 -26.51 18.69
C THR J 39 3.32 -26.37 18.37
N GLU J 40 2.72 -27.47 17.95
CA GLU J 40 1.27 -27.57 17.74
C GLU J 40 0.70 -28.59 18.71
N ILE J 41 -0.45 -28.28 19.30
CA ILE J 41 -1.10 -29.12 20.29
C ILE J 41 -2.47 -29.51 19.76
N GLU J 42 -2.79 -30.80 19.87
CA GLU J 42 -4.07 -31.35 19.42
C GLU J 42 -4.76 -32.08 20.56
N LEU J 43 -6.07 -31.90 20.68
CA LEU J 43 -6.85 -32.62 21.68
C LEU J 43 -8.33 -32.50 21.37
N TRP J 44 -9.09 -33.45 21.88
CA TRP J 44 -10.55 -33.47 21.79
C TRP J 44 -11.15 -33.17 23.15
N LEU J 45 -12.30 -32.51 23.14
CA LEU J 45 -13.09 -32.26 24.35
C LEU J 45 -14.48 -32.86 24.13
N GLU J 46 -14.78 -33.93 24.86
CA GLU J 46 -16.07 -34.59 24.73
C GLU J 46 -17.15 -33.81 25.48
N PRO J 47 -18.39 -33.83 25.00
CA PRO J 47 -19.42 -32.99 25.59
C PRO J 47 -19.79 -33.43 27.01
N ARG J 48 -20.16 -32.45 27.82
CA ARG J 48 -20.59 -32.66 29.20
C ARG J 48 -21.98 -32.04 29.37
N MET J 49 -22.98 -32.70 28.83
CA MET J 49 -24.35 -32.21 28.86
C MET J 49 -25.10 -32.61 30.12
N GLY J 50 -24.47 -33.39 31.01
CA GLY J 50 -25.13 -33.89 32.19
C GLY J 50 -24.80 -35.35 32.43
N VAL J 51 -25.16 -36.21 31.50
CA VAL J 51 -24.68 -37.59 31.49
C VAL J 51 -23.28 -37.56 30.89
N ASN J 52 -22.27 -37.44 31.74
CA ASN J 52 -20.91 -37.11 31.32
C ASN J 52 -20.02 -38.33 31.13
N ALA J 53 -20.60 -39.54 31.15
CA ALA J 53 -19.82 -40.75 30.92
C ALA J 53 -20.77 -41.86 30.51
N PRO J 54 -20.40 -42.73 29.57
CA PRO J 54 -21.25 -43.89 29.23
C PRO J 54 -21.19 -44.98 30.28
N THR J 55 -21.58 -44.64 31.50
CA THR J 55 -21.53 -45.55 32.63
C THR J 55 -22.82 -45.43 33.44
N GLY J 56 -23.10 -46.46 34.22
CA GLY J 56 -24.22 -46.42 35.14
C GLY J 56 -25.57 -46.61 34.46
N ASP J 57 -26.62 -46.13 35.15
CA ASP J 57 -27.98 -46.34 34.68
C ASP J 57 -28.25 -45.54 33.41
N ARG J 58 -27.69 -44.33 33.31
CA ARG J 58 -27.91 -43.44 32.17
C ARG J 58 -26.88 -43.64 31.06
N LYS J 59 -26.22 -44.81 31.04
CA LYS J 59 -25.10 -45.02 30.12
C LYS J 59 -25.49 -44.79 28.66
N GLU J 60 -26.68 -45.25 28.27
CA GLU J 60 -27.07 -45.18 26.86
C GLU J 60 -27.30 -43.76 26.38
N TRP J 61 -27.45 -42.79 27.30
CA TRP J 61 -27.71 -41.40 26.93
C TRP J 61 -26.49 -40.51 27.15
N TYR J 62 -25.29 -41.10 27.08
CA TYR J 62 -24.06 -40.33 27.14
C TYR J 62 -24.01 -39.34 25.98
N GLY J 63 -23.58 -38.12 26.27
CA GLY J 63 -23.63 -37.04 25.31
C GLY J 63 -24.92 -36.26 25.32
N TYR J 64 -25.90 -36.67 26.10
CA TYR J 64 -27.15 -35.95 26.28
C TYR J 64 -27.25 -35.46 27.72
N SER J 65 -28.30 -34.72 28.01
CA SER J 65 -28.67 -34.36 29.37
C SER J 65 -29.75 -35.32 29.86
N GLU J 66 -29.94 -35.34 31.18
CA GLU J 66 -31.09 -36.04 31.74
C GLU J 66 -32.37 -35.30 31.36
N VAL J 67 -33.47 -36.05 31.31
CA VAL J 67 -34.76 -35.48 30.94
C VAL J 67 -35.11 -34.33 31.88
N ILE J 68 -35.59 -33.23 31.31
CA ILE J 68 -35.91 -32.01 32.06
C ILE J 68 -37.38 -31.67 31.85
N HIS J 69 -38.08 -31.43 32.96
CA HIS J 69 -39.47 -31.04 32.94
C HIS J 69 -39.61 -29.61 33.46
N HIS J 70 -40.75 -28.99 33.16
CA HIS J 70 -40.92 -27.57 33.45
C HIS J 70 -40.84 -27.29 34.94
N ALA J 71 -41.38 -28.18 35.78
CA ALA J 71 -41.42 -27.96 37.21
C ALA J 71 -40.16 -28.43 37.94
N ASP J 72 -39.20 -28.99 37.21
CA ASP J 72 -37.94 -29.41 37.84
C ASP J 72 -37.21 -28.20 38.42
N GLY J 73 -36.69 -28.35 39.63
CA GLY J 73 -36.17 -27.24 40.38
C GLY J 73 -37.18 -26.57 41.28
N TYR J 74 -38.47 -26.89 41.12
CA TYR J 74 -39.53 -26.41 41.99
C TYR J 74 -40.26 -27.55 42.67
N ASP J 75 -40.73 -28.54 41.91
CA ASP J 75 -41.31 -29.75 42.48
C ASP J 75 -40.26 -30.69 43.04
N ASN J 76 -38.99 -30.50 42.68
CA ASN J 76 -37.92 -31.39 43.10
C ASN J 76 -36.61 -30.62 43.04
N ASN J 77 -35.52 -31.32 43.32
CA ASN J 77 -34.18 -30.75 43.21
C ASN J 77 -33.62 -31.01 41.82
N LEU J 78 -33.20 -29.93 41.15
CA LEU J 78 -32.59 -30.07 39.84
C LEU J 78 -31.26 -30.80 39.96
N LEU J 79 -31.10 -31.87 39.20
CA LEU J 79 -29.89 -32.68 39.25
C LEU J 79 -28.83 -32.14 38.31
N SER J 80 -27.57 -32.46 38.64
CA SER J 80 -26.45 -32.03 37.80
C SER J 80 -26.50 -32.68 36.43
N VAL J 81 -27.11 -33.87 36.33
CA VAL J 81 -27.27 -34.52 35.04
C VAL J 81 -28.29 -33.81 34.16
N GLN J 82 -29.07 -32.89 34.72
CA GLN J 82 -30.03 -32.10 33.96
C GLN J 82 -29.47 -30.74 33.56
N MET J 83 -28.19 -30.48 33.82
CA MET J 83 -27.59 -29.18 33.57
C MET J 83 -26.35 -29.36 32.71
N PRO J 84 -26.37 -28.94 31.44
CA PRO J 84 -25.16 -29.00 30.62
C PRO J 84 -24.05 -28.15 31.23
N GLN J 85 -22.82 -28.65 31.13
CA GLN J 85 -21.68 -28.01 31.77
C GLN J 85 -20.59 -27.76 30.76
N TYR J 86 -19.64 -26.91 31.14
CA TYR J 86 -18.50 -26.62 30.29
C TYR J 86 -17.52 -27.79 30.29
N SER J 87 -16.88 -28.00 29.14
CA SER J 87 -15.72 -28.89 29.08
C SER J 87 -14.46 -28.07 29.21
N CYS J 88 -13.41 -28.69 29.75
CA CYS J 88 -12.13 -28.01 29.90
C CYS J 88 -11.05 -29.04 30.15
N ALA J 89 -9.82 -28.68 29.77
CA ALA J 89 -8.67 -29.53 29.97
C ALA J 89 -7.42 -28.66 30.02
N ARG J 90 -6.40 -29.14 30.71
CA ARG J 90 -5.10 -28.47 30.77
C ARG J 90 -4.08 -29.36 30.07
N VAL J 91 -3.42 -28.82 29.05
CA VAL J 91 -2.36 -29.53 28.35
C VAL J 91 -1.02 -29.13 28.94
N GLN J 92 -0.23 -30.14 29.32
CA GLN J 92 1.09 -29.89 29.87
C GLN J 92 2.07 -29.69 28.70
N LEU J 93 2.58 -28.49 28.57
CA LEU J 93 3.55 -28.14 27.55
C LEU J 93 4.96 -28.43 28.04
N PRO J 94 5.93 -28.52 27.13
CA PRO J 94 7.31 -28.79 27.56
C PRO J 94 7.85 -27.69 28.47
N MET J 95 8.60 -28.10 29.49
CA MET J 95 9.18 -27.16 30.43
C MET J 95 10.21 -26.28 29.74
N LEU J 96 10.18 -24.99 30.05
CA LEU J 96 11.02 -24.01 29.37
C LEU J 96 12.17 -23.47 30.20
N ASN J 97 11.99 -23.34 31.52
CA ASN J 97 12.97 -22.70 32.39
C ASN J 97 13.42 -23.67 33.47
N THR J 98 14.75 -23.78 33.63
CA THR J 98 15.29 -24.58 34.72
C THR J 98 15.23 -23.82 36.04
N ASP J 99 15.54 -22.53 36.02
CA ASP J 99 15.52 -21.67 37.21
C ASP J 99 14.32 -20.73 37.07
N MET J 100 13.33 -20.91 37.92
CA MET J 100 12.15 -20.04 37.93
C MET J 100 12.40 -18.71 38.63
N THR J 101 13.63 -18.45 39.10
CA THR J 101 13.95 -17.21 39.77
C THR J 101 14.63 -16.19 38.85
N CYS J 102 14.98 -16.58 37.63
CA CYS J 102 15.66 -15.67 36.72
C CYS J 102 14.74 -14.52 36.34
N GLU J 103 15.34 -13.33 36.15
CA GLU J 103 14.55 -12.14 35.88
C GLU J 103 13.93 -12.15 34.49
N THR J 104 14.43 -12.98 33.58
CA THR J 104 13.86 -13.12 32.24
C THR J 104 13.56 -14.60 32.02
N LEU J 105 12.29 -14.90 31.75
CA LEU J 105 11.83 -16.27 31.61
C LEU J 105 11.21 -16.49 30.24
N MET J 106 11.17 -17.76 29.85
CA MET J 106 10.53 -18.18 28.61
C MET J 106 9.12 -18.68 28.91
N MET J 107 8.18 -18.35 28.03
CA MET J 107 6.80 -18.77 28.18
C MET J 107 6.23 -19.13 26.81
N TRP J 108 5.40 -20.16 26.78
CA TRP J 108 4.69 -20.51 25.55
C TRP J 108 3.59 -19.48 25.28
N GLU J 109 3.50 -19.04 24.03
CA GLU J 109 2.51 -18.03 23.62
C GLU J 109 1.62 -18.64 22.55
N ALA J 110 0.32 -18.68 22.83
CA ALA J 110 -0.65 -19.22 21.88
C ALA J 110 -0.96 -18.16 20.83
N VAL J 111 -0.67 -18.47 19.57
CA VAL J 111 -0.76 -17.48 18.49
C VAL J 111 -2.00 -17.71 17.65
N SER J 112 -2.43 -18.97 17.53
CA SER J 112 -3.54 -19.31 16.66
C SER J 112 -4.10 -20.66 17.08
N CYS J 113 -5.28 -20.98 16.56
CA CYS J 113 -5.91 -22.26 16.86
C CYS J 113 -7.00 -22.56 15.83
N LYS J 114 -7.11 -23.82 15.46
CA LYS J 114 -8.21 -24.35 14.67
C LYS J 114 -9.11 -25.16 15.59
N THR J 115 -10.42 -24.94 15.48
CA THR J 115 -11.39 -25.70 16.27
C THR J 115 -12.57 -26.07 15.39
N GLU J 116 -13.16 -27.24 15.67
CA GLU J 116 -14.24 -27.76 14.86
C GLU J 116 -15.11 -28.68 15.71
N VAL J 117 -16.42 -28.59 15.49
CA VAL J 117 -17.38 -29.49 16.13
C VAL J 117 -17.63 -30.66 15.20
N VAL J 118 -17.31 -31.86 15.66
CA VAL J 118 -17.44 -33.05 14.85
C VAL J 118 -18.83 -33.66 15.05
N GLY J 119 -19.27 -34.43 14.06
CA GLY J 119 -20.55 -35.12 14.14
C GLY J 119 -21.76 -34.30 13.79
N ILE J 120 -21.59 -33.22 13.03
CA ILE J 120 -22.71 -32.35 12.70
C ILE J 120 -23.72 -33.08 11.82
N GLY J 121 -23.23 -33.93 10.91
CA GLY J 121 -24.12 -34.64 10.01
C GLY J 121 -25.08 -35.57 10.71
N SER J 122 -24.72 -36.03 11.92
CA SER J 122 -25.61 -36.89 12.69
C SER J 122 -26.89 -36.19 13.12
N LEU J 123 -26.95 -34.86 13.02
CA LEU J 123 -28.12 -34.09 13.44
C LEU J 123 -29.23 -34.11 12.40
N ILE J 124 -29.03 -34.76 11.24
CA ILE J 124 -30.11 -34.91 10.27
C ILE J 124 -31.07 -36.03 10.65
N SER J 125 -30.80 -36.75 11.73
CA SER J 125 -31.56 -37.94 12.07
C SER J 125 -33.01 -37.61 12.38
N VAL J 126 -33.93 -38.33 11.75
CA VAL J 126 -35.35 -38.27 12.06
C VAL J 126 -35.87 -39.63 12.54
N HIS J 127 -34.96 -40.48 13.02
CA HIS J 127 -35.30 -41.74 13.66
C HIS J 127 -34.63 -41.82 15.03
N LEU J 128 -34.82 -40.76 15.82
CA LEU J 128 -34.18 -40.67 17.12
C LEU J 128 -34.90 -41.56 18.13
N LEU J 129 -34.12 -42.24 18.97
CA LEU J 129 -34.68 -43.14 19.96
C LEU J 129 -35.57 -42.37 20.93
N GLU J 130 -36.82 -42.83 21.07
CA GLU J 130 -37.82 -42.32 22.00
C GLU J 130 -38.31 -40.91 21.64
N ALA J 131 -38.00 -40.42 20.45
CA ALA J 131 -38.33 -39.05 20.10
C ALA J 131 -39.79 -38.92 19.64
N LYS J 132 -40.34 -37.72 19.83
CA LYS J 132 -41.72 -37.45 19.43
C LYS J 132 -41.85 -37.44 17.92
N MET J 133 -42.97 -37.98 17.42
CA MET J 133 -43.21 -38.06 15.99
C MET J 133 -43.76 -36.75 15.46
N GLU J 134 -43.19 -36.26 14.35
CA GLU J 134 -43.62 -35.02 13.72
C GLU J 134 -44.62 -35.34 12.61
N ALA J 135 -45.84 -35.66 13.03
CA ALA J 135 -46.92 -35.98 12.11
C ALA J 135 -48.22 -36.02 12.90
N GLY J 136 -49.32 -36.25 12.17
CA GLY J 136 -50.62 -36.41 12.78
C GLY J 136 -50.67 -37.63 13.66
N PRO J 137 -51.65 -37.68 14.57
CA PRO J 137 -51.68 -38.77 15.56
C PRO J 137 -51.91 -40.15 14.95
N ASN J 138 -52.42 -40.25 13.73
CA ASN J 138 -52.64 -41.54 13.09
C ASN J 138 -51.62 -41.83 11.99
N SER J 139 -50.58 -41.01 11.86
CA SER J 139 -49.58 -41.19 10.82
C SER J 139 -48.37 -41.95 11.37
N ASP J 140 -47.43 -42.23 10.47
CA ASP J 140 -46.18 -42.91 10.82
C ASP J 140 -45.01 -42.10 10.25
N GLY J 141 -44.93 -40.84 10.67
CA GLY J 141 -43.97 -39.91 10.12
C GLY J 141 -42.62 -39.99 10.78
N PRO J 142 -41.79 -38.97 10.57
CA PRO J 142 -40.47 -38.95 11.19
C PRO J 142 -40.53 -38.42 12.61
N SER J 143 -39.46 -38.69 13.35
CA SER J 143 -39.33 -38.12 14.68
C SER J 143 -38.92 -36.66 14.57
N ARG J 144 -39.06 -35.95 15.69
CA ARG J 144 -38.51 -34.61 15.77
C ARG J 144 -36.99 -34.69 15.72
N PRO J 145 -36.33 -33.94 14.85
CA PRO J 145 -34.87 -33.92 14.84
C PRO J 145 -34.34 -33.06 15.98
N ILE J 146 -33.02 -33.11 16.14
CA ILE J 146 -32.37 -32.26 17.12
C ILE J 146 -32.50 -30.80 16.68
N GLU J 147 -33.10 -29.98 17.53
CA GLU J 147 -33.34 -28.57 17.22
C GLU J 147 -33.46 -27.82 18.54
N GLY J 148 -33.57 -26.50 18.43
CA GLY J 148 -33.73 -25.68 19.61
C GLY J 148 -32.49 -24.90 19.98
N MET J 149 -32.29 -24.67 21.28
CA MET J 149 -31.19 -23.84 21.75
C MET J 149 -29.85 -24.37 21.24
N ASN J 150 -29.04 -23.46 20.71
CA ASN J 150 -27.66 -23.73 20.37
C ASN J 150 -26.78 -22.78 21.15
N TYR J 151 -25.90 -23.32 21.99
CA TYR J 151 -24.98 -22.55 22.80
C TYR J 151 -23.58 -23.04 22.51
N HIS J 152 -22.79 -22.25 21.80
CA HIS J 152 -21.47 -22.66 21.34
C HIS J 152 -20.42 -21.68 21.82
N MET J 153 -19.40 -22.19 22.50
CA MET J 153 -18.31 -21.36 22.99
C MET J 153 -17.05 -22.20 23.04
N PHE J 154 -15.92 -21.58 22.70
CA PHE J 154 -14.61 -22.20 22.89
C PHE J 154 -13.64 -21.12 23.38
N ALA J 155 -12.66 -21.55 24.17
CA ALA J 155 -11.73 -20.62 24.78
C ALA J 155 -10.33 -21.25 24.83
N VAL J 156 -9.32 -20.39 24.69
CA VAL J 156 -7.92 -20.79 24.80
C VAL J 156 -7.20 -19.73 25.62
N GLY J 157 -6.46 -20.17 26.64
CA GLY J 157 -5.75 -19.23 27.49
C GLY J 157 -4.58 -19.88 28.19
N GLY J 158 -3.82 -19.04 28.89
CA GLY J 158 -2.69 -19.47 29.70
C GLY J 158 -3.03 -19.75 31.15
N GLU J 159 -4.31 -19.78 31.50
CA GLU J 159 -4.77 -20.08 32.84
C GLU J 159 -6.24 -20.47 32.76
N PRO J 160 -6.80 -21.03 33.84
CA PRO J 160 -8.23 -21.38 33.81
C PRO J 160 -9.10 -20.19 33.44
N LEU J 161 -10.21 -20.48 32.76
CA LEU J 161 -11.12 -19.42 32.32
C LEU J 161 -11.87 -18.85 33.52
N ASP J 162 -11.91 -17.52 33.61
CA ASP J 162 -12.66 -16.87 34.67
C ASP J 162 -14.14 -16.92 34.36
N LEU J 163 -14.95 -17.19 35.40
CA LEU J 163 -16.38 -17.39 35.25
C LEU J 163 -17.15 -16.45 36.17
N GLN J 164 -18.27 -15.94 35.66
CA GLN J 164 -19.19 -15.13 36.44
C GLN J 164 -20.52 -15.87 36.58
N GLY J 165 -21.07 -15.84 37.79
CA GLY J 165 -22.27 -16.60 38.10
C GLY J 165 -23.54 -15.80 37.96
N ILE J 166 -24.65 -16.50 37.70
CA ILE J 166 -25.95 -15.89 37.54
C ILE J 166 -27.01 -16.98 37.67
N GLU J 167 -28.24 -16.56 37.96
CA GLU J 167 -29.37 -17.47 38.04
C GLU J 167 -30.54 -16.85 37.27
N SER J 168 -31.19 -17.65 36.43
CA SER J 168 -32.44 -17.21 35.82
C SER J 168 -33.55 -17.12 36.87
N ASN J 169 -33.57 -18.05 37.81
CA ASN J 169 -34.44 -18.00 38.98
C ASN J 169 -33.56 -18.11 40.22
N GLY J 170 -33.74 -17.16 41.14
CA GLY J 170 -32.87 -17.12 42.31
C GLY J 170 -33.11 -18.25 43.29
N GLN J 171 -34.34 -18.77 43.36
CA GLN J 171 -34.71 -19.79 44.33
C GLN J 171 -34.79 -21.18 43.70
N THR J 172 -34.02 -21.43 42.64
CA THR J 172 -34.03 -22.75 42.00
C THR J 172 -33.42 -23.78 42.94
N LYS J 173 -34.18 -24.83 43.25
CA LYS J 173 -33.70 -25.87 44.14
C LYS J 173 -32.72 -26.78 43.40
N TYR J 174 -31.56 -26.99 44.00
CA TYR J 174 -30.53 -27.86 43.45
C TYR J 174 -30.26 -29.02 44.41
N ALA J 175 -29.92 -30.17 43.84
CA ALA J 175 -29.57 -31.32 44.66
C ALA J 175 -28.18 -31.14 45.27
N THR J 176 -27.91 -31.92 46.31
CA THR J 176 -26.62 -31.90 46.98
C THR J 176 -26.16 -33.33 47.21
N ALA J 177 -24.96 -33.65 46.71
CA ALA J 177 -24.32 -34.93 46.96
C ALA J 177 -22.90 -34.68 47.45
N ILE J 178 -22.36 -35.65 48.19
CA ILE J 178 -20.98 -35.57 48.63
C ILE J 178 -20.25 -36.81 48.10
N PRO J 179 -19.29 -36.65 47.18
CA PRO J 179 -18.81 -35.36 46.67
C PRO J 179 -19.79 -34.69 45.69
N ALA J 180 -19.69 -33.37 45.57
CA ALA J 180 -20.58 -32.64 44.69
C ALA J 180 -20.27 -32.97 43.23
N LYS J 181 -21.32 -33.07 42.42
CA LYS J 181 -21.19 -33.31 40.99
C LYS J 181 -21.21 -32.04 40.17
N SER J 182 -21.55 -30.90 40.79
CA SER J 182 -21.48 -29.60 40.14
C SER J 182 -21.40 -28.55 41.22
N ILE J 183 -21.18 -27.30 40.80
CA ILE J 183 -21.11 -26.17 41.71
C ILE J 183 -21.94 -25.03 41.15
N HIS J 184 -22.63 -24.32 42.02
CA HIS J 184 -23.55 -23.25 41.67
C HIS J 184 -23.04 -21.92 42.20
N PRO J 185 -23.50 -20.79 41.62
CA PRO J 185 -22.98 -19.48 42.06
C PRO J 185 -23.09 -19.23 43.56
N ASN J 186 -24.20 -19.64 44.19
CA ASN J 186 -24.39 -19.34 45.60
C ASN J 186 -23.51 -20.19 46.51
N ASP J 187 -22.98 -21.31 46.00
CA ASP J 187 -22.00 -22.07 46.78
C ASP J 187 -20.75 -21.24 47.06
N ILE J 188 -20.51 -20.20 46.28
CA ILE J 188 -19.37 -19.31 46.48
C ILE J 188 -19.79 -17.99 47.10
N ALA J 189 -20.88 -17.39 46.60
CA ALA J 189 -21.34 -16.12 47.16
C ALA J 189 -21.90 -16.29 48.56
N LYS J 190 -22.52 -17.44 48.85
CA LYS J 190 -23.03 -17.79 50.17
C LYS J 190 -24.00 -16.72 50.69
N LEU J 191 -24.95 -16.35 49.83
CA LEU J 191 -26.00 -15.44 50.25
C LEU J 191 -27.10 -16.19 50.99
N PRO J 192 -27.72 -15.56 51.98
CA PRO J 192 -28.86 -16.20 52.64
C PRO J 192 -30.01 -16.41 51.67
N GLU J 193 -30.90 -17.35 52.04
CA GLU J 193 -31.98 -17.73 51.13
C GLU J 193 -32.90 -16.55 50.81
N GLU J 194 -33.02 -15.58 51.72
CA GLU J 194 -33.89 -14.44 51.47
C GLU J 194 -33.31 -13.47 50.45
N ASP J 195 -32.02 -13.60 50.12
CA ASP J 195 -31.35 -12.63 49.27
C ASP J 195 -30.85 -13.23 47.95
N LYS J 196 -31.19 -14.49 47.66
CA LYS J 196 -30.69 -15.11 46.44
C LYS J 196 -31.28 -14.50 45.17
N ALA J 197 -32.26 -13.61 45.30
CA ALA J 197 -32.77 -12.90 44.12
C ALA J 197 -31.72 -11.96 43.53
N GLN J 198 -30.68 -11.62 44.30
CA GLN J 198 -29.59 -10.81 43.75
C GLN J 198 -28.85 -11.54 42.64
N LEU J 199 -28.84 -12.88 42.68
CA LEU J 199 -28.15 -13.67 41.67
C LEU J 199 -28.80 -13.56 40.30
N GLN J 200 -30.00 -13.00 40.20
CA GLN J 200 -30.62 -12.76 38.90
C GLN J 200 -30.04 -11.54 38.20
N GLY J 201 -29.37 -10.66 38.94
CA GLY J 201 -28.60 -9.59 38.35
C GLY J 201 -27.13 -9.97 38.26
N LEU J 202 -26.25 -9.15 38.84
CA LEU J 202 -24.83 -9.46 38.91
C LEU J 202 -24.37 -9.42 40.37
N VAL J 203 -23.73 -10.48 40.81
CA VAL J 203 -23.17 -10.59 42.15
C VAL J 203 -21.65 -10.67 42.01
N PRO J 204 -20.91 -9.64 42.41
CA PRO J 204 -19.45 -9.67 42.23
C PRO J 204 -18.77 -10.83 42.96
N LYS J 205 -19.34 -11.29 44.07
CA LYS J 205 -18.76 -12.40 44.82
C LYS J 205 -18.99 -13.75 44.15
N ALA J 206 -19.89 -13.81 43.15
CA ALA J 206 -20.20 -15.07 42.48
C ALA J 206 -19.27 -15.25 41.27
N LYS J 207 -18.01 -15.56 41.59
CA LYS J 207 -16.98 -15.76 40.59
C LYS J 207 -16.24 -17.07 40.87
N ALA J 208 -15.67 -17.64 39.81
CA ALA J 208 -14.97 -18.91 39.93
C ALA J 208 -14.06 -19.09 38.71
N LYS J 209 -13.15 -20.05 38.83
CA LYS J 209 -12.30 -20.47 37.72
C LYS J 209 -12.82 -21.76 37.12
N LEU J 210 -12.77 -21.87 35.79
CA LEU J 210 -13.15 -23.10 35.11
C LEU J 210 -12.01 -24.10 35.27
N ASP J 211 -12.00 -24.75 36.43
CA ASP J 211 -10.90 -25.63 36.83
C ASP J 211 -11.30 -27.09 36.93
N LYS J 212 -12.50 -27.45 36.46
CA LYS J 212 -12.97 -28.82 36.60
C LYS J 212 -13.89 -29.15 35.43
N ASP J 213 -13.52 -30.17 34.66
CA ASP J 213 -14.34 -30.59 33.54
C ASP J 213 -15.67 -31.15 34.02
N GLY J 214 -16.74 -30.80 33.30
CA GLY J 214 -18.08 -31.27 33.63
C GLY J 214 -18.48 -30.96 35.05
N PHE J 215 -18.44 -29.69 35.44
CA PHE J 215 -18.66 -29.30 36.82
C PHE J 215 -19.38 -27.96 36.92
N TYR J 216 -19.19 -27.09 35.93
CA TYR J 216 -19.77 -25.76 35.96
C TYR J 216 -20.93 -25.68 34.96
N PRO J 217 -22.17 -25.61 35.42
CA PRO J 217 -23.31 -25.61 34.49
C PRO J 217 -23.34 -24.36 33.63
N VAL J 218 -23.72 -24.55 32.36
CA VAL J 218 -23.78 -23.44 31.41
C VAL J 218 -24.82 -22.42 31.84
N GLU J 219 -25.98 -22.89 32.30
CA GLU J 219 -27.09 -22.01 32.68
C GLU J 219 -26.82 -21.19 33.93
N GLU J 220 -25.66 -21.36 34.57
CA GLU J 220 -25.30 -20.59 35.75
C GLU J 220 -24.01 -19.81 35.61
N TRP J 221 -23.10 -20.22 34.74
CA TRP J 221 -21.78 -19.62 34.64
C TRP J 221 -21.52 -19.14 33.23
N SER J 222 -21.00 -17.92 33.10
CA SER J 222 -20.61 -17.33 31.84
C SER J 222 -19.16 -16.88 31.94
N PRO J 223 -18.46 -16.79 30.82
CA PRO J 223 -17.11 -16.20 30.85
C PRO J 223 -17.15 -14.79 31.43
N ASP J 224 -16.21 -14.50 32.32
CA ASP J 224 -16.18 -13.23 33.02
C ASP J 224 -15.45 -12.21 32.17
N PRO J 225 -16.14 -11.22 31.57
CA PRO J 225 -15.43 -10.21 30.78
C PRO J 225 -14.61 -9.26 31.62
N SER J 226 -14.91 -9.13 32.92
CA SER J 226 -14.12 -8.27 33.79
C SER J 226 -12.75 -8.84 34.12
N ARG J 227 -12.48 -10.08 33.71
CA ARG J 227 -11.17 -10.68 33.89
C ARG J 227 -10.73 -11.32 32.58
N ASN J 228 -10.17 -12.53 32.64
CA ASN J 228 -9.82 -13.29 31.44
C ASN J 228 -8.88 -12.51 30.52
N GLU J 229 -7.96 -11.77 31.13
CA GLU J 229 -6.99 -11.00 30.33
C GLU J 229 -5.96 -11.89 29.66
N ASN J 230 -5.72 -13.09 30.18
CA ASN J 230 -4.80 -14.04 29.59
C ASN J 230 -5.52 -15.16 28.84
N SER J 231 -6.79 -14.94 28.48
CA SER J 231 -7.56 -15.92 27.74
C SER J 231 -8.38 -15.23 26.66
N ARG J 232 -8.70 -15.96 25.61
CA ARG J 232 -9.59 -15.51 24.55
C ARG J 232 -10.74 -16.50 24.44
N TYR J 233 -11.97 -16.00 24.49
CA TYR J 233 -13.14 -16.83 24.32
C TYR J 233 -14.05 -16.25 23.25
N TYR J 234 -14.83 -17.13 22.62
CA TYR J 234 -15.70 -16.77 21.51
C TYR J 234 -16.99 -17.57 21.66
N GLY J 235 -18.12 -16.88 21.76
CA GLY J 235 -19.38 -17.55 22.05
C GLY J 235 -20.52 -17.00 21.23
N SER J 236 -21.53 -17.85 21.04
CA SER J 236 -22.76 -17.49 20.34
C SER J 236 -23.91 -18.29 20.93
N PHE J 237 -25.11 -17.73 20.84
CA PHE J 237 -26.28 -18.38 21.42
C PHE J 237 -27.51 -18.05 20.58
N VAL J 238 -28.30 -19.08 20.26
CA VAL J 238 -29.58 -18.93 19.57
C VAL J 238 -30.60 -19.75 20.36
N GLY J 239 -31.52 -19.06 21.03
CA GLY J 239 -32.48 -19.71 21.90
C GLY J 239 -33.66 -20.29 21.14
N GLY J 240 -34.67 -20.68 21.91
CA GLY J 240 -35.87 -21.29 21.37
C GLY J 240 -35.80 -22.81 21.45
N LEU J 241 -36.98 -23.43 21.32
CA LEU J 241 -37.08 -24.88 21.39
C LEU J 241 -37.25 -25.55 20.02
N GLN J 242 -37.64 -24.80 18.99
CA GLN J 242 -37.84 -25.35 17.65
C GLN J 242 -36.96 -24.65 16.62
N THR J 243 -35.95 -23.91 17.06
CA THR J 243 -35.10 -23.18 16.14
C THR J 243 -34.21 -24.14 15.37
N PRO J 244 -34.07 -23.96 14.06
CA PRO J 244 -33.18 -24.80 13.28
C PRO J 244 -31.73 -24.60 13.68
N PRO J 245 -31.01 -25.66 14.02
CA PRO J 245 -29.59 -25.51 14.34
C PRO J 245 -28.80 -25.08 13.10
N ASN J 246 -27.84 -24.18 13.32
CA ASN J 246 -27.02 -23.65 12.23
C ASN J 246 -25.56 -23.82 12.62
N LEU J 247 -24.88 -24.77 11.97
CA LEU J 247 -23.51 -25.10 12.30
C LEU J 247 -22.66 -25.18 11.03
N GLN J 248 -21.39 -24.83 11.16
CA GLN J 248 -20.44 -24.90 10.08
C GLN J 248 -19.27 -25.80 10.46
N PHE J 249 -18.54 -26.27 9.45
CA PHE J 249 -17.35 -27.07 9.69
C PHE J 249 -16.43 -26.97 8.49
N THR J 250 -15.16 -26.73 8.74
CA THR J 250 -14.13 -26.59 7.73
C THR J 250 -12.77 -26.66 8.41
N ASN J 251 -11.76 -27.08 7.66
CA ASN J 251 -10.39 -27.11 8.15
C ASN J 251 -9.52 -26.02 7.52
N ALA J 252 -10.15 -24.96 7.00
CA ALA J 252 -9.45 -23.95 6.22
C ALA J 252 -9.40 -22.59 6.90
N VAL J 253 -10.03 -22.41 8.06
CA VAL J 253 -10.00 -21.15 8.77
C VAL J 253 -9.41 -21.36 10.15
N SER J 254 -8.75 -20.32 10.66
CA SER J 254 -8.14 -20.34 11.97
C SER J 254 -8.53 -19.08 12.73
N THR J 255 -8.33 -19.11 14.04
CA THR J 255 -8.58 -17.96 14.90
C THR J 255 -7.25 -17.45 15.43
N VAL J 256 -6.93 -16.20 15.12
CA VAL J 256 -5.72 -15.57 15.64
C VAL J 256 -5.97 -15.16 17.09
N LEU J 257 -5.06 -15.54 17.97
CA LEU J 257 -5.21 -15.32 19.41
C LEU J 257 -4.44 -14.10 19.92
N LEU J 258 -3.67 -13.43 19.06
CA LEU J 258 -2.93 -12.25 19.49
C LEU J 258 -3.90 -11.10 19.75
N ASP J 259 -3.58 -10.29 20.76
CA ASP J 259 -4.40 -9.11 21.07
C ASP J 259 -3.98 -7.97 20.14
N GLU J 260 -4.48 -6.76 20.43
CA GLU J 260 -4.14 -5.62 19.59
C GLU J 260 -2.66 -5.26 19.66
N ASN J 261 -1.97 -5.68 20.72
CA ASN J 261 -0.53 -5.49 20.84
C ASN J 261 0.28 -6.64 20.28
N GLY J 262 -0.38 -7.62 19.65
CA GLY J 262 0.32 -8.75 19.07
C GLY J 262 0.76 -9.80 20.06
N VAL J 263 0.15 -9.85 21.24
CA VAL J 263 0.51 -10.79 22.29
C VAL J 263 -0.64 -11.79 22.46
N GLY J 264 -0.32 -13.07 22.38
CA GLY J 264 -1.29 -14.11 22.66
C GLY J 264 -1.24 -14.52 24.11
N PRO J 265 -2.12 -15.45 24.50
CA PRO J 265 -2.10 -15.94 25.88
C PRO J 265 -0.75 -16.57 26.23
N LEU J 266 -0.28 -16.26 27.43
CA LEU J 266 1.02 -16.74 27.92
C LEU J 266 0.77 -17.84 28.95
N CYS J 267 1.27 -19.03 28.65
CA CYS J 267 0.92 -20.24 29.40
C CYS J 267 1.65 -20.26 30.73
N LYS J 268 0.93 -19.94 31.80
CA LYS J 268 1.52 -19.97 33.13
C LYS J 268 1.72 -21.40 33.60
N GLY J 269 2.87 -21.66 34.22
CA GLY J 269 3.22 -23.00 34.61
C GLY J 269 3.43 -23.93 33.44
N ASP J 270 3.69 -23.39 32.25
CA ASP J 270 3.81 -24.15 31.01
C ASP J 270 2.56 -24.99 30.74
N GLY J 271 1.39 -24.45 31.09
CA GLY J 271 0.14 -25.17 30.86
C GLY J 271 -0.79 -24.45 29.90
N LEU J 272 -1.29 -25.16 28.90
CA LEU J 272 -2.26 -24.63 27.96
C LEU J 272 -3.66 -25.03 28.40
N PHE J 273 -4.55 -24.05 28.51
CA PHE J 273 -5.90 -24.27 29.01
C PHE J 273 -6.89 -24.07 27.88
N VAL J 274 -7.81 -25.02 27.73
CA VAL J 274 -8.76 -25.06 26.62
C VAL J 274 -10.14 -25.37 27.19
N SER J 275 -11.13 -24.57 26.81
CA SER J 275 -12.49 -24.73 27.29
C SER J 275 -13.44 -24.74 26.09
N CYS J 276 -14.62 -25.33 26.31
CA CYS J 276 -15.63 -25.37 25.26
C CYS J 276 -17.00 -25.65 25.88
N ALA J 277 -18.02 -25.61 25.01
CA ALA J 277 -19.42 -25.84 25.36
C ALA J 277 -20.23 -25.80 24.07
N ASP J 278 -20.89 -26.91 23.72
CA ASP J 278 -21.54 -27.03 22.41
C ASP J 278 -22.90 -27.72 22.54
N ILE J 279 -23.87 -27.00 23.11
CA ILE J 279 -25.26 -27.44 23.05
C ILE J 279 -25.75 -27.26 21.61
N CYS J 280 -26.11 -28.37 20.97
CA CYS J 280 -26.51 -28.35 19.57
C CYS J 280 -28.02 -28.41 19.37
N GLY J 281 -28.80 -28.58 20.43
CA GLY J 281 -30.24 -28.63 20.31
C GLY J 281 -30.83 -29.51 21.38
N VAL J 282 -32.03 -30.01 21.08
CA VAL J 282 -32.89 -30.65 22.07
C VAL J 282 -33.64 -31.81 21.42
N LEU J 283 -33.70 -32.94 22.13
CA LEU J 283 -34.54 -34.06 21.75
C LEU J 283 -35.81 -34.04 22.58
N VAL J 284 -36.94 -34.32 21.93
CA VAL J 284 -38.24 -34.28 22.59
C VAL J 284 -38.74 -35.72 22.73
N LYS J 285 -38.97 -36.14 23.98
CA LYS J 285 -39.45 -37.49 24.23
C LYS J 285 -40.91 -37.63 23.81
N ALA J 286 -41.26 -38.80 23.28
CA ALA J 286 -42.60 -39.01 22.74
C ALA J 286 -43.63 -39.21 23.84
N ASP J 287 -43.23 -39.74 25.00
CA ASP J 287 -44.21 -40.15 26.00
C ASP J 287 -44.80 -38.96 26.76
N ASN J 288 -43.95 -38.04 27.22
CA ASN J 288 -44.41 -36.90 28.00
C ASN J 288 -43.95 -35.56 27.44
N GLU J 289 -43.29 -35.56 26.28
CA GLU J 289 -42.85 -34.34 25.59
C GLU J 289 -41.81 -33.56 26.38
N ALA J 290 -41.19 -34.17 27.38
CA ALA J 290 -40.05 -33.56 28.04
C ALA J 290 -38.80 -33.73 27.17
N ILE J 291 -37.74 -33.01 27.53
CA ILE J 291 -36.63 -32.79 26.61
C ILE J 291 -35.30 -33.20 27.22
N ARG J 292 -34.35 -33.54 26.35
CA ARG J 292 -32.95 -33.73 26.69
C ARG J 292 -32.10 -32.81 25.82
N TYR J 293 -31.07 -32.21 26.42
CA TYR J 293 -30.09 -31.48 25.63
C TYR J 293 -29.17 -32.47 24.91
N ARG J 294 -28.54 -31.98 23.84
CA ARG J 294 -27.61 -32.79 23.05
C ARG J 294 -26.37 -31.98 22.72
N GLY J 295 -25.20 -32.59 22.92
CA GLY J 295 -23.94 -31.94 22.60
C GLY J 295 -23.10 -32.79 21.66
N LEU J 296 -22.03 -32.19 21.18
CA LEU J 296 -21.13 -32.83 20.22
C LEU J 296 -19.69 -32.56 20.62
N PRO J 297 -18.76 -33.46 20.29
CA PRO J 297 -17.36 -33.25 20.64
C PRO J 297 -16.73 -32.13 19.81
N ARG J 298 -15.74 -31.47 20.39
CA ARG J 298 -15.04 -30.36 19.76
C ARG J 298 -13.55 -30.65 19.73
N TYR J 299 -12.93 -30.35 18.59
CA TYR J 299 -11.50 -30.58 18.36
C TYR J 299 -10.74 -29.26 18.48
N PHE J 300 -9.47 -29.37 18.88
CA PHE J 300 -8.62 -28.20 19.03
C PHE J 300 -7.24 -28.49 18.45
N LYS J 301 -6.71 -27.54 17.69
CA LYS J 301 -5.31 -27.55 17.25
C LYS J 301 -4.76 -26.15 17.52
N VAL J 302 -3.96 -26.01 18.58
CA VAL J 302 -3.43 -24.73 19.01
C VAL J 302 -1.97 -24.63 18.58
N THR J 303 -1.62 -23.50 17.97
CA THR J 303 -0.25 -23.23 17.54
C THR J 303 0.42 -22.28 18.53
N LEU J 304 1.65 -22.59 18.91
CA LEU J 304 2.33 -21.84 19.96
C LEU J 304 3.76 -21.52 19.55
N ARG J 305 4.29 -20.44 20.13
CA ARG J 305 5.67 -20.02 19.97
C ARG J 305 6.23 -19.67 21.34
N LYS J 306 7.50 -19.27 21.37
CA LYS J 306 8.20 -18.92 22.61
C LYS J 306 8.39 -17.41 22.68
N ARG J 307 8.20 -16.86 23.87
CA ARG J 307 8.42 -15.43 24.11
C ARG J 307 9.09 -15.24 25.46
N ALA J 308 10.14 -14.42 25.48
CA ALA J 308 10.78 -14.04 26.74
C ALA J 308 10.03 -12.89 27.38
N VAL J 309 9.81 -12.98 28.69
CA VAL J 309 9.06 -11.98 29.44
C VAL J 309 9.81 -11.66 30.73
N LYS J 310 9.38 -10.57 31.37
CA LYS J 310 9.97 -10.16 32.64
C LYS J 310 9.10 -10.60 33.81
#